data_5VXX
#
_entry.id   5VXX
#
loop_
_entity.id
_entity.type
_entity.pdbx_description
1 polymer 'Fimbrial protein'
2 branched alpha-D-galactopyranose-(1-3)-2,4-bisacetamido-2,4,6-trideoxy-beta-D-glucopyranose
3 non-polymer 'PHOSPHORIC ACID MONO-(2-AMINO-ETHYL) ESTER'
#
_entity_poly.entity_id   1
_entity_poly.type   'polypeptide(L)'
_entity_poly.pdbx_seq_one_letter_code
;FTLIELMIVIAIVGILAAVALPAYQDYTARAQVSEAILLAEGQKSAVTEYYLNHGKWPENNTSAGVASSPTDIKGKYVKE
VEVKNGVVTATMLSSGVNNEIKGKKLSLWARRENGSVKWFCGQPVTRTDDDTVADAKDGKEIDTKHLPSTCRDNFDAK
;
_entity_poly.pdbx_strand_id   A,B,C,D,E,F,G,H,I,J,K,L,M,N,O,P,Q,R,S,T,U
#
loop_
_chem_comp.id
_chem_comp.type
_chem_comp.name
_chem_comp.formula
B6D D-saccharide, beta linking 2,4-bisacetamido-2,4,6-trideoxy-beta-D-glucopyranose 'C10 H18 N2 O5'
GLA D-saccharide, alpha linking alpha-D-galactopyranose 'C6 H12 O6'
OPE non-polymer 'PHOSPHORIC ACID MONO-(2-AMINO-ETHYL) ESTER' 'C2 H8 N O4 P'
#
# COMPACT_ATOMS: atom_id res chain seq x y z
N PHE A 1 35.34 22.14 -19.68
CA PHE A 1 36.82 22.15 -19.69
C PHE A 1 37.43 22.99 -20.81
N THR A 2 38.32 23.89 -20.42
CA THR A 2 39.08 24.71 -21.35
C THR A 2 40.54 24.87 -20.95
N LEU A 3 40.94 24.38 -19.77
CA LEU A 3 42.18 24.82 -19.14
C LEU A 3 43.38 24.62 -20.01
N ILE A 4 43.38 23.57 -20.82
CA ILE A 4 44.51 23.38 -21.70
C ILE A 4 44.64 24.54 -22.66
N GLU A 5 43.54 25.26 -22.91
CA GLU A 5 43.65 26.51 -23.62
C GLU A 5 44.33 27.57 -22.78
N LEU A 6 44.21 27.50 -21.46
CA LEU A 6 44.96 28.41 -20.62
C LEU A 6 46.39 27.96 -20.47
N MET A 7 46.59 26.65 -20.39
CA MET A 7 47.92 26.09 -20.34
C MET A 7 48.76 26.60 -21.51
N ILE A 8 48.19 26.52 -22.70
CA ILE A 8 48.96 26.84 -23.88
C ILE A 8 49.27 28.32 -23.91
N VAL A 9 48.42 29.14 -23.32
CA VAL A 9 48.75 30.56 -23.17
C VAL A 9 50.00 30.67 -22.33
N ILE A 10 49.96 30.12 -21.12
CA ILE A 10 51.06 30.26 -20.20
C ILE A 10 52.32 29.57 -20.71
N ALA A 11 52.17 28.71 -21.71
CA ALA A 11 53.30 28.29 -22.52
C ALA A 11 53.71 29.36 -23.51
N ILE A 12 52.75 30.12 -24.03
CA ILE A 12 53.10 31.27 -24.86
C ILE A 12 53.58 32.40 -23.98
N VAL A 13 53.08 32.48 -22.75
CA VAL A 13 53.52 33.56 -21.87
C VAL A 13 54.99 33.40 -21.56
N GLY A 14 55.36 32.22 -21.05
CA GLY A 14 56.75 31.95 -20.97
C GLY A 14 57.19 31.94 -22.40
N ILE A 15 57.80 33.05 -22.82
CA ILE A 15 58.24 33.17 -24.19
C ILE A 15 59.67 32.72 -24.19
N LEU A 16 60.19 32.48 -25.37
CA LEU A 16 61.62 32.30 -25.46
C LEU A 16 62.33 33.59 -25.11
N ALA A 17 61.84 34.71 -25.63
CA ALA A 17 62.65 35.91 -25.73
C ALA A 17 63.93 35.57 -26.49
N ALA A 18 63.70 35.31 -27.78
CA ALA A 18 64.64 34.66 -28.67
C ALA A 18 66.05 35.16 -28.49
N VAL A 19 66.99 34.23 -28.67
CA VAL A 19 68.39 34.59 -28.81
C VAL A 19 68.60 35.53 -29.99
N ALA A 20 67.62 35.60 -30.90
CA ALA A 20 67.59 36.63 -31.92
C ALA A 20 67.34 38.01 -31.36
N LEU A 21 67.23 38.17 -30.06
CA LEU A 21 67.46 39.46 -29.45
C LEU A 21 68.94 39.64 -29.06
N PRO A 22 69.53 38.74 -28.25
CA PRO A 22 70.92 38.96 -27.86
C PRO A 22 71.95 38.63 -28.91
N ALA A 23 71.63 37.78 -29.87
CA ALA A 23 72.51 37.70 -31.02
C ALA A 23 72.40 38.94 -31.89
N TYR A 24 71.34 39.73 -31.69
CA TYR A 24 71.13 40.96 -32.41
C TYR A 24 71.17 42.17 -31.52
N GLN A 25 71.48 42.01 -30.24
CA GLN A 25 72.23 43.07 -29.61
C GLN A 25 73.69 42.91 -29.96
N ASP A 26 74.12 41.67 -30.19
CA ASP A 26 75.46 41.41 -30.72
C ASP A 26 75.58 41.85 -32.17
N TYR A 27 74.47 41.93 -32.90
CA TYR A 27 74.49 42.48 -34.25
C TYR A 27 73.88 43.86 -34.32
N THR A 28 73.10 44.26 -33.31
CA THR A 28 72.99 45.68 -33.02
C THR A 28 74.33 46.21 -32.61
N ALA A 29 75.07 45.43 -31.84
CA ALA A 29 76.45 45.77 -31.59
C ALA A 29 77.17 45.89 -32.91
N ARG A 30 76.95 44.92 -33.83
CA ARG A 30 77.57 45.05 -35.14
C ARG A 30 77.15 46.34 -35.82
N ALA A 31 75.98 46.89 -35.47
CA ALA A 31 75.63 48.20 -35.99
C ALA A 31 76.54 49.27 -35.43
N GLN A 32 76.64 49.37 -34.11
CA GLN A 32 77.44 50.46 -33.58
C GLN A 32 78.91 50.09 -33.44
N VAL A 33 79.22 48.81 -33.39
CA VAL A 33 80.56 48.39 -33.76
C VAL A 33 80.88 48.94 -35.14
N SER A 34 79.94 48.84 -36.08
CA SER A 34 80.16 49.43 -37.38
C SER A 34 80.27 50.93 -37.28
N GLU A 35 79.52 51.53 -36.36
CA GLU A 35 79.67 52.96 -36.11
C GLU A 35 81.10 53.27 -35.70
N ALA A 36 81.77 52.36 -35.00
CA ALA A 36 83.19 52.54 -34.77
C ALA A 36 83.97 52.29 -36.06
N ILE A 37 83.50 51.35 -36.86
CA ILE A 37 84.19 51.04 -38.10
C ILE A 37 84.07 52.22 -39.06
N LEU A 38 82.90 52.82 -39.11
CA LEU A 38 82.72 53.93 -40.02
C LEU A 38 83.60 55.10 -39.61
N LEU A 39 83.93 55.21 -38.33
CA LEU A 39 84.96 56.18 -37.97
C LEU A 39 86.27 55.77 -38.61
N ALA A 40 86.65 54.51 -38.38
CA ALA A 40 87.90 53.96 -38.90
C ALA A 40 88.04 54.21 -40.39
N GLU A 41 86.91 54.18 -41.11
CA GLU A 41 86.89 54.45 -42.54
C GLU A 41 87.59 55.76 -42.87
N GLY A 42 87.40 56.79 -42.06
CA GLY A 42 88.08 58.04 -42.31
C GLY A 42 89.57 57.89 -42.14
N GLN A 43 89.99 57.21 -41.08
CA GLN A 43 91.40 57.05 -40.84
C GLN A 43 92.06 56.07 -41.81
N LYS A 44 91.27 55.25 -42.50
CA LYS A 44 91.84 54.28 -43.44
C LYS A 44 92.74 54.98 -44.43
N SER A 45 92.24 56.05 -45.03
CA SER A 45 93.01 56.76 -46.02
C SER A 45 93.99 57.73 -45.37
N ALA A 46 93.63 58.27 -44.22
CA ALA A 46 94.50 59.23 -43.57
C ALA A 46 95.71 58.54 -42.96
N VAL A 47 95.49 57.43 -42.28
CA VAL A 47 96.60 56.62 -41.81
C VAL A 47 97.42 56.17 -43.00
N THR A 48 96.73 55.69 -44.02
CA THR A 48 97.36 55.36 -45.28
C THR A 48 98.15 56.55 -45.79
N GLU A 49 97.57 57.73 -45.67
CA GLU A 49 98.20 58.92 -46.22
C GLU A 49 99.56 59.15 -45.60
N TYR A 50 99.65 59.01 -44.29
CA TYR A 50 100.94 59.09 -43.64
C TYR A 50 101.81 57.93 -44.09
N TYR A 51 101.22 56.76 -44.23
CA TYR A 51 102.01 55.56 -44.49
C TYR A 51 102.66 55.64 -45.86
N LEU A 52 102.01 56.30 -46.80
CA LEU A 52 102.49 56.35 -48.16
C LEU A 52 103.43 57.50 -48.42
N ASN A 53 103.22 58.61 -47.75
CA ASN A 53 104.01 59.81 -47.94
C ASN A 53 105.04 60.04 -46.85
N HIS A 54 105.20 59.09 -45.94
CA HIS A 54 106.30 59.13 -45.00
C HIS A 54 106.94 57.79 -44.77
N GLY A 55 106.34 56.70 -45.23
CA GLY A 55 107.01 55.43 -45.25
C GLY A 55 107.01 54.68 -43.97
N LYS A 56 106.00 54.89 -43.15
CA LYS A 56 105.80 54.06 -41.99
C LYS A 56 104.44 54.39 -41.43
N TRP A 57 103.91 53.45 -40.70
CA TRP A 57 102.62 53.66 -40.13
C TRP A 57 102.70 54.80 -39.10
N PRO A 58 101.72 55.70 -39.09
CA PRO A 58 101.74 56.73 -38.05
C PRO A 58 101.54 56.12 -36.70
N GLU A 59 102.42 56.52 -35.78
CA GLU A 59 102.26 56.15 -34.38
C GLU A 59 100.87 56.50 -33.88
N ASN A 60 100.45 57.73 -34.16
CA ASN A 60 99.40 58.36 -33.39
C ASN A 60 98.65 59.37 -34.25
N ASN A 61 97.62 59.95 -33.64
CA ASN A 61 96.66 60.76 -34.36
C ASN A 61 97.32 61.95 -35.02
N THR A 62 98.12 62.68 -34.24
CA THR A 62 98.79 63.88 -34.71
C THR A 62 99.59 63.65 -35.96
N SER A 63 100.17 62.48 -36.11
CA SER A 63 100.96 62.12 -37.26
C SER A 63 100.06 61.71 -38.41
N ALA A 64 99.04 60.92 -38.08
CA ALA A 64 98.04 60.52 -39.05
C ALA A 64 97.41 61.72 -39.72
N GLY A 65 97.29 62.82 -38.99
CA GLY A 65 96.68 64.01 -39.49
C GLY A 65 95.23 64.14 -39.12
N VAL A 66 94.84 63.57 -37.98
CA VAL A 66 93.46 63.55 -37.54
C VAL A 66 93.42 64.25 -36.19
N ALA A 67 92.26 64.30 -35.56
CA ALA A 67 92.10 64.92 -34.26
C ALA A 67 93.11 64.36 -33.27
N SER A 68 94.01 65.21 -32.81
CA SER A 68 95.13 64.76 -31.99
C SER A 68 94.63 64.04 -30.75
N SER A 69 93.61 64.58 -30.10
CA SER A 69 92.93 63.83 -29.06
C SER A 69 92.05 62.77 -29.72
N PRO A 70 92.19 61.48 -29.37
CA PRO A 70 91.30 60.47 -29.97
C PRO A 70 89.85 60.65 -29.57
N THR A 71 89.62 61.02 -28.31
CA THR A 71 88.27 61.09 -27.78
C THR A 71 87.40 62.06 -28.55
N ASP A 72 88.02 63.09 -29.12
CA ASP A 72 87.26 64.03 -29.93
C ASP A 72 86.60 63.31 -31.10
N ILE A 73 87.33 62.41 -31.74
CA ILE A 73 86.78 61.51 -32.74
C ILE A 73 86.00 60.47 -31.98
N LYS A 74 84.68 60.48 -32.14
CA LYS A 74 83.87 59.55 -31.39
C LYS A 74 82.55 59.35 -32.09
N GLY A 75 81.80 58.38 -31.58
CA GLY A 75 80.55 57.96 -32.18
C GLY A 75 79.45 57.99 -31.15
N LYS A 76 78.21 57.85 -31.66
CA LYS A 76 77.04 57.82 -30.80
C LYS A 76 77.19 56.79 -29.70
N TYR A 77 77.77 55.65 -30.03
CA TYR A 77 78.06 54.58 -29.08
C TYR A 77 79.55 54.29 -28.98
N VAL A 78 80.40 55.13 -29.56
CA VAL A 78 81.84 54.94 -29.56
C VAL A 78 82.49 56.00 -28.69
N LYS A 79 83.49 55.57 -27.93
CA LYS A 79 84.19 56.48 -27.06
C LYS A 79 85.25 57.28 -27.81
N GLU A 80 86.23 56.60 -28.37
CA GLU A 80 87.35 57.27 -29.01
C GLU A 80 87.89 56.43 -30.14
N VAL A 81 88.87 56.99 -30.83
CA VAL A 81 89.57 56.33 -31.92
C VAL A 81 91.01 56.79 -31.83
N GLU A 82 91.91 55.86 -31.53
CA GLU A 82 93.33 56.14 -31.50
C GLU A 82 94.03 55.45 -32.66
N VAL A 83 95.01 56.14 -33.21
CA VAL A 83 95.97 55.54 -34.10
C VAL A 83 97.07 54.93 -33.27
N LYS A 84 97.42 53.70 -33.58
CA LYS A 84 98.46 53.00 -32.85
C LYS A 84 99.37 52.33 -33.87
N ASN A 85 100.37 53.08 -34.33
CA ASN A 85 101.31 52.60 -35.34
C ASN A 85 100.53 52.04 -36.51
N GLY A 86 99.62 52.85 -37.03
CA GLY A 86 98.80 52.44 -38.13
C GLY A 86 97.53 51.74 -37.71
N VAL A 87 97.64 50.85 -36.75
CA VAL A 87 96.48 50.11 -36.30
C VAL A 87 95.52 51.08 -35.65
N VAL A 88 94.28 51.08 -36.13
CA VAL A 88 93.27 51.99 -35.66
C VAL A 88 92.44 51.26 -34.63
N THR A 89 92.63 51.64 -33.39
CA THR A 89 91.84 51.11 -32.28
C THR A 89 90.70 52.06 -32.00
N ALA A 90 89.53 51.49 -31.74
CA ALA A 90 88.34 52.24 -31.39
C ALA A 90 87.78 51.69 -30.10
N THR A 91 87.46 52.58 -29.17
CA THR A 91 86.91 52.23 -27.87
C THR A 91 85.44 52.61 -27.83
N MET A 92 84.64 51.73 -27.27
CA MET A 92 83.21 51.93 -27.19
C MET A 92 82.83 52.71 -25.94
N LEU A 93 81.64 53.32 -25.99
CA LEU A 93 81.11 53.99 -24.83
C LEU A 93 80.62 52.99 -23.79
N SER A 94 80.12 53.54 -22.70
CA SER A 94 79.32 52.84 -21.70
C SER A 94 77.88 52.77 -22.20
N SER A 95 76.93 52.57 -21.28
CA SER A 95 75.55 52.17 -21.56
C SER A 95 74.87 52.88 -22.71
N GLY A 96 73.85 52.22 -23.24
CA GLY A 96 73.41 52.41 -24.60
C GLY A 96 73.10 51.06 -25.15
N VAL A 97 73.81 50.04 -24.62
CA VAL A 97 73.36 48.67 -24.67
C VAL A 97 73.74 48.00 -23.37
N ASN A 98 73.01 46.93 -23.07
CA ASN A 98 73.37 46.02 -21.99
C ASN A 98 74.66 45.28 -22.29
N ASN A 99 75.00 45.19 -23.57
CA ASN A 99 75.82 44.13 -24.10
C ASN A 99 77.27 44.34 -23.71
N GLU A 100 78.01 43.24 -23.77
CA GLU A 100 79.38 43.18 -23.30
C GLU A 100 80.31 43.85 -24.31
N ILE A 101 80.12 45.15 -24.44
CA ILE A 101 80.89 46.00 -25.33
C ILE A 101 81.38 47.23 -24.61
N LYS A 102 80.83 47.49 -23.44
CA LYS A 102 80.89 48.82 -22.84
C LYS A 102 82.32 49.13 -22.44
N GLY A 103 82.90 50.10 -23.11
CA GLY A 103 84.31 50.37 -22.96
C GLY A 103 85.21 49.41 -23.70
N LYS A 104 84.66 48.40 -24.37
CA LYS A 104 85.49 47.44 -25.06
C LYS A 104 86.07 48.06 -26.32
N LYS A 105 87.03 47.36 -26.89
CA LYS A 105 87.81 47.85 -28.00
C LYS A 105 87.57 47.04 -29.25
N LEU A 106 87.74 47.73 -30.35
CA LEU A 106 87.95 47.13 -31.65
C LEU A 106 89.23 47.69 -32.21
N SER A 107 89.89 46.88 -33.04
CA SER A 107 91.02 47.34 -33.81
C SER A 107 90.75 47.04 -35.27
N LEU A 108 91.45 47.79 -36.11
CA LEU A 108 91.45 47.57 -37.54
C LEU A 108 92.88 47.32 -37.98
N TRP A 109 93.06 46.27 -38.76
CA TRP A 109 94.37 45.73 -39.08
C TRP A 109 94.67 45.92 -40.55
N ALA A 110 95.66 46.75 -40.83
CA ALA A 110 96.16 46.97 -42.18
C ALA A 110 97.31 46.03 -42.49
N ARG A 111 97.54 45.84 -43.78
CA ARG A 111 98.76 45.22 -44.26
C ARG A 111 98.92 45.41 -45.75
N ARG A 112 100.09 45.88 -46.16
CA ARG A 112 100.46 45.91 -47.56
C ARG A 112 100.45 44.50 -48.14
N GLU A 113 99.79 44.35 -49.28
CA GLU A 113 99.83 43.12 -50.08
C GLU A 113 100.30 43.53 -51.46
N ASN A 114 101.62 43.56 -51.64
CA ASN A 114 102.24 43.99 -52.89
C ASN A 114 101.72 45.37 -53.27
N GLY A 115 101.89 46.28 -52.32
CA GLY A 115 101.30 47.59 -52.39
C GLY A 115 99.90 47.60 -51.85
N SER A 116 99.03 46.80 -52.48
CA SER A 116 97.61 46.81 -52.18
C SER A 116 97.38 46.49 -50.72
N VAL A 117 96.83 47.45 -49.99
CA VAL A 117 96.72 47.33 -48.55
C VAL A 117 95.49 46.48 -48.20
N LYS A 118 95.54 45.87 -47.03
CA LYS A 118 94.57 44.86 -46.63
C LYS A 118 94.07 45.14 -45.23
N TRP A 119 92.80 45.47 -45.15
CA TRP A 119 92.17 45.95 -43.95
C TRP A 119 91.32 44.85 -43.33
N PHE A 120 91.73 44.37 -42.17
CA PHE A 120 90.95 43.40 -41.41
C PHE A 120 90.59 43.98 -40.07
N CYS A 121 89.32 43.89 -39.72
CA CYS A 121 88.85 44.47 -38.48
C CYS A 121 89.12 43.48 -37.36
N GLY A 122 88.57 43.76 -36.19
CA GLY A 122 88.27 42.70 -35.26
C GLY A 122 89.16 42.70 -34.06
N GLN A 123 89.61 41.50 -33.71
CA GLN A 123 90.31 41.16 -32.50
C GLN A 123 91.40 42.20 -32.28
N PRO A 124 91.51 42.83 -31.11
CA PRO A 124 92.45 43.94 -30.97
C PRO A 124 93.89 43.53 -31.23
N VAL A 125 94.57 44.32 -32.05
CA VAL A 125 95.96 44.08 -32.43
C VAL A 125 96.75 45.37 -32.27
N THR A 126 98.07 45.25 -32.39
CA THR A 126 98.95 46.41 -32.25
C THR A 126 100.23 46.19 -33.03
N ARG A 127 100.69 47.23 -33.70
CA ARG A 127 101.83 47.11 -34.59
C ARG A 127 103.12 47.40 -33.86
N THR A 128 104.19 46.80 -34.35
CA THR A 128 105.51 46.92 -33.78
C THR A 128 106.53 47.30 -34.85
N ASP A 129 106.30 46.84 -36.08
CA ASP A 129 107.20 47.12 -37.17
C ASP A 129 106.35 47.16 -38.44
N ASP A 130 107.01 47.49 -39.56
CA ASP A 130 106.34 47.92 -40.78
C ASP A 130 105.21 46.98 -41.20
N ASP A 131 105.40 45.67 -41.05
CA ASP A 131 104.35 44.69 -41.29
C ASP A 131 104.07 43.81 -40.09
N THR A 132 104.95 43.81 -39.10
CA THR A 132 104.74 43.01 -37.90
C THR A 132 103.63 43.63 -37.08
N VAL A 133 102.62 42.85 -36.77
CA VAL A 133 101.58 43.26 -35.84
C VAL A 133 101.32 42.11 -34.88
N ALA A 134 100.94 42.47 -33.67
CA ALA A 134 100.73 41.52 -32.59
C ALA A 134 99.27 41.46 -32.22
N ASP A 135 98.84 40.27 -31.80
CA ASP A 135 97.54 40.12 -31.17
C ASP A 135 97.57 40.84 -29.83
N ALA A 136 96.80 41.93 -29.74
CA ALA A 136 96.88 42.82 -28.59
C ALA A 136 95.88 42.38 -27.54
N LYS A 137 96.09 41.14 -27.10
CA LYS A 137 95.15 40.49 -26.20
C LYS A 137 95.25 41.09 -24.81
N ASP A 138 94.44 42.11 -24.58
CA ASP A 138 94.43 42.89 -23.36
C ASP A 138 93.13 42.73 -22.57
N GLY A 139 92.25 41.82 -23.00
CA GLY A 139 90.94 41.71 -22.43
C GLY A 139 89.92 42.67 -22.97
N LYS A 140 90.31 43.58 -23.86
CA LYS A 140 89.38 44.46 -24.55
C LYS A 140 88.94 43.89 -25.88
N GLU A 141 89.02 42.58 -26.05
CA GLU A 141 88.52 41.93 -27.24
C GLU A 141 87.01 41.85 -27.13
N ILE A 142 86.35 42.61 -27.97
CA ILE A 142 84.93 42.38 -28.19
C ILE A 142 84.77 40.97 -28.75
N ASP A 143 83.77 40.25 -28.26
CA ASP A 143 83.62 38.85 -28.59
C ASP A 143 83.27 38.67 -30.06
N THR A 144 83.59 37.49 -30.58
CA THR A 144 83.50 37.24 -32.01
C THR A 144 82.05 37.27 -32.50
N LYS A 145 81.11 36.95 -31.62
CA LYS A 145 79.70 37.10 -31.96
C LYS A 145 79.42 38.51 -32.42
N HIS A 146 79.71 39.47 -31.54
CA HIS A 146 79.55 40.88 -31.84
C HIS A 146 80.12 41.24 -33.20
N LEU A 147 81.34 40.79 -33.44
CA LEU A 147 82.16 41.32 -34.48
C LEU A 147 81.59 40.95 -35.84
N PRO A 148 82.17 41.48 -36.90
CA PRO A 148 81.79 41.00 -38.23
C PRO A 148 82.14 39.56 -38.45
N SER A 149 81.84 39.09 -39.66
CA SER A 149 82.22 37.78 -40.11
C SER A 149 83.31 37.85 -41.17
N THR A 150 83.12 38.76 -42.13
CA THR A 150 84.21 39.09 -43.05
C THR A 150 85.44 39.53 -42.27
N CYS A 151 85.27 40.49 -41.36
CA CYS A 151 86.29 40.80 -40.37
C CYS A 151 85.99 40.03 -39.10
N ARG A 152 86.40 38.79 -39.11
CA ARG A 152 86.59 38.03 -37.88
C ARG A 152 88.04 37.60 -37.86
N ASP A 153 88.90 38.51 -38.31
CA ASP A 153 90.25 38.19 -38.71
C ASP A 153 91.21 38.77 -37.68
N ASN A 154 91.86 37.87 -36.96
CA ASN A 154 92.94 38.22 -36.04
C ASN A 154 94.20 38.42 -36.85
N PHE A 155 95.35 38.46 -36.18
CA PHE A 155 96.62 38.57 -36.91
C PHE A 155 96.86 37.28 -37.67
N ASP A 156 96.07 37.08 -38.73
CA ASP A 156 96.13 35.90 -39.58
C ASP A 156 96.23 34.59 -38.81
N PHE B 1 25.53 19.93 -15.66
CA PHE B 1 26.19 21.24 -15.52
C PHE B 1 27.45 21.40 -16.37
N THR B 2 27.47 22.47 -17.15
CA THR B 2 28.64 22.82 -17.96
C THR B 2 28.92 24.32 -17.94
N LEU B 3 28.04 25.13 -17.36
CA LEU B 3 28.02 26.57 -17.62
C LEU B 3 29.34 27.24 -17.36
N ILE B 4 30.08 26.76 -16.38
CA ILE B 4 31.37 27.36 -16.14
C ILE B 4 32.27 27.19 -17.34
N GLU B 5 31.99 26.19 -18.18
CA GLU B 5 32.65 26.12 -19.46
C GLU B 5 32.18 27.22 -20.39
N LEU B 6 30.96 27.68 -20.24
CA LEU B 6 30.50 28.82 -21.02
C LEU B 6 31.01 30.11 -20.43
N MET B 7 31.05 30.17 -19.09
CA MET B 7 31.62 31.32 -18.40
C MET B 7 33.01 31.61 -18.91
N ILE B 8 33.84 30.57 -18.96
CA ILE B 8 35.23 30.78 -19.29
C ILE B 8 35.37 31.22 -20.73
N VAL B 9 34.44 30.81 -21.60
CA VAL B 9 34.44 31.33 -22.95
C VAL B 9 34.23 32.83 -22.89
N ILE B 10 33.14 33.26 -22.27
CA ILE B 10 32.79 34.67 -22.24
C ILE B 10 33.83 35.47 -21.47
N ALA B 11 34.67 34.80 -20.69
CA ALA B 11 35.90 35.41 -20.21
C ALA B 11 36.95 35.47 -21.31
N ILE B 12 36.98 34.48 -22.19
CA ILE B 12 37.86 34.56 -23.35
C ILE B 12 37.26 35.49 -24.38
N VAL B 13 35.94 35.61 -24.42
CA VAL B 13 35.32 36.50 -25.40
C VAL B 13 35.69 37.93 -25.07
N GLY B 14 35.42 38.34 -23.84
CA GLY B 14 35.97 39.59 -23.42
C GLY B 14 37.45 39.36 -23.47
N ILE B 15 38.07 39.84 -24.54
CA ILE B 15 39.50 39.66 -24.70
C ILE B 15 40.13 40.88 -24.11
N LEU B 16 41.43 40.80 -23.91
CA LEU B 16 42.15 42.01 -23.60
C LEU B 16 42.13 42.95 -24.78
N ALA B 17 42.36 42.41 -25.98
CA ALA B 17 42.78 43.23 -27.10
C ALA B 17 44.03 44.00 -26.70
N ALA B 18 45.09 43.20 -26.55
CA ALA B 18 46.32 43.57 -25.87
C ALA B 18 46.77 44.97 -26.22
N VAL B 19 47.36 45.62 -25.21
CA VAL B 19 48.11 46.85 -25.45
C VAL B 19 49.24 46.63 -26.44
N ALA B 20 49.62 45.37 -26.67
CA ALA B 20 50.50 45.01 -27.76
C ALA B 20 49.86 45.20 -29.12
N LEU B 21 48.65 45.68 -29.19
CA LEU B 21 48.18 46.31 -30.41
C LEU B 21 48.49 47.82 -30.42
N PRO B 22 48.03 48.59 -29.43
CA PRO B 22 48.29 50.03 -29.48
C PRO B 22 49.70 50.45 -29.12
N ALA B 23 50.43 49.65 -28.37
CA ALA B 23 51.85 49.91 -28.29
C ALA B 23 52.55 49.57 -29.59
N TYR B 24 51.90 48.82 -30.46
CA TYR B 24 52.43 48.46 -31.75
C TYR B 24 51.63 49.02 -32.89
N GLN B 25 50.62 49.84 -32.61
CA GLN B 25 50.37 50.90 -33.55
C GLN B 25 51.34 52.04 -33.27
N ASP B 26 51.76 52.18 -32.01
CA ASP B 26 52.82 53.11 -31.68
C ASP B 26 54.17 52.63 -32.19
N TYR B 27 54.33 51.33 -32.42
CA TYR B 27 55.54 50.83 -33.06
C TYR B 27 55.30 50.41 -34.49
N THR B 28 54.05 50.21 -34.90
CA THR B 28 53.72 50.39 -36.30
C THR B 28 53.94 51.84 -36.67
N ALA B 29 53.58 52.74 -35.76
CA ALA B 29 53.97 54.12 -35.96
C ALA B 29 55.46 54.20 -36.09
N ARG B 30 56.20 53.50 -35.22
CA ARG B 30 57.66 53.48 -35.37
C ARG B 30 58.06 52.95 -36.74
N ALA B 31 57.22 52.13 -37.38
CA ALA B 31 57.50 51.75 -38.74
C ALA B 31 57.38 52.93 -39.68
N GLN B 32 56.24 53.61 -39.69
CA GLN B 32 56.10 54.68 -40.65
C GLN B 32 56.64 56.00 -40.15
N VAL B 33 56.74 56.16 -38.83
CA VAL B 33 57.68 57.14 -38.31
C VAL B 33 59.05 56.89 -38.92
N SER B 34 59.47 55.63 -38.97
CA SER B 34 60.73 55.33 -39.62
C SER B 34 60.66 55.64 -41.10
N GLU B 35 59.50 55.44 -41.70
CA GLU B 35 59.32 55.85 -43.09
C GLU B 35 59.57 57.34 -43.24
N ALA B 36 59.25 58.14 -42.23
CA ALA B 36 59.68 59.53 -42.24
C ALA B 36 61.17 59.62 -42.02
N ILE B 37 61.71 58.75 -41.18
CA ILE B 37 63.12 58.79 -40.89
C ILE B 37 63.92 58.40 -42.12
N LEU B 38 63.43 57.40 -42.85
CA LEU B 38 64.15 56.98 -44.02
C LEU B 38 64.15 58.06 -45.08
N LEU B 39 63.15 58.94 -45.07
CA LEU B 39 63.26 60.13 -45.91
C LEU B 39 64.42 60.97 -45.42
N ALA B 40 64.41 61.26 -44.11
CA ALA B 40 65.44 62.08 -43.49
C ALA B 40 66.83 61.58 -43.81
N GLU B 41 66.97 60.27 -43.95
CA GLU B 41 68.24 59.65 -44.31
C GLU B 41 68.83 60.29 -45.56
N GLY B 42 67.99 60.58 -46.55
CA GLY B 42 68.50 61.24 -47.73
C GLY B 42 69.01 62.62 -47.43
N GLN B 43 68.26 63.37 -46.65
CA GLN B 43 68.67 64.72 -46.33
C GLN B 43 69.84 64.76 -45.38
N LYS B 44 70.13 63.66 -44.68
CA LYS B 44 71.24 63.65 -43.72
C LYS B 44 72.51 64.11 -44.40
N SER B 45 72.81 63.52 -45.55
CA SER B 45 74.03 63.86 -46.24
C SER B 45 73.86 65.12 -47.07
N ALA B 46 72.66 65.37 -47.56
CA ALA B 46 72.45 66.54 -48.39
C ALA B 46 72.45 67.80 -47.56
N VAL B 47 71.75 67.78 -46.42
CA VAL B 47 71.84 68.88 -45.47
C VAL B 47 73.28 69.04 -45.03
N THR B 48 73.90 67.92 -44.69
CA THR B 48 75.31 67.90 -44.39
C THR B 48 76.10 68.52 -45.52
N GLU B 49 75.71 68.19 -46.75
CA GLU B 49 76.47 68.64 -47.90
C GLU B 49 76.51 70.16 -47.95
N TYR B 50 75.37 70.79 -47.73
CA TYR B 50 75.36 72.24 -47.63
C TYR B 50 76.17 72.69 -46.43
N TYR B 51 76.06 71.96 -45.33
CA TYR B 51 76.66 72.41 -44.08
C TYR B 51 78.17 72.40 -44.18
N LEU B 52 78.71 71.49 -44.98
CA LEU B 52 80.15 71.31 -45.07
C LEU B 52 80.78 72.18 -46.13
N ASN B 53 80.06 72.43 -47.21
CA ASN B 53 80.56 73.18 -48.35
C ASN B 53 80.04 74.59 -48.40
N HIS B 54 79.30 75.02 -47.38
CA HIS B 54 78.94 76.42 -47.26
C HIS B 54 79.04 76.95 -45.84
N GLY B 55 79.21 76.08 -44.85
CA GLY B 55 79.55 76.52 -43.53
C GLY B 55 78.41 76.99 -42.69
N LYS B 56 77.22 76.48 -42.95
CA LYS B 56 76.12 76.71 -42.06
C LYS B 56 75.01 75.78 -42.48
N TRP B 57 74.13 75.51 -41.55
CA TRP B 57 73.05 74.64 -41.84
C TRP B 57 72.15 75.29 -42.90
N PRO B 58 71.68 74.53 -43.89
CA PRO B 58 70.74 75.11 -44.85
C PRO B 58 69.45 75.47 -44.16
N GLU B 59 69.00 76.69 -44.41
CA GLU B 59 67.69 77.12 -43.96
C GLU B 59 66.62 76.14 -44.42
N ASN B 60 66.66 75.78 -45.69
CA ASN B 60 65.50 75.25 -46.37
C ASN B 60 65.92 74.34 -47.51
N ASN B 61 64.91 73.75 -48.14
CA ASN B 61 65.11 72.67 -49.09
C ASN B 61 65.98 73.11 -50.25
N THR B 62 65.62 74.24 -50.85
CA THR B 62 66.31 74.78 -52.00
C THR B 62 67.80 74.92 -51.78
N SER B 63 68.20 75.25 -50.57
CA SER B 63 69.60 75.39 -50.21
C SER B 63 70.23 74.04 -49.97
N ALA B 64 69.50 73.19 -49.27
CA ALA B 64 69.93 71.83 -49.02
C ALA B 64 70.24 71.10 -50.32
N GLY B 65 69.52 71.45 -51.38
CA GLY B 65 69.68 70.82 -52.66
C GLY B 65 68.69 69.71 -52.90
N VAL B 66 67.51 69.78 -52.29
CA VAL B 66 66.50 68.75 -52.38
C VAL B 66 65.27 69.39 -52.99
N ALA B 67 64.19 68.63 -53.10
CA ALA B 67 62.94 69.13 -53.66
C ALA B 67 62.51 70.40 -52.92
N SER B 68 62.48 71.50 -53.66
CA SER B 68 62.24 72.80 -53.05
C SER B 68 60.92 72.82 -52.30
N SER B 69 59.88 72.25 -52.89
CA SER B 69 58.66 72.02 -52.13
C SER B 69 58.88 70.82 -51.21
N PRO B 70 58.65 70.95 -49.90
CA PRO B 70 58.81 69.78 -49.02
C PRO B 70 57.82 68.68 -49.30
N THR B 71 56.58 69.06 -49.62
CA THR B 71 55.50 68.10 -49.79
C THR B 71 55.79 67.10 -50.89
N ASP B 72 56.55 67.52 -51.89
CA ASP B 72 56.94 66.60 -52.94
C ASP B 72 57.70 65.42 -52.37
N ILE B 73 58.61 65.70 -51.45
CA ILE B 73 59.28 64.66 -50.68
C ILE B 73 58.27 64.17 -49.67
N LYS B 74 57.83 62.93 -49.81
CA LYS B 74 56.81 62.42 -48.92
C LYS B 74 56.87 60.91 -48.89
N GLY B 75 56.10 60.36 -47.96
CA GLY B 75 56.09 58.93 -47.72
C GLY B 75 54.68 58.40 -47.77
N LYS B 76 54.59 57.07 -47.79
CA LYS B 76 53.30 56.38 -47.82
C LYS B 76 52.40 56.88 -46.71
N TYR B 77 52.97 57.13 -45.53
CA TYR B 77 52.27 57.67 -44.39
C TYR B 77 52.84 59.01 -43.95
N VAL B 78 53.72 59.61 -44.74
CA VAL B 78 54.37 60.87 -44.42
C VAL B 78 53.86 61.95 -45.34
N LYS B 79 53.62 63.13 -44.76
CA LYS B 79 53.13 64.25 -45.55
C LYS B 79 54.25 64.96 -46.29
N GLU B 80 55.21 65.51 -45.55
CA GLU B 80 56.26 66.30 -46.17
C GLU B 80 57.53 66.19 -45.35
N VAL B 81 58.57 66.82 -45.86
CA VAL B 81 59.87 66.90 -45.21
C VAL B 81 60.42 68.28 -45.51
N GLU B 82 60.57 69.11 -44.49
CA GLU B 82 61.16 70.42 -44.63
C GLU B 82 62.52 70.46 -43.96
N VAL B 83 63.43 71.16 -44.59
CA VAL B 83 64.67 71.56 -43.95
C VAL B 83 64.42 72.84 -43.19
N LYS B 84 64.88 72.87 -41.95
CA LYS B 84 64.70 74.03 -41.10
C LYS B 84 66.03 74.32 -40.42
N ASN B 85 66.86 75.11 -41.10
CA ASN B 85 68.19 75.44 -40.61
C ASN B 85 68.91 74.17 -40.20
N GLY B 86 68.95 73.23 -41.12
CA GLY B 86 69.59 71.96 -40.88
C GLY B 86 68.67 70.94 -40.27
N VAL B 87 67.87 71.35 -39.30
CA VAL B 87 66.96 70.42 -38.65
C VAL B 87 65.94 69.96 -39.67
N VAL B 88 65.83 68.66 -39.81
CA VAL B 88 64.94 68.05 -40.79
C VAL B 88 63.66 67.69 -40.07
N THR B 89 62.61 68.44 -40.35
CA THR B 89 61.29 68.15 -39.83
C THR B 89 60.52 67.37 -40.87
N ALA B 90 59.78 66.38 -40.39
CA ALA B 90 58.92 65.57 -41.22
C ALA B 90 57.52 65.56 -40.65
N THR B 91 56.53 65.79 -41.50
CA THR B 91 55.14 65.83 -41.12
C THR B 91 54.45 64.57 -41.63
N MET B 92 53.60 64.00 -40.80
CA MET B 92 52.89 62.79 -41.13
C MET B 92 51.59 63.08 -41.86
N LEU B 93 51.10 62.08 -42.58
CA LEU B 93 49.80 62.19 -43.22
C LEU B 93 48.69 62.08 -42.20
N SER B 94 47.47 62.19 -42.72
CA SER B 94 46.24 61.82 -42.04
C SER B 94 46.05 60.32 -42.15
N SER B 95 44.81 59.85 -41.98
CA SER B 95 44.45 58.44 -41.73
C SER B 95 45.17 57.42 -42.58
N GLY B 96 45.22 56.21 -42.06
CA GLY B 96 46.22 55.24 -42.38
C GLY B 96 46.61 54.57 -41.10
N VAL B 97 46.47 55.30 -40.00
CA VAL B 97 46.34 54.73 -38.67
C VAL B 97 45.35 55.55 -37.88
N ASN B 98 44.77 54.91 -36.88
CA ASN B 98 43.99 55.61 -35.86
C ASN B 98 44.84 56.53 -35.03
N ASN B 99 46.14 56.27 -34.98
CA ASN B 99 46.99 56.64 -33.89
C ASN B 99 47.28 58.13 -33.93
N GLU B 100 47.68 58.63 -32.77
CA GLU B 100 47.87 60.06 -32.55
C GLU B 100 49.17 60.52 -33.19
N ILE B 101 49.17 60.45 -34.52
CA ILE B 101 50.31 60.85 -35.33
C ILE B 101 49.85 61.74 -36.47
N LYS B 102 48.56 61.79 -36.70
CA LYS B 102 48.03 62.26 -37.96
C LYS B 102 48.29 63.74 -38.12
N GLY B 103 49.14 64.08 -39.07
CA GLY B 103 49.61 65.44 -39.19
C GLY B 103 50.69 65.81 -38.20
N LYS B 104 51.07 64.90 -37.30
CA LYS B 104 52.07 65.24 -36.31
C LYS B 104 53.44 65.28 -36.95
N LYS B 105 54.39 65.79 -36.20
CA LYS B 105 55.73 66.06 -36.70
C LYS B 105 56.75 65.21 -36.00
N LEU B 106 57.81 64.95 -36.73
CA LEU B 106 59.07 64.51 -36.21
C LEU B 106 60.14 65.47 -36.67
N SER B 107 61.18 65.59 -35.87
CA SER B 107 62.37 66.33 -36.27
C SER B 107 63.56 65.41 -36.09
N LEU B 108 64.61 65.76 -36.83
CA LEU B 108 65.89 65.11 -36.70
C LEU B 108 66.93 66.15 -36.35
N TRP B 109 67.73 65.85 -35.33
CA TRP B 109 68.60 66.82 -34.69
C TRP B 109 70.05 66.47 -34.96
N ALA B 110 70.73 67.33 -35.70
CA ALA B 110 72.15 67.20 -35.96
C ALA B 110 72.96 67.98 -34.94
N ARG B 111 74.22 67.60 -34.81
CA ARG B 111 75.20 68.42 -34.11
C ARG B 111 76.60 67.93 -34.39
N ARG B 112 77.48 68.84 -34.77
CA ARG B 112 78.90 68.56 -34.86
C ARG B 112 79.43 68.14 -33.50
N GLU B 113 80.17 67.03 -33.48
CA GLU B 113 80.92 66.58 -32.32
C GLU B 113 82.37 66.44 -32.77
N ASN B 114 83.11 67.54 -32.69
CA ASN B 114 84.49 67.60 -33.13
C ASN B 114 84.59 67.13 -34.57
N GLY B 115 83.79 67.80 -35.40
CA GLY B 115 83.57 67.40 -36.76
C GLY B 115 82.46 66.39 -36.87
N SER B 116 82.66 65.24 -36.20
CA SER B 116 81.77 64.11 -36.33
C SER B 116 80.35 64.50 -35.94
N VAL B 117 79.44 64.44 -36.89
CA VAL B 117 78.10 64.96 -36.69
C VAL B 117 77.27 63.92 -35.94
N LYS B 118 76.24 64.41 -35.25
CA LYS B 118 75.48 63.60 -34.31
C LYS B 118 74.00 63.79 -34.55
N TRP B 119 73.35 62.73 -34.99
CA TRP B 119 71.98 62.76 -35.45
C TRP B 119 71.08 62.14 -34.40
N PHE B 120 70.23 62.96 -33.80
CA PHE B 120 69.22 62.48 -32.87
C PHE B 120 67.84 62.81 -33.40
N CYS B 121 66.97 61.83 -33.40
CA CYS B 121 65.64 62.02 -33.94
C CYS B 121 64.78 62.63 -32.86
N GLY B 122 63.48 62.68 -33.10
CA GLY B 122 62.53 62.70 -32.02
C GLY B 122 61.84 64.03 -31.85
N GLN B 123 61.75 64.43 -30.60
CA GLN B 123 60.98 65.55 -30.11
C GLN B 123 61.25 66.74 -31.03
N PRO B 124 60.24 67.43 -31.55
CA PRO B 124 60.51 68.44 -32.56
C PRO B 124 61.38 69.57 -32.03
N VAL B 125 62.41 69.91 -32.81
CA VAL B 125 63.36 70.96 -32.46
C VAL B 125 63.55 71.88 -33.65
N THR B 126 64.24 73.00 -33.42
CA THR B 126 64.49 73.97 -34.47
C THR B 126 65.75 74.76 -34.17
N ARG B 127 66.54 74.98 -35.22
CA ARG B 127 67.85 75.59 -35.05
C ARG B 127 67.76 77.10 -35.17
N THR B 128 68.69 77.76 -34.49
CA THR B 128 68.75 79.21 -34.45
C THR B 128 70.15 79.70 -34.81
N ASP B 129 71.16 78.91 -34.45
CA ASP B 129 72.54 79.26 -34.70
C ASP B 129 73.29 77.96 -34.91
N ASP B 130 74.59 78.09 -35.26
CA ASP B 130 75.39 77.01 -35.82
C ASP B 130 75.27 75.71 -35.04
N ASP B 131 75.24 75.79 -33.71
CA ASP B 131 75.00 74.63 -32.85
C ASP B 131 73.82 74.82 -31.92
N THR B 132 73.33 76.03 -31.76
CA THR B 132 72.18 76.27 -30.92
C THR B 132 70.94 75.72 -31.59
N VAL B 133 70.23 74.85 -30.89
CA VAL B 133 68.93 74.38 -31.33
C VAL B 133 67.97 74.43 -30.15
N ALA B 134 66.71 74.66 -30.46
CA ALA B 134 65.66 74.85 -29.47
C ALA B 134 64.69 73.69 -29.52
N ASP B 135 64.15 73.36 -28.36
CA ASP B 135 63.01 72.46 -28.29
C ASP B 135 61.81 73.15 -28.92
N ALA B 136 61.37 72.63 -30.06
CA ALA B 136 60.36 73.30 -30.87
C ALA B 136 58.98 72.82 -30.45
N LYS B 137 58.69 73.07 -29.18
CA LYS B 137 57.48 72.55 -28.56
C LYS B 137 56.27 73.31 -29.05
N ASP B 138 55.69 72.81 -30.13
CA ASP B 138 54.57 73.42 -30.82
C ASP B 138 53.30 72.59 -30.73
N GLY B 139 53.32 71.51 -29.94
CA GLY B 139 52.22 70.58 -29.92
C GLY B 139 52.24 69.54 -31.01
N LYS B 140 53.20 69.60 -31.93
CA LYS B 140 53.39 68.57 -32.94
C LYS B 140 54.40 67.53 -32.51
N GLU B 141 54.60 67.39 -31.21
CA GLU B 141 55.47 66.34 -30.69
C GLU B 141 54.70 65.04 -30.75
N ILE B 142 55.15 64.16 -31.63
CA ILE B 142 54.72 62.78 -31.55
C ILE B 142 55.18 62.23 -30.21
N ASP B 143 54.30 61.46 -29.56
CA ASP B 143 54.56 61.02 -28.20
C ASP B 143 55.72 60.04 -28.15
N THR B 144 56.35 59.96 -26.98
CA THR B 144 57.60 59.23 -26.85
C THR B 144 57.40 57.73 -27.04
N LYS B 145 56.20 57.23 -26.75
CA LYS B 145 55.89 55.85 -27.06
C LYS B 145 56.15 55.55 -28.52
N HIS B 146 55.48 56.31 -29.38
CA HIS B 146 55.64 56.20 -30.82
C HIS B 146 57.10 56.17 -31.22
N LEU B 147 57.87 57.08 -30.67
CA LEU B 147 59.16 57.43 -31.18
C LEU B 147 60.13 56.29 -30.97
N PRO B 148 61.33 56.40 -31.50
CA PRO B 148 62.36 55.42 -31.16
C PRO B 148 62.73 55.48 -29.70
N SER B 149 63.69 54.63 -29.35
CA SER B 149 64.30 54.61 -28.03
C SER B 149 65.72 55.13 -28.08
N THR B 150 66.48 54.66 -29.06
CA THR B 150 67.78 55.26 -29.35
C THR B 150 67.62 56.74 -29.61
N CYS B 151 66.71 57.09 -30.53
CA CYS B 151 66.27 58.48 -30.66
C CYS B 151 65.01 58.68 -29.85
N ARG B 152 65.23 58.89 -28.57
CA ARG B 152 64.22 59.51 -27.72
C ARG B 152 64.85 60.77 -27.15
N ASP B 153 65.62 61.44 -28.00
CA ASP B 153 66.58 62.44 -27.58
C ASP B 153 66.07 63.81 -27.99
N ASN B 154 65.73 64.61 -26.99
CA ASN B 154 65.38 66.00 -27.16
C ASN B 154 66.65 66.80 -27.30
N PHE B 155 66.56 68.13 -27.18
CA PHE B 155 67.77 68.94 -27.22
C PHE B 155 68.58 68.68 -25.97
N ASP B 156 69.19 67.49 -25.91
CA ASP B 156 69.99 67.03 -24.80
C ASP B 156 69.38 67.30 -23.44
N PHE C 1 17.62 12.68 -14.13
CA PHE C 1 17.76 13.48 -15.37
C PHE C 1 19.08 14.25 -15.45
N THR C 2 19.78 14.04 -16.57
CA THR C 2 21.00 14.77 -16.87
C THR C 2 21.09 15.21 -18.32
N LEU C 3 20.16 14.78 -19.18
CA LEU C 3 20.37 14.81 -20.62
C LEU C 3 20.70 16.18 -21.14
N ILE C 4 20.16 17.21 -20.53
CA ILE C 4 20.50 18.53 -20.98
C ILE C 4 21.98 18.79 -20.81
N GLU C 5 22.63 18.07 -19.90
CA GLU C 5 24.07 18.08 -19.85
C GLU C 5 24.68 17.39 -21.04
N LEU C 6 23.99 16.41 -21.61
CA LEU C 6 24.48 15.80 -22.84
C LEU C 6 24.14 16.66 -24.04
N MET C 7 22.97 17.28 -24.00
CA MET C 7 22.57 18.22 -25.04
C MET C 7 23.64 19.28 -25.23
N ILE C 8 24.07 19.87 -24.12
CA ILE C 8 24.97 20.99 -24.22
C ILE C 8 26.32 20.54 -24.74
N VAL C 9 26.69 19.29 -24.48
CA VAL C 9 27.90 18.75 -25.09
C VAL C 9 27.73 18.77 -26.59
N ILE C 10 26.68 18.12 -27.07
CA ILE C 10 26.48 17.98 -28.51
C ILE C 10 26.23 19.34 -29.16
N ALA C 11 25.92 20.35 -28.37
CA ALA C 11 26.02 21.73 -28.82
C ALA C 11 27.47 22.18 -28.85
N ILE C 12 28.29 21.72 -27.91
CA ILE C 12 29.72 22.00 -27.99
C ILE C 12 30.35 21.13 -29.05
N VAL C 13 29.80 19.94 -29.29
CA VAL C 13 30.39 19.07 -30.30
C VAL C 13 30.24 19.71 -31.67
N GLY C 14 29.00 20.06 -32.02
CA GLY C 14 28.85 20.88 -33.18
C GLY C 14 29.55 22.15 -32.81
N ILE C 15 30.78 22.29 -33.30
CA ILE C 15 31.56 23.47 -32.99
C ILE C 15 31.29 24.44 -34.10
N LEU C 16 31.68 25.67 -33.88
CA LEU C 16 31.70 26.58 -34.99
C LEU C 16 32.74 26.16 -36.00
N ALA C 17 33.92 25.78 -35.53
CA ALA C 17 35.10 25.76 -36.37
C ALA C 17 35.27 27.14 -37.00
N ALA C 18 35.62 28.06 -36.09
CA ALA C 18 35.56 29.49 -36.30
C ALA C 18 36.04 29.90 -37.65
N VAL C 19 35.39 30.95 -38.18
CA VAL C 19 35.90 31.65 -39.36
C VAL C 19 37.29 32.19 -39.08
N ALA C 20 37.69 32.29 -37.81
CA ALA C 20 39.07 32.56 -37.44
C ALA C 20 40.00 31.42 -37.79
N LEU C 21 39.52 30.37 -38.39
CA LEU C 21 40.40 29.49 -39.14
C LEU C 21 40.52 29.93 -40.61
N PRO C 22 39.41 30.04 -41.36
CA PRO C 22 39.55 30.42 -42.76
C PRO C 22 39.84 31.88 -43.01
N ALA C 23 39.51 32.77 -42.10
CA ALA C 23 40.05 34.10 -42.23
C ALA C 23 41.54 34.13 -41.90
N TYR C 24 42.05 33.07 -41.27
CA TYR C 24 43.44 32.94 -40.95
C TYR C 24 44.10 31.79 -41.67
N GLN C 25 43.39 31.11 -42.56
CA GLN C 25 44.10 30.59 -43.71
C GLN C 25 44.26 31.71 -44.72
N ASP C 26 43.31 32.65 -44.73
CA ASP C 26 43.46 33.86 -45.53
C ASP C 26 44.53 34.78 -44.96
N TYR C 27 44.83 34.68 -43.67
CA TYR C 27 45.95 35.42 -43.10
C TYR C 27 47.14 34.52 -42.80
N THR C 28 46.95 33.20 -42.75
CA THR C 28 48.05 32.32 -43.06
C THR C 28 48.46 32.52 -44.49
N ALA C 29 47.47 32.71 -45.36
CA ALA C 29 47.80 33.12 -46.71
C ALA C 29 48.57 34.42 -46.65
N ARG C 30 48.13 35.37 -45.83
CA ARG C 30 48.91 36.59 -45.68
C ARG C 30 50.33 36.29 -45.22
N ALA C 31 50.53 35.18 -44.53
CA ALA C 31 51.90 34.78 -44.20
C ALA C 31 52.67 34.40 -45.45
N GLN C 32 52.15 33.46 -46.23
CA GLN C 32 52.94 33.04 -47.38
C GLN C 32 52.69 33.90 -48.60
N VAL C 33 51.56 34.58 -48.66
CA VAL C 33 51.49 35.76 -49.51
C VAL C 33 52.65 36.69 -49.17
N SER C 34 52.90 36.90 -47.87
CA SER C 34 54.05 37.69 -47.50
C SER C 34 55.33 37.02 -47.93
N GLU C 35 55.36 35.70 -47.88
CA GLU C 35 56.52 34.98 -48.40
C GLU C 35 56.74 35.32 -49.86
N ALA C 36 55.68 35.57 -50.61
CA ALA C 36 55.86 36.10 -51.95
C ALA C 36 56.31 37.54 -51.89
N ILE C 37 55.82 38.28 -50.91
CA ILE C 37 56.18 39.68 -50.79
C ILE C 37 57.65 39.80 -50.42
N LEU C 38 58.09 38.94 -49.52
CA LEU C 38 59.47 39.01 -49.11
C LEU C 38 60.40 38.68 -50.25
N LEU C 39 59.94 37.89 -51.22
CA LEU C 39 60.72 37.77 -52.45
C LEU C 39 60.78 39.11 -53.14
N ALA C 40 59.60 39.71 -53.34
CA ALA C 40 59.47 40.99 -54.02
C ALA C 40 60.39 42.02 -53.41
N GLU C 41 60.59 41.94 -52.10
CA GLU C 41 61.49 42.85 -51.39
C GLU C 41 62.86 42.90 -52.05
N GLY C 42 63.38 41.76 -52.48
CA GLY C 42 64.66 41.76 -53.17
C GLY C 42 64.59 42.51 -54.47
N GLN C 43 63.54 42.27 -55.24
CA GLN C 43 63.41 42.93 -56.51
C GLN C 43 63.07 44.40 -56.38
N LYS C 44 62.59 44.84 -55.21
CA LYS C 44 62.23 46.24 -55.03
C LYS C 44 63.39 47.14 -55.41
N SER C 45 64.56 46.82 -54.88
CA SER C 45 65.72 47.65 -55.13
C SER C 45 66.36 47.28 -56.46
N ALA C 46 66.26 46.02 -56.85
CA ALA C 46 66.90 45.61 -58.09
C ALA C 46 66.12 46.12 -59.30
N VAL C 47 64.80 45.99 -59.27
CA VAL C 47 63.97 46.62 -60.28
C VAL C 47 64.20 48.11 -60.27
N THR C 48 64.19 48.68 -59.08
CA THR C 48 64.55 50.07 -58.91
C THR C 48 65.90 50.36 -59.51
N GLU C 49 66.84 49.43 -59.31
CA GLU C 49 68.19 49.66 -59.76
C GLU C 49 68.23 49.84 -61.26
N TYR C 50 67.52 49.00 -62.00
CA TYR C 50 67.40 49.21 -63.42
C TYR C 50 66.67 50.50 -63.71
N TYR C 51 65.65 50.80 -62.93
CA TYR C 51 64.79 51.94 -63.23
C TYR C 51 65.55 53.23 -63.08
N LEU C 52 66.51 53.27 -62.17
CA LEU C 52 67.23 54.49 -61.87
C LEU C 52 68.45 54.68 -62.75
N ASN C 53 69.10 53.60 -63.12
CA ASN C 53 70.33 53.64 -63.90
C ASN C 53 70.12 53.31 -65.37
N HIS C 54 68.87 53.15 -65.80
CA HIS C 54 68.58 53.05 -67.21
C HIS C 54 67.34 53.82 -67.62
N GLY C 55 66.54 54.30 -66.68
CA GLY C 55 65.49 55.23 -67.00
C GLY C 55 64.24 54.63 -67.53
N LYS C 56 63.95 53.40 -67.14
CA LYS C 56 62.66 52.83 -67.42
C LYS C 56 62.56 51.56 -66.63
N TRP C 57 61.35 51.15 -66.39
CA TRP C 57 61.14 49.95 -65.65
C TRP C 57 61.68 48.76 -66.45
N PRO C 58 62.38 47.82 -65.81
CA PRO C 58 62.81 46.63 -66.54
C PRO C 58 61.62 45.82 -66.97
N GLU C 59 61.62 45.46 -68.25
CA GLU C 59 60.63 44.53 -68.76
C GLU C 59 60.58 43.26 -67.93
N ASN C 60 61.76 42.70 -67.65
CA ASN C 60 61.86 41.31 -67.28
C ASN C 60 63.08 41.08 -66.41
N ASN C 61 63.21 39.84 -65.96
CA ASN C 61 64.18 39.47 -64.93
C ASN C 61 65.58 39.79 -65.37
N THR C 62 65.94 39.34 -66.57
CA THR C 62 67.28 39.52 -67.11
C THR C 62 67.74 40.95 -67.09
N SER C 63 66.82 41.89 -67.29
CA SER C 63 67.11 43.30 -67.29
C SER C 63 67.20 43.82 -65.86
N ALA C 64 66.26 43.37 -65.04
CA ALA C 64 66.26 43.70 -63.63
C ALA C 64 67.57 43.33 -62.97
N GLY C 65 68.19 42.25 -63.46
CA GLY C 65 69.42 41.77 -62.90
C GLY C 65 69.22 40.65 -61.91
N VAL C 66 68.15 39.88 -62.06
CA VAL C 66 67.80 38.82 -61.14
C VAL C 66 67.80 37.52 -61.93
N ALA C 67 67.43 36.43 -61.28
CA ALA C 67 67.36 35.12 -61.94
C ALA C 67 66.50 35.22 -63.18
N SER C 68 67.13 34.99 -64.33
CA SER C 68 66.46 35.19 -65.60
C SER C 68 65.19 34.35 -65.71
N SER C 69 65.27 33.10 -65.28
CA SER C 69 64.06 32.31 -65.11
C SER C 69 63.35 32.78 -63.84
N PRO C 70 62.07 33.16 -63.91
CA PRO C 70 61.37 33.56 -62.67
C PRO C 70 61.21 32.41 -61.69
N THR C 71 60.93 31.22 -62.22
CA THR C 71 60.62 30.06 -61.38
C THR C 71 61.75 29.74 -60.43
N ASP C 72 62.99 30.03 -60.83
CA ASP C 72 64.11 29.80 -59.96
C ASP C 72 63.96 30.59 -58.68
N ILE C 73 63.53 31.84 -58.79
CA ILE C 73 63.16 32.65 -57.65
C ILE C 73 61.82 32.14 -57.19
N LYS C 74 61.77 31.54 -56.01
CA LYS C 74 60.53 30.96 -55.55
C LYS C 74 60.55 30.85 -54.04
N GLY C 75 59.39 30.50 -53.50
CA GLY C 75 59.19 30.43 -52.08
C GLY C 75 58.63 29.09 -51.68
N LYS C 76 58.63 28.85 -50.37
CA LYS C 76 58.10 27.61 -49.82
C LYS C 76 56.70 27.35 -50.32
N TYR C 77 55.89 28.40 -50.43
CA TYR C 77 54.54 28.34 -50.97
C TYR C 77 54.38 29.19 -52.21
N VAL C 78 55.47 29.70 -52.77
CA VAL C 78 55.44 30.57 -53.94
C VAL C 78 56.02 29.83 -55.13
N LYS C 79 55.39 30.00 -56.29
CA LYS C 79 55.85 29.36 -57.50
C LYS C 79 56.99 30.13 -58.14
N GLU C 80 56.74 31.36 -58.54
CA GLU C 80 57.75 32.12 -59.27
C GLU C 80 57.57 33.59 -58.99
N VAL C 81 58.49 34.38 -59.55
CA VAL C 81 58.48 35.83 -59.45
C VAL C 81 58.97 36.34 -60.79
N GLU C 82 58.10 37.02 -61.53
CA GLU C 82 58.46 37.64 -62.78
C GLU C 82 58.46 39.15 -62.64
N VAL C 83 59.42 39.77 -63.30
CA VAL C 83 59.39 41.20 -63.53
C VAL C 83 58.56 41.45 -64.78
N LYS C 84 57.66 42.42 -64.68
CA LYS C 84 56.80 42.76 -65.80
C LYS C 84 56.77 44.27 -65.91
N ASN C 85 57.74 44.81 -66.66
CA ASN C 85 57.87 46.25 -66.83
C ASN C 85 57.85 46.92 -65.47
N GLY C 86 58.71 46.45 -64.59
CA GLY C 86 58.79 46.97 -63.25
C GLY C 86 57.86 46.31 -62.29
N VAL C 87 56.63 46.06 -62.71
CA VAL C 87 55.67 45.43 -61.83
C VAL C 87 56.13 44.01 -61.55
N VAL C 88 56.24 43.70 -60.27
CA VAL C 88 56.73 42.41 -59.82
C VAL C 88 55.52 41.55 -59.53
N THR C 89 55.30 40.59 -60.39
CA THR C 89 54.26 39.59 -60.20
C THR C 89 54.86 38.36 -59.56
N ALA C 90 54.12 37.80 -58.63
CA ALA C 90 54.51 36.57 -57.95
C ALA C 90 53.36 35.57 -58.05
N THR C 91 53.69 34.34 -58.42
CA THR C 91 52.74 33.27 -58.57
C THR C 91 52.91 32.28 -57.43
N MET C 92 51.80 31.83 -56.89
CA MET C 92 51.80 30.91 -55.77
C MET C 92 51.88 29.47 -56.23
N LEU C 93 52.33 28.60 -55.33
CA LEU C 93 52.33 27.17 -55.61
C LEU C 93 50.92 26.61 -55.54
N SER C 94 50.85 25.31 -55.80
CA SER C 94 49.70 24.47 -55.50
C SER C 94 49.73 24.08 -54.04
N SER C 95 49.05 22.98 -53.68
CA SER C 95 48.69 22.62 -52.31
C SER C 95 49.79 22.77 -51.28
N GLY C 96 49.36 22.90 -50.03
CA GLY C 96 50.12 23.54 -48.99
C GLY C 96 49.14 24.38 -48.20
N VAL C 97 48.08 24.81 -48.88
CA VAL C 97 46.85 25.21 -48.23
C VAL C 97 45.68 24.77 -49.10
N ASN C 98 44.54 24.62 -48.44
CA ASN C 98 43.28 24.44 -49.14
C ASN C 98 42.88 25.68 -49.92
N ASN C 99 43.42 26.82 -49.53
CA ASN C 99 42.81 28.10 -49.75
C ASN C 99 42.95 28.52 -51.20
N GLU C 100 42.08 29.44 -51.58
CA GLU C 100 41.94 29.87 -52.96
C GLU C 100 43.08 30.80 -53.34
N ILE C 101 44.27 30.22 -53.35
CA ILE C 101 45.50 30.92 -53.69
C ILE C 101 46.30 30.11 -54.70
N LYS C 102 45.94 28.86 -54.89
CA LYS C 102 46.83 27.90 -55.50
C LYS C 102 47.05 28.23 -56.96
N GLY C 103 48.28 28.61 -57.27
CA GLY C 103 48.58 29.14 -58.58
C GLY C 103 48.15 30.58 -58.79
N LYS C 104 47.52 31.20 -57.79
CA LYS C 104 47.08 32.57 -57.95
C LYS C 104 48.26 33.52 -57.90
N LYS C 105 47.99 34.75 -58.28
CA LYS C 105 49.02 35.76 -58.45
C LYS C 105 48.86 36.89 -57.46
N LEU C 106 50.00 37.47 -57.16
CA LEU C 106 50.09 38.77 -56.55
C LEU C 106 50.96 39.63 -57.44
N SER C 107 50.70 40.93 -57.40
CA SER C 107 51.57 41.90 -58.04
C SER C 107 51.96 42.93 -57.01
N LEU C 108 53.07 43.59 -57.30
CA LEU C 108 53.54 44.71 -56.52
C LEU C 108 53.66 45.91 -57.44
N TRP C 109 53.11 47.04 -56.99
CA TRP C 109 52.91 48.20 -57.83
C TRP C 109 53.79 49.34 -57.35
N ALA C 110 54.74 49.72 -58.20
CA ALA C 110 55.60 50.86 -57.95
C ALA C 110 55.02 52.11 -58.58
N ARG C 111 55.48 53.25 -58.08
CA ARG C 111 55.27 54.52 -58.75
C ARG C 111 56.14 55.60 -58.14
N ARG C 112 56.86 56.32 -58.99
CA ARG C 112 57.57 57.52 -58.58
C ARG C 112 56.59 58.54 -58.02
N GLU C 113 56.93 59.07 -56.84
CA GLU C 113 56.23 60.20 -56.25
C GLU C 113 57.28 61.27 -56.00
N ASN C 114 57.50 62.11 -57.02
CA ASN C 114 58.52 63.15 -56.96
C ASN C 114 59.86 62.54 -56.59
N GLY C 115 60.24 61.55 -57.39
CA GLY C 115 61.37 60.71 -57.10
C GLY C 115 60.99 59.57 -56.21
N SER C 116 60.51 59.89 -55.01
CA SER C 116 60.23 58.91 -53.98
C SER C 116 59.26 57.87 -54.48
N VAL C 117 59.71 56.64 -54.57
CA VAL C 117 58.93 55.59 -55.20
C VAL C 117 57.90 55.05 -54.20
N LYS C 118 56.82 54.50 -54.73
CA LYS C 118 55.65 54.13 -53.94
C LYS C 118 55.21 52.73 -54.29
N TRP C 119 55.34 51.84 -53.33
CA TRP C 119 55.15 50.42 -53.52
C TRP C 119 53.82 50.00 -52.91
N PHE C 120 52.89 49.60 -53.78
CA PHE C 120 51.61 49.05 -53.34
C PHE C 120 51.48 47.63 -53.83
N CYS C 121 51.11 46.75 -52.94
CA CYS C 121 51.00 45.34 -53.29
C CYS C 121 49.64 45.12 -53.91
N GLY C 122 49.29 43.85 -54.10
CA GLY C 122 47.90 43.48 -54.14
C GLY C 122 47.42 43.10 -55.51
N GLN C 123 46.25 43.61 -55.84
CA GLN C 123 45.45 43.26 -57.00
C GLN C 123 46.36 43.25 -58.22
N PRO C 124 46.38 42.19 -59.02
CA PRO C 124 47.38 42.10 -60.08
C PRO C 124 47.28 43.25 -61.07
N VAL C 125 48.42 43.86 -61.37
CA VAL C 125 48.51 44.99 -62.29
C VAL C 125 49.65 44.74 -63.28
N THR C 126 49.73 45.59 -64.30
CA THR C 126 50.76 45.46 -65.31
C THR C 126 51.04 46.81 -65.95
N ARG C 127 52.32 47.09 -66.17
CA ARG C 127 52.74 48.39 -66.64
C ARG C 127 52.77 48.44 -68.15
N THR C 128 52.57 49.63 -68.68
CA THR C 128 52.54 49.88 -70.11
C THR C 128 53.46 51.03 -70.48
N ASP C 129 53.60 52.00 -69.57
CA ASP C 129 54.44 53.15 -69.80
C ASP C 129 54.98 53.58 -68.45
N ASP C 130 55.86 54.60 -68.48
CA ASP C 130 56.74 54.94 -67.37
C ASP C 130 56.01 55.04 -66.03
N ASP C 131 54.80 55.60 -66.03
CA ASP C 131 53.95 55.62 -64.84
C ASP C 131 52.59 55.00 -65.08
N THR C 132 52.21 54.76 -66.33
CA THR C 132 50.93 54.14 -66.61
C THR C 132 51.00 52.67 -66.23
N VAL C 133 50.07 52.25 -65.39
CA VAL C 133 49.90 50.84 -65.07
C VAL C 133 48.42 50.52 -65.15
N ALA C 134 48.14 49.27 -65.52
CA ALA C 134 46.78 48.80 -65.73
C ALA C 134 46.42 47.77 -64.68
N ASP C 135 45.14 47.76 -64.33
CA ASP C 135 44.59 46.67 -63.53
C ASP C 135 44.61 45.41 -64.38
N ALA C 136 45.44 44.45 -63.99
CA ALA C 136 45.72 43.27 -64.80
C ALA C 136 44.74 42.17 -64.43
N LYS C 137 43.47 42.51 -64.62
CA LYS C 137 42.39 41.63 -64.17
C LYS C 137 42.28 40.43 -65.09
N ASP C 138 42.99 39.38 -64.72
CA ASP C 138 43.12 38.15 -65.48
C ASP C 138 42.48 36.97 -64.76
N GLY C 139 41.80 37.19 -63.64
CA GLY C 139 41.31 36.13 -62.81
C GLY C 139 42.33 35.54 -61.86
N LYS C 140 43.57 35.99 -61.89
CA LYS C 140 44.58 35.61 -60.92
C LYS C 140 44.66 36.58 -59.75
N GLU C 141 43.58 37.30 -59.51
CA GLU C 141 43.52 38.18 -58.35
C GLU C 141 43.26 37.32 -57.13
N ILE C 142 44.26 37.24 -56.27
CA ILE C 142 44.02 36.72 -54.94
C ILE C 142 43.03 37.66 -54.27
N ASP C 143 42.07 37.07 -53.53
CA ASP C 143 40.98 37.85 -52.99
C ASP C 143 41.46 38.80 -51.90
N THR C 144 40.69 39.85 -51.68
CA THR C 144 41.13 40.95 -50.83
C THR C 144 41.25 40.51 -49.38
N LYS C 145 40.47 39.51 -48.97
CA LYS C 145 40.63 38.93 -47.64
C LYS C 145 42.06 38.49 -47.43
N HIS C 146 42.52 37.60 -48.30
CA HIS C 146 43.89 37.11 -48.27
C HIS C 146 44.89 38.23 -48.13
N LEU C 147 44.72 39.26 -48.93
CA LEU C 147 45.74 40.22 -49.18
C LEU C 147 46.00 41.05 -47.94
N PRO C 148 47.01 41.91 -47.96
CA PRO C 148 47.18 42.86 -46.88
C PRO C 148 46.03 43.84 -46.79
N SER C 149 46.16 44.75 -45.84
CA SER C 149 45.24 45.86 -45.67
C SER C 149 45.91 47.17 -46.05
N THR C 150 47.13 47.37 -45.58
CA THR C 150 47.95 48.47 -46.06
C THR C 150 48.10 48.38 -47.57
N CYS C 151 48.50 47.22 -48.08
CA CYS C 151 48.41 46.92 -49.50
C CYS C 151 47.12 46.18 -49.77
N ARG C 152 46.06 46.95 -49.87
CA ARG C 152 44.85 46.51 -50.52
C ARG C 152 44.59 47.46 -51.67
N ASP C 153 45.68 47.85 -52.33
CA ASP C 153 45.71 49.00 -53.20
C ASP C 153 45.83 48.53 -54.63
N ASN C 154 44.76 48.75 -55.39
CA ASN C 154 44.74 48.52 -56.82
C ASN C 154 45.42 49.69 -57.50
N PHE C 155 45.25 49.82 -58.82
CA PHE C 155 45.80 50.97 -59.52
C PHE C 155 45.04 52.22 -59.10
N ASP C 156 45.27 52.65 -57.85
CA ASP C 156 44.65 53.79 -57.24
C ASP C 156 43.14 53.88 -57.48
N PHE D 1 12.89 5.45 -7.59
CA PHE D 1 14.04 5.13 -8.45
C PHE D 1 14.69 6.36 -9.09
N THR D 2 16.00 6.47 -8.91
CA THR D 2 16.80 7.51 -9.53
C THR D 2 18.13 7.01 -10.05
N LEU D 3 18.49 5.75 -9.78
CA LEU D 3 19.88 5.31 -9.88
C LEU D 3 20.47 5.54 -11.24
N ILE D 4 19.66 5.44 -12.28
CA ILE D 4 20.20 5.70 -13.59
C ILE D 4 20.70 7.13 -13.69
N GLU D 5 20.17 8.02 -12.85
CA GLU D 5 20.77 9.33 -12.73
C GLU D 5 22.12 9.26 -12.05
N LEU D 6 22.35 8.30 -11.18
CA LEU D 6 23.67 8.11 -10.62
C LEU D 6 24.58 7.40 -11.59
N MET D 7 24.02 6.43 -12.31
CA MET D 7 24.76 5.74 -13.35
C MET D 7 25.39 6.73 -14.31
N ILE D 8 24.57 7.67 -14.78
CA ILE D 8 25.04 8.56 -15.82
C ILE D 8 26.10 9.48 -15.28
N VAL D 9 26.05 9.79 -13.98
CA VAL D 9 27.15 10.52 -13.37
C VAL D 9 28.42 9.73 -13.50
N ILE D 10 28.40 8.50 -12.99
CA ILE D 10 29.60 7.68 -12.98
C ILE D 10 30.05 7.33 -14.38
N ALA D 11 29.18 7.52 -15.37
CA ALA D 11 29.61 7.57 -16.75
C ALA D 11 30.27 8.89 -17.08
N ILE D 12 29.80 9.99 -16.47
CA ILE D 12 30.50 11.26 -16.62
C ILE D 12 31.74 11.26 -15.76
N VAL D 13 31.74 10.53 -14.65
CA VAL D 13 32.92 10.51 -13.80
C VAL D 13 34.06 9.86 -14.53
N GLY D 14 33.82 8.64 -15.02
CA GLY D 14 34.78 8.09 -15.93
C GLY D 14 34.74 9.03 -17.10
N ILE D 15 35.72 9.92 -17.15
CA ILE D 15 35.76 10.88 -18.23
C ILE D 15 36.62 10.27 -19.29
N LEU D 16 36.59 10.85 -20.46
CA LEU D 16 37.58 10.49 -21.44
C LEU D 16 38.95 10.93 -20.99
N ALA D 17 39.05 12.15 -20.47
CA ALA D 17 40.33 12.83 -20.39
C ALA D 17 40.94 12.87 -21.80
N ALA D 18 40.27 13.68 -22.61
CA ALA D 18 40.39 13.71 -24.05
C ALA D 18 41.82 13.58 -24.50
N VAL D 19 41.99 12.90 -25.63
CA VAL D 19 43.26 12.92 -26.36
C VAL D 19 43.61 14.34 -26.75
N ALA D 20 42.65 15.27 -26.73
CA ALA D 20 42.93 16.70 -26.84
C ALA D 20 43.66 17.24 -25.63
N LEU D 21 44.01 16.43 -24.67
CA LEU D 21 45.08 16.78 -23.77
C LEU D 21 46.44 16.29 -24.29
N PRO D 22 46.62 15.00 -24.56
CA PRO D 22 47.94 14.55 -25.02
C PRO D 22 48.27 14.87 -26.45
N ALA D 23 47.28 15.07 -27.31
CA ALA D 23 47.62 15.65 -28.59
C ALA D 23 47.98 17.12 -28.45
N TYR D 24 47.67 17.73 -27.31
CA TYR D 24 48.00 19.10 -27.02
C TYR D 24 48.95 19.24 -25.87
N GLN D 25 49.44 18.13 -25.32
CA GLN D 25 50.79 18.21 -24.82
C GLN D 25 51.76 18.04 -25.97
N ASP D 26 51.33 17.30 -27.00
CA ASP D 26 52.09 17.23 -28.24
C ASP D 26 52.04 18.53 -29.02
N TYR D 27 51.02 19.35 -28.79
CA TYR D 27 50.98 20.68 -29.38
C TYR D 27 51.26 21.77 -28.37
N THR D 28 51.15 21.47 -27.07
CA THR D 28 51.93 22.22 -26.11
C THR D 28 53.39 21.98 -26.36
N ALA D 29 53.73 20.75 -26.70
CA ALA D 29 55.08 20.49 -27.17
C ALA D 29 55.34 21.36 -28.38
N ARG D 30 54.40 21.44 -29.31
CA ARG D 30 54.59 22.34 -30.44
C ARG D 30 54.80 23.76 -29.98
N ALA D 31 54.29 24.13 -28.80
CA ALA D 31 54.61 25.44 -28.26
C ALA D 31 56.08 25.53 -27.90
N GLN D 32 56.57 24.62 -27.05
CA GLN D 32 57.95 24.77 -26.64
C GLN D 32 58.92 24.12 -27.60
N VAL D 33 58.46 23.17 -28.39
CA VAL D 33 59.18 22.87 -29.62
C VAL D 33 59.37 24.15 -30.40
N SER D 34 58.31 24.97 -30.51
CA SER D 34 58.47 26.25 -31.17
C SER D 34 59.43 27.13 -30.40
N GLU D 35 59.42 27.03 -29.08
CA GLU D 35 60.41 27.75 -28.29
C GLU D 35 61.82 27.35 -28.69
N ALA D 36 62.02 26.09 -29.10
CA ALA D 36 63.29 25.73 -29.70
C ALA D 36 63.41 26.33 -31.08
N ILE D 37 62.30 26.40 -31.80
CA ILE D 37 62.34 26.94 -33.15
C ILE D 37 62.63 28.43 -33.11
N LEU D 38 62.05 29.12 -32.14
CA LEU D 38 62.29 30.54 -32.06
C LEU D 38 63.73 30.83 -31.71
N LEU D 39 64.41 29.90 -31.04
CA LEU D 39 65.86 30.04 -30.92
C LEU D 39 66.47 29.95 -32.29
N ALA D 40 66.13 28.88 -33.02
CA ALA D 40 66.66 28.62 -34.34
C ALA D 40 66.50 29.82 -35.25
N GLU D 41 65.41 30.58 -35.05
CA GLU D 41 65.16 31.78 -35.82
C GLU D 41 66.35 32.73 -35.78
N GLY D 42 67.00 32.86 -34.62
CA GLY D 42 68.17 33.70 -34.56
C GLY D 42 69.29 33.16 -35.40
N GLN D 43 69.53 31.86 -35.30
CA GLN D 43 70.60 31.26 -36.06
C GLN D 43 70.31 31.19 -37.55
N LYS D 44 69.04 31.32 -37.96
CA LYS D 44 68.69 31.25 -39.37
C LYS D 44 69.52 32.21 -40.17
N SER D 45 69.57 33.45 -39.71
CA SER D 45 70.30 34.47 -40.44
C SER D 45 71.78 34.42 -40.11
N ALA D 46 72.11 34.02 -38.89
CA ALA D 46 73.51 33.98 -38.49
C ALA D 46 74.24 32.84 -39.16
N VAL D 47 73.63 31.66 -39.15
CA VAL D 47 74.16 30.54 -39.93
C VAL D 47 74.23 30.92 -41.39
N THR D 48 73.15 31.51 -41.87
CA THR D 48 73.12 32.06 -43.21
C THR D 48 74.26 33.04 -43.40
N GLU D 49 74.51 33.84 -42.38
CA GLU D 49 75.51 34.89 -42.49
C GLU D 49 76.87 34.29 -42.79
N TYR D 50 77.23 33.23 -42.06
CA TYR D 50 78.45 32.53 -42.37
C TYR D 50 78.37 31.90 -43.75
N TYR D 51 77.21 31.36 -44.09
CA TYR D 51 77.08 30.60 -45.32
C TYR D 51 77.26 31.49 -46.53
N LEU D 52 76.87 32.75 -46.40
CA LEU D 52 76.90 33.67 -47.53
C LEU D 52 78.21 34.40 -47.67
N ASN D 53 78.86 34.69 -46.55
CA ASN D 53 80.10 35.44 -46.53
C ASN D 53 81.32 34.58 -46.32
N HIS D 54 81.15 33.26 -46.31
CA HIS D 54 82.30 32.37 -46.33
C HIS D 54 82.11 31.17 -47.24
N GLY D 55 80.90 30.93 -47.74
CA GLY D 55 80.70 29.97 -48.78
C GLY D 55 80.63 28.54 -48.35
N LYS D 56 80.19 28.31 -47.13
CA LYS D 56 79.87 26.97 -46.70
C LYS D 56 79.15 27.08 -45.38
N TRP D 57 78.40 26.06 -45.09
CA TRP D 57 77.67 26.06 -43.86
C TRP D 57 78.64 26.06 -42.68
N PRO D 58 78.39 26.85 -41.64
CA PRO D 58 79.26 26.78 -40.47
C PRO D 58 79.14 25.43 -39.81
N GLU D 59 80.29 24.83 -39.53
CA GLU D 59 80.34 23.61 -38.74
C GLU D 59 79.58 23.80 -37.43
N ASN D 60 79.86 24.89 -36.74
CA ASN D 60 79.60 24.98 -35.33
C ASN D 60 79.36 26.43 -34.92
N ASN D 61 79.04 26.60 -33.64
CA ASN D 61 78.55 27.86 -33.12
C ASN D 61 79.56 28.96 -33.34
N THR D 62 80.80 28.71 -32.93
CA THR D 62 81.88 29.67 -33.02
C THR D 62 82.03 30.26 -34.40
N SER D 63 81.80 29.47 -35.42
CA SER D 63 81.89 29.89 -36.79
C SER D 63 80.65 30.66 -37.20
N ALA D 64 79.50 30.13 -36.80
CA ALA D 64 78.23 30.78 -37.03
C ALA D 64 78.23 32.19 -36.48
N GLY D 65 78.95 32.42 -35.40
CA GLY D 65 79.00 33.70 -34.76
C GLY D 65 78.04 33.83 -33.61
N VAL D 66 77.72 32.72 -32.95
CA VAL D 66 76.76 32.68 -31.87
C VAL D 66 77.49 32.18 -30.64
N ALA D 67 76.77 32.01 -29.54
CA ALA D 67 77.35 31.51 -28.30
C ALA D 67 78.08 30.21 -28.55
N SER D 68 79.40 30.24 -28.34
CA SER D 68 80.24 29.10 -28.70
C SER D 68 79.79 27.83 -27.98
N SER D 69 79.46 27.95 -26.71
CA SER D 69 78.78 26.85 -26.03
C SER D 69 77.32 26.83 -26.48
N PRO D 70 76.81 25.70 -26.99
CA PRO D 70 75.39 25.67 -27.36
C PRO D 70 74.46 25.82 -26.18
N THR D 71 74.82 25.20 -25.06
CA THR D 71 73.95 25.16 -23.89
C THR D 71 73.62 26.54 -23.38
N ASP D 72 74.52 27.49 -23.58
CA ASP D 72 74.23 28.86 -23.18
C ASP D 72 73.00 29.38 -23.90
N ILE D 73 72.90 29.08 -25.19
CA ILE D 73 71.69 29.35 -25.95
C ILE D 73 70.70 28.29 -25.54
N LYS D 74 69.63 28.70 -24.87
CA LYS D 74 68.67 27.73 -24.39
C LYS D 74 67.34 28.39 -24.17
N GLY D 75 66.34 27.55 -23.91
CA GLY D 75 64.97 28.00 -23.76
C GLY D 75 64.40 27.50 -22.46
N LYS D 76 63.22 28.05 -22.13
CA LYS D 76 62.52 27.68 -20.91
C LYS D 76 62.35 26.17 -20.82
N TYR D 77 62.08 25.53 -21.95
CA TYR D 77 61.96 24.09 -22.06
C TYR D 77 62.99 23.49 -23.00
N VAL D 78 63.97 24.28 -23.44
CA VAL D 78 64.99 23.84 -24.39
C VAL D 78 66.32 23.76 -23.67
N LYS D 79 67.08 22.71 -23.99
CA LYS D 79 68.38 22.52 -23.38
C LYS D 79 69.45 23.35 -24.07
N GLU D 80 69.67 23.10 -25.35
CA GLU D 80 70.76 23.75 -26.06
C GLU D 80 70.40 23.89 -27.52
N VAL D 81 71.29 24.56 -28.25
CA VAL D 81 71.18 24.75 -29.68
C VAL D 81 72.59 24.67 -30.24
N GLU D 82 72.85 23.65 -31.04
CA GLU D 82 74.13 23.50 -31.71
C GLU D 82 73.98 23.73 -33.20
N VAL D 83 74.98 24.37 -33.76
CA VAL D 83 75.15 24.40 -35.21
C VAL D 83 75.89 23.16 -35.62
N LYS D 84 75.40 22.50 -36.65
CA LYS D 84 76.02 21.29 -37.15
C LYS D 84 76.07 21.39 -38.66
N ASN D 85 77.15 22.00 -39.16
CA ASN D 85 77.34 22.20 -40.58
C ASN D 85 76.10 22.86 -41.16
N GLY D 86 75.71 23.95 -40.55
CA GLY D 86 74.53 24.66 -40.98
C GLY D 86 73.26 24.19 -40.33
N VAL D 87 73.11 22.87 -40.24
CA VAL D 87 71.90 22.32 -39.64
C VAL D 87 71.88 22.70 -38.18
N VAL D 88 70.78 23.32 -37.77
CA VAL D 88 70.62 23.81 -36.41
C VAL D 88 69.84 22.75 -35.65
N THR D 89 70.54 22.07 -34.77
CA THR D 89 69.92 21.10 -33.88
C THR D 89 69.64 21.76 -32.55
N ALA D 90 68.48 21.46 -31.99
CA ALA D 90 68.06 21.96 -30.70
C ALA D 90 67.66 20.78 -29.83
N THR D 91 68.17 20.77 -28.60
CA THR D 91 67.89 19.72 -27.64
C THR D 91 66.97 20.26 -26.56
N MET D 92 65.99 19.46 -26.19
CA MET D 92 65.01 19.85 -25.19
C MET D 92 65.49 19.54 -23.78
N LEU D 93 64.89 20.23 -22.83
CA LEU D 93 65.17 19.95 -21.42
C LEU D 93 64.50 18.65 -21.00
N SER D 94 64.72 18.33 -19.73
CA SER D 94 63.97 17.33 -18.97
C SER D 94 62.67 17.97 -18.49
N SER D 95 62.06 17.37 -17.46
CA SER D 95 60.68 17.62 -17.03
C SER D 95 60.24 19.07 -17.01
N GLY D 96 58.93 19.25 -17.09
CA GLY D 96 58.32 20.45 -17.58
C GLY D 96 57.17 20.02 -18.45
N VAL D 97 57.30 18.83 -19.04
CA VAL D 97 56.16 18.06 -19.51
C VAL D 97 56.43 16.59 -19.24
N ASN D 98 55.34 15.84 -19.16
CA ASN D 98 55.42 14.38 -19.14
C ASN D 98 55.92 13.83 -20.47
N ASN D 99 55.78 14.62 -21.52
CA ASN D 99 55.69 14.14 -22.87
C ASN D 99 57.05 13.66 -23.37
N GLU D 100 56.98 12.83 -24.39
CA GLU D 100 58.16 12.15 -24.92
C GLU D 100 58.98 13.11 -25.77
N ILE D 101 59.53 14.10 -25.08
CA ILE D 101 60.37 15.14 -25.67
C ILE D 101 61.64 15.31 -24.87
N LYS D 102 61.67 14.75 -23.67
CA LYS D 102 62.63 15.18 -22.66
C LYS D 102 64.03 14.77 -23.08
N GLY D 103 64.85 15.78 -23.35
CA GLY D 103 66.14 15.53 -23.94
C GLY D 103 66.11 15.22 -25.42
N LYS D 104 64.93 15.18 -26.03
CA LYS D 104 64.85 14.87 -27.44
C LYS D 104 65.31 16.06 -28.27
N LYS D 105 65.51 15.80 -29.54
CA LYS D 105 66.11 16.75 -30.45
C LYS D 105 65.12 17.17 -31.53
N LEU D 106 65.35 18.39 -31.98
CA LEU D 106 64.81 18.89 -33.22
C LEU D 106 65.98 19.38 -34.04
N SER D 107 65.82 19.30 -35.36
CA SER D 107 66.76 19.92 -36.28
C SER D 107 65.98 20.84 -37.21
N LEU D 108 66.72 21.77 -37.76
CA LEU D 108 66.21 22.66 -38.79
C LEU D 108 67.07 22.51 -40.03
N TRP D 109 66.40 22.35 -41.16
CA TRP D 109 67.04 21.93 -42.40
C TRP D 109 66.99 23.06 -43.41
N ALA D 110 68.16 23.58 -43.75
CA ALA D 110 68.30 24.59 -44.79
C ALA D 110 68.58 23.94 -46.12
N ARG D 111 68.31 24.71 -47.19
CA ARG D 111 68.80 24.37 -48.51
C ARG D 111 68.62 25.55 -49.46
N ARG D 112 69.69 25.89 -50.15
CA ARG D 112 69.61 26.84 -51.25
C ARG D 112 68.66 26.34 -52.32
N GLU D 113 67.75 27.21 -52.74
CA GLU D 113 66.88 26.97 -53.89
C GLU D 113 67.10 28.14 -54.84
N ASN D 114 68.09 28.00 -55.70
CA ASN D 114 68.49 29.04 -56.64
C ASN D 114 68.76 30.33 -55.89
N GLY D 115 69.65 30.21 -54.93
CA GLY D 115 69.91 31.25 -53.96
C GLY D 115 68.97 31.17 -52.79
N SER D 116 67.67 31.29 -53.09
CA SER D 116 66.65 31.39 -52.07
C SER D 116 66.68 30.18 -51.17
N VAL D 117 66.98 30.41 -49.90
CA VAL D 117 67.21 29.31 -48.98
C VAL D 117 65.88 28.77 -48.47
N LYS D 118 65.88 27.51 -48.07
CA LYS D 118 64.67 26.77 -47.76
C LYS D 118 64.81 26.06 -46.44
N TRP D 119 64.02 26.50 -45.47
CA TRP D 119 64.14 26.07 -44.09
C TRP D 119 63.01 25.10 -43.77
N PHE D 120 63.37 23.86 -43.52
CA PHE D 120 62.43 22.84 -43.07
C PHE D 120 62.84 22.34 -41.70
N CYS D 121 61.89 22.29 -40.80
CA CYS D 121 62.18 21.89 -39.44
C CYS D 121 62.15 20.37 -39.39
N GLY D 122 62.18 19.83 -38.18
CA GLY D 122 61.61 18.52 -37.95
C GLY D 122 62.63 17.46 -37.70
N GLN D 123 62.40 16.33 -38.35
CA GLN D 123 63.09 15.07 -38.16
C GLN D 123 64.58 15.35 -38.14
N PRO D 124 65.34 14.89 -37.13
CA PRO D 124 66.73 15.32 -37.03
C PRO D 124 67.56 14.92 -38.24
N VAL D 125 68.31 15.88 -38.77
CA VAL D 125 69.16 15.69 -39.93
C VAL D 125 70.55 16.24 -39.64
N THR D 126 71.49 15.96 -40.55
CA THR D 126 72.86 16.43 -40.39
C THR D 126 73.53 16.56 -41.74
N ARG D 127 74.28 17.64 -41.91
CA ARG D 127 74.87 17.95 -43.19
C ARG D 127 76.24 17.33 -43.33
N THR D 128 76.60 17.06 -44.58
CA THR D 128 77.86 16.43 -44.92
C THR D 128 78.58 17.22 -46.01
N ASP D 129 77.82 17.86 -46.88
CA ASP D 129 78.37 18.63 -47.97
C ASP D 129 77.40 19.76 -48.25
N ASP D 130 77.79 20.65 -49.18
CA ASP D 130 77.17 21.96 -49.36
C ASP D 130 75.65 21.90 -49.43
N ASP D 131 75.10 20.89 -50.11
CA ASP D 131 73.67 20.65 -50.14
C ASP D 131 73.29 19.27 -49.66
N THR D 132 74.24 18.36 -49.55
CA THR D 132 73.95 17.02 -49.07
C THR D 132 73.66 17.08 -47.59
N VAL D 133 72.50 16.56 -47.20
CA VAL D 133 72.17 16.39 -45.80
C VAL D 133 71.58 15.00 -45.62
N ALA D 134 71.81 14.44 -44.44
CA ALA D 134 71.41 13.08 -44.11
C ALA D 134 70.33 13.10 -43.05
N ASP D 135 69.45 12.12 -43.14
CA ASP D 135 68.51 11.84 -42.06
C ASP D 135 69.30 11.34 -40.86
N ALA D 136 69.33 12.15 -39.80
CA ALA D 136 70.21 11.89 -38.67
C ALA D 136 69.46 11.06 -37.64
N LYS D 137 69.06 9.89 -38.10
CA LYS D 137 68.21 9.01 -37.31
C LYS D 137 68.99 8.37 -36.19
N ASP D 138 69.00 9.06 -35.05
CA ASP D 138 69.75 8.69 -33.87
C ASP D 138 68.86 8.30 -32.70
N GLY D 139 67.54 8.21 -32.93
CA GLY D 139 66.61 8.01 -31.85
C GLY D 139 66.21 9.26 -31.11
N LYS D 140 66.77 10.41 -31.45
CA LYS D 140 66.36 11.70 -30.90
C LYS D 140 65.34 12.38 -31.78
N GLU D 141 64.62 11.62 -32.59
CA GLU D 141 63.54 12.17 -33.39
C GLU D 141 62.35 12.37 -32.47
N ILE D 142 62.02 13.62 -32.24
CA ILE D 142 60.73 13.93 -31.67
C ILE D 142 59.67 13.46 -32.64
N ASP D 143 58.60 12.85 -32.11
CA ASP D 143 57.61 12.20 -32.95
C ASP D 143 56.84 13.23 -33.76
N THR D 144 56.28 12.76 -34.87
CA THR D 144 55.69 13.65 -35.86
C THR D 144 54.45 14.34 -35.32
N LYS D 145 53.76 13.71 -34.36
CA LYS D 145 52.65 14.36 -33.69
C LYS D 145 53.09 15.68 -33.11
N HIS D 146 54.09 15.61 -32.24
CA HIS D 146 54.68 16.78 -31.61
C HIS D 146 54.97 17.87 -32.61
N LEU D 147 55.60 17.49 -33.72
CA LEU D 147 56.27 18.40 -34.59
C LEU D 147 55.25 19.27 -35.31
N PRO D 148 55.71 20.25 -36.06
CA PRO D 148 54.78 20.99 -36.92
C PRO D 148 54.18 20.12 -37.99
N SER D 149 53.37 20.75 -38.82
CA SER D 149 52.80 20.14 -39.99
C SER D 149 53.40 20.72 -41.26
N THR D 150 53.51 22.05 -41.31
CA THR D 150 54.30 22.69 -42.35
C THR D 150 55.72 22.14 -42.36
N CYS D 151 56.37 22.15 -41.19
CA CYS D 151 57.61 21.41 -41.00
C CYS D 151 57.29 20.06 -40.41
N ARG D 152 56.90 19.16 -41.28
CA ARG D 152 56.96 17.74 -41.00
C ARG D 152 57.86 17.12 -42.05
N ASP D 153 58.92 17.85 -42.37
CA ASP D 153 59.70 17.63 -43.58
C ASP D 153 61.04 17.05 -43.19
N ASN D 154 61.25 15.80 -43.57
CA ASN D 154 62.53 15.13 -43.43
C ASN D 154 63.41 15.57 -44.58
N PHE D 155 64.52 14.85 -44.81
CA PHE D 155 65.37 15.18 -45.95
C PHE D 155 64.63 14.83 -47.23
N ASP D 156 63.62 15.63 -47.54
CA ASP D 156 62.76 15.47 -48.71
C ASP D 156 62.32 14.03 -48.95
N PHE E 1 5.05 3.25 -0.43
CA PHE E 1 6.34 3.87 -0.06
C PHE E 1 7.18 4.31 -1.27
N THR E 2 7.59 5.56 -1.23
CA THR E 2 8.49 6.13 -2.23
C THR E 2 9.55 7.03 -1.64
N LEU E 3 9.49 7.33 -0.33
CA LEU E 3 10.20 8.47 0.23
C LEU E 3 11.68 8.43 -0.04
N ILE E 4 12.25 7.24 -0.09
CA ILE E 4 13.66 7.18 -0.38
C ILE E 4 13.94 7.74 -1.75
N GLU E 5 12.94 7.75 -2.63
CA GLU E 5 13.07 8.49 -3.87
C GLU E 5 13.07 9.97 -3.63
N LEU E 6 12.41 10.44 -2.58
CA LEU E 6 12.49 11.85 -2.24
C LEU E 6 13.77 12.16 -1.50
N MET E 7 14.19 11.23 -0.65
CA MET E 7 15.46 11.35 0.04
C MET E 7 16.58 11.60 -0.95
N ILE E 8 16.63 10.78 -1.99
CA ILE E 8 17.75 10.84 -2.91
C ILE E 8 17.71 12.14 -3.68
N VAL E 9 16.53 12.70 -3.90
CA VAL E 9 16.45 14.03 -4.49
C VAL E 9 17.14 15.01 -3.58
N ILE E 10 16.70 15.07 -2.33
CA ILE E 10 17.23 16.06 -1.39
C ILE E 10 18.70 15.81 -1.11
N ALA E 11 19.19 14.62 -1.44
CA ALA E 11 20.62 14.40 -1.54
C ALA E 11 21.18 15.00 -2.82
N ILE E 12 20.41 14.98 -3.90
CA ILE E 12 20.83 15.68 -5.11
C ILE E 12 20.61 17.16 -4.94
N VAL E 13 19.62 17.56 -4.14
CA VAL E 13 19.39 18.99 -3.95
C VAL E 13 20.56 19.61 -3.23
N GLY E 14 20.91 19.04 -2.09
CA GLY E 14 22.16 19.44 -1.50
C GLY E 14 23.17 19.00 -2.52
N ILE E 15 23.65 19.94 -3.31
CA ILE E 15 24.61 19.62 -4.35
C ILE E 15 25.95 19.87 -3.72
N LEU E 16 26.98 19.38 -4.38
CA LEU E 16 28.30 19.80 -3.99
C LEU E 16 28.49 21.27 -4.26
N ALA E 17 28.04 21.73 -5.43
CA ALA E 17 28.54 22.98 -5.97
C ALA E 17 30.05 22.92 -6.05
N ALA E 18 30.47 22.06 -6.98
CA ALA E 18 31.82 21.54 -7.09
C ALA E 18 32.86 22.60 -6.86
N VAL E 19 33.97 22.18 -6.23
CA VAL E 19 35.17 22.99 -6.19
C VAL E 19 35.66 23.30 -7.59
N ALA E 20 35.19 22.56 -8.60
CA ALA E 20 35.40 22.93 -10.00
C ALA E 20 34.63 24.18 -10.38
N LEU E 21 33.93 24.82 -9.48
CA LEU E 21 33.59 26.20 -9.67
C LEU E 21 34.67 27.13 -9.09
N PRO E 22 35.03 27.02 -7.79
CA PRO E 22 36.01 27.95 -7.26
C PRO E 22 37.45 27.65 -7.64
N ALA E 23 37.77 26.42 -7.99
CA ALA E 23 39.05 26.22 -8.64
C ALA E 23 39.06 26.78 -10.04
N TYR E 24 37.90 27.07 -10.59
CA TYR E 24 37.76 27.64 -11.91
C TYR E 24 37.14 29.02 -11.88
N GLN E 25 36.89 29.57 -10.69
CA GLN E 25 37.03 31.01 -10.61
C GLN E 25 38.50 31.34 -10.42
N ASP E 26 39.25 30.42 -9.80
CA ASP E 26 40.70 30.55 -9.74
C ASP E 26 41.34 30.32 -11.09
N TYR E 27 40.68 29.59 -11.98
CA TYR E 27 41.17 29.46 -13.35
C TYR E 27 40.36 30.28 -14.34
N THR E 28 39.16 30.71 -13.96
CA THR E 28 38.62 31.92 -14.57
C THR E 28 39.50 33.08 -14.20
N ALA E 29 39.98 33.09 -12.96
CA ALA E 29 41.00 34.06 -12.62
C ALA E 29 42.18 33.88 -13.53
N ARG E 30 42.60 32.63 -13.77
CA ARG E 30 43.68 32.41 -14.73
C ARG E 30 43.33 32.96 -16.09
N ALA E 31 42.05 33.06 -16.42
CA ALA E 31 41.68 33.74 -17.64
C ALA E 31 42.00 35.22 -17.57
N GLN E 32 41.48 35.92 -16.57
CA GLN E 32 41.72 37.35 -16.55
C GLN E 32 43.01 37.73 -15.87
N VAL E 33 43.54 36.85 -15.03
CA VAL E 33 44.96 36.92 -14.75
C VAL E 33 45.72 36.90 -16.06
N SER E 34 45.34 36.01 -16.97
CA SER E 34 45.97 36.01 -18.28
C SER E 34 45.70 37.30 -19.01
N GLU E 35 44.51 37.87 -18.82
CA GLU E 35 44.23 39.17 -19.38
C GLU E 35 45.23 40.21 -18.88
N ALA E 36 45.70 40.06 -17.64
CA ALA E 36 46.80 40.88 -17.20
C ALA E 36 48.09 40.45 -17.88
N ILE E 37 48.24 39.16 -18.10
CA ILE E 37 49.46 38.66 -18.72
C ILE E 37 49.52 39.13 -20.16
N LEU E 38 48.39 39.10 -20.84
CA LEU E 38 48.39 39.52 -22.23
C LEU E 38 48.72 40.99 -22.35
N LEU E 39 48.42 41.78 -21.32
CA LEU E 39 48.96 43.14 -21.31
C LEU E 39 50.46 43.09 -21.25
N ALA E 40 50.98 42.33 -20.27
CA ALA E 40 52.41 42.19 -20.05
C ALA E 40 53.13 41.79 -21.32
N GLU E 41 52.46 40.99 -22.16
CA GLU E 41 53.01 40.58 -23.44
C GLU E 41 53.49 41.77 -24.26
N GLY E 42 52.73 42.86 -24.25
CA GLY E 42 53.18 44.03 -24.98
C GLY E 42 54.43 44.61 -24.37
N GLN E 43 54.48 44.70 -23.06
CA GLN E 43 55.64 45.26 -22.41
C GLN E 43 56.84 44.35 -22.47
N LYS E 44 56.65 43.05 -22.75
CA LYS E 44 57.76 42.11 -22.80
C LYS E 44 58.83 42.62 -23.74
N SER E 45 58.43 43.00 -24.93
CA SER E 45 59.38 43.46 -25.92
C SER E 45 59.74 44.91 -25.71
N ALA E 46 58.79 45.70 -25.20
CA ALA E 46 59.05 47.11 -25.00
C ALA E 46 60.00 47.33 -23.83
N VAL E 47 59.75 46.66 -22.73
CA VAL E 47 60.69 46.67 -21.62
C VAL E 47 62.02 46.14 -22.09
N THR E 48 61.98 45.02 -22.80
CA THR E 48 63.15 44.48 -23.44
C THR E 48 63.81 45.53 -24.31
N GLU E 49 62.99 46.29 -25.03
CA GLU E 49 63.52 47.25 -25.97
C GLU E 49 64.39 48.27 -25.27
N TYR E 50 63.92 48.78 -24.13
CA TYR E 50 64.76 49.65 -23.35
C TYR E 50 65.96 48.91 -22.82
N TYR E 51 65.76 47.66 -22.42
CA TYR E 51 66.82 46.91 -21.75
C TYR E 51 67.97 46.64 -22.70
N LEU E 52 67.66 46.50 -23.99
CA LEU E 52 68.67 46.14 -24.96
C LEU E 52 69.36 47.34 -25.57
N ASN E 53 68.63 48.44 -25.72
CA ASN E 53 69.15 49.64 -26.35
C ASN E 53 69.52 50.73 -25.36
N HIS E 54 69.46 50.43 -24.07
CA HIS E 54 70.00 51.34 -23.07
C HIS E 54 70.76 50.63 -21.97
N GLY E 55 70.67 49.31 -21.87
CA GLY E 55 71.54 48.56 -21.01
C GLY E 55 71.14 48.53 -19.57
N LYS E 56 69.85 48.64 -19.30
CA LYS E 56 69.35 48.38 -17.97
C LYS E 56 67.86 48.32 -18.07
N TRP E 57 67.28 47.67 -17.10
CA TRP E 57 65.85 47.56 -17.09
C TRP E 57 65.23 48.93 -16.91
N PRO E 58 64.17 49.26 -17.65
CA PRO E 58 63.50 50.53 -17.42
C PRO E 58 62.88 50.56 -16.05
N GLU E 59 63.15 51.64 -15.33
CA GLU E 59 62.48 51.89 -14.06
C GLU E 59 60.97 51.81 -14.22
N ASN E 60 60.47 52.49 -15.25
CA ASN E 60 59.07 52.89 -15.27
C ASN E 60 58.58 53.01 -16.70
N ASN E 61 57.29 53.31 -16.81
CA ASN E 61 56.58 53.25 -18.07
C ASN E 61 57.19 54.18 -19.09
N THR E 62 57.39 55.43 -18.69
CA THR E 62 57.92 56.47 -19.55
C THR E 62 59.22 56.08 -20.21
N SER E 63 60.05 55.32 -19.51
CA SER E 63 61.31 54.86 -20.02
C SER E 63 61.12 53.66 -20.92
N ALA E 64 60.26 52.75 -20.49
CA ALA E 64 59.89 51.58 -21.27
C ALA E 64 59.38 51.99 -22.64
N GLY E 65 58.72 53.13 -22.71
CA GLY E 65 58.15 53.61 -23.93
C GLY E 65 56.69 53.28 -24.07
N VAL E 66 55.97 53.15 -22.97
CA VAL E 66 54.58 52.75 -22.95
C VAL E 66 53.81 53.88 -22.30
N ALA E 67 52.50 53.71 -22.13
CA ALA E 67 51.66 54.71 -21.49
C ALA E 67 52.23 55.10 -20.15
N SER E 68 52.63 56.37 -20.03
CA SER E 68 53.34 56.83 -18.85
C SER E 68 52.52 56.59 -17.59
N SER E 69 51.23 56.87 -17.65
CA SER E 69 50.34 56.44 -16.57
C SER E 69 50.09 54.94 -16.72
N PRO E 70 50.34 54.12 -15.69
CA PRO E 70 50.05 52.69 -15.82
C PRO E 70 48.57 52.40 -15.98
N THR E 71 47.75 53.14 -15.25
CA THR E 71 46.31 52.88 -15.21
C THR E 71 45.68 52.95 -16.59
N ASP E 72 46.24 53.78 -17.46
CA ASP E 72 45.74 53.86 -18.82
C ASP E 72 45.83 52.50 -19.50
N ILE E 73 46.95 51.81 -19.30
CA ILE E 73 47.09 50.44 -19.73
C ILE E 73 46.30 49.60 -18.76
N LYS E 74 45.23 48.99 -19.22
CA LYS E 74 44.39 48.24 -18.31
C LYS E 74 43.58 47.22 -19.08
N GLY E 75 42.92 46.36 -18.33
CA GLY E 75 42.18 45.24 -18.89
C GLY E 75 40.77 45.25 -18.37
N LYS E 76 39.94 44.41 -19.01
CA LYS E 76 38.54 44.26 -18.62
C LYS E 76 38.41 43.99 -17.14
N TYR E 77 39.32 43.17 -16.60
CA TYR E 77 39.39 42.85 -15.18
C TYR E 77 40.71 43.28 -14.56
N VAL E 78 41.52 44.05 -15.28
CA VAL E 78 42.82 44.50 -14.80
C VAL E 78 42.77 46.00 -14.55
N LYS E 79 43.41 46.40 -13.45
CA LYS E 79 43.44 47.82 -13.09
C LYS E 79 44.52 48.55 -13.87
N GLU E 80 45.77 48.18 -13.68
CA GLU E 80 46.87 48.91 -14.28
C GLU E 80 48.03 47.97 -14.55
N VAL E 81 49.06 48.53 -15.16
CA VAL E 81 50.30 47.81 -15.46
C VAL E 81 51.41 48.82 -15.28
N GLU E 82 52.27 48.59 -14.30
CA GLU E 82 53.43 49.41 -14.08
C GLU E 82 54.70 48.66 -14.42
N VAL E 83 55.64 49.37 -14.99
CA VAL E 83 57.01 48.90 -15.10
C VAL E 83 57.72 49.24 -13.83
N LYS E 84 58.45 48.26 -13.30
CA LYS E 84 59.19 48.47 -12.06
C LYS E 84 60.57 47.87 -12.25
N ASN E 85 61.48 48.68 -12.79
CA ASN E 85 62.83 48.25 -13.07
C ASN E 85 62.80 46.96 -13.88
N GLY E 86 62.05 47.01 -14.97
CA GLY E 86 61.90 45.85 -15.82
C GLY E 86 60.78 44.95 -15.41
N VAL E 87 60.64 44.71 -14.12
CA VAL E 87 59.59 43.82 -13.65
C VAL E 87 58.25 44.48 -13.93
N VAL E 88 57.39 43.76 -14.62
CA VAL E 88 56.10 44.26 -15.03
C VAL E 88 55.09 43.78 -14.01
N THR E 89 54.62 44.71 -13.20
CA THR E 89 53.56 44.43 -12.24
C THR E 89 52.23 44.83 -12.85
N ALA E 90 51.23 44.02 -12.61
CA ALA E 90 49.88 44.27 -13.06
C ALA E 90 48.94 44.15 -11.88
N THR E 91 48.06 45.14 -11.73
CA THR E 91 47.09 45.20 -10.66
C THR E 91 45.71 44.91 -11.21
N MET E 92 44.96 44.11 -10.47
CA MET E 92 43.63 43.70 -10.89
C MET E 92 42.57 44.72 -10.45
N LEU E 93 41.44 44.68 -11.12
CA LEU E 93 40.31 45.50 -10.72
C LEU E 93 39.65 44.95 -9.47
N SER E 94 38.62 45.66 -9.04
CA SER E 94 37.63 45.20 -8.07
C SER E 94 36.62 44.33 -8.80
N SER E 95 35.42 44.18 -8.20
CA SER E 95 34.43 43.16 -8.54
C SER E 95 34.18 42.94 -10.03
N GLY E 96 33.68 41.77 -10.33
CA GLY E 96 33.83 41.14 -11.62
C GLY E 96 34.11 39.68 -11.36
N VAL E 97 34.71 39.40 -10.21
CA VAL E 97 34.65 38.09 -9.58
C VAL E 97 34.55 38.28 -8.09
N ASN E 98 34.01 37.26 -7.44
CA ASN E 98 34.05 37.16 -5.98
C ASN E 98 35.47 36.97 -5.48
N ASN E 99 36.34 36.48 -6.35
CA ASN E 99 37.52 35.75 -5.96
C ASN E 99 38.58 36.69 -5.39
N GLU E 100 39.48 36.09 -4.64
CA GLU E 100 40.49 36.82 -3.88
C GLU E 100 41.59 37.30 -4.82
N ILE E 101 41.19 38.21 -5.70
CA ILE E 101 42.09 38.81 -6.68
C ILE E 101 41.92 40.32 -6.69
N LYS E 102 40.87 40.80 -6.05
CA LYS E 102 40.38 42.14 -6.31
C LYS E 102 41.38 43.17 -5.81
N GLY E 103 41.97 43.90 -6.73
CA GLY E 103 43.08 44.76 -6.41
C GLY E 103 44.40 44.05 -6.21
N LYS E 104 44.43 42.73 -6.31
CA LYS E 104 45.66 42.01 -6.11
C LYS E 104 46.58 42.20 -7.30
N LYS E 105 47.82 41.78 -7.10
CA LYS E 105 48.88 42.02 -8.06
C LYS E 105 49.40 40.74 -8.64
N LEU E 106 49.88 40.88 -9.86
CA LEU E 106 50.76 39.91 -10.49
C LEU E 106 52.00 40.65 -10.93
N SER E 107 53.11 39.92 -10.95
CA SER E 107 54.34 40.41 -11.53
C SER E 107 54.81 39.44 -12.58
N LEU E 108 55.62 39.96 -13.48
CA LEU E 108 56.29 39.16 -14.48
C LEU E 108 57.79 39.36 -14.33
N TRP E 109 58.52 38.26 -14.31
CA TRP E 109 59.92 38.24 -13.92
C TRP E 109 60.78 37.89 -15.11
N ALA E 110 61.59 38.83 -15.54
CA ALA E 110 62.57 38.62 -16.59
C ALA E 110 63.91 38.21 -16.01
N ARG E 111 64.72 37.60 -16.87
CA ARG E 111 66.13 37.41 -16.58
C ARG E 111 66.88 36.98 -17.82
N ARG E 112 67.97 37.67 -18.11
CA ARG E 112 68.90 37.23 -19.14
C ARG E 112 69.46 35.85 -18.80
N GLU E 113 69.41 34.96 -19.79
CA GLU E 113 70.06 33.66 -19.71
C GLU E 113 70.99 33.57 -20.91
N ASN E 114 72.21 34.06 -20.72
CA ASN E 114 73.21 34.13 -21.79
C ASN E 114 72.62 34.84 -23.00
N GLY E 115 72.15 36.05 -22.72
CA GLY E 115 71.39 36.82 -23.67
C GLY E 115 69.92 36.48 -23.60
N SER E 116 69.62 35.21 -23.87
CA SER E 116 68.25 34.75 -24.00
C SER E 116 67.47 35.04 -22.73
N VAL E 117 66.47 35.90 -22.84
CA VAL E 117 65.77 36.37 -21.67
C VAL E 117 64.73 35.34 -21.23
N LYS E 118 64.39 35.38 -19.94
CA LYS E 118 63.59 34.34 -19.31
C LYS E 118 62.48 34.96 -18.50
N TRP E 119 61.26 34.73 -18.95
CA TRP E 119 60.08 35.39 -18.42
C TRP E 119 59.31 34.41 -17.55
N PHE E 120 59.26 34.71 -16.26
CA PHE E 120 58.46 33.94 -15.31
C PHE E 120 57.43 34.84 -14.67
N CYS E 121 56.19 34.39 -14.67
CA CYS E 121 55.12 35.19 -14.14
C CYS E 121 55.08 35.01 -12.63
N GLY E 122 54.02 35.51 -12.01
CA GLY E 122 53.59 34.94 -10.76
C GLY E 122 53.84 35.84 -9.58
N GLN E 123 54.33 35.22 -8.53
CA GLN E 123 54.49 35.77 -7.20
C GLN E 123 55.13 37.15 -7.33
N PRO E 124 54.56 38.21 -6.73
CA PRO E 124 55.08 39.54 -7.02
C PRO E 124 56.54 39.70 -6.62
N VAL E 125 57.32 40.26 -7.54
CA VAL E 125 58.75 40.48 -7.35
C VAL E 125 59.09 41.91 -7.75
N THR E 126 60.32 42.32 -7.44
CA THR E 126 60.79 43.66 -7.75
C THR E 126 62.28 43.69 -7.91
N ARG E 127 62.75 44.42 -8.92
CA ARG E 127 64.15 44.41 -9.27
C ARG E 127 64.90 45.50 -8.52
N THR E 128 66.18 45.25 -8.30
CA THR E 128 67.06 46.14 -7.58
C THR E 128 68.34 46.41 -8.37
N ASP E 129 68.77 45.42 -9.14
CA ASP E 129 69.98 45.52 -9.93
C ASP E 129 69.79 44.67 -11.16
N ASP E 130 70.78 44.71 -12.06
CA ASP E 130 70.63 44.24 -13.43
C ASP E 130 70.03 42.83 -13.53
N ASP E 131 70.41 41.94 -12.62
CA ASP E 131 69.81 40.61 -12.52
C ASP E 131 69.24 40.32 -11.15
N THR E 132 69.58 41.11 -10.15
CA THR E 132 69.04 40.91 -8.82
C THR E 132 67.58 41.30 -8.80
N VAL E 133 66.73 40.38 -8.38
CA VAL E 133 65.33 40.68 -8.15
C VAL E 133 64.93 40.08 -6.81
N ALA E 134 63.99 40.74 -6.15
CA ALA E 134 63.54 40.36 -4.82
C ALA E 134 62.11 39.86 -4.87
N ASP E 135 61.82 38.92 -3.98
CA ASP E 135 60.44 38.53 -3.73
C ASP E 135 59.72 39.70 -3.08
N ALA E 136 58.77 40.28 -3.81
CA ALA E 136 58.14 41.53 -3.39
C ALA E 136 56.91 41.22 -2.57
N LYS E 137 57.17 40.52 -1.47
CA LYS E 137 56.10 40.00 -0.64
C LYS E 137 55.45 41.12 0.15
N ASP E 138 54.42 41.70 -0.45
CA ASP E 138 53.70 42.85 0.06
C ASP E 138 52.26 42.52 0.44
N GLY E 139 51.88 41.23 0.39
CA GLY E 139 50.51 40.84 0.57
C GLY E 139 49.65 40.96 -0.66
N LYS E 140 50.18 41.45 -1.77
CA LYS E 140 49.48 41.46 -3.05
C LYS E 140 49.80 40.26 -3.89
N GLU E 141 50.23 39.17 -3.26
CA GLU E 141 50.45 37.93 -3.96
C GLU E 141 49.11 37.28 -4.21
N ILE E 142 48.72 37.24 -5.48
CA ILE E 142 47.64 36.37 -5.87
C ILE E 142 48.05 34.95 -5.56
N ASP E 143 47.12 34.16 -5.02
CA ASP E 143 47.44 32.83 -4.53
C ASP E 143 47.82 31.90 -5.67
N THR E 144 48.57 30.86 -5.34
CA THR E 144 49.18 30.01 -6.35
C THR E 144 48.13 29.22 -7.11
N LYS E 145 46.98 28.95 -6.49
CA LYS E 145 45.88 28.33 -7.20
C LYS E 145 45.52 29.14 -8.43
N HIS E 146 45.19 30.40 -8.20
CA HIS E 146 44.86 31.34 -9.27
C HIS E 146 45.88 31.28 -10.39
N LEU E 147 47.15 31.31 -10.02
CA LEU E 147 48.21 31.64 -10.92
C LEU E 147 48.39 30.51 -11.93
N PRO E 148 49.25 30.71 -12.92
CA PRO E 148 49.60 29.59 -13.80
C PRO E 148 50.32 28.49 -13.06
N SER E 149 50.68 27.47 -13.82
CA SER E 149 51.50 26.38 -13.35
C SER E 149 52.89 26.43 -13.96
N THR E 150 52.95 26.66 -15.26
CA THR E 150 54.23 26.98 -15.90
C THR E 150 54.87 28.19 -15.21
N CYS E 151 54.11 29.27 -15.09
CA CYS E 151 54.50 30.38 -14.22
C CYS E 151 53.86 30.19 -12.86
N ARG E 152 54.48 29.37 -12.07
CA ARG E 152 54.28 29.37 -10.63
C ARG E 152 55.63 29.64 -9.99
N ASP E 153 56.38 30.54 -10.64
CA ASP E 153 57.81 30.67 -10.43
C ASP E 153 58.06 31.97 -9.70
N ASN E 154 58.51 31.84 -8.47
CA ASN E 154 58.97 32.96 -7.67
C ASN E 154 60.38 33.31 -8.10
N PHE E 155 61.09 34.11 -7.29
CA PHE E 155 62.48 34.41 -7.61
C PHE E 155 63.31 33.15 -7.42
N ASP E 156 63.13 32.20 -8.34
CA ASP E 156 63.80 30.91 -8.34
C ASP E 156 63.84 30.25 -6.97
N PHE F 1 -4.79 -0.87 1.48
CA PHE F 1 -4.56 0.52 1.01
C PHE F 1 -3.12 0.79 0.58
N THR F 2 -2.99 1.32 -0.63
CA THR F 2 -1.70 1.74 -1.17
C THR F 2 -1.79 3.06 -1.93
N LEU F 3 -2.99 3.61 -2.14
CA LEU F 3 -3.20 4.63 -3.16
C LEU F 3 -2.31 5.81 -3.01
N ILE F 4 -1.99 6.17 -1.77
CA ILE F 4 -1.11 7.29 -1.59
C ILE F 4 0.25 7.01 -2.22
N GLU F 5 0.59 5.73 -2.38
CA GLU F 5 1.75 5.40 -3.18
C GLU F 5 1.50 5.67 -4.65
N LEU F 6 0.27 5.58 -5.11
CA LEU F 6 -0.03 5.97 -6.47
C LEU F 6 -0.13 7.48 -6.60
N MET F 7 -0.69 8.12 -5.58
CA MET F 7 -0.76 9.57 -5.54
C MET F 7 0.62 10.16 -5.75
N ILE F 8 1.59 9.65 -4.99
CA ILE F 8 2.90 10.26 -5.01
C ILE F 8 3.56 10.04 -6.36
N VAL F 9 3.22 8.96 -7.04
CA VAL F 9 3.70 8.78 -8.40
C VAL F 9 3.17 9.91 -9.24
N ILE F 10 1.85 10.07 -9.27
CA ILE F 10 1.23 11.06 -10.13
C ILE F 10 1.63 12.47 -9.72
N ALA F 11 2.16 12.63 -8.52
CA ALA F 11 2.89 13.83 -8.17
C ALA F 11 4.27 13.84 -8.80
N ILE F 12 4.90 12.68 -8.93
CA ILE F 12 6.16 12.60 -9.67
C ILE F 12 5.88 12.66 -11.15
N VAL F 13 4.72 12.17 -11.58
CA VAL F 13 4.42 12.21 -13.01
C VAL F 13 4.29 13.64 -13.46
N GLY F 14 3.42 14.40 -12.79
CA GLY F 14 3.45 15.81 -13.03
C GLY F 14 4.81 16.21 -12.55
N ILE F 15 5.71 16.39 -13.51
CA ILE F 15 7.07 16.77 -13.17
C ILE F 15 7.10 18.27 -13.24
N LEU F 16 8.16 18.84 -12.70
CA LEU F 16 8.38 20.23 -12.96
C LEU F 16 8.69 20.46 -14.42
N ALA F 17 9.53 19.60 -15.00
CA ALA F 17 10.21 19.95 -16.23
C ALA F 17 10.95 21.26 -16.02
N ALA F 18 11.98 21.13 -15.20
CA ALA F 18 12.69 22.22 -14.56
C ALA F 18 12.92 23.38 -15.49
N VAL F 19 12.87 24.58 -14.92
CA VAL F 19 13.34 25.77 -15.61
C VAL F 19 14.80 25.64 -15.97
N ALA F 20 15.51 24.69 -15.34
CA ALA F 20 16.85 24.30 -15.79
C ALA F 20 16.84 23.59 -17.12
N LEU F 21 15.71 23.43 -17.76
CA LEU F 21 15.71 23.22 -19.19
C LEU F 21 15.64 24.53 -19.97
N PRO F 22 14.64 25.40 -19.74
CA PRO F 22 14.58 26.64 -20.52
C PRO F 22 15.56 27.70 -20.12
N ALA F 23 16.04 27.70 -18.89
CA ALA F 23 17.19 28.54 -18.61
C ALA F 23 18.44 28.00 -19.26
N TYR F 24 18.42 26.74 -19.69
CA TYR F 24 19.53 26.12 -20.37
C TYR F 24 19.20 25.74 -21.79
N GLN F 25 18.02 26.10 -22.28
CA GLN F 25 17.98 26.43 -23.69
C GLN F 25 18.46 27.86 -23.87
N ASP F 26 18.24 28.69 -22.84
CA ASP F 26 18.83 30.02 -22.83
C ASP F 26 20.33 29.98 -22.62
N TYR F 27 20.85 28.92 -22.03
CA TYR F 27 22.29 28.74 -21.95
C TYR F 27 22.81 27.68 -22.90
N THR F 28 21.93 26.82 -23.42
CA THR F 28 22.22 26.22 -24.71
C THR F 28 22.26 27.30 -25.75
N ALA F 29 21.36 28.26 -25.64
CA ALA F 29 21.48 29.44 -26.48
C ALA F 29 22.83 30.07 -26.24
N ARG F 30 23.24 30.20 -24.97
CA ARG F 30 24.58 30.72 -24.71
C ARG F 30 25.64 29.88 -25.39
N ALA F 31 25.37 28.60 -25.64
CA ALA F 31 26.30 27.81 -26.43
C ALA F 31 26.35 28.29 -27.87
N GLN F 32 25.21 28.36 -28.54
CA GLN F 32 25.27 28.73 -29.94
C GLN F 32 25.23 30.24 -30.14
N VAL F 33 24.72 30.97 -29.17
CA VAL F 33 25.09 32.38 -29.08
C VAL F 33 26.61 32.48 -29.07
N SER F 34 27.28 31.63 -28.28
CA SER F 34 28.72 31.63 -28.31
C SER F 34 29.23 31.21 -29.67
N GLU F 35 28.53 30.30 -30.33
CA GLU F 35 28.89 29.96 -31.69
C GLU F 35 28.87 31.19 -32.59
N ALA F 36 27.96 32.13 -32.31
CA ALA F 36 28.04 33.40 -33.00
C ALA F 36 29.22 34.21 -32.49
N ILE F 37 29.52 34.09 -31.21
CA ILE F 37 30.61 34.84 -30.65
C ILE F 37 31.93 34.32 -31.20
N LEU F 38 32.04 33.02 -31.32
CA LEU F 38 33.27 32.47 -31.83
C LEU F 38 33.51 32.87 -33.26
N LEU F 39 32.44 33.15 -34.01
CA LEU F 39 32.64 33.79 -35.31
C LEU F 39 33.25 35.15 -35.10
N ALA F 40 32.61 35.95 -34.24
CA ALA F 40 33.05 37.31 -33.95
C ALA F 40 34.52 37.34 -33.57
N GLU F 41 34.99 36.29 -32.90
CA GLU F 41 36.38 36.18 -32.51
C GLU F 41 37.31 36.38 -33.71
N GLY F 42 36.95 35.84 -34.87
CA GLY F 42 37.77 36.06 -36.03
C GLY F 42 37.78 37.50 -36.45
N GLN F 43 36.62 38.13 -36.45
CA GLN F 43 36.54 39.51 -36.85
C GLN F 43 37.14 40.45 -35.82
N LYS F 44 37.33 40.01 -34.58
CA LYS F 44 37.89 40.87 -33.53
C LYS F 44 39.19 41.47 -34.00
N SER F 45 40.08 40.62 -34.50
CA SER F 45 41.37 41.10 -34.93
C SER F 45 41.31 41.68 -36.33
N ALA F 46 40.42 41.16 -37.16
CA ALA F 46 40.34 41.65 -38.53
C ALA F 46 39.71 43.02 -38.58
N VAL F 47 38.61 43.20 -37.86
CA VAL F 47 38.04 44.53 -37.71
C VAL F 47 39.06 45.45 -37.08
N THR F 48 39.70 44.97 -36.02
CA THR F 48 40.80 45.67 -35.41
C THR F 48 41.85 46.00 -36.45
N GLU F 49 42.12 45.04 -37.33
CA GLU F 49 43.19 45.21 -38.30
C GLU F 49 42.92 46.41 -39.18
N TYR F 50 41.68 46.55 -39.65
CA TYR F 50 41.33 47.75 -40.40
C TYR F 50 41.40 48.96 -39.50
N TYR F 51 40.98 48.82 -38.25
CA TYR F 51 40.87 49.97 -37.36
C TYR F 51 42.23 50.54 -37.05
N LEU F 52 43.25 49.69 -37.02
CA LEU F 52 44.57 50.12 -36.63
C LEU F 52 45.40 50.61 -37.80
N ASN F 53 45.20 50.03 -38.97
CA ASN F 53 45.96 50.36 -40.15
C ASN F 53 45.22 51.24 -41.13
N HIS F 54 44.04 51.72 -40.75
CA HIS F 54 43.37 52.74 -41.54
C HIS F 54 42.73 53.82 -40.69
N GLY F 55 42.63 53.62 -39.38
CA GLY F 55 42.25 54.69 -38.50
C GLY F 55 40.79 54.96 -38.40
N LYS F 56 39.97 53.94 -38.62
CA LYS F 56 38.56 54.04 -38.33
C LYS F 56 37.99 52.67 -38.42
N TRP F 57 36.88 52.49 -37.77
CA TRP F 57 36.24 51.22 -37.78
C TRP F 57 35.78 50.89 -39.20
N PRO F 58 35.98 49.66 -39.68
CA PRO F 58 35.45 49.32 -41.00
C PRO F 58 33.94 49.36 -40.99
N GLU F 59 33.40 50.04 -41.99
CA GLU F 59 31.96 50.03 -42.20
C GLU F 59 31.44 48.61 -42.29
N ASN F 60 32.12 47.79 -43.08
CA ASN F 60 31.51 46.58 -43.60
C ASN F 60 32.58 45.53 -43.88
N ASN F 61 32.10 44.37 -44.31
CA ASN F 61 32.93 43.17 -44.39
C ASN F 61 34.09 43.39 -45.33
N THR F 62 33.79 43.88 -46.53
CA THR F 62 34.79 44.10 -47.56
C THR F 62 35.96 44.91 -47.09
N SER F 63 35.71 45.88 -46.22
CA SER F 63 36.73 46.73 -45.67
C SER F 63 37.48 46.03 -44.55
N ALA F 64 36.72 45.34 -43.71
CA ALA F 64 37.28 44.54 -42.64
C ALA F 64 38.28 43.53 -43.18
N GLY F 65 38.03 43.04 -44.39
CA GLY F 65 38.87 42.04 -45.00
C GLY F 65 38.36 40.65 -44.81
N VAL F 66 37.04 40.48 -44.68
CA VAL F 66 36.42 39.20 -44.43
C VAL F 66 35.48 38.92 -45.58
N ALA F 67 34.75 37.82 -45.52
CA ALA F 67 33.79 37.47 -46.55
C ALA F 67 32.82 38.61 -46.80
N SER F 68 32.88 39.15 -48.01
CA SER F 68 32.13 40.36 -48.31
C SER F 68 30.64 40.15 -48.08
N SER F 69 30.11 39.01 -48.48
CA SER F 69 28.77 38.64 -48.06
C SER F 69 28.81 38.18 -46.61
N PRO F 70 28.01 38.76 -45.71
CA PRO F 70 28.02 38.27 -44.32
C PRO F 70 27.52 36.85 -44.18
N THR F 71 26.49 36.51 -44.96
CA THR F 71 25.83 35.22 -44.82
C THR F 71 26.78 34.07 -45.05
N ASP F 72 27.80 34.28 -45.88
CA ASP F 72 28.79 33.25 -46.10
C ASP F 72 29.47 32.88 -44.79
N ILE F 73 29.79 33.88 -43.98
CA ILE F 73 30.27 33.66 -42.63
C ILE F 73 29.05 33.29 -41.81
N LYS F 74 29.01 32.06 -41.34
CA LYS F 74 27.83 31.62 -40.61
C LYS F 74 28.19 30.45 -39.73
N GLY F 75 27.24 30.08 -38.88
CA GLY F 75 27.43 29.06 -37.89
C GLY F 75 26.34 28.02 -38.00
N LYS F 76 26.56 26.90 -37.28
CA LYS F 76 25.60 25.81 -37.25
C LYS F 76 24.22 26.31 -36.88
N TYR F 77 24.16 27.26 -35.94
CA TYR F 77 22.92 27.90 -35.53
C TYR F 77 22.93 29.40 -35.79
N VAL F 78 23.92 29.89 -36.53
CA VAL F 78 24.07 31.32 -36.82
C VAL F 78 23.78 31.57 -38.28
N LYS F 79 23.08 32.66 -38.55
CA LYS F 79 22.75 33.00 -39.93
C LYS F 79 23.90 33.72 -40.62
N GLU F 80 24.29 34.87 -40.10
CA GLU F 80 25.30 35.68 -40.77
C GLU F 80 26.07 36.48 -39.74
N VAL F 81 27.07 37.20 -40.23
CA VAL F 81 27.90 38.08 -39.43
C VAL F 81 28.22 39.27 -40.31
N GLU F 82 27.72 40.44 -39.93
CA GLU F 82 28.02 41.67 -40.62
C GLU F 82 28.90 42.56 -39.77
N VAL F 83 29.81 43.23 -40.43
CA VAL F 83 30.53 44.35 -39.84
C VAL F 83 29.69 45.59 -40.02
N LYS F 84 29.55 46.35 -38.95
CA LYS F 84 28.77 47.58 -38.99
C LYS F 84 29.56 48.65 -38.28
N ASN F 85 30.43 49.32 -39.03
CA ASN F 85 31.29 50.36 -38.49
C ASN F 85 32.02 49.83 -37.27
N GLY F 86 32.66 48.69 -37.47
CA GLY F 86 33.38 48.05 -36.38
C GLY F 86 32.54 47.11 -35.57
N VAL F 87 31.33 47.54 -35.25
CA VAL F 87 30.45 46.70 -34.45
C VAL F 87 30.10 45.46 -35.25
N VAL F 88 30.36 44.31 -34.66
CA VAL F 88 30.14 43.04 -35.32
C VAL F 88 28.79 42.52 -34.87
N THR F 89 27.84 42.57 -35.78
CA THR F 89 26.52 42.01 -35.55
C THR F 89 26.46 40.61 -36.11
N ALA F 90 25.82 39.72 -35.38
CA ALA F 90 25.63 38.34 -35.79
C ALA F 90 24.15 38.01 -35.69
N THR F 91 23.62 37.41 -36.74
CA THR F 91 22.22 37.03 -36.82
C THR F 91 22.11 35.52 -36.69
N MET F 92 21.13 35.07 -35.93
CA MET F 92 20.92 33.66 -35.68
C MET F 92 20.04 33.03 -36.76
N LEU F 93 20.16 31.71 -36.88
CA LEU F 93 19.28 30.98 -37.78
C LEU F 93 17.88 30.87 -37.21
N SER F 94 17.02 30.23 -37.99
CA SER F 94 15.73 29.71 -37.56
C SER F 94 15.94 28.39 -36.84
N SER F 95 14.88 27.57 -36.76
CA SER F 95 14.77 26.42 -35.86
C SER F 95 15.99 25.53 -35.78
N GLY F 96 16.07 24.81 -34.68
CA GLY F 96 17.29 24.31 -34.13
C GLY F 96 17.21 24.50 -32.63
N VAL F 97 16.45 25.51 -32.22
CA VAL F 97 15.88 25.57 -30.89
C VAL F 97 14.49 26.16 -30.99
N ASN F 98 13.69 25.84 -29.98
CA ASN F 98 12.41 26.51 -29.78
C ASN F 98 12.59 27.96 -29.42
N ASN F 99 13.76 28.32 -28.90
CA ASN F 99 13.94 29.45 -28.05
C ASN F 99 13.89 30.74 -28.83
N GLU F 100 13.63 31.81 -28.10
CA GLU F 100 13.38 33.12 -28.68
C GLU F 100 14.69 33.76 -29.11
N ILE F 101 15.29 33.12 -30.11
CA ILE F 101 16.56 33.56 -30.69
C ILE F 101 16.46 33.58 -32.20
N LYS F 102 15.42 32.98 -32.75
CA LYS F 102 15.41 32.59 -34.14
C LYS F 102 15.38 33.81 -35.03
N GLY F 103 16.46 34.02 -35.76
CA GLY F 103 16.64 35.25 -36.49
C GLY F 103 17.06 36.43 -35.64
N LYS F 104 17.19 36.25 -34.33
CA LYS F 104 17.57 37.36 -33.48
C LYS F 104 19.04 37.69 -33.66
N LYS F 105 19.42 38.83 -33.11
CA LYS F 105 20.74 39.38 -33.32
C LYS F 105 21.52 39.44 -32.03
N LEU F 106 22.83 39.35 -32.20
CA LEU F 106 23.79 39.74 -31.20
C LEU F 106 24.71 40.76 -31.85
N SER F 107 25.24 41.65 -31.02
CA SER F 107 26.28 42.55 -31.43
C SER F 107 27.46 42.39 -30.49
N LEU F 108 28.62 42.78 -30.98
CA LEU F 108 29.82 42.86 -30.20
C LEU F 108 30.34 44.28 -30.24
N TRP F 109 30.67 44.81 -29.07
CA TRP F 109 30.94 46.23 -28.89
C TRP F 109 32.39 46.44 -28.54
N ALA F 110 33.12 47.08 -29.43
CA ALA F 110 34.50 47.46 -29.20
C ALA F 110 34.58 48.86 -28.62
N ARG F 111 35.72 49.15 -27.99
CA ARG F 111 36.08 50.51 -27.65
C ARG F 111 37.54 50.58 -27.23
N ARG F 112 38.27 51.51 -27.82
CA ARG F 112 39.61 51.84 -27.37
C ARG F 112 39.58 52.32 -25.93
N GLU F 113 40.45 51.75 -25.11
CA GLU F 113 40.69 52.21 -23.75
C GLU F 113 42.18 52.51 -23.66
N ASN F 114 42.55 53.73 -24.01
CA ASN F 114 43.94 54.16 -24.05
C ASN F 114 44.76 53.20 -24.91
N GLY F 115 44.28 53.03 -26.12
CA GLY F 115 44.77 52.04 -27.03
C GLY F 115 44.08 50.72 -26.83
N SER F 116 44.20 50.18 -25.62
CA SER F 116 43.72 48.85 -25.30
C SER F 116 42.23 48.74 -25.57
N VAL F 117 41.88 47.90 -26.53
CA VAL F 117 40.50 47.84 -26.99
C VAL F 117 39.67 46.99 -26.04
N LYS F 118 38.37 47.26 -26.02
CA LYS F 118 37.47 46.70 -25.02
C LYS F 118 36.24 46.13 -25.70
N TRP F 119 36.10 44.82 -25.61
CA TRP F 119 35.10 44.07 -26.34
C TRP F 119 33.99 43.65 -25.39
N PHE F 120 32.81 44.21 -25.60
CA PHE F 120 31.61 43.82 -24.86
C PHE F 120 30.57 43.28 -25.81
N CYS F 121 30.03 42.14 -25.47
CA CYS F 121 29.07 41.49 -26.35
C CYS F 121 27.70 42.10 -26.06
N GLY F 122 26.67 41.48 -26.61
CA GLY F 122 25.36 41.58 -26.01
C GLY F 122 24.41 42.42 -26.80
N GLN F 123 23.69 43.25 -26.07
CA GLN F 123 22.56 44.03 -26.51
C GLN F 123 22.93 44.70 -27.83
N PRO F 124 22.13 44.60 -28.89
CA PRO F 124 22.59 45.08 -30.19
C PRO F 124 22.87 46.58 -30.18
N VAL F 125 24.04 46.94 -30.72
CA VAL F 125 24.49 48.32 -30.79
C VAL F 125 24.98 48.62 -32.20
N THR F 126 25.24 49.89 -32.47
CA THR F 126 25.70 50.32 -33.78
C THR F 126 26.50 51.60 -33.67
N ARG F 127 27.59 51.66 -34.42
CA ARG F 127 28.53 52.76 -34.30
C ARG F 127 28.17 53.87 -35.26
N THR F 128 28.54 55.08 -34.87
CA THR F 128 28.26 56.28 -35.63
C THR F 128 29.54 57.10 -35.83
N ASP F 129 30.44 57.05 -34.84
CA ASP F 129 31.68 57.80 -34.88
C ASP F 129 32.72 56.98 -34.13
N ASP F 130 33.96 57.47 -34.15
CA ASP F 130 35.14 56.69 -33.78
C ASP F 130 34.98 55.96 -32.46
N ASP F 131 34.35 56.58 -31.46
CA ASP F 131 34.03 55.93 -30.20
C ASP F 131 32.54 55.99 -29.88
N THR F 132 31.77 56.82 -30.56
CA THR F 132 30.35 56.90 -30.32
C THR F 132 29.68 55.65 -30.85
N VAL F 133 28.94 54.97 -29.99
CA VAL F 133 28.10 53.86 -30.41
C VAL F 133 26.74 54.03 -29.76
N ALA F 134 25.73 53.54 -30.46
CA ALA F 134 24.34 53.69 -30.03
C ALA F 134 23.77 52.33 -29.68
N ASP F 135 22.86 52.34 -28.72
CA ASP F 135 22.03 51.18 -28.45
C ASP F 135 21.11 50.96 -29.63
N ALA F 136 21.33 49.87 -30.35
CA ALA F 136 20.66 49.63 -31.62
C ALA F 136 19.38 48.85 -31.37
N LYS F 137 18.52 49.48 -30.59
CA LYS F 137 17.31 48.83 -30.12
C LYS F 137 16.30 48.73 -31.24
N ASP F 138 16.37 47.61 -31.95
CA ASP F 138 15.57 47.34 -33.13
C ASP F 138 14.60 46.18 -32.91
N GLY F 139 14.50 45.67 -31.68
CA GLY F 139 13.74 44.47 -31.41
C GLY F 139 14.45 43.17 -31.69
N LYS F 140 15.68 43.22 -32.21
CA LYS F 140 16.52 42.05 -32.37
C LYS F 140 17.44 41.83 -31.19
N GLU F 141 17.07 42.36 -30.04
CA GLU F 141 17.82 42.11 -28.82
C GLU F 141 17.46 40.73 -28.33
N ILE F 142 18.44 39.82 -28.41
CA ILE F 142 18.32 38.59 -27.68
C ILE F 142 18.26 38.92 -26.20
N ASP F 143 17.37 38.23 -25.48
CA ASP F 143 17.10 38.58 -24.10
C ASP F 143 18.31 38.30 -23.21
N THR F 144 18.35 39.01 -22.08
CA THR F 144 19.55 39.00 -21.25
C THR F 144 19.78 37.65 -20.62
N LYS F 145 18.72 36.86 -20.42
CA LYS F 145 18.88 35.49 -19.96
C LYS F 145 19.81 34.74 -20.88
N HIS F 146 19.44 34.69 -22.15
CA HIS F 146 20.24 34.03 -23.17
C HIS F 146 21.69 34.45 -23.10
N LEU F 147 21.92 35.75 -22.98
CA LEU F 147 23.19 36.33 -23.25
C LEU F 147 24.20 35.92 -22.19
N PRO F 148 25.45 36.28 -22.37
CA PRO F 148 26.42 36.07 -21.29
C PRO F 148 26.09 36.90 -20.08
N SER F 149 26.96 36.78 -19.08
CA SER F 149 26.91 37.59 -17.88
C SER F 149 28.07 38.58 -17.84
N THR F 150 29.26 38.09 -18.16
CA THR F 150 30.39 38.98 -18.39
C THR F 150 30.05 39.99 -19.47
N CYS F 151 29.58 39.50 -20.62
CA CYS F 151 28.95 40.36 -21.62
C CYS F 151 27.45 40.35 -21.42
N ARG F 152 27.03 41.17 -20.48
CA ARG F 152 25.65 41.60 -20.41
C ARG F 152 25.68 43.13 -20.50
N ASP F 153 26.57 43.61 -21.36
CA ASP F 153 27.01 44.99 -21.34
C ASP F 153 26.44 45.69 -22.57
N ASN F 154 25.54 46.62 -22.31
CA ASN F 154 25.00 47.51 -23.33
C ASN F 154 26.01 48.62 -23.56
N PHE F 155 25.59 49.69 -24.23
CA PHE F 155 26.47 50.83 -24.43
C PHE F 155 26.69 51.51 -23.08
N ASP F 156 27.45 50.83 -22.21
CA ASP F 156 27.78 51.28 -20.87
C ASP F 156 26.58 51.84 -20.10
N PHE G 1 -10.78 -9.29 4.74
CA PHE G 1 -10.29 -9.12 3.36
C PHE G 1 -9.27 -8.00 3.19
N THR G 2 -8.14 -8.35 2.60
CA THR G 2 -7.09 -7.39 2.27
C THR G 2 -6.47 -7.64 0.91
N LEU G 3 -6.82 -8.74 0.23
CA LEU G 3 -6.01 -9.26 -0.87
C LEU G 3 -5.78 -8.26 -1.95
N ILE G 4 -6.75 -7.39 -2.19
CA ILE G 4 -6.54 -6.39 -3.21
C ILE G 4 -5.38 -5.49 -2.84
N GLU G 5 -5.06 -5.41 -1.55
CA GLU G 5 -3.83 -4.77 -1.16
C GLU G 5 -2.62 -5.59 -1.55
N LEU G 6 -2.76 -6.90 -1.62
CA LEU G 6 -1.67 -7.73 -2.13
C LEU G 6 -1.63 -7.69 -3.63
N MET G 7 -2.80 -7.67 -4.25
CA MET G 7 -2.89 -7.54 -5.69
C MET G 7 -2.11 -6.34 -6.17
N ILE G 8 -2.34 -5.21 -5.52
CA ILE G 8 -1.76 -3.97 -6.00
C ILE G 8 -0.26 -3.99 -5.80
N VAL G 9 0.22 -4.72 -4.81
CA VAL G 9 1.66 -4.92 -4.68
C VAL G 9 2.16 -5.62 -5.91
N ILE G 10 1.60 -6.79 -6.19
CA ILE G 10 2.09 -7.61 -7.29
C ILE G 10 1.87 -6.92 -8.64
N ALA G 11 1.02 -5.89 -8.66
CA ALA G 11 1.01 -4.95 -9.76
C ALA G 11 2.18 -4.00 -9.68
N ILE G 12 2.59 -3.61 -8.47
CA ILE G 12 3.81 -2.82 -8.32
C ILE G 12 5.02 -3.72 -8.51
N VAL G 13 4.90 -5.00 -8.16
CA VAL G 13 6.05 -5.89 -8.33
C VAL G 13 6.37 -6.04 -9.79
N GLY G 14 5.37 -6.42 -10.57
CA GLY G 14 5.57 -6.34 -11.99
C GLY G 14 5.75 -4.88 -12.23
N ILE G 15 6.99 -4.47 -12.39
CA ILE G 15 7.29 -3.07 -12.60
C ILE G 15 7.33 -2.89 -14.10
N LEU G 16 7.31 -1.65 -14.52
CA LEU G 16 7.61 -1.40 -15.90
C LEU G 16 9.06 -1.74 -16.20
N ALA G 17 9.96 -1.34 -15.30
CA ALA G 17 11.36 -1.23 -15.66
C ALA G 17 11.48 -0.33 -16.89
N ALA G 18 11.20 0.94 -16.60
CA ALA G 18 10.91 1.97 -17.58
C ALA G 18 11.84 1.90 -18.76
N VAL G 19 11.28 2.24 -19.93
CA VAL G 19 12.09 2.50 -21.11
C VAL G 19 13.06 3.63 -20.85
N ALA G 20 12.83 4.43 -19.81
CA ALA G 20 13.82 5.38 -19.32
C ALA G 20 15.02 4.71 -18.70
N LEU G 21 15.10 3.41 -18.70
CA LEU G 21 16.39 2.75 -18.59
C LEU G 21 17.04 2.51 -19.95
N PRO G 22 16.37 1.82 -20.89
CA PRO G 22 17.03 1.56 -22.17
C PRO G 22 17.08 2.73 -23.12
N ALA G 23 16.20 3.70 -22.98
CA ALA G 23 16.43 4.95 -23.69
C ALA G 23 17.58 5.72 -23.07
N TYR G 24 17.98 5.36 -21.86
CA TYR G 24 19.09 5.98 -21.17
C TYR G 24 20.22 5.02 -20.92
N GLN G 25 20.13 3.80 -21.43
CA GLN G 25 21.38 3.19 -21.85
C GLN G 25 21.72 3.70 -23.24
N ASP G 26 20.69 4.05 -24.02
CA ASP G 26 20.91 4.73 -25.28
C ASP G 26 21.39 6.16 -25.08
N TYR G 27 21.11 6.76 -23.94
CA TYR G 27 21.67 8.07 -23.62
C TYR G 27 22.77 7.99 -22.58
N THR G 28 22.87 6.87 -21.84
CA THR G 28 24.16 6.50 -21.31
C THR G 28 25.10 6.20 -22.44
N ALA G 29 24.58 5.56 -23.48
CA ALA G 29 25.36 5.44 -24.70
C ALA G 29 25.74 6.82 -25.17
N ARG G 30 24.79 7.75 -25.18
CA ARG G 30 25.14 9.12 -25.55
C ARG G 30 26.23 9.67 -24.65
N ALA G 31 26.35 9.17 -23.43
CA ALA G 31 27.48 9.57 -22.61
C ALA G 31 28.79 9.04 -23.18
N GLN G 32 28.88 7.73 -23.40
CA GLN G 32 30.17 7.22 -23.86
C GLN G 32 30.29 7.28 -25.37
N VAL G 33 29.19 7.33 -26.09
CA VAL G 33 29.25 7.86 -27.44
C VAL G 33 29.90 9.23 -27.40
N SER G 34 29.51 10.07 -26.43
CA SER G 34 30.17 11.35 -26.30
C SER G 34 31.62 11.17 -25.93
N GLU G 35 31.92 10.14 -25.13
CA GLU G 35 33.31 9.83 -24.84
C GLU G 35 34.08 9.56 -26.13
N ALA G 36 33.42 8.98 -27.13
CA ALA G 36 34.05 8.89 -28.43
C ALA G 36 34.10 10.26 -29.09
N ILE G 37 33.08 11.07 -28.85
CA ILE G 37 33.04 12.39 -29.46
C ILE G 37 34.13 13.26 -28.86
N LEU G 38 34.32 13.15 -27.55
CA LEU G 38 35.32 13.97 -26.92
C LEU G 38 36.71 13.59 -27.40
N LEU G 39 36.90 12.35 -27.83
CA LEU G 39 38.14 12.04 -28.52
C LEU G 39 38.20 12.83 -29.81
N ALA G 40 37.14 12.72 -30.61
CA ALA G 40 37.04 13.40 -31.90
C ALA G 40 37.35 14.87 -31.76
N GLU G 41 36.97 15.47 -30.63
CA GLU G 41 37.25 16.87 -30.35
C GLU G 41 38.72 17.20 -30.55
N GLY G 42 39.61 16.31 -30.12
CA GLY G 42 41.02 16.56 -30.33
C GLY G 42 41.37 16.56 -31.79
N GLN G 43 40.84 15.59 -32.54
CA GLN G 43 41.15 15.51 -33.94
C GLN G 43 40.48 16.60 -34.75
N LYS G 44 39.45 17.25 -34.21
CA LYS G 44 38.75 18.30 -34.94
C LYS G 44 39.73 19.34 -35.45
N SER G 45 40.59 19.81 -34.55
CA SER G 45 41.53 20.84 -34.92
C SER G 45 42.75 20.24 -35.60
N ALA G 46 43.12 19.01 -35.22
CA ALA G 46 44.29 18.40 -35.81
C ALA G 46 44.04 17.98 -37.24
N VAL G 47 42.90 17.33 -37.48
CA VAL G 47 42.48 17.04 -38.83
C VAL G 47 42.36 18.34 -39.61
N THR G 48 41.71 19.30 -39.00
CA THR G 48 41.64 20.64 -39.56
C THR G 48 43.02 21.17 -39.84
N GLU G 49 43.95 20.91 -38.93
CA GLU G 49 45.28 21.46 -39.06
C GLU G 49 45.94 20.97 -40.34
N TYR G 50 45.81 19.68 -40.62
CA TYR G 50 46.30 19.18 -41.90
C TYR G 50 45.51 19.77 -43.03
N TYR G 51 44.20 19.92 -42.84
CA TYR G 51 43.34 20.34 -43.94
C TYR G 51 43.65 21.76 -44.36
N LEU G 52 44.09 22.59 -43.42
CA LEU G 52 44.32 23.99 -43.69
C LEU G 52 45.72 24.27 -44.17
N ASN G 53 46.69 23.51 -43.69
CA ASN G 53 48.09 23.72 -44.02
C ASN G 53 48.62 22.73 -45.03
N HIS G 54 47.75 21.90 -45.60
CA HIS G 54 48.14 21.08 -46.73
C HIS G 54 47.08 21.00 -47.80
N GLY G 55 45.87 21.46 -47.54
CA GLY G 55 44.88 21.63 -48.57
C GLY G 55 44.15 20.40 -48.97
N LYS G 56 44.00 19.46 -48.06
CA LYS G 56 43.11 18.34 -48.28
C LYS G 56 42.96 17.63 -46.97
N TRP G 57 41.89 16.91 -46.86
CA TRP G 57 41.65 16.19 -45.65
C TRP G 57 42.72 15.12 -45.47
N PRO G 58 43.26 14.94 -44.27
CA PRO G 58 44.21 13.85 -44.07
C PRO G 58 43.53 12.51 -44.26
N GLU G 59 44.18 11.67 -45.05
CA GLU G 59 43.74 10.30 -45.19
C GLU G 59 43.61 9.63 -43.83
N ASN G 60 44.64 9.79 -43.00
CA ASN G 60 44.86 8.89 -41.90
C ASN G 60 45.59 9.59 -40.78
N ASN G 61 45.79 8.84 -39.69
CA ASN G 61 46.25 9.40 -38.43
C ASN G 61 47.60 10.06 -38.59
N THR G 62 48.54 9.32 -39.20
CA THR G 62 49.90 9.78 -39.38
C THR G 62 49.98 11.13 -40.05
N SER G 63 49.07 11.41 -40.97
CA SER G 63 49.01 12.66 -41.68
C SER G 63 48.36 13.72 -40.83
N ALA G 64 47.28 13.34 -40.17
CA ALA G 64 46.58 14.22 -39.25
C ALA G 64 47.53 14.75 -38.19
N GLY G 65 48.51 13.95 -37.81
CA GLY G 65 49.44 14.31 -36.78
C GLY G 65 49.07 13.77 -35.43
N VAL G 66 48.38 12.64 -35.39
CA VAL G 66 47.89 12.05 -34.15
C VAL G 66 48.52 10.67 -34.05
N ALA G 67 48.16 9.92 -33.02
CA ALA G 67 48.67 8.57 -32.82
C ALA G 67 48.44 7.74 -34.07
N SER G 68 49.55 7.32 -34.68
CA SER G 68 49.46 6.65 -35.98
C SER G 68 48.59 5.40 -35.90
N SER G 69 48.75 4.62 -34.84
CA SER G 69 47.79 3.56 -34.57
C SER G 69 46.51 4.19 -34.02
N PRO G 70 45.34 3.94 -34.61
CA PRO G 70 44.11 4.50 -34.03
C PRO G 70 43.78 3.94 -32.66
N THR G 71 44.03 2.65 -32.47
CA THR G 71 43.64 1.96 -31.25
C THR G 71 44.28 2.58 -30.03
N ASP G 72 45.47 3.15 -30.20
CA ASP G 72 46.12 3.82 -29.09
C ASP G 72 45.26 4.95 -28.57
N ILE G 73 44.67 5.72 -29.48
CA ILE G 73 43.66 6.70 -29.12
C ILE G 73 42.40 5.94 -28.81
N LYS G 74 41.98 5.96 -27.56
CA LYS G 74 40.81 5.18 -27.20
C LYS G 74 40.20 5.75 -25.93
N GLY G 75 39.03 5.22 -25.61
CA GLY G 75 38.24 5.71 -24.50
C GLY G 75 37.87 4.57 -23.58
N LYS G 76 37.34 4.95 -22.41
CA LYS G 76 36.91 3.98 -21.41
C LYS G 76 35.96 2.97 -22.02
N TYR G 77 35.08 3.43 -22.91
CA TYR G 77 34.15 2.58 -23.63
C TYR G 77 34.37 2.65 -25.14
N VAL G 78 35.45 3.27 -25.59
CA VAL G 78 35.75 3.44 -27.00
C VAL G 78 36.94 2.58 -27.37
N LYS G 79 36.86 1.95 -28.54
CA LYS G 79 37.93 1.10 -29.01
C LYS G 79 39.04 1.91 -29.65
N GLU G 80 38.74 2.62 -30.73
CA GLU G 80 39.76 3.32 -31.48
C GLU G 80 39.17 4.55 -32.13
N VAL G 81 40.04 5.31 -32.78
CA VAL G 81 39.68 6.50 -33.52
C VAL G 81 40.57 6.54 -34.74
N GLU G 82 39.99 6.40 -35.92
CA GLU G 82 40.72 6.50 -37.16
C GLU G 82 40.34 7.76 -37.90
N VAL G 83 41.32 8.37 -38.53
CA VAL G 83 41.09 9.39 -39.53
C VAL G 83 40.86 8.71 -40.84
N LYS G 84 39.82 9.15 -41.55
CA LYS G 84 39.49 8.57 -42.84
C LYS G 84 39.18 9.72 -43.78
N ASN G 85 40.23 10.23 -44.42
CA ASN G 85 40.11 11.35 -45.34
C ASN G 85 39.35 12.48 -44.65
N GLY G 86 39.82 12.85 -43.47
CA GLY G 86 39.19 13.88 -42.69
C GLY G 86 38.10 13.37 -41.80
N VAL G 87 37.28 12.48 -42.30
CA VAL G 87 36.18 11.95 -41.50
C VAL G 87 36.76 11.14 -40.36
N VAL G 88 36.37 11.50 -39.16
CA VAL G 88 36.88 10.87 -37.96
C VAL G 88 35.89 9.81 -37.55
N THR G 89 36.28 8.56 -37.74
CA THR G 89 35.50 7.42 -37.30
C THR G 89 36.01 6.96 -35.95
N ALA G 90 35.09 6.61 -35.08
CA ALA G 90 35.39 6.09 -33.76
C ALA G 90 34.66 4.78 -33.57
N THR G 91 35.38 3.78 -33.09
CA THR G 91 34.83 2.46 -32.85
C THR G 91 34.71 2.24 -31.35
N MET G 92 33.59 1.65 -30.96
CA MET G 92 33.31 1.40 -29.55
C MET G 92 33.89 0.07 -29.09
N LEU G 93 34.07 -0.04 -27.78
CA LEU G 93 34.50 -1.29 -27.19
C LEU G 93 33.38 -2.30 -27.18
N SER G 94 33.71 -3.48 -26.67
CA SER G 94 32.76 -4.51 -26.26
C SER G 94 32.23 -4.16 -24.88
N SER G 95 31.71 -5.17 -24.16
CA SER G 95 30.88 -5.01 -22.97
C SER G 95 31.35 -3.97 -21.95
N GLY G 96 30.41 -3.51 -21.16
CA GLY G 96 30.47 -2.24 -20.51
C GLY G 96 29.09 -1.64 -20.61
N VAL G 97 28.37 -2.02 -21.65
CA VAL G 97 26.92 -1.93 -21.68
C VAL G 97 26.38 -3.14 -22.41
N ASN G 98 25.13 -3.46 -22.10
CA ASN G 98 24.37 -4.43 -22.88
C ASN G 98 24.10 -3.95 -24.28
N ASN G 99 24.15 -2.65 -24.49
CA ASN G 99 23.43 -1.97 -25.54
C ASN G 99 24.10 -2.22 -26.88
N GLU G 100 23.31 -2.01 -27.91
CA GLU G 100 23.70 -2.33 -29.28
C GLU G 100 24.66 -1.27 -29.81
N ILE G 101 25.83 -1.25 -29.19
CA ILE G 101 26.90 -0.31 -29.54
C ILE G 101 28.21 -1.06 -29.67
N LYS G 102 28.25 -2.30 -29.22
CA LYS G 102 29.50 -2.96 -28.92
C LYS G 102 30.27 -3.24 -30.19
N GLY G 103 31.40 -2.57 -30.35
CA GLY G 103 32.10 -2.58 -31.60
C GLY G 103 31.51 -1.70 -32.67
N LYS G 104 30.40 -1.03 -32.40
CA LYS G 104 29.78 -0.19 -33.41
C LYS G 104 30.59 1.08 -33.60
N LYS G 105 30.24 1.79 -34.66
CA LYS G 105 31.01 2.94 -35.09
C LYS G 105 30.19 4.20 -35.00
N LEU G 106 30.92 5.28 -34.80
CA LEU G 106 30.45 6.62 -35.03
C LEU G 106 31.41 7.29 -35.99
N SER G 107 30.89 8.22 -36.76
CA SER G 107 31.70 9.08 -37.58
C SER G 107 31.38 10.52 -37.25
N LEU G 108 32.33 11.38 -37.56
CA LEU G 108 32.15 12.80 -37.47
C LEU G 108 32.40 13.42 -38.83
N TRP G 109 31.48 14.28 -39.25
CA TRP G 109 31.42 14.76 -40.61
C TRP G 109 31.74 16.24 -40.67
N ALA G 110 32.84 16.58 -41.29
CA ALA G 110 33.24 17.95 -41.53
C ALA G 110 32.74 18.43 -42.87
N ARG G 111 32.67 19.76 -42.99
CA ARG G 111 32.51 20.39 -44.29
C ARG G 111 32.77 21.88 -44.19
N ARG G 112 33.61 22.38 -45.10
CA ARG G 112 33.78 23.81 -45.25
C ARG G 112 32.47 24.47 -45.64
N GLU G 113 32.14 25.54 -44.93
CA GLU G 113 31.01 26.41 -45.28
C GLU G 113 31.58 27.81 -45.42
N ASN G 114 32.04 28.12 -46.63
CA ASN G 114 32.69 29.40 -46.91
C ASN G 114 33.83 29.64 -45.94
N GLY G 115 34.71 28.66 -45.90
CA GLY G 115 35.76 28.60 -44.92
C GLY G 115 35.29 27.90 -43.68
N SER G 116 34.27 28.48 -43.05
CA SER G 116 33.81 28.04 -41.76
C SER G 116 33.39 26.58 -41.80
N VAL G 117 34.10 25.75 -41.06
CA VAL G 117 33.91 24.31 -41.17
C VAL G 117 32.70 23.89 -40.34
N LYS G 118 32.11 22.76 -40.73
CA LYS G 118 30.83 22.33 -40.19
C LYS G 118 30.90 20.87 -39.79
N TRP G 119 30.78 20.64 -38.50
CA TRP G 119 31.01 19.34 -37.90
C TRP G 119 29.67 18.71 -37.53
N PHE G 120 29.32 17.64 -38.22
CA PHE G 120 28.14 16.85 -37.90
C PHE G 120 28.54 15.44 -37.52
N CYS G 121 28.03 14.98 -36.41
CA CYS G 121 28.39 13.66 -35.92
C CYS G 121 27.52 12.64 -36.64
N GLY G 122 27.57 11.41 -36.16
CA GLY G 122 26.46 10.51 -36.34
C GLY G 122 26.72 9.40 -37.32
N GLN G 123 25.73 9.18 -38.17
CA GLN G 123 25.62 8.07 -39.09
C GLN G 123 26.95 7.91 -39.81
N PRO G 124 27.55 6.72 -39.84
CA PRO G 124 28.91 6.61 -40.37
C PRO G 124 29.00 7.05 -41.82
N VAL G 125 30.00 7.89 -42.10
CA VAL G 125 30.23 8.42 -43.44
C VAL G 125 31.71 8.27 -43.79
N THR G 126 32.04 8.54 -45.05
CA THR G 126 33.42 8.42 -45.52
C THR G 126 33.65 9.34 -46.70
N ARG G 127 34.80 10.00 -46.70
CA ARG G 127 35.09 11.01 -47.69
C ARG G 127 35.77 10.40 -48.91
N THR G 128 35.56 11.04 -50.05
CA THR G 128 36.11 10.60 -51.31
C THR G 128 36.82 11.74 -52.02
N ASP G 129 36.34 12.97 -51.81
CA ASP G 129 36.92 14.14 -52.44
C ASP G 129 36.71 15.31 -51.48
N ASP G 130 37.28 16.45 -51.85
CA ASP G 130 37.47 17.58 -50.94
C ASP G 130 36.23 17.94 -50.12
N ASP G 131 35.05 17.88 -50.75
CA ASP G 131 33.79 18.06 -50.05
C ASP G 131 32.84 16.89 -50.22
N THR G 132 33.10 16.01 -51.17
CA THR G 132 32.25 14.84 -51.37
C THR G 132 32.46 13.88 -50.23
N VAL G 133 31.37 13.52 -49.57
CA VAL G 133 31.39 12.46 -48.57
C VAL G 133 30.21 11.55 -48.82
N ALA G 134 30.39 10.28 -48.49
CA ALA G 134 29.40 9.24 -48.73
C ALA G 134 28.85 8.72 -47.42
N ASP G 135 27.58 8.34 -47.46
CA ASP G 135 26.99 7.59 -46.36
C ASP G 135 27.66 6.22 -46.31
N ALA G 136 28.42 5.97 -45.26
CA ALA G 136 29.26 4.80 -45.17
C ALA G 136 28.49 3.67 -44.51
N LYS G 137 27.39 3.32 -45.16
CA LYS G 137 26.44 2.37 -44.60
C LYS G 137 27.01 0.97 -44.67
N ASP G 138 27.70 0.59 -43.60
CA ASP G 138 28.40 -0.67 -43.48
C ASP G 138 27.80 -1.57 -42.42
N GLY G 139 26.67 -1.18 -41.83
CA GLY G 139 26.11 -1.89 -40.71
C GLY G 139 26.69 -1.52 -39.36
N LYS G 140 27.70 -0.63 -39.33
CA LYS G 140 28.24 -0.11 -38.09
C LYS G 140 27.59 1.20 -37.70
N GLU G 141 26.38 1.45 -38.19
CA GLU G 141 25.63 2.63 -37.79
C GLU G 141 25.05 2.36 -36.41
N ILE G 142 25.57 3.08 -35.43
CA ILE G 142 24.89 3.15 -34.16
C ILE G 142 23.53 3.79 -34.40
N ASP G 143 22.50 3.23 -33.75
CA ASP G 143 21.13 3.63 -34.04
C ASP G 143 20.88 5.07 -33.58
N THR G 144 19.88 5.69 -34.20
CA THR G 144 19.66 7.11 -34.03
C THR G 144 19.22 7.43 -32.62
N LYS G 145 18.58 6.49 -31.93
CA LYS G 145 18.26 6.67 -30.52
C LYS G 145 19.51 7.02 -29.74
N HIS G 146 20.49 6.11 -29.81
CA HIS G 146 21.78 6.30 -29.16
C HIS G 146 22.34 7.68 -29.42
N LEU G 147 22.32 8.09 -30.68
CA LEU G 147 23.12 9.17 -31.16
C LEU G 147 22.61 10.49 -30.58
N PRO G 148 23.32 11.57 -30.82
CA PRO G 148 22.78 12.88 -30.46
C PRO G 148 21.53 13.21 -31.24
N SER G 149 21.03 14.41 -30.96
CA SER G 149 19.92 14.99 -31.69
C SER G 149 20.38 16.15 -32.55
N THR G 150 21.19 17.02 -31.98
CA THR G 150 21.89 18.03 -32.78
C THR G 150 22.69 17.36 -33.89
N CYS G 151 23.52 16.39 -33.51
CA CYS G 151 24.12 15.49 -34.49
C CYS G 151 23.28 14.24 -34.61
N ARG G 152 22.22 14.37 -35.40
CA ARG G 152 21.56 13.22 -35.97
C ARG G 152 21.63 13.37 -37.48
N ASP G 153 22.78 13.86 -37.93
CA ASP G 153 22.93 14.41 -39.26
C ASP G 153 23.77 13.46 -40.09
N ASN G 154 23.13 12.86 -41.08
CA ASN G 154 23.78 12.05 -42.09
C ASN G 154 24.42 12.97 -43.11
N PHE G 155 24.81 12.43 -44.26
CA PHE G 155 25.36 13.27 -45.32
C PHE G 155 24.24 14.13 -45.88
N ASP G 156 23.80 15.11 -45.08
CA ASP G 156 22.73 16.04 -45.41
C ASP G 156 21.51 15.36 -46.03
N PHE H 1 -16.21 -14.18 12.74
CA PHE H 1 -14.76 -14.32 12.54
C PHE H 1 -14.17 -13.36 11.51
N THR H 2 -13.14 -12.64 11.93
CA THR H 2 -12.40 -11.75 11.05
C THR H 2 -10.89 -11.82 11.27
N LEU H 3 -10.43 -12.54 12.29
CA LEU H 3 -9.07 -12.37 12.81
C LEU H 3 -8.01 -12.53 11.76
N ILE H 4 -8.24 -13.40 10.79
CA ILE H 4 -7.25 -13.54 9.75
C ILE H 4 -7.09 -12.24 9.00
N GLU H 5 -8.11 -11.38 9.02
CA GLU H 5 -7.92 -10.03 8.53
C GLU H 5 -7.03 -9.23 9.44
N LEU H 6 -7.00 -9.53 10.73
CA LEU H 6 -6.05 -8.87 11.62
C LEU H 6 -4.68 -9.48 11.49
N MET H 7 -4.64 -10.80 11.32
CA MET H 7 -3.39 -11.50 11.08
C MET H 7 -2.64 -10.87 9.92
N ILE H 8 -3.34 -10.67 8.82
CA ILE H 8 -2.68 -10.21 7.61
C ILE H 8 -2.19 -8.79 7.80
N VAL H 9 -2.86 -8.00 8.64
CA VAL H 9 -2.34 -6.69 8.98
C VAL H 9 -1.00 -6.87 9.64
N ILE H 10 -0.97 -7.62 10.74
CA ILE H 10 0.25 -7.77 11.51
C ILE H 10 1.34 -8.47 10.71
N ALA H 11 0.96 -9.12 9.62
CA ALA H 11 1.93 -9.50 8.61
C ALA H 11 2.36 -8.30 7.77
N ILE H 12 1.45 -7.37 7.52
CA ILE H 12 1.84 -6.13 6.86
C ILE H 12 2.55 -5.23 7.85
N VAL H 13 2.22 -5.33 9.14
CA VAL H 13 2.89 -4.49 10.12
C VAL H 13 4.35 -4.85 10.20
N GLY H 14 4.61 -6.13 10.44
CA GLY H 14 5.98 -6.57 10.28
C GLY H 14 6.24 -6.35 8.82
N ILE H 15 6.93 -5.25 8.53
CA ILE H 15 7.23 -4.93 7.15
C ILE H 15 8.58 -5.52 6.88
N LEU H 16 8.93 -5.58 5.61
CA LEU H 16 10.30 -5.88 5.30
C LEU H 16 11.20 -4.77 5.76
N ALA H 17 10.80 -3.52 5.52
CA ALA H 17 11.74 -2.41 5.52
C ALA H 17 12.87 -2.73 4.55
N ALA H 18 12.47 -2.72 3.28
CA ALA H 18 13.20 -3.28 2.17
C ALA H 18 14.67 -2.98 2.24
N VAL H 19 15.46 -3.95 1.78
CA VAL H 19 16.88 -3.72 1.51
C VAL H 19 17.05 -2.60 0.50
N ALA H 20 16.00 -2.26 -0.25
CA ALA H 20 15.99 -1.06 -1.07
C ALA H 20 15.98 0.21 -0.23
N LEU H 21 16.04 0.13 1.06
CA LEU H 21 16.51 1.26 1.85
C LEU H 21 18.03 1.20 2.06
N PRO H 22 18.58 0.12 2.62
CA PRO H 22 20.03 0.11 2.85
C PRO H 22 20.88 -0.12 1.63
N ALA H 23 20.35 -0.73 0.59
CA ALA H 23 21.06 -0.69 -0.67
C ALA H 23 21.00 0.70 -1.28
N TYR H 24 20.10 1.54 -0.81
CA TYR H 24 19.96 2.90 -1.27
C TYR H 24 20.26 3.92 -0.19
N GLN H 25 20.70 3.47 0.98
CA GLN H 25 21.64 4.32 1.68
C GLN H 25 23.02 4.08 1.11
N ASP H 26 23.26 2.86 0.61
CA ASP H 26 24.48 2.58 -0.13
C ASP H 26 24.49 3.26 -1.49
N TYR H 27 23.33 3.59 -2.04
CA TYR H 27 23.26 4.38 -3.26
C TYR H 27 22.82 5.81 -3.01
N THR H 28 22.22 6.09 -1.84
CA THR H 28 22.32 7.43 -1.31
C THR H 28 23.76 7.74 -1.00
N ALA H 29 24.47 6.74 -0.48
CA ALA H 29 25.91 6.90 -0.37
C ALA H 29 26.48 7.18 -1.73
N ARG H 30 26.04 6.44 -2.76
CA ARG H 30 26.51 6.75 -4.10
C ARG H 30 26.18 8.17 -4.49
N ALA H 31 25.15 8.77 -3.89
CA ALA H 31 24.90 10.18 -4.12
C ALA H 31 26.00 11.03 -3.51
N GLN H 32 26.26 10.87 -2.22
CA GLN H 32 27.25 11.75 -1.62
C GLN H 32 28.66 11.22 -1.76
N VAL H 33 28.81 9.91 -1.97
CA VAL H 33 30.04 9.44 -2.59
C VAL H 33 30.27 10.20 -3.88
N SER H 34 29.21 10.37 -4.68
CA SER H 34 29.37 11.17 -5.88
C SER H 34 29.68 12.61 -5.53
N GLU H 35 29.11 13.10 -4.43
CA GLU H 35 29.47 14.43 -3.96
C GLU H 35 30.98 14.52 -3.71
N ALA H 36 31.59 13.43 -3.26
CA ALA H 36 33.04 13.40 -3.21
C ALA H 36 33.63 13.33 -4.60
N ILE H 37 32.95 12.61 -5.50
CA ILE H 37 33.45 12.47 -6.85
C ILE H 37 33.38 13.80 -7.57
N LEU H 38 32.29 14.53 -7.35
CA LEU H 38 32.16 15.79 -8.02
C LEU H 38 33.20 16.78 -7.55
N LEU H 39 33.70 16.61 -6.32
CA LEU H 39 34.88 17.38 -5.94
C LEU H 39 36.04 16.97 -6.81
N ALA H 40 36.29 15.65 -6.86
CA ALA H 40 37.38 15.09 -7.63
C ALA H 40 37.38 15.59 -9.06
N GLU H 41 36.18 15.82 -9.61
CA GLU H 41 36.03 16.35 -10.95
C GLU H 41 36.85 17.62 -11.15
N GLY H 42 36.88 18.49 -10.15
CA GLY H 42 37.70 19.68 -10.27
C GLY H 42 39.16 19.36 -10.34
N GLN H 43 39.61 18.45 -9.48
CA GLN H 43 41.00 18.10 -9.46
C GLN H 43 41.41 17.27 -10.67
N LYS H 44 40.45 16.67 -11.38
CA LYS H 44 40.78 15.85 -12.54
C LYS H 44 41.65 16.62 -13.51
N SER H 45 41.22 17.83 -13.83
CA SER H 45 41.96 18.63 -14.78
C SER H 45 43.11 19.35 -14.12
N ALA H 46 42.96 19.69 -12.85
CA ALA H 46 44.01 20.42 -12.16
C ALA H 46 45.19 19.52 -11.86
N VAL H 47 44.91 18.33 -11.35
CA VAL H 47 45.95 17.33 -11.18
C VAL H 47 46.57 17.03 -12.53
N THR H 48 45.71 16.83 -13.52
CA THR H 48 46.16 16.68 -14.89
C THR H 48 47.02 17.84 -15.30
N GLU H 49 46.62 19.04 -14.89
CA GLU H 49 47.31 20.24 -15.32
C GLU H 49 48.75 20.21 -14.85
N TYR H 50 48.98 19.82 -13.61
CA TYR H 50 50.35 19.64 -13.14
C TYR H 50 51.01 18.50 -13.89
N TYR H 51 50.26 17.44 -14.15
CA TYR H 51 50.85 16.24 -14.73
C TYR H 51 51.34 16.50 -16.13
N LEU H 52 50.68 17.40 -16.84
CA LEU H 52 50.99 17.64 -18.24
C LEU H 52 52.04 18.72 -18.42
N ASN H 53 52.05 19.71 -17.53
CA ASN H 53 52.96 20.83 -17.62
C ASN H 53 54.13 20.75 -16.66
N HIS H 54 54.26 19.63 -15.95
CA HIS H 54 55.46 19.39 -15.17
C HIS H 54 55.95 17.96 -15.27
N GLY H 55 55.17 17.05 -15.83
CA GLY H 55 55.67 15.74 -16.16
C GLY H 55 55.73 14.77 -15.04
N LYS H 56 54.85 14.93 -14.06
CA LYS H 56 54.67 13.91 -13.05
C LYS H 56 53.45 14.27 -12.27
N TRP H 57 52.89 13.28 -11.64
CA TRP H 57 51.71 13.50 -10.87
C TRP H 57 52.04 14.42 -9.69
N PRO H 58 51.20 15.40 -9.39
CA PRO H 58 51.46 16.21 -8.20
C PRO H 58 51.36 15.37 -6.95
N GLU H 59 52.37 15.50 -6.11
CA GLU H 59 52.32 14.89 -4.79
C GLU H 59 51.06 15.29 -4.05
N ASN H 60 50.77 16.59 -4.06
CA ASN H 60 49.89 17.16 -3.06
C ASN H 60 49.19 18.39 -3.61
N ASN H 61 48.33 18.95 -2.78
CA ASN H 61 47.39 19.98 -3.21
C ASN H 61 48.12 21.19 -3.74
N THR H 62 49.08 21.68 -2.97
CA THR H 62 49.85 22.86 -3.30
C THR H 62 50.46 22.80 -4.67
N SER H 63 50.88 21.61 -5.10
CA SER H 63 51.47 21.39 -6.40
C SER H 63 50.40 21.31 -7.46
N ALA H 64 49.33 20.59 -7.13
CA ALA H 64 48.18 20.47 -8.01
C ALA H 64 47.64 21.84 -8.38
N GLY H 65 47.75 22.79 -7.46
CA GLY H 65 47.24 24.12 -7.66
C GLY H 65 45.87 24.31 -7.07
N VAL H 66 45.54 23.59 -6.02
CA VAL H 66 44.23 23.63 -5.39
C VAL H 66 44.44 24.06 -3.95
N ALA H 67 43.36 24.10 -3.18
CA ALA H 67 43.44 24.49 -1.77
C ALA H 67 44.47 23.65 -1.05
N SER H 68 45.52 24.31 -0.57
CA SER H 68 46.65 23.60 0.00
C SER H 68 46.23 22.71 1.17
N SER H 69 45.36 23.22 2.02
CA SER H 69 44.71 22.36 3.00
C SER H 69 43.63 21.54 2.28
N PRO H 70 43.65 20.20 2.39
CA PRO H 70 42.58 19.42 1.75
C PRO H 70 41.22 19.67 2.36
N THR H 71 41.18 19.82 3.69
CA THR H 71 39.92 19.93 4.41
C THR H 71 39.10 21.11 3.93
N ASP H 72 39.77 22.16 3.47
CA ASP H 72 39.05 23.31 2.94
C ASP H 72 38.18 22.89 1.77
N ILE H 73 38.72 22.05 0.89
CA ILE H 73 37.94 21.42 -0.16
C ILE H 73 37.12 20.34 0.51
N LYS H 74 35.81 20.52 0.53
CA LYS H 74 34.98 19.55 1.21
C LYS H 74 33.57 19.63 0.68
N GLY H 75 32.77 18.65 1.10
CA GLY H 75 31.42 18.49 0.62
C GLY H 75 30.45 18.44 1.78
N LYS H 76 29.16 18.53 1.42
CA LYS H 76 28.09 18.46 2.41
C LYS H 76 28.24 17.23 3.29
N TYR H 77 28.64 16.11 2.69
CA TYR H 77 28.89 14.87 3.39
C TYR H 77 30.33 14.41 3.24
N VAL H 78 31.21 15.25 2.70
CA VAL H 78 32.61 14.92 2.47
C VAL H 78 33.48 15.72 3.41
N LYS H 79 34.49 15.06 3.95
CA LYS H 79 35.41 15.71 4.86
C LYS H 79 36.46 16.52 4.12
N GLU H 80 37.28 15.85 3.32
CA GLU H 80 38.39 16.52 2.67
C GLU H 80 38.69 15.85 1.34
N VAL H 81 39.65 16.43 0.64
CA VAL H 81 40.13 15.92 -0.63
C VAL H 81 41.62 16.20 -0.67
N GLU H 82 42.42 15.15 -0.66
CA GLU H 82 43.86 15.27 -0.78
C GLU H 82 44.33 14.75 -2.12
N VAL H 83 45.31 15.42 -2.66
CA VAL H 83 46.09 14.89 -3.77
C VAL H 83 47.18 14.03 -3.20
N LYS H 84 47.34 12.85 -3.78
CA LYS H 84 48.37 11.92 -3.34
C LYS H 84 49.06 11.37 -4.56
N ASN H 85 50.09 12.09 -5.01
CA ASN H 85 50.83 11.71 -6.21
C ASN H 85 49.86 11.46 -7.35
N GLY H 86 49.01 12.44 -7.58
CA GLY H 86 48.01 12.34 -8.62
C GLY H 86 46.73 11.70 -8.17
N VAL H 87 46.84 10.63 -7.39
CA VAL H 87 45.65 9.95 -6.92
C VAL H 87 44.89 10.87 -5.98
N VAL H 88 43.63 11.09 -6.29
CA VAL H 88 42.79 12.00 -5.54
C VAL H 88 42.01 11.17 -4.54
N THR H 89 42.38 11.30 -3.29
CA THR H 89 41.66 10.66 -2.21
C THR H 89 40.68 11.64 -1.61
N ALA H 90 39.50 11.16 -1.29
CA ALA H 90 38.46 11.95 -0.66
C ALA H 90 37.98 11.22 0.58
N THR H 91 37.90 11.96 1.68
CA THR H 91 37.46 11.43 2.96
C THR H 91 36.06 11.94 3.27
N MET H 92 35.23 11.06 3.77
CA MET H 92 33.85 11.39 4.08
C MET H 92 33.71 11.96 5.49
N LEU H 93 32.62 12.68 5.70
CA LEU H 93 32.31 13.18 7.03
C LEU H 93 31.82 12.05 7.93
N SER H 94 31.53 12.43 9.16
CA SER H 94 30.75 11.66 10.12
C SER H 94 29.28 11.82 9.82
N SER H 95 28.42 11.56 10.81
CA SER H 95 26.98 11.35 10.66
C SER H 95 26.26 12.34 9.75
N GLY H 96 25.12 11.89 9.26
CA GLY H 96 24.55 12.39 8.02
C GLY H 96 24.01 11.19 7.29
N VAL H 97 24.64 10.04 7.53
CA VAL H 97 24.02 8.75 7.31
C VAL H 97 24.45 7.81 8.41
N ASN H 98 23.64 6.79 8.62
CA ASN H 98 24.01 5.66 9.47
C ASN H 98 25.15 4.86 8.86
N ASN H 99 25.32 4.97 7.56
CA ASN H 99 25.93 3.96 6.75
C ASN H 99 27.44 3.93 6.96
N GLU H 100 28.02 2.79 6.61
CA GLU H 100 29.42 2.50 6.88
C GLU H 100 30.30 3.25 5.88
N ILE H 101 30.26 4.57 6.02
CA ILE H 101 31.03 5.48 5.17
C ILE H 101 31.74 6.51 6.03
N LYS H 102 31.37 6.60 7.30
CA LYS H 102 31.67 7.77 8.09
C LYS H 102 33.16 7.86 8.36
N GLY H 103 33.78 8.87 7.78
CA GLY H 103 35.22 8.96 7.78
C GLY H 103 35.91 8.06 6.78
N LYS H 104 35.16 7.26 6.02
CA LYS H 104 35.77 6.37 5.07
C LYS H 104 36.28 7.15 3.87
N LYS H 105 37.07 6.47 3.07
CA LYS H 105 37.78 7.09 1.96
C LYS H 105 37.30 6.56 0.63
N LEU H 106 37.43 7.41 -0.35
CA LEU H 106 37.40 7.05 -1.74
C LEU H 106 38.67 7.57 -2.37
N SER H 107 39.12 6.87 -3.40
CA SER H 107 40.20 7.34 -4.24
C SER H 107 39.73 7.36 -5.67
N LEU H 108 40.42 8.17 -6.45
CA LEU H 108 40.23 8.22 -7.89
C LEU H 108 41.56 7.91 -8.56
N TRP H 109 41.51 7.02 -9.53
CA TRP H 109 42.70 6.41 -10.11
C TRP H 109 42.85 6.85 -11.55
N ALA H 110 43.90 7.60 -11.82
CA ALA H 110 44.26 8.02 -13.16
C ALA H 110 45.23 7.04 -13.78
N ARG H 111 45.30 7.07 -15.10
CA ARG H 111 46.38 6.43 -15.84
C ARG H 111 46.38 6.88 -17.29
N ARG H 112 47.55 7.29 -17.76
CA ARG H 112 47.74 7.54 -19.17
C ARG H 112 47.50 6.28 -19.99
N GLU H 113 46.69 6.42 -21.03
CA GLU H 113 46.49 5.37 -22.02
C GLU H 113 46.85 5.98 -23.37
N ASN H 114 48.13 5.89 -23.72
CA ASN H 114 48.65 6.49 -24.94
C ASN H 114 48.27 7.96 -25.01
N GLY H 115 48.65 8.64 -23.95
CA GLY H 115 48.24 10.01 -23.72
C GLY H 115 46.92 10.06 -22.99
N SER H 116 45.89 9.49 -23.62
CA SER H 116 44.54 9.59 -23.14
C SER H 116 44.43 9.02 -21.73
N VAL H 117 44.10 9.89 -20.79
CA VAL H 117 44.13 9.51 -19.39
C VAL H 117 42.86 8.74 -19.03
N LYS H 118 42.96 7.91 -18.00
CA LYS H 118 41.93 6.95 -17.65
C LYS H 118 41.62 7.02 -16.17
N TRP H 119 40.42 7.45 -15.86
CA TRP H 119 40.00 7.77 -14.51
C TRP H 119 39.09 6.66 -14.00
N PHE H 120 39.57 5.94 -13.00
CA PHE H 120 38.77 4.92 -12.32
C PHE H 120 38.64 5.28 -10.86
N CYS H 121 37.42 5.26 -10.36
CA CYS H 121 37.18 5.64 -8.99
C CYS H 121 37.45 4.43 -8.11
N GLY H 122 37.06 4.54 -6.84
CA GLY H 122 36.75 3.36 -6.07
C GLY H 122 37.76 3.04 -5.02
N GLN H 123 38.09 1.77 -4.95
CA GLN H 123 38.88 1.13 -3.93
C GLN H 123 40.12 2.00 -3.67
N PRO H 124 40.43 2.37 -2.45
CA PRO H 124 41.51 3.34 -2.24
C PRO H 124 42.85 2.84 -2.76
N VAL H 125 43.53 3.69 -3.52
CA VAL H 125 44.82 3.39 -4.12
C VAL H 125 45.79 4.54 -3.84
N THR H 126 47.06 4.30 -4.17
CA THR H 126 48.09 5.32 -3.95
C THR H 126 49.24 5.11 -4.91
N ARG H 127 49.74 6.22 -5.46
CA ARG H 127 50.73 6.16 -6.50
C ARG H 127 52.13 6.17 -5.90
N THR H 128 53.05 5.56 -6.64
CA THR H 128 54.43 5.44 -6.24
C THR H 128 55.37 5.90 -7.36
N ASP H 129 54.94 5.71 -8.60
CA ASP H 129 55.75 6.09 -9.75
C ASP H 129 54.77 6.46 -10.86
N ASP H 130 55.33 6.92 -11.98
CA ASP H 130 54.58 7.63 -13.02
C ASP H 130 53.29 6.91 -13.44
N ASP H 131 53.33 5.58 -13.54
CA ASP H 131 52.14 4.79 -13.79
C ASP H 131 51.91 3.72 -12.73
N THR H 132 52.88 3.45 -11.89
CA THR H 132 52.71 2.47 -10.84
C THR H 132 51.79 3.04 -9.77
N VAL H 133 50.73 2.32 -9.47
CA VAL H 133 49.86 2.65 -8.36
C VAL H 133 49.58 1.37 -7.58
N ALA H 134 49.38 1.54 -6.28
CA ALA H 134 49.18 0.43 -5.37
C ALA H 134 47.78 0.45 -4.81
N ASP H 135 47.26 -0.74 -4.56
CA ASP H 135 46.02 -0.88 -3.79
C ASP H 135 46.29 -0.43 -2.37
N ALA H 136 45.69 0.69 -1.98
CA ALA H 136 46.00 1.35 -0.72
C ALA H 136 45.09 0.81 0.37
N LYS H 137 45.19 -0.50 0.56
CA LYS H 137 44.29 -1.20 1.45
C LYS H 137 44.63 -0.89 2.90
N ASP H 138 43.98 0.15 3.41
CA ASP H 138 44.20 0.69 4.74
C ASP H 138 43.00 0.51 5.65
N GLY H 139 41.96 -0.20 5.19
CA GLY H 139 40.72 -0.29 5.90
C GLY H 139 39.78 0.86 5.69
N LYS H 140 40.18 1.88 4.91
CA LYS H 140 39.29 2.96 4.52
C LYS H 140 38.63 2.70 3.18
N GLU H 141 38.53 1.44 2.79
CA GLU H 141 37.81 1.09 1.58
C GLU H 141 36.34 1.14 1.88
N ILE H 142 35.67 2.12 1.28
CA ILE H 142 34.23 2.08 1.23
C ILE H 142 33.82 0.82 0.46
N ASP H 143 32.80 0.13 0.95
CA ASP H 143 32.44 -1.17 0.39
C ASP H 143 31.90 -1.03 -1.02
N THR H 144 32.01 -2.12 -1.78
CA THR H 144 31.73 -2.09 -3.21
C THR H 144 30.26 -1.82 -3.47
N LYS H 145 29.38 -2.20 -2.55
CA LYS H 145 27.97 -1.84 -2.67
C LYS H 145 27.82 -0.35 -2.83
N HIS H 146 28.33 0.39 -1.85
CA HIS H 146 28.31 1.84 -1.87
C HIS H 146 28.77 2.39 -3.21
N LEU H 147 29.88 1.87 -3.69
CA LEU H 147 30.64 2.50 -4.72
C LEU H 147 29.88 2.46 -6.04
N PRO H 148 30.40 3.10 -7.06
CA PRO H 148 29.81 2.93 -8.39
C PRO H 148 29.95 1.52 -8.90
N SER H 149 29.46 1.33 -10.11
CA SER H 149 29.61 0.08 -10.85
C SER H 149 30.56 0.25 -12.01
N THR H 150 30.39 1.34 -12.76
CA THR H 150 31.40 1.72 -13.74
C THR H 150 32.76 1.88 -13.08
N CYS H 151 32.81 2.66 -12.00
CA CYS H 151 33.96 2.67 -11.12
C CYS H 151 33.72 1.72 -9.98
N ARG H 152 33.96 0.46 -10.25
CA ARG H 152 34.20 -0.53 -9.22
C ARG H 152 35.58 -1.10 -9.47
N ASP H 153 36.49 -0.22 -9.86
CA ASP H 153 37.74 -0.60 -10.49
C ASP H 153 38.87 -0.33 -9.51
N ASN H 154 39.48 -1.40 -9.06
CA ASN H 154 40.69 -1.35 -8.25
C ASN H 154 41.87 -1.13 -9.17
N PHE H 155 43.09 -1.34 -8.67
CA PHE H 155 44.26 -1.22 -9.53
C PHE H 155 44.25 -2.36 -10.52
N ASP H 156 43.34 -2.29 -11.48
CA ASP H 156 43.13 -3.27 -12.53
C ASP H 156 43.16 -4.71 -12.03
N PHE I 1 -25.70 -16.09 17.62
CA PHE I 1 -24.87 -14.90 17.89
C PHE I 1 -23.70 -14.72 16.92
N THR I 2 -23.64 -13.53 16.34
CA THR I 2 -22.54 -13.15 15.45
C THR I 2 -22.07 -11.71 15.69
N LEU I 3 -22.76 -10.94 16.52
CA LEU I 3 -22.63 -9.49 16.52
C LEU I 3 -21.22 -9.02 16.70
N ILE I 4 -20.44 -9.75 17.48
CA ILE I 4 -19.06 -9.34 17.65
C ILE I 4 -18.34 -9.37 16.31
N GLU I 5 -18.83 -10.16 15.37
CA GLU I 5 -18.33 -10.06 14.01
C GLU I 5 -18.77 -8.76 13.36
N LEU I 6 -19.91 -8.21 13.75
CA LEU I 6 -20.29 -6.90 13.25
C LEU I 6 -19.56 -5.81 13.99
N MET I 7 -19.36 -6.00 15.29
CA MET I 7 -18.58 -5.07 16.08
C MET I 7 -17.23 -4.84 15.45
N ILE I 8 -16.56 -5.92 15.10
CA ILE I 8 -15.19 -5.80 14.64
C ILE I 8 -15.16 -5.12 13.29
N VAL I 9 -16.22 -5.27 12.50
CA VAL I 9 -16.32 -4.49 11.26
C VAL I 9 -16.33 -3.02 11.61
N ILE I 10 -17.28 -2.61 12.44
CA ILE I 10 -17.44 -1.20 12.76
C ILE I 10 -16.22 -0.67 13.50
N ALA I 11 -15.39 -1.55 14.04
CA ALA I 11 -14.05 -1.17 14.44
C ALA I 11 -13.14 -1.01 13.24
N ILE I 12 -13.33 -1.83 12.20
CA ILE I 12 -12.59 -1.62 10.97
C ILE I 12 -13.18 -0.46 10.21
N VAL I 13 -14.47 -0.20 10.37
CA VAL I 13 -15.08 0.93 9.66
C VAL I 13 -14.50 2.22 10.17
N GLY I 14 -14.57 2.42 11.48
CA GLY I 14 -13.82 3.50 12.04
C GLY I 14 -12.40 3.13 11.74
N ILE I 15 -11.85 3.73 10.70
CA ILE I 15 -10.49 3.44 10.31
C ILE I 15 -9.64 4.46 11.01
N LEU I 16 -8.35 4.21 11.02
CA LEU I 16 -7.45 5.26 11.44
C LEU I 16 -7.49 6.40 10.44
N ALA I 17 -7.47 6.08 9.15
CA ALA I 17 -7.07 7.04 8.14
C ALA I 17 -5.70 7.59 8.51
N ALA I 18 -4.74 6.67 8.37
CA ALA I 18 -3.40 6.78 8.92
C ALA I 18 -2.82 8.15 8.77
N VAL I 19 -2.04 8.55 9.78
CA VAL I 19 -1.19 9.73 9.67
C VAL I 19 -0.22 9.57 8.51
N ALA I 20 -0.01 8.35 8.01
CA ALA I 20 0.69 8.11 6.76
C ALA I 20 -0.09 8.62 5.56
N LEU I 21 -1.23 9.23 5.73
CA LEU I 21 -1.73 10.11 4.71
C LEU I 21 -1.25 11.56 4.92
N PRO I 22 -1.50 12.18 6.09
CA PRO I 22 -1.06 13.56 6.26
C PRO I 22 0.42 13.76 6.48
N ALA I 23 1.12 12.76 6.97
CA ALA I 23 2.57 12.85 6.91
C ALA I 23 3.08 12.70 5.48
N TYR I 24 2.23 12.20 4.60
CA TYR I 24 2.56 12.03 3.20
C TYR I 24 1.71 12.88 2.30
N GLN I 25 0.85 13.73 2.86
CA GLN I 25 0.63 14.97 2.16
C GLN I 25 1.75 15.94 2.49
N ASP I 26 2.33 15.79 3.68
CA ASP I 26 3.54 16.52 4.03
C ASP I 26 4.75 16.01 3.26
N TYR I 27 4.72 14.77 2.80
CA TYR I 27 5.77 14.28 1.91
C TYR I 27 5.32 14.15 0.47
N THR I 28 4.01 14.16 0.21
CA THR I 28 3.54 14.64 -1.07
C THR I 28 3.90 16.09 -1.21
N ALA I 29 3.77 16.84 -0.13
CA ALA I 29 4.30 18.19 -0.13
C ALA I 29 5.78 18.14 -0.45
N ARG I 30 6.51 17.21 0.18
CA ARG I 30 7.92 17.07 -0.18
C ARG I 30 8.10 16.78 -1.65
N ALA I 31 7.09 16.18 -2.30
CA ALA I 31 7.17 16.03 -3.73
C ALA I 31 7.10 17.37 -4.43
N GLN I 32 6.05 18.15 -4.17
CA GLN I 32 5.94 19.40 -4.90
C GLN I 32 6.69 20.54 -4.24
N VAL I 33 6.97 20.43 -2.96
CA VAL I 33 8.07 21.20 -2.41
C VAL I 33 9.32 20.92 -3.23
N SER I 34 9.58 19.65 -3.55
CA SER I 34 10.70 19.35 -4.41
C SER I 34 10.50 19.95 -5.79
N GLU I 35 9.26 19.99 -6.25
CA GLU I 35 8.98 20.67 -7.51
C GLU I 35 9.40 22.13 -7.44
N ALA I 36 9.30 22.75 -6.26
CA ALA I 36 9.89 24.06 -6.10
C ALA I 36 11.41 23.96 -6.06
N ILE I 37 11.91 22.89 -5.47
CA ILE I 37 13.35 22.73 -5.37
C ILE I 37 13.94 22.50 -6.75
N LEU I 38 13.26 21.71 -7.56
CA LEU I 38 13.77 21.44 -8.88
C LEU I 38 13.79 22.70 -9.72
N LEU I 39 12.91 23.65 -9.44
CA LEU I 39 13.08 24.96 -10.05
C LEU I 39 14.38 25.58 -9.59
N ALA I 40 14.56 25.62 -8.26
CA ALA I 40 15.75 26.20 -7.65
C ALA I 40 17.02 25.63 -8.24
N GLU I 41 16.98 24.34 -8.62
CA GLU I 41 18.11 23.68 -9.25
C GLU I 41 18.62 24.48 -10.44
N GLY I 42 17.72 25.04 -11.24
CA GLY I 42 18.17 25.85 -12.36
C GLY I 42 18.88 27.09 -11.89
N GLN I 43 18.32 27.76 -10.90
CA GLN I 43 18.93 28.97 -10.41
C GLN I 43 20.21 28.72 -9.63
N LYS I 44 20.44 27.48 -9.17
CA LYS I 44 21.64 27.17 -8.40
C LYS I 44 22.88 27.61 -9.15
N SER I 45 22.95 27.23 -10.42
CA SER I 45 24.12 27.56 -11.20
C SER I 45 24.02 28.96 -11.77
N ALA I 46 22.81 29.42 -12.05
CA ALA I 46 22.65 30.74 -12.61
C ALA I 46 22.91 31.83 -11.58
N VAL I 47 22.35 31.66 -10.40
CA VAL I 47 22.68 32.54 -9.28
C VAL I 47 24.17 32.48 -9.02
N THR I 48 24.68 31.25 -8.97
CA THR I 48 26.11 31.03 -8.86
C THR I 48 26.84 31.76 -9.97
N GLU I 49 26.27 31.72 -11.17
CA GLU I 49 26.93 32.29 -12.32
C GLU I 49 27.16 33.77 -12.12
N TYR I 50 26.14 34.47 -11.63
CA TYR I 50 26.34 35.88 -11.29
C TYR I 50 27.32 36.00 -10.14
N TYR I 51 27.24 35.09 -9.19
CA TYR I 51 28.04 35.24 -7.97
C TYR I 51 29.51 35.09 -8.27
N LEU I 52 29.84 34.29 -9.28
CA LEU I 52 31.23 33.99 -9.59
C LEU I 52 31.83 34.98 -10.56
N ASN I 53 31.03 35.49 -11.48
CA ASN I 53 31.49 36.38 -12.52
C ASN I 53 31.14 37.84 -12.26
N HIS I 54 30.60 38.14 -11.09
CA HIS I 54 30.43 39.52 -10.68
C HIS I 54 30.76 39.75 -9.22
N GLY I 55 30.93 38.71 -8.44
CA GLY I 55 31.46 38.85 -7.11
C GLY I 55 30.50 39.28 -6.06
N LYS I 56 29.23 38.95 -6.23
CA LYS I 56 28.27 39.11 -5.17
C LYS I 56 27.02 38.40 -5.60
N TRP I 57 26.23 38.06 -4.62
CA TRP I 57 25.01 37.37 -4.91
C TRP I 57 24.09 38.29 -5.70
N PRO I 58 23.42 37.79 -6.74
CA PRO I 58 22.46 38.63 -7.45
C PRO I 58 21.31 38.98 -6.54
N GLU I 59 20.99 40.28 -6.51
CA GLU I 59 19.80 40.74 -5.82
C GLU I 59 18.58 39.98 -6.29
N ASN I 60 18.43 39.87 -7.61
CA ASN I 60 17.14 39.59 -8.20
C ASN I 60 17.31 38.87 -9.52
N ASN I 61 16.17 38.52 -10.10
CA ASN I 61 16.12 37.62 -11.25
C ASN I 61 16.89 38.18 -12.41
N THR I 62 16.62 39.44 -12.76
CA THR I 62 17.23 40.11 -13.88
C THR I 62 18.74 40.05 -13.85
N SER I 63 19.32 40.10 -12.66
CA SER I 63 20.75 40.03 -12.47
C SER I 63 21.23 38.61 -12.56
N ALA I 64 20.49 37.70 -11.92
CA ALA I 64 20.77 36.28 -11.98
C ALA I 64 20.83 35.80 -13.42
N GLY I 65 20.04 36.41 -14.28
CA GLY I 65 19.97 36.01 -15.67
C GLY I 65 18.83 35.07 -15.96
N VAL I 66 17.76 35.16 -15.19
CA VAL I 66 16.61 34.27 -15.32
C VAL I 66 15.41 35.14 -15.63
N ALA I 67 14.23 34.53 -15.73
CA ALA I 67 13.00 35.26 -16.01
C ALA I 67 12.83 36.39 -15.02
N SER I 68 12.85 37.61 -15.55
CA SER I 68 12.85 38.78 -14.70
C SER I 68 11.64 38.81 -13.78
N SER I 69 10.48 38.46 -14.31
CA SER I 69 9.33 38.22 -13.45
C SER I 69 9.50 36.86 -12.78
N PRO I 70 9.44 36.76 -11.45
CA PRO I 70 9.55 35.43 -10.83
C PRO I 70 8.40 34.51 -11.16
N THR I 71 7.20 35.08 -11.22
CA THR I 71 5.99 34.28 -11.41
C THR I 71 6.03 33.48 -12.69
N ASP I 72 6.72 34.00 -13.70
CA ASP I 72 6.85 33.26 -14.94
C ASP I 72 7.53 31.92 -14.69
N ILE I 73 8.57 31.93 -13.87
CA ILE I 73 9.18 30.70 -13.39
C ILE I 73 8.25 30.13 -12.34
N LYS I 74 7.64 28.99 -12.65
CA LYS I 74 6.67 28.44 -11.72
C LYS I 74 6.53 26.95 -11.97
N GLY I 75 5.81 26.32 -11.05
CA GLY I 75 5.65 24.88 -11.05
C GLY I 75 4.19 24.51 -11.01
N LYS I 76 3.93 23.23 -11.25
CA LYS I 76 2.57 22.69 -11.22
C LYS I 76 1.88 23.06 -9.93
N TYR I 77 2.61 23.02 -8.81
CA TYR I 77 2.11 23.41 -7.51
C TYR I 77 2.89 24.58 -6.93
N VAL I 78 3.75 25.22 -7.71
CA VAL I 78 4.58 26.33 -7.27
C VAL I 78 4.11 27.61 -7.91
N LYS I 79 4.09 28.68 -7.12
CA LYS I 79 3.66 29.97 -7.62
C LYS I 79 4.77 30.68 -8.37
N GLU I 80 5.87 30.98 -7.69
CA GLU I 80 6.93 31.76 -8.29
C GLU I 80 8.26 31.38 -7.68
N VAL I 81 9.31 31.99 -8.21
CA VAL I 81 10.67 31.80 -7.74
C VAL I 81 11.35 33.15 -7.88
N GLU I 82 11.72 33.75 -6.76
CA GLU I 82 12.46 34.99 -6.75
C GLU I 82 13.88 34.76 -6.27
N VAL I 83 14.79 35.48 -6.88
CA VAL I 83 16.13 35.62 -6.36
C VAL I 83 16.13 36.76 -5.36
N LYS I 84 16.74 36.51 -4.21
CA LYS I 84 16.80 37.51 -3.16
C LYS I 84 18.22 37.52 -2.63
N ASN I 85 19.07 38.32 -3.27
CA ASN I 85 20.47 38.43 -2.90
C ASN I 85 21.07 37.03 -2.83
N GLY I 86 20.88 36.28 -3.90
CA GLY I 86 21.38 34.93 -3.96
C GLY I 86 20.41 33.91 -3.42
N VAL I 87 19.79 34.21 -2.30
CA VAL I 87 18.85 33.28 -1.71
C VAL I 87 17.66 33.12 -2.63
N VAL I 88 17.38 31.89 -2.99
CA VAL I 88 16.32 31.58 -3.93
C VAL I 88 15.10 31.22 -3.10
N THR I 89 14.13 32.11 -3.11
CA THR I 89 12.85 31.87 -2.47
C THR I 89 11.86 31.37 -3.51
N ALA I 90 11.07 30.40 -3.12
CA ALA I 90 10.02 29.84 -3.96
C ALA I 90 8.71 29.88 -3.20
N THR I 91 7.68 30.36 -3.87
CA THR I 91 6.34 30.47 -3.30
C THR I 91 5.44 29.42 -3.93
N MET I 92 4.63 28.79 -3.09
CA MET I 92 3.74 27.74 -3.53
C MET I 92 2.41 28.30 -4.01
N LEU I 93 1.73 27.49 -4.82
CA LEU I 93 0.39 27.86 -5.25
C LEU I 93 -0.61 27.68 -4.12
N SER I 94 -1.85 28.01 -4.45
CA SER I 94 -3.04 27.65 -3.69
C SER I 94 -3.42 26.21 -4.02
N SER I 95 -4.69 25.85 -3.77
CA SER I 95 -5.19 24.47 -3.72
C SER I 95 -4.71 23.56 -4.83
N GLY I 96 -4.76 22.27 -4.53
CA GLY I 96 -3.92 21.28 -5.16
C GLY I 96 -3.48 20.35 -4.06
N VAL I 97 -3.40 20.88 -2.85
CA VAL I 97 -3.44 20.07 -1.63
C VAL I 97 -4.22 20.84 -0.59
N ASN I 98 -4.76 20.08 0.36
CA ASN I 98 -5.33 20.65 1.57
C ASN I 98 -4.27 21.30 2.44
N ASN I 99 -3.03 20.91 2.25
CA ASN I 99 -2.02 20.99 3.27
C ASN I 99 -1.54 22.41 3.45
N GLU I 100 -0.95 22.64 4.61
CA GLU I 100 -0.56 23.98 5.06
C GLU I 100 0.70 24.41 4.32
N ILE I 101 0.55 24.59 3.02
CA ILE I 101 1.62 25.02 2.14
C ILE I 101 1.15 26.15 1.25
N LYS I 102 -0.15 26.38 1.20
CA LYS I 102 -0.75 27.13 0.12
C LYS I 102 -0.33 28.58 0.19
N GLY I 103 0.44 29.00 -0.79
CA GLY I 103 1.07 30.30 -0.74
C GLY I 103 2.29 30.37 0.15
N LYS I 104 2.65 29.28 0.82
CA LYS I 104 3.80 29.31 1.70
C LYS I 104 5.08 29.32 0.89
N LYS I 105 6.17 29.59 1.60
CA LYS I 105 7.46 29.81 0.97
C LYS I 105 8.45 28.75 1.37
N LEU I 106 9.36 28.52 0.46
CA LEU I 106 10.61 27.85 0.73
C LEU I 106 11.73 28.77 0.29
N SER I 107 12.87 28.64 0.96
CA SER I 107 14.08 29.29 0.54
C SER I 107 15.16 28.25 0.39
N LEU I 108 16.16 28.61 -0.41
CA LEU I 108 17.36 27.83 -0.57
C LEU I 108 18.55 28.68 -0.19
N TRP I 109 19.41 28.11 0.64
CA TRP I 109 20.47 28.84 1.31
C TRP I 109 21.82 28.40 0.79
N ALA I 110 22.51 29.32 0.13
CA ALA I 110 23.87 29.09 -0.33
C ALA I 110 24.87 29.57 0.70
N ARG I 111 26.09 29.06 0.57
CA ARG I 111 27.24 29.62 1.27
C ARG I 111 28.53 29.05 0.73
N ARG I 112 29.46 29.93 0.39
CA ARG I 112 30.81 29.51 0.07
C ARG I 112 31.45 28.80 1.24
N GLU I 113 32.03 27.64 0.96
CA GLU I 113 32.85 26.90 1.92
C GLU I 113 34.20 26.70 1.26
N ASN I 114 35.08 27.68 1.44
CA ASN I 114 36.40 27.68 0.81
C ASN I 114 36.27 27.48 -0.69
N GLY I 115 35.47 28.36 -1.26
CA GLY I 115 35.06 28.26 -2.63
C GLY I 115 33.82 27.41 -2.76
N SER I 116 33.95 26.15 -2.34
CA SER I 116 32.92 25.16 -2.54
C SER I 116 31.61 25.61 -1.89
N VAL I 117 30.61 25.83 -2.72
CA VAL I 117 29.37 26.42 -2.24
C VAL I 117 28.50 25.35 -1.58
N LYS I 118 27.63 25.81 -0.67
CA LYS I 118 26.88 24.92 0.20
C LYS I 118 25.42 25.30 0.20
N TRP I 119 24.61 24.41 -0.32
CA TRP I 119 23.20 24.68 -0.58
C TRP I 119 22.36 23.96 0.46
N PHE I 120 21.69 24.74 1.29
CA PHE I 120 20.75 24.21 2.27
C PHE I 120 19.37 24.77 2.00
N CYS I 121 18.39 23.90 1.94
CA CYS I 121 17.04 24.32 1.62
C CYS I 121 16.39 24.81 2.91
N GLY I 122 15.08 25.03 2.84
CA GLY I 122 14.27 24.95 4.03
C GLY I 122 13.79 26.28 4.52
N GLN I 123 13.89 26.45 5.82
CA GLN I 123 13.33 27.54 6.60
C GLN I 123 13.64 28.84 5.88
N PRO I 124 12.66 29.71 5.62
CA PRO I 124 12.94 30.87 4.77
C PRO I 124 14.01 31.78 5.37
N VAL I 125 14.97 32.16 4.53
CA VAL I 125 16.09 33.01 4.93
C VAL I 125 16.25 34.12 3.89
N THR I 126 17.10 35.10 4.22
CA THR I 126 17.35 36.22 3.33
C THR I 126 18.72 36.80 3.58
N ARG I 127 19.41 37.13 2.50
CA ARG I 127 20.79 37.56 2.58
C ARG I 127 20.88 39.07 2.75
N THR I 128 21.95 39.49 3.39
CA THR I 128 22.20 40.90 3.67
C THR I 128 23.61 41.29 3.23
N ASP I 129 24.54 40.35 3.29
CA ASP I 129 25.93 40.60 2.92
C ASP I 129 26.48 39.29 2.38
N ASP I 130 27.72 39.35 1.90
CA ASP I 130 28.30 38.31 1.05
C ASP I 130 28.13 36.90 1.61
N ASP I 131 28.25 36.74 2.93
CA ASP I 131 27.98 35.47 3.59
C ASP I 131 26.94 35.60 4.69
N THR I 132 26.62 36.80 5.12
CA THR I 132 25.61 37.00 6.15
C THR I 132 24.25 36.72 5.57
N VAL I 133 23.52 35.81 6.20
CA VAL I 133 22.13 35.57 5.86
C VAL I 133 21.33 35.51 7.15
N ALA I 134 20.08 35.92 7.06
CA ALA I 134 19.19 36.01 8.20
C ALA I 134 18.07 35.00 8.08
N ASP I 135 17.63 34.51 9.23
CA ASP I 135 16.40 33.73 9.30
C ASP I 135 15.23 34.64 8.98
N ALA I 136 14.60 34.40 7.83
CA ALA I 136 13.60 35.31 7.29
C ALA I 136 12.23 34.91 7.80
N LYS I 137 12.12 34.93 9.13
CA LYS I 137 10.94 34.44 9.80
C LYS I 137 9.79 35.40 9.62
N ASP I 138 9.02 35.17 8.56
CA ASP I 138 7.92 36.02 8.14
C ASP I 138 6.58 35.32 8.26
N GLY I 139 6.54 34.11 8.83
CA GLY I 139 5.35 33.31 8.85
C GLY I 139 5.10 32.51 7.60
N LYS I 140 5.97 32.64 6.58
CA LYS I 140 5.90 31.81 5.39
C LYS I 140 6.82 30.60 5.49
N GLU I 141 7.15 30.19 6.71
CA GLU I 141 7.92 28.99 6.92
C GLU I 141 7.00 27.80 6.74
N ILE I 142 7.23 27.06 5.67
CA ILE I 142 6.63 25.74 5.56
C ILE I 142 7.17 24.90 6.72
N ASP I 143 6.29 24.12 7.34
CA ASP I 143 6.65 23.42 8.56
C ASP I 143 7.68 22.33 8.28
N THR I 144 8.42 21.98 9.32
CA THR I 144 9.58 21.10 9.15
C THR I 144 9.17 19.70 8.74
N LYS I 145 7.95 19.28 9.08
CA LYS I 145 7.43 18.01 8.59
C LYS I 145 7.49 17.97 7.08
N HIS I 146 6.82 18.94 6.47
CA HIS I 146 6.80 19.09 5.02
C HIS I 146 8.19 18.98 4.43
N LEU I 147 9.13 19.69 5.02
CA LEU I 147 10.38 19.99 4.40
C LEU I 147 11.22 18.74 4.28
N PRO I 148 12.36 18.82 3.62
CA PRO I 148 13.29 17.70 3.64
C PRO I 148 13.83 17.44 5.03
N SER I 149 14.71 16.45 5.08
CA SER I 149 15.45 16.11 6.28
C SER I 149 16.92 16.48 6.13
N THR I 150 17.50 16.13 4.99
CA THR I 150 18.82 16.63 4.64
C THR I 150 18.82 18.15 4.67
N CYS I 151 17.86 18.77 3.96
CA CYS I 151 17.58 20.19 4.12
C CYS I 151 16.47 20.36 5.12
N ARG I 152 16.84 20.31 6.38
CA ARG I 152 16.04 20.85 7.45
C ARG I 152 16.88 21.91 8.14
N ASP I 153 17.62 22.65 7.32
CA ASP I 153 18.74 23.45 7.77
C ASP I 153 18.37 24.91 7.68
N ASN I 154 18.24 25.54 8.83
CA ASN I 154 18.05 26.97 8.95
C ASN I 154 19.39 27.65 8.78
N PHE I 155 19.49 28.93 9.15
CA PHE I 155 20.77 29.61 9.08
C PHE I 155 21.69 29.03 10.15
N ASP I 156 22.14 27.80 9.92
CA ASP I 156 23.00 27.05 10.81
C ASP I 156 22.59 27.13 12.28
N PHE J 1 -34.23 -22.64 18.93
CA PHE J 1 -34.13 -21.65 17.84
C PHE J 1 -32.74 -21.01 17.71
N THR J 2 -32.21 -21.06 16.49
CA THR J 2 -30.95 -20.42 16.16
C THR J 2 -30.97 -19.74 14.80
N LEU J 3 -32.04 -19.90 14.02
CA LEU J 3 -32.00 -19.62 12.59
C LEU J 3 -31.56 -18.22 12.27
N ILE J 4 -31.89 -17.27 13.12
CA ILE J 4 -31.44 -15.93 12.86
C ILE J 4 -29.93 -15.87 12.88
N GLU J 5 -29.28 -16.81 13.55
CA GLU J 5 -27.85 -16.95 13.40
C GLU J 5 -27.48 -17.47 12.03
N LEU J 6 -28.34 -18.25 11.41
CA LEU J 6 -28.08 -18.66 10.04
C LEU J 6 -28.44 -17.56 9.07
N MET J 7 -29.52 -16.83 9.37
CA MET J 7 -29.90 -15.69 8.57
C MET J 7 -28.74 -14.73 8.42
N ILE J 8 -28.11 -14.41 9.55
CA ILE J 8 -27.10 -13.38 9.52
C ILE J 8 -25.88 -13.87 8.76
N VAL J 9 -25.65 -15.17 8.74
CA VAL J 9 -24.59 -15.71 7.89
C VAL J 9 -24.93 -15.39 6.46
N ILE J 10 -26.11 -15.82 6.01
CA ILE J 10 -26.48 -15.67 4.62
C ILE J 10 -26.63 -14.20 4.25
N ALA J 11 -26.72 -13.33 5.24
CA ALA J 11 -26.50 -11.91 5.02
C ALA J 11 -25.02 -11.60 4.87
N ILE J 12 -24.16 -12.32 5.60
CA ILE J 12 -22.73 -12.17 5.38
C ILE J 12 -22.33 -12.89 4.11
N VAL J 13 -23.05 -13.96 3.74
CA VAL J 13 -22.70 -14.67 2.52
C VAL J 13 -22.92 -13.79 1.32
N GLY J 14 -24.13 -13.25 1.21
CA GLY J 14 -24.32 -12.21 0.23
C GLY J 14 -23.42 -11.11 0.73
N ILE J 15 -22.25 -11.01 0.11
CA ILE J 15 -21.30 -10.00 0.51
C ILE J 15 -21.57 -8.82 -0.37
N LEU J 16 -21.01 -7.69 0.00
CA LEU J 16 -21.00 -6.60 -0.94
C LEU J 16 -20.14 -6.93 -2.14
N ALA J 17 -18.97 -7.51 -1.90
CA ALA J 17 -17.91 -7.49 -2.89
C ALA J 17 -17.64 -6.04 -3.27
N ALA J 18 -17.07 -5.35 -2.28
CA ALA J 18 -16.98 -3.91 -2.22
C ALA J 18 -16.61 -3.29 -3.54
N VAL J 19 -17.18 -2.11 -3.79
CA VAL J 19 -16.72 -1.26 -4.88
C VAL J 19 -15.24 -0.92 -4.71
N ALA J 20 -14.69 -1.10 -3.51
CA ALA J 20 -13.27 -1.05 -3.29
C ALA J 20 -12.53 -2.21 -3.95
N LEU J 21 -13.20 -3.07 -4.65
CA LEU J 21 -12.53 -3.87 -5.65
C LEU J 21 -12.53 -3.19 -7.03
N PRO J 22 -13.69 -2.82 -7.58
CA PRO J 22 -13.67 -2.20 -8.91
C PRO J 22 -13.22 -0.76 -8.95
N ALA J 23 -13.34 -0.03 -7.85
CA ALA J 23 -12.64 1.25 -7.81
C ALA J 23 -11.14 1.06 -7.70
N TYR J 24 -10.71 -0.15 -7.34
CA TYR J 24 -9.31 -0.48 -7.24
C TYR J 24 -8.89 -1.53 -8.22
N GLN J 25 -9.78 -1.96 -9.12
CA GLN J 25 -9.27 -2.32 -10.41
C GLN J 25 -9.09 -1.06 -11.24
N ASP J 26 -9.91 -0.04 -10.96
CA ASP J 26 -9.70 1.28 -11.55
C ASP J 26 -8.47 1.96 -10.98
N TYR J 27 -8.03 1.59 -9.78
CA TYR J 27 -6.77 2.08 -9.24
C TYR J 27 -5.67 1.03 -9.27
N THR J 28 -6.02 -0.24 -9.42
CA THR J 28 -5.08 -1.17 -10.02
C THR J 28 -4.82 -0.74 -11.44
N ALA J 29 -5.87 -0.29 -12.12
CA ALA J 29 -5.65 0.33 -13.41
C ALA J 29 -4.71 1.50 -13.23
N ARG J 30 -4.94 2.32 -12.20
CA ARG J 30 -3.99 3.41 -11.95
C ARG J 30 -2.59 2.88 -11.75
N ALA J 31 -2.45 1.65 -11.29
CA ALA J 31 -1.12 1.06 -11.23
C ALA J 31 -0.55 0.85 -12.62
N GLN J 32 -1.26 0.12 -13.48
CA GLN J 32 -0.67 -0.16 -14.78
C GLN J 32 -0.95 0.94 -15.78
N VAL J 33 -1.99 1.74 -15.57
CA VAL J 33 -2.00 3.05 -16.19
C VAL J 33 -0.71 3.76 -15.86
N SER J 34 -0.28 3.70 -14.59
CA SER J 34 0.99 4.30 -14.24
C SER J 34 2.12 3.59 -14.94
N GLU J 35 1.99 2.28 -15.14
CA GLU J 35 2.99 1.56 -15.91
C GLU J 35 3.09 2.14 -17.32
N ALA J 36 1.97 2.63 -17.87
CA ALA J 36 2.07 3.39 -19.10
C ALA J 36 2.70 4.74 -18.85
N ILE J 37 2.41 5.33 -17.71
CA ILE J 37 2.97 6.63 -17.40
C ILE J 37 4.47 6.53 -17.21
N LEU J 38 4.90 5.48 -16.54
CA LEU J 38 6.32 5.33 -16.32
C LEU J 38 7.06 5.13 -17.62
N LEU J 39 6.40 4.58 -18.64
CA LEU J 39 7.00 4.61 -19.96
C LEU J 39 7.15 6.04 -20.41
N ALA J 40 6.04 6.78 -20.35
CA ALA J 40 6.00 8.18 -20.77
C ALA J 40 7.11 8.98 -20.12
N GLU J 41 7.45 8.63 -18.88
CA GLU J 41 8.53 9.28 -18.16
C GLU J 41 9.81 9.33 -18.97
N GLY J 42 10.12 8.24 -19.67
CA GLY J 42 11.31 8.24 -20.50
C GLY J 42 11.18 9.22 -21.64
N GLN J 43 10.03 9.23 -22.29
CA GLN J 43 9.84 10.13 -23.39
C GLN J 43 9.71 11.59 -22.97
N LYS J 44 9.42 11.85 -21.69
CA LYS J 44 9.27 13.22 -21.21
C LYS J 44 10.47 14.05 -21.58
N SER J 45 11.65 13.52 -21.28
CA SER J 45 12.86 14.25 -21.56
C SER J 45 13.30 14.08 -22.99
N ALA J 46 13.01 12.94 -23.59
CA ALA J 46 13.42 12.69 -24.95
C ALA J 46 12.60 13.50 -25.93
N VAL J 47 11.29 13.50 -25.74
CA VAL J 47 10.42 14.38 -26.51
C VAL J 47 10.85 15.82 -26.28
N THR J 48 11.05 16.16 -25.01
CA THR J 48 11.59 17.45 -24.65
C THR J 48 12.89 17.69 -25.38
N GLU J 49 13.72 16.66 -25.47
CA GLU J 49 15.03 16.82 -26.05
C GLU J 49 14.92 17.28 -27.49
N TYR J 50 14.03 16.67 -28.25
CA TYR J 50 13.78 17.16 -29.60
C TYR J 50 13.19 18.54 -29.55
N TYR J 51 12.30 18.79 -28.60
CA TYR J 51 11.57 20.05 -28.58
C TYR J 51 12.49 21.22 -28.31
N LEU J 52 13.56 20.98 -27.55
CA LEU J 52 14.45 22.04 -27.14
C LEU J 52 15.58 22.27 -28.13
N ASN J 53 16.03 21.21 -28.78
CA ASN J 53 17.15 21.27 -29.70
C ASN J 53 16.74 21.24 -31.15
N HIS J 54 15.44 21.30 -31.43
CA HIS J 54 14.98 21.49 -32.79
C HIS J 54 13.81 22.45 -32.88
N GLY J 55 13.20 22.83 -31.77
CA GLY J 55 12.25 23.90 -31.78
C GLY J 55 10.87 23.55 -32.23
N LYS J 56 10.48 22.30 -32.03
CA LYS J 56 9.09 21.93 -32.22
C LYS J 56 8.93 20.55 -31.67
N TRP J 57 7.71 20.23 -31.33
CA TRP J 57 7.45 18.94 -30.79
C TRP J 57 7.74 17.87 -31.84
N PRO J 58 8.38 16.77 -31.47
CA PRO J 58 8.57 15.70 -32.45
C PRO J 58 7.24 15.11 -32.85
N GLU J 59 7.06 14.99 -34.17
CA GLU J 59 5.90 14.29 -34.69
C GLU J 59 5.79 12.90 -34.09
N ASN J 60 6.91 12.18 -34.09
CA ASN J 60 6.87 10.74 -33.97
C ASN J 60 8.16 10.22 -33.32
N ASN J 61 8.18 8.91 -33.12
CA ASN J 61 9.19 8.26 -32.32
C ASN J 61 10.57 8.52 -32.87
N THR J 62 10.73 8.27 -34.17
CA THR J 62 12.00 8.39 -34.86
C THR J 62 12.65 9.74 -34.64
N SER J 63 11.84 10.79 -34.55
CA SER J 63 12.30 12.14 -34.34
C SER J 63 12.62 12.36 -32.89
N ALA J 64 11.73 11.87 -32.03
CA ALA J 64 11.93 11.93 -30.59
C ALA J 64 13.26 11.31 -30.20
N GLY J 65 13.67 10.30 -30.94
CA GLY J 65 14.89 9.58 -30.65
C GLY J 65 14.66 8.33 -29.84
N VAL J 66 13.51 7.71 -29.98
CA VAL J 66 13.12 6.53 -29.22
C VAL J 66 12.87 5.42 -30.21
N ALA J 67 12.43 4.27 -29.72
CA ALA J 67 12.13 3.13 -30.58
C ALA J 67 11.15 3.54 -31.66
N SER J 68 11.61 3.47 -32.91
CA SER J 68 10.82 3.98 -34.02
C SER J 68 9.47 3.29 -34.10
N SER J 69 9.44 1.99 -33.90
CA SER J 69 8.16 1.31 -33.71
C SER J 69 7.67 1.60 -32.30
N PRO J 70 6.44 2.12 -32.11
CA PRO J 70 5.95 2.35 -30.75
C PRO J 70 5.75 1.06 -29.97
N THR J 71 5.27 0.02 -30.65
CA THR J 71 4.92 -1.23 -29.99
C THR J 71 6.10 -1.84 -29.28
N ASP J 72 7.30 -1.61 -29.79
CA ASP J 72 8.49 -2.12 -29.12
C ASP J 72 8.59 -1.57 -27.72
N ILE J 73 8.31 -0.28 -27.57
CA ILE J 73 8.17 0.34 -26.25
C ILE J 73 6.83 -0.12 -25.71
N LYS J 74 6.86 -0.91 -24.65
CA LYS J 74 5.61 -1.43 -24.13
C LYS J 74 5.79 -1.84 -22.69
N GLY J 75 4.66 -2.16 -22.07
CA GLY J 75 4.62 -2.46 -20.66
C GLY J 75 3.94 -3.79 -20.43
N LYS J 76 4.06 -4.27 -19.19
CA LYS J 76 3.44 -5.54 -18.80
C LYS J 76 1.97 -5.55 -19.14
N TYR J 77 1.30 -4.42 -18.96
CA TYR J 77 -0.10 -4.24 -19.31
C TYR J 77 -0.30 -3.16 -20.35
N VAL J 78 0.78 -2.67 -20.96
CA VAL J 78 0.72 -1.59 -21.95
C VAL J 78 1.07 -2.16 -23.31
N LYS J 79 0.33 -1.70 -24.32
CA LYS J 79 0.57 -2.16 -25.68
C LYS J 79 1.72 -1.41 -26.33
N GLU J 80 1.59 -0.09 -26.47
CA GLU J 80 2.58 0.68 -27.19
C GLU J 80 2.63 2.08 -26.64
N VAL J 81 3.56 2.87 -27.17
CA VAL J 81 3.75 4.26 -26.82
C VAL J 81 4.15 4.96 -28.11
N GLU J 82 3.29 5.86 -28.59
CA GLU J 82 3.59 6.66 -29.75
C GLU J 82 3.79 8.10 -29.36
N VAL J 83 4.73 8.73 -30.02
CA VAL J 83 4.85 10.19 -30.00
C VAL J 83 3.94 10.75 -31.06
N LYS J 84 3.18 11.76 -30.68
CA LYS J 84 2.24 12.39 -31.60
C LYS J 84 2.39 13.90 -31.43
N ASN J 85 3.33 14.46 -32.19
CA ASN J 85 3.61 15.89 -32.14
C ASN J 85 3.84 16.29 -30.69
N GLY J 86 4.73 15.57 -30.03
CA GLY J 86 5.04 15.83 -28.64
C GLY J 86 4.14 15.08 -27.69
N VAL J 87 2.84 15.06 -27.99
CA VAL J 87 1.92 14.37 -27.10
C VAL J 87 2.22 12.88 -27.13
N VAL J 88 2.45 12.33 -25.95
CA VAL J 88 2.82 10.94 -25.80
C VAL J 88 1.56 10.17 -25.50
N THR J 89 1.11 9.41 -26.49
CA THR J 89 -0.02 8.51 -26.34
C THR J 89 0.49 7.13 -26.01
N ALA J 90 -0.20 6.47 -25.09
CA ALA J 90 0.11 5.11 -24.69
C ALA J 90 -1.16 4.28 -24.80
N THR J 91 -1.03 3.12 -25.43
CA THR J 91 -2.12 2.19 -25.62
C THR J 91 -1.95 0.99 -24.70
N MET J 92 -3.04 0.56 -24.10
CA MET J 92 -3.02 -0.55 -23.17
C MET J 92 -3.19 -1.88 -23.89
N LEU J 93 -2.75 -2.94 -23.22
CA LEU J 93 -2.96 -4.28 -23.73
C LEU J 93 -4.41 -4.69 -23.58
N SER J 94 -4.67 -5.91 -24.05
CA SER J 94 -5.88 -6.67 -23.75
C SER J 94 -5.72 -7.33 -22.39
N SER J 95 -6.50 -8.39 -22.13
CA SER J 95 -6.74 -8.97 -20.81
C SER J 95 -5.52 -9.13 -19.93
N GLY J 96 -5.79 -9.20 -18.64
CA GLY J 96 -4.84 -8.84 -17.61
C GLY J 96 -5.61 -8.07 -16.56
N VAL J 97 -6.67 -7.41 -17.01
CA VAL J 97 -7.76 -7.02 -16.13
C VAL J 97 -9.06 -7.17 -16.90
N ASN J 98 -10.13 -7.32 -16.13
CA ASN J 98 -11.48 -7.24 -16.67
C ASN J 98 -11.81 -5.83 -17.17
N ASN J 99 -11.08 -4.85 -16.66
CA ASN J 99 -11.55 -3.49 -16.57
C ASN J 99 -11.53 -2.82 -17.93
N GLU J 100 -12.31 -1.76 -18.02
CA GLU J 100 -12.56 -1.08 -19.28
C GLU J 100 -11.35 -0.21 -19.64
N ILE J 101 -10.26 -0.90 -19.92
CA ILE J 101 -9.00 -0.27 -20.30
C ILE J 101 -8.43 -0.95 -21.53
N LYS J 102 -8.97 -2.10 -21.88
CA LYS J 102 -8.27 -3.03 -22.76
C LYS J 102 -8.18 -2.45 -24.16
N GLY J 103 -6.96 -2.15 -24.57
CA GLY J 103 -6.75 -1.41 -25.79
C GLY J 103 -7.01 0.07 -25.68
N LYS J 104 -7.44 0.56 -24.52
CA LYS J 104 -7.72 1.97 -24.38
C LYS J 104 -6.43 2.77 -24.33
N LYS J 105 -6.58 4.07 -24.44
CA LYS J 105 -5.46 4.98 -24.58
C LYS J 105 -5.36 5.91 -23.40
N LEU J 106 -4.13 6.30 -23.14
CA LEU J 106 -3.81 7.45 -22.34
C LEU J 106 -2.94 8.37 -23.18
N SER J 107 -3.04 9.66 -22.89
CA SER J 107 -2.14 10.63 -23.46
C SER J 107 -1.50 11.42 -22.32
N LEU J 108 -0.35 11.99 -22.65
CA LEU J 108 0.34 12.89 -21.76
C LEU J 108 0.50 14.23 -22.46
N TRP J 109 0.16 15.30 -21.76
CA TRP J 109 0.01 16.62 -22.34
C TRP J 109 1.08 17.55 -21.81
N ALA J 110 1.96 17.98 -22.69
CA ALA J 110 2.98 18.96 -22.37
C ALA J 110 2.50 20.36 -22.69
N ARG J 111 3.15 21.33 -22.06
CA ARG J 111 3.03 22.72 -22.47
C ARG J 111 4.09 23.57 -21.80
N ARG J 112 4.79 24.36 -22.61
CA ARG J 112 5.68 25.37 -22.09
C ARG J 112 4.92 26.37 -21.24
N GLU J 113 5.46 26.64 -20.05
CA GLU J 113 4.97 27.70 -19.17
C GLU J 113 6.17 28.59 -18.89
N ASN J 114 6.37 29.57 -19.77
CA ASN J 114 7.52 30.47 -19.68
C ASN J 114 8.80 29.68 -19.60
N GLY J 115 8.96 28.81 -20.59
CA GLY J 115 10.01 27.83 -20.61
C GLY J 115 9.59 26.58 -19.90
N SER J 116 9.29 26.73 -18.60
CA SER J 116 9.03 25.61 -17.74
C SER J 116 7.86 24.78 -18.27
N VAL J 117 8.16 23.55 -18.64
CA VAL J 117 7.17 22.72 -19.32
C VAL J 117 6.21 22.11 -18.30
N LYS J 118 5.01 21.78 -18.77
CA LYS J 118 3.91 21.40 -17.90
C LYS J 118 3.26 20.14 -18.42
N TRP J 119 3.38 19.07 -17.65
CA TRP J 119 2.99 17.74 -18.07
C TRP J 119 1.70 17.36 -17.36
N PHE J 120 0.64 17.23 -18.14
CA PHE J 120 -0.65 16.75 -17.64
C PHE J 120 -1.02 15.46 -18.35
N CYS J 121 -1.39 14.46 -17.58
CA CYS J 121 -1.70 13.17 -18.16
C CYS J 121 -3.15 13.20 -18.61
N GLY J 122 -3.68 12.04 -18.97
CA GLY J 122 -5.10 11.83 -18.89
C GLY J 122 -5.78 11.76 -20.22
N GLN J 123 -6.90 12.45 -20.29
CA GLN J 123 -7.87 12.41 -21.37
C GLN J 123 -7.11 12.52 -22.69
N PRO J 124 -7.32 11.65 -23.67
CA PRO J 124 -6.46 11.66 -24.84
C PRO J 124 -6.54 12.97 -25.60
N VAL J 125 -5.37 13.51 -25.94
CA VAL J 125 -5.25 14.77 -26.66
C VAL J 125 -4.26 14.59 -27.81
N THR J 126 -4.20 15.61 -28.67
CA THR J 126 -3.31 15.57 -29.83
C THR J 126 -2.94 16.98 -30.26
N ARG J 127 -1.67 17.15 -30.60
CA ARG J 127 -1.15 18.47 -30.88
C ARG J 127 -1.28 18.80 -32.36
N THR J 128 -1.39 20.08 -32.63
CA THR J 128 -1.55 20.59 -33.98
C THR J 128 -0.54 21.70 -34.27
N ASP J 129 -0.17 22.45 -33.24
CA ASP J 129 0.77 23.55 -33.38
C ASP J 129 1.52 23.66 -32.06
N ASP J 130 2.50 24.56 -32.04
CA ASP J 130 3.54 24.59 -31.01
C ASP J 130 2.98 24.51 -29.59
N ASP J 131 1.86 25.18 -29.33
CA ASP J 131 1.16 25.08 -28.05
C ASP J 131 -0.28 24.65 -28.20
N THR J 132 -0.83 24.69 -29.40
CA THR J 132 -2.20 24.26 -29.62
C THR J 132 -2.27 22.76 -29.50
N VAL J 133 -3.14 22.28 -28.64
CA VAL J 133 -3.45 20.86 -28.55
C VAL J 133 -4.97 20.72 -28.48
N ALA J 134 -5.44 19.60 -29.01
CA ALA J 134 -6.86 19.32 -29.12
C ALA J 134 -7.23 18.15 -28.23
N ASP J 135 -8.45 18.20 -27.71
CA ASP J 135 -9.04 17.05 -27.05
C ASP J 135 -9.28 15.97 -28.09
N ALA J 136 -8.52 14.88 -27.99
CA ALA J 136 -8.51 13.86 -29.03
C ALA J 136 -9.56 12.81 -28.72
N LYS J 137 -10.80 13.30 -28.67
CA LYS J 137 -11.91 12.48 -28.24
C LYS J 137 -12.28 11.48 -29.32
N ASP J 138 -11.66 10.32 -29.24
CA ASP J 138 -11.79 9.24 -30.22
C ASP J 138 -12.47 8.01 -29.64
N GLY J 139 -12.99 8.10 -28.41
CA GLY J 139 -13.51 6.95 -27.73
C GLY J 139 -12.49 6.09 -27.03
N LYS J 140 -11.19 6.43 -27.15
CA LYS J 140 -10.14 5.75 -26.41
C LYS J 140 -9.80 6.47 -25.12
N GLU J 141 -10.74 7.25 -24.60
CA GLU J 141 -10.57 7.90 -23.31
C GLU J 141 -10.80 6.86 -22.24
N ILE J 142 -9.72 6.50 -21.55
CA ILE J 142 -9.87 5.78 -20.31
C ILE J 142 -10.65 6.67 -19.34
N ASP J 143 -11.58 6.06 -18.62
CA ASP J 143 -12.50 6.83 -17.79
C ASP J 143 -11.77 7.50 -16.64
N THR J 144 -12.37 8.58 -16.14
CA THR J 144 -11.70 9.43 -15.17
C THR J 144 -11.48 8.72 -13.85
N LYS J 145 -12.33 7.75 -13.52
CA LYS J 145 -12.09 6.92 -12.35
C LYS J 145 -10.71 6.30 -12.41
N HIS J 146 -10.47 5.55 -13.48
CA HIS J 146 -9.19 4.92 -13.72
C HIS J 146 -8.03 5.88 -13.51
N LEU J 147 -8.17 7.06 -14.10
CA LEU J 147 -7.07 7.95 -14.32
C LEU J 147 -6.56 8.49 -12.99
N PRO J 148 -5.47 9.23 -13.02
CA PRO J 148 -5.06 9.94 -11.81
C PRO J 148 -6.05 11.00 -11.39
N SER J 149 -5.70 11.69 -10.32
CA SER J 149 -6.44 12.84 -9.85
C SER J 149 -5.67 14.13 -10.08
N THR J 150 -4.38 14.10 -9.75
CA THR J 150 -3.49 15.18 -10.15
C THR J 150 -3.54 15.37 -11.66
N CYS J 151 -3.34 14.28 -12.40
CA CYS J 151 -3.63 14.26 -13.83
C CYS J 151 -5.03 13.73 -14.04
N ARG J 152 -5.99 14.60 -13.87
CA ARG J 152 -7.32 14.42 -14.42
C ARG J 152 -7.58 15.60 -15.34
N ASP J 153 -6.53 15.99 -16.06
CA ASP J 153 -6.46 17.28 -16.72
C ASP J 153 -6.56 17.07 -18.21
N ASN J 154 -7.67 17.54 -18.76
CA ASN J 154 -7.88 17.59 -20.20
C ASN J 154 -7.15 18.79 -20.76
N PHE J 155 -7.45 19.17 -21.99
CA PHE J 155 -6.84 20.37 -22.55
C PHE J 155 -7.38 21.59 -21.82
N ASP J 156 -6.95 21.75 -20.56
CA ASP J 156 -7.36 22.82 -19.68
C ASP J 156 -8.86 23.10 -19.70
N PHE K 1 -39.06 -30.44 24.69
CA PHE K 1 -38.06 -30.71 23.65
C PHE K 1 -37.34 -29.45 23.14
N THR K 2 -36.02 -29.52 23.16
CA THR K 2 -35.17 -28.45 22.64
C THR K 2 -33.97 -28.99 21.85
N LEU K 3 -33.74 -30.31 21.86
CA LEU K 3 -32.45 -30.87 21.49
C LEU K 3 -31.99 -30.45 20.13
N ILE K 4 -32.92 -30.26 19.21
CA ILE K 4 -32.51 -29.82 17.90
C ILE K 4 -31.85 -28.45 17.98
N GLU K 5 -32.15 -27.70 19.02
CA GLU K 5 -31.39 -26.50 19.29
C GLU K 5 -29.99 -26.82 19.75
N LEU K 6 -29.79 -27.96 20.41
CA LEU K 6 -28.44 -28.38 20.74
C LEU K 6 -27.75 -29.00 19.55
N MET K 7 -28.51 -29.73 18.75
CA MET K 7 -27.98 -30.30 17.52
C MET K 7 -27.36 -29.21 16.66
N ILE K 8 -28.09 -28.13 16.48
CA ILE K 8 -27.64 -27.11 15.56
C ILE K 8 -26.41 -26.41 16.11
N VAL K 9 -26.27 -26.36 17.43
CA VAL K 9 -25.03 -25.86 18.00
C VAL K 9 -23.89 -26.76 17.56
N ILE K 10 -24.01 -28.04 17.85
CA ILE K 10 -22.92 -28.97 17.56
C ILE K 10 -22.68 -29.10 16.07
N ALA K 11 -23.63 -28.64 15.26
CA ALA K 11 -23.37 -28.37 13.86
C ALA K 11 -22.58 -27.08 13.68
N ILE K 12 -22.84 -26.09 14.53
CA ILE K 12 -22.01 -24.88 14.51
C ILE K 12 -20.68 -25.17 15.18
N VAL K 13 -20.66 -26.09 16.13
CA VAL K 13 -19.39 -26.40 16.80
C VAL K 13 -18.43 -27.02 15.82
N GLY K 14 -18.88 -28.08 15.16
CA GLY K 14 -18.10 -28.56 14.05
C GLY K 14 -18.16 -27.42 13.08
N ILE K 15 -17.09 -26.64 13.04
CA ILE K 15 -17.05 -25.49 12.16
C ILE K 15 -16.40 -25.98 10.90
N LEU K 16 -16.50 -25.18 9.86
CA LEU K 16 -15.69 -25.45 8.71
C LEU K 16 -14.22 -25.26 9.04
N ALA K 17 -13.91 -24.18 9.75
CA ALA K 17 -12.55 -23.66 9.76
C ALA K 17 -12.11 -23.42 8.32
N ALA K 18 -12.76 -22.40 7.77
CA ALA K 18 -12.80 -22.12 6.34
C ALA K 18 -11.46 -22.30 5.68
N VAL K 19 -11.51 -22.77 4.44
CA VAL K 19 -10.34 -22.75 3.57
C VAL K 19 -9.85 -21.32 3.37
N ALA K 20 -10.69 -20.32 3.69
CA ALA K 20 -10.25 -18.95 3.80
C ALA K 20 -9.32 -18.71 4.97
N LEU K 21 -8.96 -19.72 5.71
CA LEU K 21 -7.75 -19.65 6.50
C LEU K 21 -6.54 -20.18 5.73
N PRO K 22 -6.55 -21.41 5.22
CA PRO K 22 -5.37 -21.90 4.51
C PRO K 22 -5.16 -21.35 3.13
N ALA K 23 -6.21 -20.89 2.46
CA ALA K 23 -5.96 -20.11 1.27
C ALA K 23 -5.39 -18.74 1.60
N TYR K 24 -5.50 -18.33 2.87
CA TYR K 24 -4.97 -17.08 3.35
C TYR K 24 -3.88 -17.26 4.37
N GLN K 25 -3.47 -18.49 4.64
CA GLN K 25 -2.07 -18.65 4.96
C GLN K 25 -1.27 -18.70 3.67
N ASP K 26 -1.90 -19.19 2.60
CA ASP K 26 -1.31 -19.11 1.27
C ASP K 26 -1.28 -17.68 0.75
N TYR K 27 -2.16 -16.81 1.24
CA TYR K 27 -2.09 -15.40 0.91
C TYR K 27 -1.57 -14.55 2.05
N THR K 28 -1.57 -15.08 3.27
CA THR K 28 -0.59 -14.61 4.24
C THR K 28 0.79 -14.95 3.75
N ALA K 29 0.93 -16.13 3.16
CA ALA K 29 2.17 -16.42 2.48
C ALA K 29 2.40 -15.38 1.42
N ARG K 30 1.37 -15.03 0.65
CA ARG K 30 1.54 -13.96 -0.33
C ARG K 30 1.98 -12.67 0.34
N ALA K 31 1.67 -12.49 1.63
CA ALA K 31 2.20 -11.34 2.33
C ALA K 31 3.71 -11.47 2.51
N GLN K 32 4.17 -12.56 3.11
CA GLN K 32 5.60 -12.64 3.34
C GLN K 32 6.37 -13.19 2.17
N VAL K 33 5.70 -13.93 1.29
CA VAL K 33 6.23 -14.07 -0.06
C VAL K 33 6.48 -12.68 -0.62
N SER K 34 5.54 -11.76 -0.44
CA SER K 34 5.78 -10.40 -0.88
C SER K 34 6.92 -9.78 -0.11
N GLU K 35 7.06 -10.13 1.16
CA GLU K 35 8.21 -9.67 1.92
C GLU K 35 9.50 -10.13 1.25
N ALA K 36 9.49 -11.30 0.63
CA ALA K 36 10.63 -11.67 -0.20
C ALA K 36 10.67 -10.85 -1.46
N ILE K 37 9.50 -10.53 -2.00
CA ILE K 37 9.45 -9.75 -3.22
C ILE K 37 9.94 -8.34 -2.96
N LEU K 38 9.56 -7.78 -1.83
CA LEU K 38 9.98 -6.44 -1.53
C LEU K 38 11.48 -6.37 -1.34
N LEU K 39 12.11 -7.47 -0.93
CA LEU K 39 13.56 -7.50 -1.00
C LEU K 39 14.00 -7.40 -2.43
N ALA K 40 13.45 -8.28 -3.28
CA ALA K 40 13.78 -8.33 -4.69
C ALA K 40 13.67 -6.97 -5.34
N GLU K 41 12.71 -6.16 -4.88
CA GLU K 41 12.54 -4.81 -5.37
C GLU K 41 13.83 -4.02 -5.34
N GLY K 42 14.61 -4.17 -4.27
CA GLY K 42 15.89 -3.48 -4.22
C GLY K 42 16.83 -3.97 -5.29
N GLN K 43 16.90 -5.28 -5.45
CA GLN K 43 17.79 -5.83 -6.44
C GLN K 43 17.33 -5.59 -7.86
N LYS K 44 16.05 -5.26 -8.07
CA LYS K 44 15.54 -5.04 -9.41
C LYS K 44 16.39 -4.02 -10.14
N SER K 45 16.64 -2.90 -9.48
CA SER K 45 17.41 -1.85 -10.11
C SER K 45 18.90 -2.11 -10.00
N ALA K 46 19.32 -2.77 -8.93
CA ALA K 46 20.74 -3.01 -8.74
C ALA K 46 21.23 -4.09 -9.69
N VAL K 47 20.48 -5.18 -9.80
CA VAL K 47 20.77 -6.18 -10.81
C VAL K 47 20.73 -5.54 -12.18
N THR K 48 19.67 -4.77 -12.41
CA THR K 48 19.57 -3.98 -13.62
C THR K 48 20.79 -3.11 -13.78
N GLU K 49 21.26 -2.53 -12.68
CA GLU K 49 22.36 -1.59 -12.76
C GLU K 49 23.59 -2.26 -13.32
N TYR K 50 23.89 -3.47 -12.85
CA TYR K 50 24.98 -4.23 -13.44
C TYR K 50 24.65 -4.56 -14.88
N TYR K 51 23.40 -4.91 -15.15
CA TYR K 51 23.04 -5.41 -16.47
C TYR K 51 23.19 -4.33 -17.52
N LEU K 52 22.98 -3.09 -17.12
CA LEU K 52 22.99 -1.98 -18.07
C LEU K 52 24.36 -1.39 -18.26
N ASN K 53 25.17 -1.38 -17.20
CA ASN K 53 26.48 -0.77 -17.21
C ASN K 53 27.61 -1.79 -17.32
N HIS K 54 27.28 -3.05 -17.52
CA HIS K 54 28.29 -4.04 -17.85
C HIS K 54 27.85 -5.01 -18.92
N GLY K 55 26.57 -5.03 -19.28
CA GLY K 55 26.14 -5.76 -20.44
C GLY K 55 25.94 -7.22 -20.25
N LYS K 56 25.61 -7.63 -19.04
CA LYS K 56 25.18 -8.98 -18.82
C LYS K 56 24.63 -9.05 -17.42
N TRP K 57 23.80 -10.03 -17.20
CA TRP K 57 23.22 -10.18 -15.91
C TRP K 57 24.31 -10.51 -14.89
N PRO K 58 24.28 -9.90 -13.71
CA PRO K 58 25.26 -10.28 -12.69
C PRO K 58 25.04 -11.71 -12.26
N GLU K 59 26.14 -12.47 -12.25
CA GLU K 59 26.12 -13.81 -11.69
C GLU K 59 25.55 -13.80 -10.29
N ASN K 60 26.05 -12.89 -9.46
CA ASN K 60 25.96 -13.03 -8.02
C ASN K 60 25.95 -11.67 -7.35
N ASN K 61 25.81 -11.72 -6.03
CA ASN K 61 25.55 -10.53 -5.23
C ASN K 61 26.65 -9.52 -5.39
N THR K 62 27.89 -9.97 -5.22
CA THR K 62 29.06 -9.12 -5.27
C THR K 62 29.14 -8.30 -6.53
N SER K 63 28.68 -8.86 -7.64
CA SER K 63 28.67 -8.19 -8.92
C SER K 63 27.50 -7.25 -9.02
N ALA K 64 26.35 -7.72 -8.56
CA ALA K 64 25.14 -6.91 -8.51
C ALA K 64 25.39 -5.63 -7.73
N GLY K 65 26.25 -5.70 -6.73
CA GLY K 65 26.54 -4.56 -5.89
C GLY K 65 25.75 -4.56 -4.61
N VAL K 66 25.37 -5.73 -4.12
CA VAL K 66 24.53 -5.87 -2.93
C VAL K 66 25.32 -6.66 -1.92
N ALA K 67 24.73 -6.97 -0.78
CA ALA K 67 25.38 -7.75 0.26
C ALA K 67 25.90 -9.04 -0.31
N SER K 68 27.23 -9.19 -0.29
CA SER K 68 27.87 -10.31 -0.94
C SER K 68 27.35 -11.65 -0.40
N SER K 69 27.19 -11.74 0.91
CA SER K 69 26.46 -12.87 1.48
C SER K 69 24.97 -12.66 1.23
N PRO K 70 24.26 -13.61 0.61
CA PRO K 70 22.81 -13.42 0.44
C PRO K 70 22.05 -13.40 1.74
N THR K 71 22.47 -14.26 2.68
CA THR K 71 21.73 -14.42 3.93
C THR K 71 21.63 -13.13 4.71
N ASP K 72 22.62 -12.26 4.56
CA ASP K 72 22.55 -10.97 5.22
C ASP K 72 21.33 -10.20 4.77
N ILE K 73 21.04 -10.23 3.48
CA ILE K 73 19.80 -9.71 2.95
C ILE K 73 18.72 -10.72 3.29
N LYS K 74 17.80 -10.34 4.16
CA LYS K 74 16.80 -11.28 4.59
C LYS K 74 15.58 -10.53 5.11
N GLY K 75 14.53 -11.30 5.35
CA GLY K 75 13.26 -10.76 5.75
C GLY K 75 12.78 -11.42 7.03
N LYS K 76 11.73 -10.82 7.60
CA LYS K 76 11.12 -11.35 8.82
C LYS K 76 10.78 -12.81 8.67
N TYR K 77 10.30 -13.20 7.48
CA TYR K 77 9.99 -14.58 7.15
C TYR K 77 10.82 -15.08 5.98
N VAL K 78 11.83 -14.34 5.56
CA VAL K 78 12.67 -14.69 4.43
C VAL K 78 14.06 -15.05 4.93
N LYS K 79 14.63 -16.09 4.34
CA LYS K 79 15.96 -16.53 4.72
C LYS K 79 17.04 -15.70 4.04
N GLU K 80 17.08 -15.72 2.72
CA GLU K 80 18.16 -15.06 2.01
C GLU K 80 17.66 -14.61 0.64
N VAL K 81 18.54 -13.93 -0.07
CA VAL K 81 18.28 -13.45 -1.42
C VAL K 81 19.60 -13.58 -2.16
N GLU K 82 19.64 -14.44 -3.16
CA GLU K 82 20.80 -14.60 -4.02
C GLU K 82 20.51 -14.07 -5.40
N VAL K 83 21.51 -13.45 -5.98
CA VAL K 83 21.52 -13.17 -7.41
C VAL K 83 22.05 -14.38 -8.13
N LYS K 84 21.35 -14.77 -9.18
CA LYS K 84 21.75 -15.94 -9.96
C LYS K 84 21.65 -15.56 -11.43
N ASN K 85 22.73 -14.98 -11.95
CA ASN K 85 22.78 -14.53 -13.33
C ASN K 85 21.58 -13.66 -13.62
N GLY K 86 21.39 -12.66 -12.78
CA GLY K 86 20.28 -11.76 -12.91
C GLY K 86 19.04 -12.22 -12.19
N VAL K 87 18.73 -13.50 -12.31
CA VAL K 87 17.55 -14.02 -11.66
C VAL K 87 17.73 -13.94 -10.16
N VAL K 88 16.78 -13.29 -9.50
CA VAL K 88 16.84 -13.05 -8.07
C VAL K 88 16.03 -14.14 -7.41
N THR K 89 16.73 -15.06 -6.76
CA THR K 89 16.10 -16.10 -5.98
C THR K 89 16.06 -15.66 -4.53
N ALA K 90 14.94 -15.95 -3.88
CA ALA K 90 14.74 -15.66 -2.48
C ALA K 90 14.30 -16.93 -1.77
N THR K 91 14.94 -17.23 -0.65
CA THR K 91 14.65 -18.40 0.15
C THR K 91 13.93 -17.98 1.42
N MET K 92 12.91 -18.74 1.78
CA MET K 92 12.10 -18.45 2.94
C MET K 92 12.70 -19.06 4.20
N LEU K 93 12.30 -18.50 5.34
CA LEU K 93 12.70 -19.07 6.62
C LEU K 93 11.93 -20.34 6.91
N SER K 94 12.25 -20.93 8.05
CA SER K 94 11.46 -21.96 8.72
C SER K 94 10.32 -21.30 9.47
N SER K 95 9.77 -22.01 10.48
CA SER K 95 8.49 -21.71 11.11
C SER K 95 8.24 -20.25 11.45
N GLY K 96 6.96 -19.93 11.58
CA GLY K 96 6.46 -18.59 11.39
C GLY K 96 5.16 -18.74 10.62
N VAL K 97 5.08 -19.80 9.83
CA VAL K 97 3.81 -20.35 9.39
C VAL K 97 3.92 -21.86 9.36
N ASN K 98 2.76 -22.49 9.46
CA ASN K 98 2.65 -23.92 9.21
C ASN K 98 2.92 -24.27 7.76
N ASN K 99 2.77 -23.29 6.88
CA ASN K 99 2.46 -23.50 5.49
C ASN K 99 3.68 -24.00 4.74
N GLU K 100 3.40 -24.62 3.60
CA GLU K 100 4.41 -25.31 2.81
C GLU K 100 5.25 -24.30 2.04
N ILE K 101 5.99 -23.52 2.81
CA ILE K 101 6.88 -22.48 2.29
C ILE K 101 8.24 -22.59 2.94
N LYS K 102 8.35 -23.37 4.01
CA LYS K 102 9.45 -23.23 4.94
C LYS K 102 10.74 -23.70 4.27
N GLY K 103 11.64 -22.76 4.06
CA GLY K 103 12.81 -23.02 3.27
C GLY K 103 12.58 -23.03 1.78
N LYS K 104 11.34 -22.84 1.34
CA LYS K 104 11.07 -22.88 -0.08
C LYS K 104 11.57 -21.60 -0.75
N LYS K 105 11.58 -21.64 -2.07
CA LYS K 105 12.19 -20.59 -2.87
C LYS K 105 11.15 -19.88 -3.71
N LEU K 106 11.46 -18.64 -3.97
CA LEU K 106 10.87 -17.86 -5.02
C LEU K 106 11.98 -17.35 -5.91
N SER K 107 11.66 -17.15 -7.17
CA SER K 107 12.56 -16.48 -8.10
C SER K 107 11.80 -15.33 -8.73
N LEU K 108 12.59 -14.38 -9.22
CA LEU K 108 12.08 -13.27 -9.98
C LEU K 108 12.76 -13.28 -11.34
N TRP K 109 11.96 -13.15 -12.38
CA TRP K 109 12.39 -13.40 -13.76
C TRP K 109 12.37 -12.10 -14.53
N ALA K 110 13.54 -11.64 -14.93
CA ALA K 110 13.69 -10.48 -15.79
C ALA K 110 13.74 -10.89 -17.26
N ARG K 111 13.44 -9.91 -18.11
CA ARG K 111 13.73 -10.04 -19.53
C ARG K 111 13.59 -8.71 -20.23
N ARG K 112 14.61 -8.34 -21.00
CA ARG K 112 14.52 -7.21 -21.88
C ARG K 112 13.40 -7.39 -22.89
N GLU K 113 12.57 -6.37 -23.03
CA GLU K 113 11.56 -6.30 -24.07
C GLU K 113 11.81 -5.00 -24.82
N ASN K 114 12.68 -5.08 -25.83
CA ASN K 114 13.08 -3.92 -26.61
C ASN K 114 13.59 -2.83 -25.69
N GLY K 115 14.57 -3.23 -24.89
CA GLY K 115 15.07 -2.42 -23.81
C GLY K 115 14.26 -2.62 -22.56
N SER K 116 12.97 -2.31 -22.65
CA SER K 116 12.09 -2.29 -21.51
C SER K 116 12.07 -3.66 -20.83
N VAL K 117 12.54 -3.71 -19.59
CA VAL K 117 12.74 -4.98 -18.92
C VAL K 117 11.41 -5.45 -18.34
N LYS K 118 11.31 -6.77 -18.16
CA LYS K 118 10.05 -7.42 -17.82
C LYS K 118 10.25 -8.37 -16.67
N TRP K 119 9.64 -8.05 -15.56
CA TRP K 119 9.86 -8.73 -14.29
C TRP K 119 8.66 -9.62 -14.00
N PHE K 120 8.89 -10.93 -14.02
CA PHE K 120 7.89 -11.91 -13.63
C PHE K 120 8.38 -12.69 -12.44
N CYS K 121 7.55 -12.81 -11.42
CA CYS K 121 7.94 -13.49 -10.21
C CYS K 121 7.71 -14.97 -10.42
N GLY K 122 7.82 -15.74 -9.34
CA GLY K 122 7.12 -16.99 -9.26
C GLY K 122 8.02 -18.19 -9.34
N GLN K 123 7.57 -19.14 -10.14
CA GLN K 123 8.12 -20.48 -10.26
C GLN K 123 9.63 -20.37 -10.40
N PRO K 124 10.43 -21.09 -9.61
CA PRO K 124 11.87 -20.83 -9.61
C PRO K 124 12.49 -21.08 -10.98
N VAL K 125 13.30 -20.12 -11.43
CA VAL K 125 13.98 -20.18 -12.71
C VAL K 125 15.45 -19.82 -12.52
N THR K 126 16.23 -20.03 -13.59
CA THR K 126 17.66 -19.75 -13.53
C THR K 126 18.19 -19.44 -14.92
N ARG K 127 19.05 -18.43 -14.99
CA ARG K 127 19.51 -17.94 -16.28
C ARG K 127 20.77 -18.66 -16.70
N THR K 128 20.94 -18.73 -18.02
CA THR K 128 22.07 -19.41 -18.63
C THR K 128 22.76 -18.51 -19.65
N ASP K 129 21.98 -17.64 -20.29
CA ASP K 129 22.51 -16.73 -21.30
C ASP K 129 21.65 -15.48 -21.25
N ASP K 130 22.05 -14.48 -22.04
CA ASP K 130 21.58 -13.10 -21.91
C ASP K 130 20.07 -12.99 -21.79
N ASP K 131 19.32 -13.80 -22.55
CA ASP K 131 17.87 -13.87 -22.42
C ASP K 131 17.38 -15.28 -22.15
N THR K 132 18.21 -16.29 -22.33
CA THR K 132 17.81 -17.65 -22.04
C THR K 132 17.70 -17.84 -20.55
N VAL K 133 16.54 -18.30 -20.10
CA VAL K 133 16.35 -18.70 -18.72
C VAL K 133 15.63 -20.03 -18.70
N ALA K 134 15.92 -20.83 -17.69
CA ALA K 134 15.39 -22.17 -17.55
C ALA K 134 14.45 -22.25 -16.37
N ASP K 135 13.44 -23.09 -16.50
CA ASP K 135 12.61 -23.46 -15.36
C ASP K 135 13.45 -24.26 -14.38
N ALA K 136 13.72 -23.67 -13.22
CA ALA K 136 14.67 -24.22 -12.28
C ALA K 136 13.95 -25.16 -11.32
N LYS K 137 13.35 -26.18 -11.91
CA LYS K 137 12.49 -27.09 -11.18
C LYS K 137 13.32 -28.01 -10.30
N ASP K 138 13.54 -27.55 -9.08
CA ASP K 138 14.37 -28.20 -8.09
C ASP K 138 13.57 -28.71 -6.90
N GLY K 139 12.24 -28.62 -6.95
CA GLY K 139 11.42 -28.93 -5.81
C GLY K 139 11.26 -27.81 -4.81
N LYS K 140 11.94 -26.67 -5.03
CA LYS K 140 11.74 -25.48 -4.22
C LYS K 140 10.72 -24.53 -4.81
N GLU K 141 9.83 -25.05 -5.63
CA GLU K 141 8.75 -24.26 -6.17
C GLU K 141 7.70 -24.11 -5.09
N ILE K 142 7.56 -22.89 -4.59
CA ILE K 142 6.39 -22.56 -3.81
C ILE K 142 5.17 -22.74 -4.70
N ASP K 143 4.11 -23.32 -4.14
CA ASP K 143 2.96 -23.69 -4.94
C ASP K 143 2.23 -22.46 -5.45
N THR K 144 1.50 -22.66 -6.55
CA THR K 144 0.92 -21.54 -7.26
C THR K 144 -0.16 -20.84 -6.45
N LYS K 145 -0.81 -21.56 -5.54
CA LYS K 145 -1.75 -20.94 -4.62
C LYS K 145 -1.08 -19.80 -3.88
N HIS K 146 0.01 -20.14 -3.17
CA HIS K 146 0.80 -19.18 -2.44
C HIS K 146 1.11 -17.96 -3.28
N LEU K 147 1.55 -18.18 -4.50
CA LEU K 147 2.22 -17.19 -5.28
C LEU K 147 1.24 -16.11 -5.70
N PRO K 148 1.73 -15.05 -6.32
CA PRO K 148 0.82 -14.07 -6.90
C PRO K 148 0.00 -14.66 -8.02
N SER K 149 -0.82 -13.80 -8.61
CA SER K 149 -1.59 -14.12 -9.79
C SER K 149 -1.07 -13.38 -11.00
N THR K 150 -0.80 -12.09 -10.83
CA THR K 150 -0.06 -11.35 -11.85
C THR K 150 1.26 -12.02 -12.14
N CYS K 151 2.04 -12.30 -11.09
CA CYS K 151 3.19 -13.19 -11.20
C CYS K 151 2.77 -14.59 -10.82
N ARG K 152 2.17 -15.27 -11.76
CA ARG K 152 2.09 -16.71 -11.74
C ARG K 152 2.78 -17.21 -13.00
N ASP K 153 3.88 -16.55 -13.33
CA ASP K 153 4.48 -16.62 -14.65
C ASP K 153 5.78 -17.39 -14.55
N ASN K 154 5.77 -18.56 -15.17
CA ASN K 154 6.97 -19.38 -15.32
C ASN K 154 7.77 -18.83 -16.49
N PHE K 155 8.73 -19.59 -16.99
CA PHE K 155 9.49 -19.15 -18.15
C PHE K 155 8.57 -19.18 -19.36
N ASP K 156 7.63 -18.23 -19.40
CA ASP K 156 6.64 -18.08 -20.44
C ASP K 156 6.00 -19.40 -20.87
N PHE L 1 -46.24 -33.12 32.36
CA PHE L 1 -44.85 -32.72 32.65
C PHE L 1 -44.10 -32.15 31.45
N THR L 2 -43.53 -30.97 31.64
CA THR L 2 -42.70 -30.32 30.64
C THR L 2 -41.46 -29.66 31.23
N LEU L 3 -41.34 -29.60 32.56
CA LEU L 3 -40.43 -28.68 33.21
C LEU L 3 -39.01 -28.81 32.75
N ILE L 4 -38.60 -30.02 32.42
CA ILE L 4 -37.25 -30.18 31.93
C ILE L 4 -37.05 -29.40 30.65
N GLU L 5 -38.14 -29.13 29.92
CA GLU L 5 -38.06 -28.19 28.83
C GLU L 5 -37.86 -26.77 29.32
N LEU L 6 -38.33 -26.45 30.51
CA LEU L 6 -38.03 -25.14 31.08
C LEU L 6 -36.64 -25.12 31.68
N MET L 7 -36.25 -26.23 32.29
CA MET L 7 -34.90 -26.37 32.81
C MET L 7 -33.88 -26.05 31.74
N ILE L 8 -34.06 -26.66 30.58
CA ILE L 8 -33.05 -26.55 29.55
C ILE L 8 -33.01 -25.12 29.02
N VAL L 9 -34.13 -24.42 29.06
CA VAL L 9 -34.11 -23.00 28.72
C VAL L 9 -33.19 -22.29 29.69
N ILE L 10 -33.48 -22.41 30.99
CA ILE L 10 -32.73 -21.68 31.99
C ILE L 10 -31.28 -22.13 32.03
N ALA L 11 -30.98 -23.29 31.43
CA ALA L 11 -29.61 -23.62 31.10
C ALA L 11 -29.13 -22.85 29.89
N ILE L 12 -30.02 -22.59 28.93
CA ILE L 12 -29.66 -21.73 27.81
C ILE L 12 -29.67 -20.28 28.26
N VAL L 13 -30.50 -19.95 29.25
CA VAL L 13 -30.53 -18.57 29.71
C VAL L 13 -29.21 -18.21 30.36
N GLY L 14 -28.80 -19.02 31.33
CA GLY L 14 -27.45 -18.87 31.80
C GLY L 14 -26.63 -19.22 30.59
N ILE L 15 -26.14 -18.19 29.92
CA ILE L 15 -25.35 -18.41 28.73
C ILE L 15 -23.92 -18.42 29.20
N LEU L 16 -23.05 -18.88 28.33
CA LEU L 16 -21.65 -18.69 28.60
C LEU L 16 -21.31 -17.21 28.56
N ALA L 17 -21.82 -16.50 27.57
CA ALA L 17 -21.24 -15.22 27.19
C ALA L 17 -19.76 -15.43 26.89
N ALA L 18 -19.57 -16.14 25.78
CA ALA L 18 -18.31 -16.77 25.41
C ALA L 18 -17.13 -15.88 25.67
N VAL L 19 -16.02 -16.53 26.05
CA VAL L 19 -14.72 -15.86 26.08
C VAL L 19 -14.36 -15.34 24.69
N ALA L 20 -15.03 -15.83 23.65
CA ALA L 20 -14.95 -15.23 22.32
C ALA L 20 -15.59 -13.86 22.27
N LEU L 21 -16.09 -13.34 23.35
CA LEU L 21 -16.27 -11.91 23.45
C LEU L 21 -15.03 -11.22 24.04
N PRO L 22 -14.55 -11.60 25.23
CA PRO L 22 -13.39 -10.91 25.78
C PRO L 22 -12.06 -11.28 25.16
N ALA L 23 -11.94 -12.44 24.56
CA ALA L 23 -10.77 -12.65 23.72
C ALA L 23 -10.85 -11.84 22.44
N TYR L 24 -12.03 -11.33 22.12
CA TYR L 24 -12.25 -10.51 20.95
C TYR L 24 -12.68 -9.11 21.31
N GLN L 25 -12.72 -8.76 22.59
CA GLN L 25 -12.39 -7.40 22.90
C GLN L 25 -10.88 -7.26 22.94
N ASP L 26 -10.19 -8.35 23.29
CA ASP L 26 -8.74 -8.38 23.18
C ASP L 26 -8.28 -8.43 21.73
N TYR L 27 -9.13 -8.89 20.82
CA TYR L 27 -8.83 -8.81 19.40
C TYR L 27 -9.63 -7.75 18.68
N THR L 28 -10.72 -7.27 19.29
CA THR L 28 -11.16 -5.93 18.98
C THR L 28 -10.10 -4.95 19.42
N ALA L 29 -9.50 -5.21 20.56
CA ALA L 29 -8.33 -4.45 20.93
C ALA L 29 -7.29 -4.58 19.85
N ARG L 30 -7.07 -5.80 19.34
CA ARG L 30 -6.13 -5.94 18.23
C ARG L 30 -6.56 -5.10 17.04
N ALA L 31 -7.85 -4.81 16.92
CA ALA L 31 -8.27 -3.89 15.88
C ALA L 31 -7.76 -2.49 16.16
N GLN L 32 -8.07 -1.94 17.33
CA GLN L 32 -7.66 -0.56 17.56
C GLN L 32 -6.25 -0.46 18.12
N VAL L 33 -5.75 -1.53 18.71
CA VAL L 33 -4.30 -1.66 18.81
C VAL L 33 -3.71 -1.51 17.42
N SER L 34 -4.31 -2.18 16.43
CA SER L 34 -3.83 -1.99 15.07
C SER L 34 -4.02 -0.57 14.62
N GLU L 35 -5.10 0.07 15.06
CA GLU L 35 -5.27 1.48 14.78
C GLU L 35 -4.11 2.29 15.31
N ALA L 36 -3.52 1.87 16.42
CA ALA L 36 -2.27 2.48 16.85
C ALA L 36 -1.14 2.06 15.94
N ILE L 37 -1.17 0.81 15.48
CA ILE L 37 -0.12 0.33 14.62
C ILE L 37 -0.16 1.04 13.29
N LEU L 38 -1.35 1.26 12.77
CA LEU L 38 -1.46 1.93 11.49
C LEU L 38 -0.97 3.35 11.58
N LEU L 39 -1.03 3.96 12.77
CA LEU L 39 -0.34 5.23 12.94
C LEU L 39 1.14 5.01 12.78
N ALA L 40 1.67 4.04 13.54
CA ALA L 40 3.09 3.71 13.53
C ALA L 40 3.60 3.49 12.12
N GLU L 41 2.74 2.94 11.26
CA GLU L 41 3.09 2.71 9.87
C GLU L 41 3.62 3.98 9.21
N GLY L 42 3.01 5.12 9.51
CA GLY L 42 3.51 6.36 8.95
C GLY L 42 4.89 6.68 9.46
N GLN L 43 5.10 6.52 10.75
CA GLN L 43 6.39 6.82 11.32
C GLN L 43 7.45 5.82 10.94
N LYS L 44 7.06 4.63 10.48
CA LYS L 44 8.04 3.60 10.12
C LYS L 44 9.05 4.16 9.14
N SER L 45 8.56 4.80 8.09
CA SER L 45 9.44 5.33 7.08
C SER L 45 10.00 6.68 7.50
N ALA L 46 9.24 7.45 8.25
CA ALA L 46 9.70 8.77 8.65
C ALA L 46 10.78 8.67 9.71
N VAL L 47 10.58 7.82 10.71
CA VAL L 47 11.63 7.52 11.66
C VAL L 47 12.83 6.96 10.93
N THR L 48 12.56 6.01 10.04
CA THR L 48 13.58 5.48 9.17
C THR L 48 14.25 6.60 8.41
N GLU L 49 13.46 7.56 7.95
CA GLU L 49 14.00 8.62 7.12
C GLU L 49 15.06 9.39 7.87
N TYR L 50 14.79 9.72 9.13
CA TYR L 50 15.81 10.35 9.94
C TYR L 50 16.97 9.39 10.16
N TYR L 51 16.66 8.12 10.36
CA TYR L 51 17.69 7.17 10.74
C TYR L 51 18.68 6.96 9.61
N LEU L 52 18.21 7.09 8.37
CA LEU L 52 19.04 6.82 7.22
C LEU L 52 19.81 8.03 6.74
N ASN L 53 19.22 9.21 6.88
CA ASN L 53 19.80 10.44 6.41
C ASN L 53 20.41 11.29 7.52
N HIS L 54 20.47 10.76 8.73
CA HIS L 54 21.23 11.40 9.79
C HIS L 54 22.01 10.42 10.64
N GLY L 55 21.77 9.13 10.51
CA GLY L 55 22.63 8.15 11.11
C GLY L 55 22.40 7.89 12.56
N LYS L 56 21.17 8.07 13.02
CA LYS L 56 20.81 7.63 14.34
C LYS L 56 19.32 7.74 14.44
N TRP L 57 18.77 6.99 15.35
CA TRP L 57 17.35 7.01 15.53
C TRP L 57 16.93 8.40 16.03
N PRO L 58 15.84 8.96 15.50
CA PRO L 58 15.38 10.23 16.04
C PRO L 58 14.92 10.06 17.47
N GLU L 59 15.40 10.95 18.32
CA GLU L 59 14.92 11.02 19.69
C GLU L 59 13.40 11.14 19.72
N ASN L 60 12.87 12.04 18.92
CA ASN L 60 11.55 12.57 19.16
C ASN L 60 10.92 13.02 17.85
N ASN L 61 9.67 13.47 17.96
CA ASN L 61 8.82 13.71 16.81
C ASN L 61 9.43 14.75 15.90
N THR L 62 9.82 15.88 16.48
CA THR L 62 10.38 17.00 15.75
C THR L 62 11.53 16.61 14.86
N SER L 63 12.33 15.65 15.30
CA SER L 63 13.46 15.16 14.55
C SER L 63 13.01 14.18 13.49
N ALA L 64 12.10 13.30 13.88
CA ALA L 64 11.50 12.35 12.96
C ALA L 64 10.89 13.05 11.76
N GLY L 65 10.38 14.25 11.98
CA GLY L 65 9.73 15.01 10.94
C GLY L 65 8.24 14.85 10.94
N VAL L 66 7.65 14.60 12.10
CA VAL L 66 6.22 14.36 12.25
C VAL L 66 5.68 15.42 13.18
N ALA L 67 4.40 15.34 13.49
CA ALA L 67 3.76 16.29 14.40
C ALA L 67 4.53 16.36 15.70
N SER L 68 5.10 17.54 15.98
CA SER L 68 5.98 17.70 17.11
C SER L 68 5.29 17.31 18.42
N SER L 69 4.05 17.73 18.58
CA SER L 69 3.25 17.19 19.67
C SER L 69 2.80 15.78 19.31
N PRO L 70 3.06 14.77 20.14
CA PRO L 70 2.57 13.42 19.80
C PRO L 70 1.06 13.32 19.80
N THR L 71 0.42 14.00 20.75
CA THR L 71 -1.02 13.87 20.93
C THR L 71 -1.79 14.27 19.68
N ASP L 72 -1.23 15.18 18.90
CA ASP L 72 -1.88 15.56 17.65
C ASP L 72 -2.03 14.36 16.75
N ILE L 73 -0.99 13.54 16.66
CA ILE L 73 -1.08 12.26 15.99
C ILE L 73 -1.84 11.34 16.92
N LYS L 74 -3.04 10.94 16.50
CA LYS L 74 -3.85 10.12 17.37
C LYS L 74 -4.86 9.35 16.55
N GLY L 75 -5.54 8.44 17.23
CA GLY L 75 -6.47 7.54 16.59
C GLY L 75 -7.81 7.58 17.28
N LYS L 76 -8.80 6.97 16.64
CA LYS L 76 -10.15 6.90 17.17
C LYS L 76 -10.14 6.36 18.59
N TYR L 77 -9.29 5.37 18.84
CA TYR L 77 -9.10 4.79 20.16
C TYR L 77 -7.68 4.97 20.68
N VAL L 78 -6.86 5.76 20.00
CA VAL L 78 -5.47 5.98 20.36
C VAL L 78 -5.30 7.39 20.87
N LYS L 79 -4.50 7.52 21.93
CA LYS L 79 -4.24 8.82 22.51
C LYS L 79 -3.17 9.59 21.75
N GLU L 80 -1.97 9.05 21.69
CA GLU L 80 -0.86 9.77 21.09
C GLU L 80 0.13 8.78 20.50
N VAL L 81 1.15 9.33 19.86
CA VAL L 81 2.24 8.57 19.28
C VAL L 81 3.49 9.40 19.47
N GLU L 82 4.42 8.90 20.27
CA GLU L 82 5.69 9.54 20.48
C GLU L 82 6.81 8.74 19.84
N VAL L 83 7.76 9.45 19.27
CA VAL L 83 9.03 8.87 18.90
C VAL L 83 9.93 8.89 20.10
N LYS L 84 10.58 7.76 20.36
CA LYS L 84 11.47 7.64 21.50
C LYS L 84 12.73 6.95 21.01
N ASN L 85 13.67 7.76 20.51
CA ASN L 85 14.92 7.25 19.98
C ASN L 85 14.64 6.15 18.98
N GLY L 86 13.78 6.47 18.03
CA GLY L 86 13.40 5.52 17.01
C GLY L 86 12.21 4.68 17.41
N VAL L 87 12.20 4.20 18.64
CA VAL L 87 11.10 3.37 19.09
C VAL L 87 9.83 4.20 19.12
N VAL L 88 8.82 3.71 18.43
CA VAL L 88 7.56 4.42 18.30
C VAL L 88 6.62 3.86 19.34
N THR L 89 6.37 4.66 20.36
CA THR L 89 5.40 4.32 21.39
C THR L 89 4.08 4.97 21.05
N ALA L 90 3.01 4.22 21.27
CA ALA L 90 1.66 4.69 21.06
C ALA L 90 0.85 4.46 22.32
N THR L 91 0.13 5.48 22.75
CA THR L 91 -0.70 5.44 23.94
C THR L 91 -2.16 5.40 23.54
N MET L 92 -2.91 4.56 24.22
CA MET L 92 -4.32 4.38 23.93
C MET L 92 -5.18 5.40 24.68
N LEU L 93 -6.38 5.61 24.16
CA LEU L 93 -7.34 6.45 24.85
C LEU L 93 -7.92 5.74 26.06
N SER L 94 -8.80 6.47 26.75
CA SER L 94 -9.72 5.93 27.74
C SER L 94 -10.92 5.32 27.03
N SER L 95 -12.05 5.19 27.74
CA SER L 95 -13.18 4.35 27.37
C SER L 95 -13.63 4.45 25.91
N GLY L 96 -14.31 3.40 25.49
CA GLY L 96 -14.38 3.03 24.10
C GLY L 96 -14.27 1.52 24.06
N VAL L 97 -13.57 0.97 25.06
CA VAL L 97 -13.73 -0.42 25.45
C VAL L 97 -13.63 -0.51 26.96
N ASN L 98 -14.22 -1.56 27.49
CA ASN L 98 -14.02 -1.95 28.88
C ASN L 98 -12.59 -2.37 29.14
N ASN L 99 -11.89 -2.78 28.10
CA ASN L 99 -10.77 -3.69 28.19
C ASN L 99 -9.55 -2.99 28.76
N GLU L 100 -8.65 -3.80 29.27
CA GLU L 100 -7.48 -3.33 30.00
C GLU L 100 -6.45 -2.80 29.01
N ILE L 101 -6.82 -1.71 28.37
CA ILE L 101 -5.97 -1.03 27.39
C ILE L 101 -5.95 0.46 27.68
N LYS L 102 -6.85 0.92 28.52
CA LYS L 102 -7.19 2.33 28.56
C LYS L 102 -6.03 3.14 29.10
N GLY L 103 -5.45 3.96 28.24
CA GLY L 103 -4.22 4.64 28.56
C GLY L 103 -2.99 3.77 28.45
N LYS L 104 -3.14 2.49 28.11
CA LYS L 104 -1.98 1.62 28.02
C LYS L 104 -1.19 1.93 26.77
N LYS L 105 0.00 1.36 26.72
CA LYS L 105 0.96 1.67 25.68
C LYS L 105 1.25 0.47 24.81
N LEU L 106 1.60 0.77 23.59
CA LEU L 106 2.27 -0.13 22.69
C LEU L 106 3.54 0.54 22.23
N SER L 107 4.53 -0.28 21.92
CA SER L 107 5.75 0.19 21.28
C SER L 107 5.96 -0.63 20.02
N LEU L 108 6.73 -0.03 19.12
CA LEU L 108 7.17 -0.69 17.92
C LEU L 108 8.69 -0.67 17.90
N TRP L 109 9.27 -1.83 17.64
CA TRP L 109 10.70 -2.07 17.82
C TRP L 109 11.37 -2.28 16.48
N ALA L 110 12.23 -1.36 16.11
CA ALA L 110 13.04 -1.47 14.91
C ALA L 110 14.39 -2.11 15.23
N ARG L 111 15.00 -2.63 14.17
CA ARG L 111 16.41 -3.02 14.24
C ARG L 111 16.95 -3.29 12.84
N ARG L 112 18.08 -2.67 12.54
CA ARG L 112 18.81 -3.00 11.34
C ARG L 112 19.23 -4.47 11.35
N GLU L 113 18.97 -5.16 10.24
CA GLU L 113 19.45 -6.51 10.00
C GLU L 113 20.21 -6.46 8.69
N ASN L 114 21.51 -6.14 8.79
CA ASN L 114 22.36 -5.98 7.62
C ASN L 114 21.74 -4.99 6.65
N GLY L 115 21.47 -3.82 7.19
CA GLY L 115 20.70 -2.81 6.51
C GLY L 115 19.22 -3.00 6.71
N SER L 116 18.73 -4.16 6.27
CA SER L 116 17.31 -4.44 6.24
C SER L 116 16.73 -4.33 7.64
N VAL L 117 15.83 -3.37 7.82
CA VAL L 117 15.33 -3.05 9.14
C VAL L 117 14.23 -4.03 9.53
N LYS L 118 14.05 -4.19 10.84
CA LYS L 118 13.20 -5.25 11.39
C LYS L 118 12.28 -4.67 12.43
N TRP L 119 11.00 -4.70 12.12
CA TRP L 119 9.98 -4.03 12.90
C TRP L 119 9.20 -5.07 13.70
N PHE L 120 9.33 -5.01 15.01
CA PHE L 120 8.56 -5.86 15.92
C PHE L 120 7.73 -4.99 16.83
N CYS L 121 6.45 -5.30 16.92
CA CYS L 121 5.55 -4.50 17.73
C CYS L 121 5.66 -4.96 19.17
N GLY L 122 4.75 -4.49 20.00
CA GLY L 122 4.40 -5.23 21.19
C GLY L 122 4.89 -4.60 22.46
N GLN L 123 5.42 -5.45 23.31
CA GLN L 123 5.80 -5.18 24.68
C GLN L 123 6.59 -3.88 24.70
N PRO L 124 6.24 -2.90 25.55
CA PRO L 124 6.88 -1.59 25.43
C PRO L 124 8.38 -1.66 25.65
N VAL L 125 9.12 -1.02 24.74
CA VAL L 125 10.58 -0.99 24.78
C VAL L 125 11.05 0.44 24.58
N THR L 126 12.35 0.65 24.79
CA THR L 126 12.94 1.98 24.65
C THR L 126 14.40 1.88 24.30
N ARG L 127 14.83 2.74 23.38
CA ARG L 127 16.18 2.65 22.84
C ARG L 127 17.14 3.50 23.67
N THR L 128 18.39 3.07 23.67
CA THR L 128 19.45 3.73 24.41
C THR L 128 20.65 4.00 23.50
N ASP L 129 20.87 3.13 22.52
CA ASP L 129 21.99 3.26 21.60
C ASP L 129 21.54 2.66 20.29
N ASP L 130 22.42 2.79 19.28
CA ASP L 130 22.07 2.59 17.88
C ASP L 130 21.29 1.30 17.62
N ASP L 131 21.64 0.22 18.30
CA ASP L 131 20.90 -1.03 18.24
C ASP L 131 20.45 -1.51 19.61
N THR L 132 21.00 -0.96 20.68
CA THR L 132 20.60 -1.36 22.01
C THR L 132 19.21 -0.83 22.29
N VAL L 133 18.31 -1.72 22.67
CA VAL L 133 16.99 -1.33 23.14
C VAL L 133 16.68 -2.12 24.39
N ALA L 134 15.91 -1.50 25.28
CA ALA L 134 15.57 -2.07 26.57
C ALA L 134 14.10 -2.40 26.63
N ASP L 135 13.79 -3.46 27.37
CA ASP L 135 12.42 -3.75 27.74
C ASP L 135 11.92 -2.66 28.68
N ALA L 136 10.99 -1.85 28.19
CA ALA L 136 10.57 -0.65 28.90
C ALA L 136 9.41 -0.98 29.81
N LYS L 137 9.69 -1.89 30.74
CA LYS L 137 8.67 -2.45 31.60
C LYS L 137 8.27 -1.43 32.65
N ASP L 138 7.25 -0.65 32.30
CA ASP L 138 6.75 0.45 33.10
C ASP L 138 5.34 0.20 33.61
N GLY L 139 4.79 -0.99 33.39
CA GLY L 139 3.41 -1.27 33.68
C GLY L 139 2.43 -0.85 32.62
N LYS L 140 2.90 -0.20 31.54
CA LYS L 140 2.06 0.12 30.39
C LYS L 140 2.13 -0.95 29.32
N GLU L 141 2.48 -2.16 29.70
CA GLU L 141 2.47 -3.27 28.76
C GLU L 141 1.03 -3.71 28.59
N ILE L 142 0.51 -3.48 27.40
CA ILE L 142 -0.72 -4.13 27.02
C ILE L 142 -0.46 -5.64 27.01
N ASP L 143 -1.42 -6.40 27.52
CA ASP L 143 -1.20 -7.82 27.73
C ASP L 143 -1.09 -8.56 26.40
N THR L 144 -0.42 -9.71 26.45
CA THR L 144 -0.06 -10.41 25.23
C THR L 144 -1.28 -10.94 24.49
N LYS L 145 -2.37 -11.20 25.21
CA LYS L 145 -3.62 -11.56 24.56
C LYS L 145 -4.01 -10.51 23.55
N HIS L 146 -4.15 -9.28 24.04
CA HIS L 146 -4.48 -8.13 23.21
C HIS L 146 -3.61 -8.08 21.96
N LEU L 147 -2.31 -8.25 22.16
CA LEU L 147 -1.33 -7.88 21.18
C LEU L 147 -1.42 -8.80 19.98
N PRO L 148 -0.66 -8.52 18.94
CA PRO L 148 -0.55 -9.48 17.84
C PRO L 148 0.09 -10.76 18.27
N SER L 149 0.24 -11.65 17.30
CA SER L 149 0.97 -12.90 17.46
C SER L 149 2.28 -12.87 16.70
N THR L 150 2.22 -12.41 15.45
CA THR L 150 3.44 -12.11 14.72
C THR L 150 4.30 -11.13 15.50
N CYS L 151 3.71 -10.01 15.92
CA CYS L 151 4.33 -9.14 16.90
C CYS L 151 3.83 -9.50 18.28
N ARG L 152 4.43 -10.53 18.84
CA ARG L 152 4.40 -10.77 20.26
C ARG L 152 5.84 -10.76 20.74
N ASP L 153 6.61 -9.85 20.16
CA ASP L 153 8.06 -9.90 20.20
C ASP L 153 8.56 -8.79 21.10
N ASN L 154 9.13 -9.19 22.23
CA ASN L 154 9.81 -8.30 23.14
C ASN L 154 11.20 -8.03 22.59
N PHE L 155 12.08 -7.46 23.40
CA PHE L 155 13.46 -7.25 22.97
C PHE L 155 14.14 -8.61 22.82
N ASP L 156 13.74 -9.35 21.79
CA ASP L 156 14.24 -10.67 21.47
C ASP L 156 14.36 -11.59 22.69
N PHE M 1 -56.23 -36.48 34.86
CA PHE M 1 -55.89 -35.06 34.61
C PHE M 1 -54.49 -34.86 34.04
N THR M 2 -54.43 -34.14 32.93
CA THR M 2 -53.16 -33.76 32.31
C THR M 2 -53.17 -32.31 31.80
N LEU M 3 -54.31 -31.62 31.85
CA LEU M 3 -54.51 -30.41 31.06
C LEU M 3 -53.46 -29.37 31.30
N ILE M 4 -52.96 -29.29 32.52
CA ILE M 4 -51.92 -28.31 32.77
C ILE M 4 -50.70 -28.61 31.92
N GLU M 5 -50.54 -29.87 31.50
CA GLU M 5 -49.54 -30.17 30.50
C GLU M 5 -49.91 -29.61 29.15
N LEU M 6 -51.19 -29.46 28.86
CA LEU M 6 -51.60 -28.80 27.63
C LEU M 6 -51.51 -27.30 27.78
N MET M 7 -51.87 -26.81 28.96
CA MET M 7 -51.74 -25.39 29.27
C MET M 7 -50.33 -24.92 28.98
N ILE M 8 -49.36 -25.65 29.49
CA ILE M 8 -47.99 -25.19 29.40
C ILE M 8 -47.53 -25.22 27.97
N VAL M 9 -48.07 -26.12 27.16
CA VAL M 9 -47.78 -26.09 25.73
C VAL M 9 -48.26 -24.77 25.17
N ILE M 10 -49.54 -24.47 25.35
CA ILE M 10 -50.13 -23.28 24.77
C ILE M 10 -49.52 -22.02 25.35
N ALA M 11 -48.83 -22.15 26.49
CA ALA M 11 -47.92 -21.11 26.94
C ALA M 11 -46.63 -21.12 26.14
N ILE M 12 -46.17 -22.30 25.73
CA ILE M 12 -45.02 -22.37 24.83
C ILE M 12 -45.46 -22.01 23.42
N VAL M 13 -46.72 -22.28 23.08
CA VAL M 13 -47.17 -21.94 21.74
C VAL M 13 -47.18 -20.44 21.55
N GLY M 14 -47.85 -19.75 22.46
CA GLY M 14 -47.68 -18.32 22.47
C GLY M 14 -46.23 -18.16 22.81
N ILE M 15 -45.42 -17.89 21.80
CA ILE M 15 -44.00 -17.73 22.01
C ILE M 15 -43.79 -16.26 22.19
N LEU M 16 -42.62 -15.91 22.68
CA LEU M 16 -42.24 -14.53 22.63
C LEU M 16 -42.09 -14.06 21.20
N ALA M 17 -41.43 -14.87 20.38
CA ALA M 17 -40.86 -14.39 19.14
C ALA M 17 -39.94 -13.21 19.47
N ALA M 18 -38.84 -13.60 20.11
CA ALA M 18 -37.93 -12.73 20.84
C ALA M 18 -37.66 -11.45 20.09
N VAL M 19 -37.51 -10.37 20.86
CA VAL M 19 -36.97 -9.13 20.32
C VAL M 19 -35.58 -9.35 19.76
N ALA M 20 -34.93 -10.46 20.11
CA ALA M 20 -33.73 -10.90 19.43
C ALA M 20 -33.97 -11.34 18.00
N LEU M 21 -35.17 -11.25 17.50
CA LEU M 21 -35.37 -11.19 16.08
C LEU M 21 -35.35 -9.75 15.55
N PRO M 22 -36.21 -8.85 16.06
CA PRO M 22 -36.20 -7.49 15.52
C PRO M 22 -35.06 -6.62 15.96
N ALA M 23 -34.44 -6.91 17.09
CA ALA M 23 -33.17 -6.26 17.36
C ALA M 23 -32.07 -6.80 16.46
N TYR M 24 -32.31 -7.94 15.82
CA TYR M 24 -31.37 -8.54 14.91
C TYR M 24 -31.91 -8.61 13.49
N GLN M 25 -33.08 -8.05 13.24
CA GLN M 25 -33.24 -7.45 11.93
C GLN M 25 -32.61 -6.07 11.95
N ASP M 26 -32.60 -5.42 13.12
CA ASP M 26 -31.86 -4.19 13.28
C ASP M 26 -30.35 -4.42 13.27
N TYR M 27 -29.90 -5.63 13.59
CA TYR M 27 -28.50 -5.96 13.45
C TYR M 27 -28.23 -6.87 12.27
N THR M 28 -29.27 -7.53 11.72
CA THR M 28 -29.21 -7.90 10.32
C THR M 28 -29.15 -6.65 9.49
N ALA M 29 -29.91 -5.63 9.89
CA ALA M 29 -29.73 -4.35 9.26
C ALA M 29 -28.30 -3.91 9.42
N ARG M 30 -27.72 -4.07 10.62
CA ARG M 30 -26.31 -3.75 10.78
C ARG M 30 -25.45 -4.55 9.83
N ALA M 31 -25.91 -5.72 9.40
CA ALA M 31 -25.18 -6.44 8.38
C ALA M 31 -25.23 -5.70 7.05
N GLN M 32 -26.43 -5.41 6.55
CA GLN M 32 -26.48 -4.78 5.24
C GLN M 32 -26.35 -3.27 5.31
N VAL M 33 -26.65 -2.68 6.46
CA VAL M 33 -26.10 -1.36 6.74
C VAL M 33 -24.59 -1.42 6.56
N SER M 34 -23.95 -2.46 7.09
CA SER M 34 -22.53 -2.61 6.87
C SER M 34 -22.23 -2.82 5.40
N GLU M 35 -23.12 -3.51 4.70
CA GLU M 35 -22.96 -3.63 3.26
C GLU M 35 -22.94 -2.26 2.60
N ALA M 36 -23.68 -1.29 3.15
CA ALA M 36 -23.52 0.07 2.69
C ALA M 36 -22.20 0.64 3.16
N ILE M 37 -21.77 0.25 4.36
CA ILE M 37 -20.53 0.77 4.88
C ILE M 37 -19.36 0.23 4.09
N LEU M 38 -19.43 -1.03 3.71
CA LEU M 38 -18.35 -1.60 2.96
C LEU M 38 -18.23 -0.96 1.60
N LEU M 39 -19.33 -0.44 1.06
CA LEU M 39 -19.20 0.40 -0.12
C LEU M 39 -18.40 1.63 0.24
N ALA M 40 -18.83 2.32 1.30
CA ALA M 40 -18.19 3.54 1.76
C ALA M 40 -16.70 3.36 1.94
N GLU M 41 -16.29 2.16 2.35
CA GLU M 41 -14.89 1.83 2.51
C GLU M 41 -14.09 2.15 1.26
N GLY M 42 -14.64 1.88 0.08
CA GLY M 42 -13.94 2.23 -1.13
C GLY M 42 -13.79 3.71 -1.28
N GLN M 43 -14.86 4.45 -1.02
CA GLN M 43 -14.81 5.88 -1.16
C GLN M 43 -13.98 6.55 -0.08
N LYS M 44 -13.71 5.86 1.04
CA LYS M 44 -12.94 6.45 2.12
C LYS M 44 -11.62 6.99 1.60
N SER M 45 -10.92 6.17 0.84
CA SER M 45 -9.63 6.58 0.33
C SER M 45 -9.77 7.41 -0.92
N ALA M 46 -10.81 7.16 -1.71
CA ALA M 46 -10.98 7.90 -2.94
C ALA M 46 -11.45 9.31 -2.67
N VAL M 47 -12.42 9.46 -1.79
CA VAL M 47 -12.81 10.78 -1.32
C VAL M 47 -11.61 11.47 -0.70
N THR M 48 -10.92 10.73 0.16
CA THR M 48 -9.67 11.19 0.73
C THR M 48 -8.71 11.60 -0.37
N GLU M 49 -8.67 10.80 -1.43
CA GLU M 49 -7.71 11.04 -2.49
C GLU M 49 -7.93 12.41 -3.11
N TYR M 50 -9.18 12.76 -3.38
CA TYR M 50 -9.47 14.10 -3.84
C TYR M 50 -9.13 15.11 -2.77
N TYR M 51 -9.43 14.78 -1.52
CA TYR M 51 -9.30 15.75 -0.45
C TYR M 51 -7.84 16.11 -0.22
N LEU M 52 -6.95 15.17 -0.49
CA LEU M 52 -5.53 15.38 -0.21
C LEU M 52 -4.79 15.99 -1.37
N ASN M 53 -5.20 15.66 -2.59
CA ASN M 53 -4.54 16.12 -3.79
C ASN M 53 -5.27 17.24 -4.49
N HIS M 54 -6.33 17.77 -3.88
CA HIS M 54 -6.95 18.97 -4.38
C HIS M 54 -7.35 19.93 -3.27
N GLY M 55 -7.32 19.51 -2.02
CA GLY M 55 -7.46 20.43 -0.92
C GLY M 55 -8.86 20.83 -0.58
N LYS M 56 -9.82 19.96 -0.86
CA LYS M 56 -11.15 20.15 -0.37
C LYS M 56 -11.91 18.88 -0.61
N TRP M 57 -12.95 18.70 0.15
CA TRP M 57 -13.74 17.52 -0.01
C TRP M 57 -14.39 17.52 -1.38
N PRO M 58 -14.41 16.39 -2.08
CA PRO M 58 -15.13 16.36 -3.36
C PRO M 58 -16.60 16.56 -3.13
N GLU M 59 -17.17 17.46 -3.92
CA GLU M 59 -18.61 17.63 -3.95
C GLU M 59 -19.32 16.32 -4.20
N ASN M 60 -18.85 15.59 -5.21
CA ASN M 60 -19.65 14.57 -5.85
C ASN M 60 -18.76 13.49 -6.44
N ASN M 61 -19.43 12.48 -6.99
CA ASN M 61 -18.78 11.25 -7.40
C ASN M 61 -17.71 11.52 -8.43
N THR M 62 -18.08 12.25 -9.48
CA THR M 62 -17.19 12.55 -10.58
C THR M 62 -15.88 13.15 -10.14
N SER M 63 -15.90 13.94 -9.09
CA SER M 63 -14.72 14.57 -8.54
C SER M 63 -13.95 13.59 -7.69
N ALA M 64 -14.68 12.84 -6.86
CA ALA M 64 -14.11 11.80 -6.04
C ALA M 64 -13.33 10.82 -6.88
N GLY M 65 -13.76 10.60 -8.11
CA GLY M 65 -13.13 9.65 -8.99
C GLY M 65 -13.79 8.30 -8.98
N VAL M 66 -15.08 8.25 -8.70
CA VAL M 66 -15.84 7.01 -8.59
C VAL M 66 -16.93 7.06 -9.63
N ALA M 67 -17.78 6.04 -9.67
CA ALA M 67 -18.89 5.98 -10.61
C ALA M 67 -19.73 7.25 -10.52
N SER M 68 -19.74 8.00 -11.61
CA SER M 68 -20.37 9.31 -11.60
C SER M 68 -21.83 9.22 -11.20
N SER M 69 -22.54 8.24 -11.72
CA SER M 69 -23.87 7.94 -11.20
C SER M 69 -23.70 7.20 -9.86
N PRO M 70 -24.32 7.69 -8.77
CA PRO M 70 -24.21 6.95 -7.51
C PRO M 70 -24.88 5.60 -7.55
N THR M 71 -26.02 5.52 -8.22
CA THR M 71 -26.82 4.29 -8.22
C THR M 71 -26.05 3.11 -8.78
N ASP M 72 -25.12 3.37 -9.69
CA ASP M 72 -24.30 2.30 -10.21
C ASP M 72 -23.53 1.62 -9.10
N ILE M 73 -22.99 2.41 -8.18
CA ILE M 73 -22.39 1.90 -6.96
C ILE M 73 -23.54 1.51 -6.06
N LYS M 74 -23.69 0.21 -5.81
CA LYS M 74 -24.81 -0.23 -5.01
C LYS M 74 -24.51 -1.58 -4.41
N GLY M 75 -25.40 -1.98 -3.51
CA GLY M 75 -25.23 -3.20 -2.75
C GLY M 75 -26.44 -4.08 -2.88
N LYS M 76 -26.28 -5.32 -2.40
CA LYS M 76 -27.36 -6.30 -2.43
C LYS M 76 -28.61 -5.74 -1.80
N TYR M 77 -28.46 -4.97 -0.72
CA TYR M 77 -29.55 -4.30 -0.03
C TYR M 77 -29.37 -2.79 -0.04
N VAL M 78 -28.43 -2.26 -0.80
CA VAL M 78 -28.14 -0.84 -0.86
C VAL M 78 -28.55 -0.29 -2.21
N LYS M 79 -29.14 0.90 -2.19
CA LYS M 79 -29.57 1.52 -3.42
C LYS M 79 -28.43 2.23 -4.12
N GLU M 80 -27.84 3.22 -3.48
CA GLU M 80 -26.82 4.03 -4.13
C GLU M 80 -25.84 4.54 -3.08
N VAL M 81 -24.82 5.23 -3.58
CA VAL M 81 -23.80 5.86 -2.76
C VAL M 81 -23.44 7.16 -3.45
N GLU M 82 -23.74 8.28 -2.81
CA GLU M 82 -23.37 9.58 -3.31
C GLU M 82 -22.29 10.20 -2.44
N VAL M 83 -21.39 10.89 -3.10
CA VAL M 83 -20.47 11.79 -2.43
C VAL M 83 -21.15 13.12 -2.28
N LYS M 84 -21.08 13.68 -1.08
CA LYS M 84 -21.70 14.96 -0.79
C LYS M 84 -20.69 15.80 -0.02
N ASN M 85 -19.85 16.51 -0.77
CA ASN M 85 -18.80 17.33 -0.17
C ASN M 85 -18.01 16.51 0.82
N GLY M 86 -17.54 15.36 0.35
CA GLY M 86 -16.79 14.47 1.19
C GLY M 86 -17.65 13.48 1.94
N VAL M 87 -18.75 13.96 2.49
CA VAL M 87 -19.62 13.08 3.25
C VAL M 87 -20.22 12.07 2.30
N VAL M 88 -20.05 10.80 2.64
CA VAL M 88 -20.50 9.70 1.81
C VAL M 88 -21.84 9.26 2.35
N THR M 89 -22.88 9.56 1.59
CA THR M 89 -24.22 9.12 1.91
C THR M 89 -24.51 7.86 1.11
N ALA M 90 -25.17 6.91 1.76
CA ALA M 90 -25.59 5.67 1.15
C ALA M 90 -27.08 5.48 1.40
N THR M 91 -27.80 5.15 0.34
CA THR M 91 -29.23 4.92 0.38
C THR M 91 -29.52 3.43 0.25
N MET M 92 -30.45 2.96 1.06
CA MET M 92 -30.81 1.56 1.08
C MET M 92 -31.87 1.24 0.05
N LEU M 93 -31.94 -0.04 -0.31
CA LEU M 93 -33.00 -0.49 -1.21
C LEU M 93 -34.33 -0.56 -0.47
N SER M 94 -35.35 -0.96 -1.23
CA SER M 94 -36.64 -1.41 -0.73
C SER M 94 -36.52 -2.85 -0.28
N SER M 95 -37.65 -3.57 -0.21
CA SER M 95 -37.80 -4.85 0.48
C SER M 95 -36.70 -5.86 0.25
N GLY M 96 -36.60 -6.78 1.19
CA GLY M 96 -35.38 -7.49 1.47
C GLY M 96 -35.26 -7.58 2.97
N VAL M 97 -35.84 -6.60 3.65
CA VAL M 97 -36.24 -6.72 5.04
C VAL M 97 -37.55 -5.99 5.24
N ASN M 98 -38.26 -6.41 6.27
CA ASN M 98 -39.42 -5.66 6.76
C ASN M 98 -39.02 -4.32 7.34
N ASN M 99 -37.76 -4.20 7.74
CA ASN M 99 -37.34 -3.27 8.75
C ASN M 99 -37.32 -1.86 8.21
N GLU M 100 -37.36 -0.92 9.15
CA GLU M 100 -37.51 0.50 8.84
C GLU M 100 -36.18 1.06 8.35
N ILE M 101 -35.78 0.57 7.19
CA ILE M 101 -34.54 0.98 6.53
C ILE M 101 -34.81 1.29 5.07
N LYS M 102 -35.97 0.91 4.58
CA LYS M 102 -36.19 0.79 3.15
C LYS M 102 -36.17 2.16 2.50
N GLY M 103 -35.16 2.38 1.68
CA GLY M 103 -34.92 3.71 1.15
C GLY M 103 -34.25 4.65 2.12
N LYS M 104 -34.00 4.23 3.36
CA LYS M 104 -33.39 5.11 4.33
C LYS M 104 -31.92 5.31 4.01
N LYS M 105 -31.34 6.28 4.68
CA LYS M 105 -29.98 6.72 4.40
C LYS M 105 -29.07 6.46 5.57
N LEU M 106 -27.82 6.27 5.21
CA LEU M 106 -26.70 6.37 6.12
C LEU M 106 -25.74 7.39 5.54
N SER M 107 -25.01 8.05 6.43
CA SER M 107 -23.90 8.90 6.04
C SER M 107 -22.67 8.44 6.78
N LEU M 108 -21.53 8.80 6.20
CA LEU M 108 -20.24 8.60 6.82
C LEU M 108 -19.56 9.94 6.95
N TRP M 109 -19.04 10.21 8.14
CA TRP M 109 -18.57 11.53 8.52
C TRP M 109 -17.07 11.52 8.71
N ALA M 110 -16.37 12.24 7.86
CA ALA M 110 -14.95 12.43 7.95
C ALA M 110 -14.61 13.68 8.74
N ARG M 111 -13.39 13.72 9.26
CA ARG M 111 -12.82 14.95 9.77
C ARG M 111 -11.33 14.79 10.01
N ARG M 112 -10.56 15.74 9.48
CA ARG M 112 -9.15 15.84 9.80
C ARG M 112 -8.95 16.04 11.30
N GLU M 113 -8.07 15.24 11.88
CA GLU M 113 -7.62 15.41 13.25
C GLU M 113 -6.10 15.52 13.19
N ASN M 114 -5.62 16.75 13.00
CA ASN M 114 -4.20 17.03 12.85
C ASN M 114 -3.62 16.16 11.74
N GLY M 115 -4.24 16.29 10.59
CA GLY M 115 -3.99 15.43 9.47
C GLY M 115 -4.82 14.17 9.53
N SER M 116 -4.63 13.41 10.60
CA SER M 116 -5.23 12.09 10.75
C SER M 116 -6.74 12.20 10.67
N VAL M 117 -7.31 11.59 9.64
CA VAL M 117 -8.73 11.76 9.36
C VAL M 117 -9.54 10.83 10.26
N LYS M 118 -10.79 11.23 10.49
CA LYS M 118 -11.64 10.59 11.49
C LYS M 118 -13.00 10.28 10.90
N TRP M 119 -13.29 9.01 10.78
CA TRP M 119 -14.45 8.52 10.07
C TRP M 119 -15.49 8.05 11.08
N PHE M 120 -16.61 8.75 11.13
CA PHE M 120 -17.75 8.36 11.96
C PHE M 120 -18.95 8.11 11.07
N CYS M 121 -19.59 6.98 11.27
CA CYS M 121 -20.72 6.62 10.44
C CYS M 121 -21.95 7.30 11.00
N GLY M 122 -23.11 6.91 10.51
CA GLY M 122 -24.32 7.02 11.28
C GLY M 122 -25.26 8.09 10.78
N GLN M 123 -25.77 8.84 11.75
CA GLN M 123 -26.84 9.81 11.60
C GLN M 123 -26.53 10.67 10.38
N PRO M 124 -27.46 10.84 9.44
CA PRO M 124 -27.10 11.51 8.19
C PRO M 124 -26.62 12.94 8.42
N VAL M 125 -25.49 13.28 7.80
CA VAL M 125 -24.88 14.60 7.91
C VAL M 125 -24.53 15.10 6.51
N THR M 126 -24.14 16.37 6.44
CA THR M 126 -23.78 16.98 5.17
C THR M 126 -22.82 18.13 5.39
N ARG M 127 -21.81 18.21 4.52
CA ARG M 127 -20.74 19.17 4.70
C ARG M 127 -21.07 20.48 4.01
N THR M 128 -20.50 21.55 4.55
CA THR M 128 -20.71 22.89 4.05
C THR M 128 -19.38 23.60 3.83
N ASP M 129 -18.38 23.26 4.66
CA ASP M 129 -17.08 23.88 4.57
C ASP M 129 -16.07 22.83 5.03
N ASP M 130 -14.78 23.19 4.92
CA ASP M 130 -13.68 22.24 4.99
C ASP M 130 -13.77 21.28 6.18
N ASP M 131 -14.20 21.78 7.34
CA ASP M 131 -14.46 20.94 8.50
C ASP M 131 -15.88 21.09 9.04
N THR M 132 -16.61 22.11 8.61
CA THR M 132 -17.97 22.29 9.06
C THR M 132 -18.84 21.23 8.41
N VAL M 133 -19.56 20.48 9.23
CA VAL M 133 -20.58 19.56 8.74
C VAL M 133 -21.82 19.74 9.59
N ALA M 134 -22.96 19.51 8.97
CA ALA M 134 -24.26 19.70 9.59
C ALA M 134 -24.96 18.38 9.78
N ASP M 135 -25.75 18.31 10.85
CA ASP M 135 -26.68 17.20 11.02
C ASP M 135 -27.75 17.30 9.96
N ALA M 136 -27.75 16.35 9.04
CA ALA M 136 -28.59 16.43 7.84
C ALA M 136 -29.92 15.75 8.12
N LYS M 137 -30.60 16.30 9.12
CA LYS M 137 -31.82 15.71 9.63
C LYS M 137 -32.96 15.92 8.65
N ASP M 138 -33.10 14.96 7.76
CA ASP M 138 -34.06 14.98 6.66
C ASP M 138 -35.14 13.92 6.81
N GLY M 139 -35.16 13.20 7.94
CA GLY M 139 -36.03 12.07 8.09
C GLY M 139 -35.52 10.78 7.50
N LYS M 140 -34.37 10.80 6.84
CA LYS M 140 -33.71 9.59 6.36
C LYS M 140 -32.70 9.06 7.35
N GLU M 141 -32.85 9.40 8.62
CA GLU M 141 -32.01 8.85 9.65
C GLU M 141 -32.47 7.44 9.95
N ILE M 142 -31.64 6.47 9.58
CA ILE M 142 -31.83 5.14 10.09
C ILE M 142 -31.69 5.19 11.61
N ASP M 143 -32.55 4.47 12.31
CA ASP M 143 -32.62 4.59 13.76
C ASP M 143 -31.36 4.02 14.41
N THR M 144 -31.10 4.50 15.62
CA THR M 144 -29.83 4.22 16.28
C THR M 144 -29.69 2.74 16.63
N LYS M 145 -30.82 2.06 16.83
CA LYS M 145 -30.78 0.61 17.02
C LYS M 145 -30.06 -0.05 15.87
N HIS M 146 -30.59 0.18 14.67
CA HIS M 146 -30.00 -0.34 13.44
C HIS M 146 -28.50 -0.11 13.40
N LEU M 147 -28.10 1.11 13.69
CA LEU M 147 -26.80 1.60 13.36
C LEU M 147 -25.75 0.89 14.18
N PRO M 148 -24.48 1.15 13.91
CA PRO M 148 -23.43 0.65 14.79
C PRO M 148 -23.51 1.27 16.17
N SER M 149 -22.56 0.88 17.00
CA SER M 149 -22.37 1.45 18.32
C SER M 149 -21.10 2.28 18.37
N THR M 150 -20.01 1.74 17.81
CA THR M 150 -18.82 2.54 17.59
C THR M 150 -19.16 3.77 16.75
N CYS M 151 -19.81 3.55 15.61
CA CYS M 151 -20.44 4.63 14.87
C CYS M 151 -21.89 4.74 15.27
N ARG M 152 -22.10 5.41 16.38
CA ARG M 152 -23.39 5.97 16.71
C ARG M 152 -23.18 7.47 16.88
N ASP M 153 -22.34 8.01 16.01
CA ASP M 153 -21.73 9.31 16.21
C ASP M 153 -22.34 10.28 15.21
N ASN M 154 -23.09 11.23 15.74
CA ASN M 154 -23.62 12.35 14.98
C ASN M 154 -22.52 13.37 14.81
N PHE M 155 -22.88 14.59 14.39
CA PHE M 155 -21.88 15.65 14.28
C PHE M 155 -21.42 16.03 15.68
N ASP M 156 -20.66 15.14 16.31
CA ASP M 156 -20.13 15.29 17.65
C ASP M 156 -21.16 15.82 18.65
N PHE N 1 -62.83 -44.70 37.39
CA PHE N 1 -62.47 -44.33 36.01
C PHE N 1 -61.35 -43.31 35.90
N THR N 2 -60.34 -43.66 35.11
CA THR N 2 -59.23 -42.77 34.81
C THR N 2 -58.80 -42.82 33.35
N LEU N 3 -59.36 -43.74 32.56
CA LEU N 3 -58.77 -44.11 31.28
C LEU N 3 -58.53 -42.96 30.36
N ILE N 4 -59.41 -41.96 30.41
CA ILE N 4 -59.20 -40.82 29.56
C ILE N 4 -57.89 -40.13 29.92
N GLU N 5 -57.42 -40.32 31.15
CA GLU N 5 -56.08 -39.90 31.47
C GLU N 5 -55.04 -40.76 30.79
N LEU N 6 -55.35 -42.01 30.51
CA LEU N 6 -54.44 -42.84 29.73
C LEU N 6 -54.56 -42.52 28.26
N MET N 7 -55.79 -42.27 27.81
CA MET N 7 -56.02 -41.86 26.44
C MET N 7 -55.15 -40.67 26.08
N ILE N 8 -55.17 -39.66 26.94
CA ILE N 8 -54.50 -38.43 26.60
C ILE N 8 -52.99 -38.64 26.59
N VAL N 9 -52.50 -39.59 27.38
CA VAL N 9 -51.09 -39.95 27.27
C VAL N 9 -50.83 -40.47 25.87
N ILE N 10 -51.56 -41.49 25.47
CA ILE N 10 -51.31 -42.13 24.19
C ILE N 10 -51.60 -41.19 23.04
N ALA N 11 -52.30 -40.09 23.31
CA ALA N 11 -52.32 -38.96 22.40
C ALA N 11 -51.04 -38.16 22.48
N ILE N 12 -50.44 -38.07 23.67
CA ILE N 12 -49.13 -37.44 23.79
C ILE N 12 -48.07 -38.41 23.30
N VAL N 13 -48.31 -39.71 23.42
CA VAL N 13 -47.31 -40.67 22.95
C VAL N 13 -47.18 -40.57 21.45
N GLY N 14 -48.30 -40.70 20.76
CA GLY N 14 -48.26 -40.38 19.35
C GLY N 14 -47.93 -38.91 19.36
N ILE N 15 -46.67 -38.61 19.10
CA ILE N 15 -46.22 -37.24 19.10
C ILE N 15 -46.33 -36.80 17.66
N LEU N 16 -46.25 -35.49 17.47
CA LEU N 16 -46.07 -35.02 16.12
C LEU N 16 -44.72 -35.46 15.58
N ALA N 17 -43.68 -35.33 16.40
CA ALA N 17 -42.32 -35.30 15.88
C ALA N 17 -42.24 -34.19 14.82
N ALA N 18 -42.32 -32.98 15.36
CA ALA N 18 -42.58 -31.76 14.62
C ALA N 18 -41.82 -31.69 13.33
N VAL N 19 -42.46 -31.10 12.33
CA VAL N 19 -41.76 -30.70 11.11
C VAL N 19 -40.63 -29.74 11.43
N ALA N 20 -40.65 -29.13 12.62
CA ALA N 20 -39.50 -28.40 13.13
C ALA N 20 -38.32 -29.30 13.44
N LEU N 21 -38.40 -30.57 13.20
CA LEU N 21 -37.20 -31.37 13.04
C LEU N 21 -36.75 -31.42 11.57
N PRO N 22 -37.60 -31.85 10.62
CA PRO N 22 -37.14 -31.93 9.24
C PRO N 22 -37.05 -30.61 8.51
N ALA N 23 -37.79 -29.60 8.93
CA ALA N 23 -37.48 -28.27 8.43
C ALA N 23 -36.18 -27.75 9.01
N TYR N 24 -35.69 -28.37 10.08
CA TYR N 24 -34.44 -28.01 10.70
C TYR N 24 -33.41 -29.10 10.63
N GLN N 25 -33.71 -30.20 9.93
CA GLN N 25 -32.61 -30.85 9.25
C GLN N 25 -32.37 -30.13 7.94
N ASP N 26 -33.43 -29.53 7.37
CA ASP N 26 -33.27 -28.65 6.23
C ASP N 26 -32.60 -27.34 6.61
N TYR N 27 -32.66 -26.94 7.86
CA TYR N 27 -31.91 -25.78 8.33
C TYR N 27 -30.71 -26.17 9.18
N THR N 28 -30.67 -27.40 9.69
CA THR N 28 -29.39 -28.00 9.97
C THR N 28 -28.63 -28.18 8.68
N ALA N 29 -29.34 -28.56 7.63
CA ALA N 29 -28.72 -28.53 6.32
C ALA N 29 -28.24 -27.13 6.04
N ARG N 30 -29.06 -26.11 6.33
CA ARG N 30 -28.58 -24.74 6.16
C ARG N 30 -27.33 -24.49 6.98
N ALA N 31 -27.14 -25.22 8.06
CA ALA N 31 -25.88 -25.10 8.78
C ALA N 31 -24.73 -25.65 7.95
N GLN N 32 -24.82 -26.89 7.51
CA GLN N 32 -23.68 -27.43 6.79
C GLN N 32 -23.71 -27.11 5.31
N VAL N 33 -24.88 -26.81 4.77
CA VAL N 33 -24.91 -26.04 3.54
C VAL N 33 -24.08 -24.78 3.73
N SER N 34 -24.26 -24.11 4.86
CA SER N 34 -23.42 -22.95 5.13
C SER N 34 -21.97 -23.35 5.27
N GLU N 35 -21.72 -24.53 5.81
CA GLU N 35 -20.36 -25.03 5.86
C GLU N 35 -19.78 -25.14 4.45
N ALA N 36 -20.62 -25.44 3.47
CA ALA N 36 -20.16 -25.35 2.09
C ALA N 36 -20.01 -23.89 1.68
N ILE N 37 -20.89 -23.04 2.19
CA ILE N 37 -20.83 -21.64 1.83
C ILE N 37 -19.58 -21.01 2.43
N LEU N 38 -19.26 -21.38 3.65
CA LEU N 38 -18.09 -20.81 4.27
C LEU N 38 -16.83 -21.23 3.55
N LEU N 39 -16.84 -22.39 2.89
CA LEU N 39 -15.75 -22.68 1.99
C LEU N 39 -15.73 -21.68 0.86
N ALA N 40 -16.88 -21.52 0.21
CA ALA N 40 -17.04 -20.60 -0.91
C ALA N 40 -16.54 -19.22 -0.57
N GLU N 41 -16.70 -18.81 0.69
CA GLU N 41 -16.22 -17.53 1.16
C GLU N 41 -14.75 -17.32 0.83
N GLY N 42 -13.94 -18.36 0.97
CA GLY N 42 -12.54 -18.23 0.62
C GLY N 42 -12.36 -17.99 -0.86
N GLN N 43 -13.09 -18.74 -1.68
CA GLN N 43 -12.96 -18.59 -3.10
C GLN N 43 -13.58 -17.30 -3.61
N LYS N 44 -14.44 -16.65 -2.82
CA LYS N 44 -15.09 -15.42 -3.26
C LYS N 44 -14.05 -14.41 -3.71
N SER N 45 -13.04 -14.21 -2.87
CA SER N 45 -12.03 -13.24 -3.20
C SER N 45 -10.98 -13.82 -4.12
N ALA N 46 -10.72 -15.12 -4.02
CA ALA N 46 -9.71 -15.72 -4.85
C ALA N 46 -10.18 -15.86 -6.28
N VAL N 47 -11.40 -16.32 -6.47
CA VAL N 47 -12.01 -16.31 -7.80
C VAL N 47 -12.06 -14.88 -8.31
N THR N 48 -12.51 -13.99 -7.45
CA THR N 48 -12.48 -12.56 -7.75
C THR N 48 -11.08 -12.14 -8.13
N GLU N 49 -10.10 -12.66 -7.41
CA GLU N 49 -8.72 -12.24 -7.62
C GLU N 49 -8.29 -12.54 -9.04
N TYR N 50 -8.61 -13.74 -9.53
CA TYR N 50 -8.34 -14.04 -10.92
C TYR N 50 -9.18 -13.16 -11.83
N TYR N 51 -10.42 -12.92 -11.44
CA TYR N 51 -11.34 -12.21 -12.31
C TYR N 51 -10.90 -10.78 -12.53
N LEU N 52 -10.26 -10.20 -11.52
CA LEU N 52 -9.89 -8.79 -11.57
C LEU N 52 -8.53 -8.58 -12.19
N ASN N 53 -7.61 -9.51 -11.98
CA ASN N 53 -6.24 -9.39 -12.45
C ASN N 53 -5.96 -10.22 -13.69
N HIS N 54 -6.98 -10.84 -14.26
CA HIS N 54 -6.84 -11.47 -15.56
C HIS N 54 -8.02 -11.23 -16.48
N GLY N 55 -9.12 -10.71 -15.98
CA GLY N 55 -10.19 -10.25 -16.83
C GLY N 55 -11.11 -11.30 -17.33
N LYS N 56 -11.27 -12.37 -16.58
CA LYS N 56 -12.31 -13.33 -16.86
C LYS N 56 -12.40 -14.25 -15.69
N TRP N 57 -13.54 -14.87 -15.56
CA TRP N 57 -13.73 -15.78 -14.48
C TRP N 57 -12.78 -16.97 -14.64
N PRO N 58 -12.14 -17.42 -13.56
CA PRO N 58 -11.31 -18.62 -13.68
C PRO N 58 -12.17 -19.82 -14.00
N GLU N 59 -11.73 -20.56 -15.01
CA GLU N 59 -12.35 -21.84 -15.33
C GLU N 59 -12.41 -22.73 -14.10
N ASN N 60 -11.29 -22.83 -13.40
CA ASN N 60 -11.05 -23.95 -12.52
C ASN N 60 -10.11 -23.54 -11.39
N ASN N 61 -9.89 -24.50 -10.49
CA ASN N 61 -9.21 -24.23 -9.23
C ASN N 61 -7.82 -23.70 -9.46
N THR N 62 -7.06 -24.40 -10.29
CA THR N 62 -5.68 -24.07 -10.59
C THR N 62 -5.51 -22.63 -11.02
N SER N 63 -6.48 -22.09 -11.74
CA SER N 63 -6.46 -20.73 -12.21
C SER N 63 -6.87 -19.79 -11.11
N ALA N 64 -7.91 -20.17 -10.39
CA ALA N 64 -8.38 -19.41 -9.24
C ALA N 64 -7.27 -19.19 -8.23
N GLY N 65 -6.35 -20.14 -8.15
CA GLY N 65 -5.26 -20.08 -7.20
C GLY N 65 -5.55 -20.82 -5.93
N VAL N 66 -6.37 -21.87 -5.98
CA VAL N 66 -6.77 -22.62 -4.82
C VAL N 66 -6.32 -24.06 -5.04
N ALA N 67 -6.65 -24.94 -4.11
CA ALA N 67 -6.30 -26.35 -4.23
C ALA N 67 -6.77 -26.90 -5.56
N SER N 68 -5.81 -27.31 -6.39
CA SER N 68 -6.12 -27.72 -7.74
C SER N 68 -7.12 -28.86 -7.77
N SER N 69 -6.95 -29.83 -6.89
CA SER N 69 -8.00 -30.81 -6.69
C SER N 69 -9.11 -30.18 -5.86
N PRO N 70 -10.37 -30.20 -6.32
CA PRO N 70 -11.45 -29.62 -5.49
C PRO N 70 -11.68 -30.39 -4.22
N THR N 71 -11.58 -31.72 -4.29
CA THR N 71 -11.91 -32.58 -3.15
C THR N 71 -11.05 -32.27 -1.94
N ASP N 72 -9.83 -31.81 -2.17
CA ASP N 72 -8.98 -31.42 -1.06
C ASP N 72 -9.63 -30.32 -0.24
N ILE N 73 -10.22 -29.36 -0.91
CA ILE N 73 -11.04 -28.35 -0.26
C ILE N 73 -12.35 -29.03 0.07
N LYS N 74 -12.62 -29.20 1.36
CA LYS N 74 -13.82 -29.91 1.74
C LYS N 74 -14.21 -29.52 3.16
N GLY N 75 -15.39 -29.98 3.54
CA GLY N 75 -15.98 -29.63 4.81
C GLY N 75 -16.38 -30.88 5.56
N LYS N 76 -16.72 -30.66 6.84
CA LYS N 76 -17.15 -31.76 7.70
C LYS N 76 -18.28 -32.53 7.06
N TYR N 77 -19.20 -31.83 6.40
CA TYR N 77 -20.31 -32.42 5.67
C TYR N 77 -20.26 -32.09 4.18
N VAL N 78 -19.16 -31.52 3.70
CA VAL N 78 -19.01 -31.12 2.31
C VAL N 78 -17.99 -32.01 1.64
N LYS N 79 -18.28 -32.40 0.41
CA LYS N 79 -17.39 -33.25 -0.35
C LYS N 79 -16.26 -32.45 -0.99
N GLU N 80 -16.60 -31.53 -1.87
CA GLU N 80 -15.58 -30.81 -2.61
C GLU N 80 -16.09 -29.43 -2.96
N VAL N 81 -15.21 -28.65 -3.58
CA VAL N 81 -15.50 -27.31 -4.05
C VAL N 81 -14.75 -27.14 -5.36
N GLU N 82 -15.47 -27.00 -6.45
CA GLU N 82 -14.88 -26.74 -7.74
C GLU N 82 -15.19 -25.32 -8.20
N VAL N 83 -14.22 -24.72 -8.83
CA VAL N 83 -14.43 -23.50 -9.59
C VAL N 83 -14.89 -23.90 -10.98
N LYS N 84 -15.94 -23.24 -11.44
CA LYS N 84 -16.50 -23.52 -12.76
C LYS N 84 -16.76 -22.19 -13.44
N ASN N 85 -15.73 -21.68 -14.12
CA ASN N 85 -15.82 -20.39 -14.79
C ASN N 85 -16.34 -19.35 -13.82
N GLY N 86 -15.69 -19.27 -12.67
CA GLY N 86 -16.10 -18.33 -11.66
C GLY N 86 -17.13 -18.88 -10.71
N VAL N 87 -18.12 -19.57 -11.26
CA VAL N 87 -19.17 -20.13 -10.42
C VAL N 87 -18.57 -21.19 -9.53
N VAL N 88 -18.77 -21.03 -8.23
CA VAL N 88 -18.21 -21.92 -7.24
C VAL N 88 -19.28 -22.93 -6.89
N THR N 89 -19.06 -24.16 -7.35
CA THR N 89 -19.93 -25.27 -7.01
C THR N 89 -19.34 -26.03 -5.85
N ALA N 90 -20.19 -26.43 -4.93
CA ALA N 90 -19.80 -27.22 -3.78
C ALA N 90 -20.67 -28.46 -3.71
N THR N 91 -20.03 -29.60 -3.52
CA THR N 91 -20.70 -30.89 -3.43
C THR N 91 -20.69 -31.37 -2.00
N MET N 92 -21.81 -31.90 -1.55
CA MET N 92 -21.97 -32.38 -0.20
C MET N 92 -21.50 -33.82 -0.06
N LEU N 93 -21.19 -34.19 1.18
CA LEU N 93 -20.85 -35.57 1.48
C LEU N 93 -22.10 -36.44 1.46
N SER N 94 -21.86 -37.72 1.72
CA SER N 94 -22.87 -38.71 2.07
C SER N 94 -23.19 -38.57 3.55
N SER N 95 -23.75 -39.64 4.15
CA SER N 95 -24.42 -39.62 5.45
C SER N 95 -23.70 -38.85 6.55
N GLY N 96 -24.48 -38.46 7.54
CA GLY N 96 -24.18 -37.33 8.38
C GLY N 96 -25.47 -36.58 8.57
N VAL N 97 -26.36 -36.69 7.59
CA VAL N 97 -27.78 -36.45 7.77
C VAL N 97 -28.55 -37.45 6.93
N ASN N 98 -29.78 -37.68 7.34
CA ASN N 98 -30.74 -38.41 6.52
C ASN N 98 -31.11 -37.64 5.26
N ASN N 99 -30.91 -36.34 5.29
CA ASN N 99 -31.65 -35.41 4.48
C ASN N 99 -31.18 -35.46 3.04
N GLU N 100 -32.06 -34.98 2.17
CA GLU N 100 -31.87 -35.08 0.73
C GLU N 100 -30.85 -34.05 0.27
N ILE N 101 -29.62 -34.26 0.72
CA ILE N 101 -28.49 -33.39 0.39
C ILE N 101 -27.30 -34.24 -0.04
N LYS N 102 -27.38 -35.54 0.18
CA LYS N 102 -26.19 -36.36 0.19
C LYS N 102 -25.62 -36.47 -1.22
N GLY N 103 -24.44 -35.90 -1.39
CA GLY N 103 -23.88 -35.76 -2.72
C GLY N 103 -24.48 -34.64 -3.53
N LYS N 104 -25.46 -33.92 -3.00
CA LYS N 104 -26.08 -32.85 -3.75
C LYS N 104 -25.15 -31.66 -3.83
N LYS N 105 -25.52 -30.73 -4.70
CA LYS N 105 -24.67 -29.59 -5.02
C LYS N 105 -25.31 -28.29 -4.60
N LEU N 106 -24.43 -27.37 -4.31
CA LEU N 106 -24.75 -25.96 -4.24
C LEU N 106 -23.83 -25.23 -5.19
N SER N 107 -24.32 -24.12 -5.72
CA SER N 107 -23.50 -23.21 -6.48
C SER N 107 -23.60 -21.83 -5.87
N LEU N 108 -22.59 -21.03 -6.15
CA LEU N 108 -22.57 -19.63 -5.79
C LEU N 108 -22.41 -18.80 -7.05
N TRP N 109 -23.25 -17.80 -7.18
CA TRP N 109 -23.41 -17.06 -8.43
C TRP N 109 -22.92 -15.63 -8.25
N ALA N 110 -21.85 -15.31 -8.96
CA ALA N 110 -21.31 -13.97 -9.01
C ALA N 110 -21.89 -13.18 -10.16
N ARG N 111 -21.82 -11.87 -10.05
CA ARG N 111 -22.05 -10.98 -11.19
C ARG N 111 -21.60 -9.57 -10.87
N ARG N 112 -20.80 -9.00 -11.76
CA ARG N 112 -20.47 -7.59 -11.70
C ARG N 112 -21.73 -6.74 -11.79
N GLU N 113 -21.84 -5.79 -10.86
CA GLU N 113 -22.87 -4.77 -10.90
C GLU N 113 -22.15 -3.43 -10.87
N ASN N 114 -21.79 -2.94 -12.06
CA ASN N 114 -21.04 -1.71 -12.21
C ASN N 114 -19.77 -1.77 -11.37
N GLY N 115 -19.02 -2.82 -11.63
CA GLY N 115 -17.88 -3.19 -10.82
C GLY N 115 -18.29 -4.05 -9.66
N SER N 116 -19.15 -3.49 -8.81
CA SER N 116 -19.52 -4.12 -7.55
C SER N 116 -20.12 -5.49 -7.80
N VAL N 117 -19.44 -6.52 -7.32
CA VAL N 117 -19.81 -7.88 -7.64
C VAL N 117 -20.96 -8.33 -6.75
N LYS N 118 -21.74 -9.29 -7.24
CA LYS N 118 -22.99 -9.69 -6.62
C LYS N 118 -23.06 -11.19 -6.49
N TRP N 119 -23.05 -11.65 -5.26
CA TRP N 119 -22.93 -13.05 -4.93
C TRP N 119 -24.28 -13.59 -4.50
N PHE N 120 -24.83 -14.49 -5.30
CA PHE N 120 -26.07 -15.19 -4.96
C PHE N 120 -25.80 -16.67 -4.89
N CYS N 121 -26.24 -17.29 -3.82
CA CYS N 121 -25.99 -18.70 -3.63
C CYS N 121 -27.06 -19.48 -4.38
N GLY N 122 -27.11 -20.78 -4.14
CA GLY N 122 -28.35 -21.50 -4.32
C GLY N 122 -28.34 -22.42 -5.50
N GLN N 123 -29.44 -22.37 -6.23
CA GLN N 123 -29.79 -23.28 -7.30
C GLN N 123 -28.58 -23.44 -8.21
N PRO N 124 -28.14 -24.66 -8.53
CA PRO N 124 -26.88 -24.81 -9.25
C PRO N 124 -26.90 -24.12 -10.61
N VAL N 125 -25.85 -23.35 -10.87
CA VAL N 125 -25.70 -22.60 -12.11
C VAL N 125 -24.30 -22.84 -12.68
N THR N 126 -24.09 -22.37 -13.91
CA THR N 126 -22.80 -22.53 -14.57
C THR N 126 -22.59 -21.45 -15.59
N ARG N 127 -21.38 -20.92 -15.64
CA ARG N 127 -21.08 -19.78 -16.48
C ARG N 127 -20.62 -20.22 -17.85
N THR N 128 -20.88 -19.35 -18.83
CA THR N 128 -20.54 -19.60 -20.21
C THR N 128 -19.77 -18.42 -20.80
N ASP N 129 -20.06 -17.22 -20.32
CA ASP N 129 -19.42 -16.02 -20.80
C ASP N 129 -19.37 -15.05 -19.64
N ASP N 130 -18.72 -13.89 -19.88
CA ASP N 130 -18.28 -12.99 -18.82
C ASP N 130 -19.36 -12.67 -17.80
N ASP N 131 -20.60 -12.49 -18.25
CA ASP N 131 -21.75 -12.31 -17.38
C ASP N 131 -22.85 -13.32 -17.62
N THR N 132 -22.80 -14.04 -18.73
CA THR N 132 -23.81 -15.05 -19.01
C THR N 132 -23.60 -16.23 -18.09
N VAL N 133 -24.64 -16.60 -17.37
CA VAL N 133 -24.64 -17.82 -16.58
C VAL N 133 -25.95 -18.54 -16.82
N ALA N 134 -25.89 -19.85 -16.74
CA ALA N 134 -27.02 -20.72 -17.02
C ALA N 134 -27.48 -21.41 -15.76
N ASP N 135 -28.78 -21.65 -15.69
CA ASP N 135 -29.34 -22.53 -14.67
C ASP N 135 -28.85 -23.94 -14.94
N ALA N 136 -28.01 -24.46 -14.06
CA ALA N 136 -27.31 -25.72 -14.29
C ALA N 136 -28.14 -26.86 -13.73
N LYS N 137 -29.34 -26.97 -14.29
CA LYS N 137 -30.33 -27.90 -13.78
C LYS N 137 -29.96 -29.32 -14.16
N ASP N 138 -29.20 -29.96 -13.28
CA ASP N 138 -28.65 -31.29 -13.48
C ASP N 138 -29.24 -32.30 -12.51
N GLY N 139 -30.24 -31.92 -11.71
CA GLY N 139 -30.75 -32.76 -10.66
C GLY N 139 -29.97 -32.70 -9.38
N LYS N 140 -28.86 -31.96 -9.33
CA LYS N 140 -28.13 -31.73 -8.10
C LYS N 140 -28.56 -30.45 -7.40
N GLU N 141 -29.77 -30.00 -7.67
CA GLU N 141 -30.32 -28.85 -6.97
C GLU N 141 -30.76 -29.30 -5.60
N ILE N 142 -30.05 -28.83 -4.59
CA ILE N 142 -30.56 -28.94 -3.24
C ILE N 142 -31.85 -28.14 -3.19
N ASP N 143 -32.86 -28.69 -2.51
CA ASP N 143 -34.19 -28.10 -2.53
C ASP N 143 -34.21 -26.76 -1.81
N THR N 144 -35.18 -25.94 -2.18
CA THR N 144 -35.21 -24.56 -1.73
C THR N 144 -35.44 -24.45 -0.22
N LYS N 145 -36.10 -25.45 0.37
CA LYS N 145 -36.24 -25.49 1.81
C LYS N 145 -34.87 -25.44 2.47
N HIS N 146 -34.03 -26.40 2.11
CA HIS N 146 -32.67 -26.47 2.60
C HIS N 146 -31.96 -25.14 2.51
N LEU N 147 -32.08 -24.50 1.35
CA LEU N 147 -31.21 -23.43 0.96
C LEU N 147 -31.47 -22.21 1.83
N PRO N 148 -30.67 -21.18 1.68
CA PRO N 148 -30.99 -19.91 2.33
C PRO N 148 -32.27 -19.30 1.81
N SER N 149 -32.59 -18.14 2.34
CA SER N 149 -33.69 -17.32 1.88
C SER N 149 -33.19 -16.08 1.18
N THR N 150 -32.20 -15.42 1.79
CA THR N 150 -31.50 -14.36 1.08
C THR N 150 -30.91 -14.88 -0.22
N CYS N 151 -30.18 -15.99 -0.14
CA CYS N 151 -29.81 -16.74 -1.33
C CYS N 151 -30.82 -17.85 -1.56
N ARG N 152 -31.91 -17.48 -2.15
CA ARG N 152 -32.79 -18.42 -2.82
C ARG N 152 -32.87 -17.99 -4.27
N ASP N 153 -31.73 -17.55 -4.79
CA ASP N 153 -31.66 -16.78 -6.01
C ASP N 153 -31.05 -17.64 -7.10
N ASN N 154 -31.87 -17.97 -8.08
CA ASN N 154 -31.44 -18.64 -9.28
C ASN N 154 -30.82 -17.62 -10.21
N PHE N 155 -30.62 -17.98 -11.48
CA PHE N 155 -30.11 -17.00 -12.44
C PHE N 155 -31.17 -15.94 -12.69
N ASP N 156 -31.38 -15.10 -11.68
CA ASP N 156 -32.35 -14.02 -11.70
C ASP N 156 -33.71 -14.43 -12.25
N PHE O 1 -67.87 -50.42 45.09
CA PHE O 1 -66.48 -50.67 44.67
C PHE O 1 -65.90 -49.60 43.75
N THR O 2 -64.75 -49.08 44.14
CA THR O 2 -64.00 -48.12 43.34
C THR O 2 -62.50 -48.38 43.34
N LEU O 3 -62.02 -49.34 44.14
CA LEU O 3 -60.60 -49.41 44.49
C LEU O 3 -59.70 -49.47 43.30
N ILE O 4 -60.15 -50.12 42.23
CA ILE O 4 -59.31 -50.16 41.06
C ILE O 4 -59.07 -48.76 40.52
N GLU O 5 -59.96 -47.82 40.84
CA GLU O 5 -59.66 -46.44 40.58
C GLU O 5 -58.58 -45.90 41.48
N LEU O 6 -58.44 -46.45 42.68
CA LEU O 6 -57.33 -46.07 43.52
C LEU O 6 -56.06 -46.79 43.11
N MET O 7 -56.22 -48.05 42.70
CA MET O 7 -55.09 -48.82 42.18
C MET O 7 -54.41 -48.06 41.07
N ILE O 8 -55.20 -47.58 40.13
CA ILE O 8 -54.63 -46.98 38.93
C ILE O 8 -53.95 -45.67 39.30
N VAL O 9 -54.42 -45.00 40.33
CA VAL O 9 -53.69 -43.83 40.83
C VAL O 9 -52.31 -44.27 41.27
N ILE O 10 -52.26 -45.22 42.19
CA ILE O 10 -50.99 -45.62 42.76
C ILE O 10 -50.10 -46.27 41.72
N ALA O 11 -50.67 -46.67 40.58
CA ALA O 11 -49.88 -46.94 39.40
C ALA O 11 -49.40 -45.67 38.74
N ILE O 12 -50.21 -44.61 38.78
CA ILE O 12 -49.74 -43.31 38.30
C ILE O 12 -48.81 -42.70 39.32
N VAL O 13 -49.00 -43.01 40.60
CA VAL O 13 -48.13 -42.43 41.61
C VAL O 13 -46.73 -42.96 41.43
N GLY O 14 -46.60 -44.28 41.40
CA GLY O 14 -45.34 -44.81 40.99
C GLY O 14 -45.21 -44.35 39.57
N ILE O 15 -44.43 -43.30 39.38
CA ILE O 15 -44.26 -42.75 38.05
C ILE O 15 -43.02 -43.42 37.50
N LEU O 16 -42.83 -43.28 36.21
CA LEU O 16 -41.56 -43.66 35.67
C LEU O 16 -40.47 -42.75 36.19
N ALA O 17 -40.74 -41.44 36.22
CA ALA O 17 -39.68 -40.46 36.28
C ALA O 17 -38.71 -40.70 35.13
N ALA O 18 -39.26 -40.41 33.95
CA ALA O 18 -38.74 -40.82 32.66
C ALA O 18 -37.23 -40.69 32.59
N VAL O 19 -36.63 -41.64 31.86
CA VAL O 19 -35.24 -41.51 31.45
C VAL O 19 -35.04 -40.25 30.63
N ALA O 20 -36.12 -39.66 30.11
CA ALA O 20 -36.09 -38.33 29.52
C ALA O 20 -35.82 -37.25 30.55
N LEU O 21 -35.63 -37.58 31.79
CA LEU O 21 -34.94 -36.68 32.69
C LEU O 21 -33.43 -36.92 32.68
N PRO O 22 -32.95 -38.14 32.96
CA PRO O 22 -31.50 -38.34 32.99
C PRO O 22 -30.82 -38.43 31.65
N ALA O 23 -31.55 -38.78 30.60
CA ALA O 23 -30.97 -38.58 29.28
C ALA O 23 -30.93 -37.09 28.92
N TYR O 24 -31.66 -36.27 29.66
CA TYR O 24 -31.68 -34.84 29.46
C TYR O 24 -31.14 -34.08 30.65
N GLN O 25 -30.64 -34.77 31.66
CA GLN O 25 -29.52 -34.18 32.36
C GLN O 25 -28.25 -34.45 31.57
N ASP O 26 -28.22 -35.57 30.85
CA ASP O 26 -27.14 -35.83 29.91
C ASP O 26 -27.20 -34.91 28.70
N TYR O 27 -28.37 -34.37 28.38
CA TYR O 27 -28.47 -33.37 27.34
C TYR O 27 -28.70 -31.97 27.89
N THR O 28 -29.12 -31.85 29.15
CA THR O 28 -28.79 -30.65 29.90
C THR O 28 -27.30 -30.56 30.05
N ALA O 29 -26.66 -31.70 30.29
CA ALA O 29 -25.21 -31.72 30.23
C ALA O 29 -24.77 -31.25 28.87
N ARG O 30 -25.42 -31.73 27.81
CA ARG O 30 -25.07 -31.23 26.48
C ARG O 30 -25.26 -29.73 26.39
N ALA O 31 -26.14 -29.16 27.22
CA ALA O 31 -26.23 -27.70 27.27
C ALA O 31 -24.96 -27.11 27.87
N GLN O 32 -24.58 -27.53 29.07
CA GLN O 32 -23.42 -26.88 29.67
C GLN O 32 -22.12 -27.53 29.24
N VAL O 33 -22.16 -28.77 28.80
CA VAL O 33 -21.08 -29.25 27.94
C VAL O 33 -20.91 -28.28 26.79
N SER O 34 -22.01 -27.86 26.18
CA SER O 34 -21.90 -26.87 25.12
C SER O 34 -21.37 -25.57 25.67
N GLU O 35 -21.74 -25.23 26.90
CA GLU O 35 -21.17 -24.06 27.53
C GLU O 35 -19.65 -24.17 27.60
N ALA O 36 -19.13 -25.38 27.76
CA ALA O 36 -17.70 -25.56 27.61
C ALA O 36 -17.29 -25.44 26.16
N ILE O 37 -18.14 -25.90 25.26
CA ILE O 37 -17.82 -25.84 23.86
C ILE O 37 -17.82 -24.39 23.38
N LEU O 38 -18.76 -23.61 23.87
CA LEU O 38 -18.82 -22.24 23.45
C LEU O 38 -17.61 -21.47 23.95
N LEU O 39 -17.00 -21.91 25.05
CA LEU O 39 -15.69 -21.36 25.39
C LEU O 39 -14.70 -21.72 24.32
N ALA O 40 -14.63 -23.02 24.00
CA ALA O 40 -13.71 -23.54 23.01
C ALA O 40 -13.82 -22.78 21.70
N GLU O 41 -15.03 -22.33 21.36
CA GLU O 41 -15.26 -21.54 20.17
C GLU O 41 -14.32 -20.35 20.08
N GLY O 42 -14.06 -19.69 21.20
CA GLY O 42 -13.13 -18.58 21.18
C GLY O 42 -11.73 -19.05 20.87
N GLN O 43 -11.31 -20.13 21.48
CA GLN O 43 -9.98 -20.63 21.25
C GLN O 43 -9.81 -21.25 19.88
N LYS O 44 -10.92 -21.61 19.20
CA LYS O 44 -10.83 -22.22 17.89
C LYS O 44 -9.98 -21.39 16.96
N SER O 45 -10.29 -20.10 16.91
CA SER O 45 -9.58 -19.21 16.02
C SER O 45 -8.27 -18.75 16.64
N ALA O 46 -8.23 -18.63 17.96
CA ALA O 46 -7.02 -18.15 18.60
C ALA O 46 -5.94 -19.22 18.59
N VAL O 47 -6.31 -20.45 18.92
CA VAL O 47 -5.39 -21.57 18.76
C VAL O 47 -4.97 -21.67 17.32
N THR O 48 -5.96 -21.60 16.42
CA THR O 48 -5.70 -21.53 15.01
C THR O 48 -4.74 -20.40 14.69
N GLU O 49 -4.94 -19.27 15.36
CA GLU O 49 -4.15 -18.09 15.06
C GLU O 49 -2.68 -18.36 15.30
N TYR O 50 -2.37 -18.99 16.43
CA TYR O 50 -1.00 -19.40 16.66
C TYR O 50 -0.58 -20.43 15.64
N TYR O 51 -1.48 -21.34 15.30
CA TYR O 51 -1.11 -22.47 14.46
C TYR O 51 -0.75 -22.01 13.06
N LEU O 52 -1.37 -20.92 12.62
CA LEU O 52 -1.19 -20.45 11.26
C LEU O 52 -0.04 -19.48 11.13
N ASN O 53 0.20 -18.69 12.16
CA ASN O 53 1.22 -17.66 12.14
C ASN O 53 2.46 -18.04 12.90
N HIS O 54 2.55 -19.29 13.38
CA HIS O 54 3.78 -19.79 13.93
C HIS O 54 4.08 -21.21 13.53
N GLY O 55 3.13 -21.92 12.93
CA GLY O 55 3.41 -23.19 12.32
C GLY O 55 3.48 -24.36 13.24
N LYS O 56 2.75 -24.29 14.34
CA LYS O 56 2.57 -25.46 15.16
C LYS O 56 1.49 -25.12 16.16
N TRP O 57 0.88 -26.16 16.67
CA TRP O 57 -0.16 -25.96 17.62
C TRP O 57 0.42 -25.32 18.88
N PRO O 58 -0.25 -24.34 19.47
CA PRO O 58 0.24 -23.79 20.73
C PRO O 58 0.17 -24.83 21.81
N GLU O 59 1.28 -24.97 22.53
CA GLU O 59 1.31 -25.81 23.72
C GLU O 59 0.20 -25.42 24.68
N ASN O 60 0.07 -24.13 24.94
CA ASN O 60 -0.60 -23.66 26.12
C ASN O 60 -1.19 -22.29 25.89
N ASN O 61 -1.89 -21.80 26.92
CA ASN O 61 -2.72 -20.62 26.81
C ASN O 61 -1.91 -19.42 26.40
N THR O 62 -0.81 -19.18 27.11
CA THR O 62 0.05 -18.04 26.89
C THR O 62 0.49 -17.92 25.44
N SER O 63 0.70 -19.03 24.78
CA SER O 63 1.10 -19.06 23.39
C SER O 63 -0.08 -18.84 22.48
N ALA O 64 -1.19 -19.49 22.81
CA ALA O 64 -2.43 -19.32 22.10
C ALA O 64 -2.84 -17.86 22.05
N GLY O 65 -2.51 -17.12 23.09
CA GLY O 65 -2.87 -15.73 23.20
C GLY O 65 -4.13 -15.50 24.00
N VAL O 66 -4.42 -16.38 24.95
CA VAL O 66 -5.63 -16.33 25.73
C VAL O 66 -5.21 -16.19 27.19
N ALA O 67 -6.17 -16.18 28.10
CA ALA O 67 -5.88 -16.08 29.53
C ALA O 67 -4.89 -17.14 29.94
N SER O 68 -3.71 -16.70 30.38
CA SER O 68 -2.63 -17.61 30.66
C SER O 68 -3.03 -18.65 31.70
N SER O 69 -3.72 -18.23 32.74
CA SER O 69 -4.35 -19.19 33.64
C SER O 69 -5.60 -19.74 32.95
N PRO O 70 -5.74 -21.07 32.81
CA PRO O 70 -6.97 -21.60 32.19
C PRO O 70 -8.21 -21.34 33.02
N THR O 71 -8.07 -21.43 34.34
CA THR O 71 -9.22 -21.33 35.24
C THR O 71 -9.93 -20.00 35.10
N ASP O 72 -9.20 -18.96 34.74
CA ASP O 72 -9.82 -17.67 34.52
C ASP O 72 -10.86 -17.77 33.43
N ILE O 73 -10.53 -18.47 32.35
CA ILE O 73 -11.50 -18.81 31.31
C ILE O 73 -12.37 -19.90 31.88
N LYS O 74 -13.64 -19.60 32.12
CA LYS O 74 -14.50 -20.59 32.73
C LYS O 74 -15.94 -20.27 32.41
N GLY O 75 -16.80 -21.21 32.77
CA GLY O 75 -18.21 -21.14 32.45
C GLY O 75 -19.04 -21.32 33.70
N LYS O 76 -20.34 -21.03 33.54
CA LYS O 76 -21.29 -21.17 34.65
C LYS O 76 -21.20 -22.54 35.27
N TYR O 77 -21.02 -23.57 34.43
CA TYR O 77 -20.85 -24.94 34.87
C TYR O 77 -19.50 -25.52 34.44
N VAL O 78 -18.59 -24.68 33.95
CA VAL O 78 -17.28 -25.11 33.48
C VAL O 78 -16.21 -24.60 34.42
N LYS O 79 -15.23 -25.44 34.69
CA LYS O 79 -14.14 -25.07 35.57
C LYS O 79 -13.09 -24.25 34.85
N GLU O 80 -12.46 -24.84 33.83
CA GLU O 80 -11.35 -24.17 33.17
C GLU O 80 -11.30 -24.61 31.72
N VAL O 81 -10.36 -24.01 30.99
CA VAL O 81 -10.09 -24.33 29.60
C VAL O 81 -8.60 -24.19 29.42
N GLU O 82 -7.94 -25.31 29.13
CA GLU O 82 -6.52 -25.32 28.85
C GLU O 82 -6.28 -25.63 27.38
N VAL O 83 -5.28 -24.96 26.84
CA VAL O 83 -4.71 -25.35 25.56
C VAL O 83 -3.67 -26.41 25.81
N LYS O 84 -3.74 -27.47 25.02
CA LYS O 84 -2.79 -28.58 25.16
C LYS O 84 -2.32 -28.95 23.77
N ASN O 85 -1.27 -28.27 23.31
CA ASN O 85 -0.72 -28.49 21.99
C ASN O 85 -1.84 -28.42 20.97
N GLY O 86 -2.58 -27.34 21.02
CA GLY O 86 -3.69 -27.13 20.12
C GLY O 86 -4.98 -27.71 20.63
N VAL O 87 -4.93 -28.91 21.18
CA VAL O 87 -6.13 -29.55 21.68
C VAL O 87 -6.64 -28.74 22.86
N VAL O 88 -7.90 -28.34 22.77
CA VAL O 88 -8.53 -27.50 23.78
C VAL O 88 -9.29 -28.42 24.71
N THR O 89 -8.77 -28.57 25.90
CA THR O 89 -9.43 -29.33 26.95
C THR O 89 -10.20 -28.37 27.84
N ALA O 90 -11.39 -28.79 28.22
CA ALA O 90 -12.24 -28.03 29.12
C ALA O 90 -12.66 -28.92 30.27
N THR O 91 -12.54 -28.40 31.48
CA THR O 91 -12.88 -29.11 32.69
C THR O 91 -14.16 -28.51 33.28
N MET O 92 -15.04 -29.40 33.72
CA MET O 92 -16.31 -28.99 34.27
C MET O 92 -16.22 -28.68 35.76
N LEU O 93 -17.18 -27.90 36.24
CA LEU O 93 -17.27 -27.63 37.67
C LEU O 93 -17.79 -28.85 38.41
N SER O 94 -17.89 -28.68 39.72
CA SER O 94 -18.64 -29.54 40.62
C SER O 94 -20.11 -29.16 40.56
N SER O 95 -20.87 -29.52 41.60
CA SER O 95 -22.34 -29.54 41.61
C SER O 95 -23.02 -28.33 41.00
N GLY O 96 -24.25 -28.56 40.58
CA GLY O 96 -24.90 -27.79 39.55
C GLY O 96 -25.66 -28.76 38.70
N VAL O 97 -25.16 -30.00 38.66
CA VAL O 97 -25.96 -31.16 38.29
C VAL O 97 -25.52 -32.33 39.15
N ASN O 98 -26.44 -33.28 39.29
CA ASN O 98 -26.12 -34.57 39.87
C ASN O 98 -25.17 -35.36 38.99
N ASN O 99 -25.13 -35.02 37.71
CA ASN O 99 -24.74 -35.93 36.66
C ASN O 99 -23.24 -36.15 36.66
N GLU O 100 -22.85 -37.25 36.05
CA GLU O 100 -21.48 -37.73 36.06
C GLU O 100 -20.63 -36.90 35.10
N ILE O 101 -20.49 -35.63 35.46
CA ILE O 101 -19.71 -34.67 34.69
C ILE O 101 -18.78 -33.90 35.61
N LYS O 102 -18.99 -34.01 36.91
CA LYS O 102 -18.46 -33.05 37.85
C LYS O 102 -16.95 -33.17 37.92
N GLY O 103 -16.28 -32.13 37.45
CA GLY O 103 -14.85 -32.19 37.28
C GLY O 103 -14.40 -32.95 36.05
N LYS O 104 -15.32 -33.51 35.28
CA LYS O 104 -14.93 -34.27 34.11
C LYS O 104 -14.48 -33.33 33.01
N LYS O 105 -13.88 -33.93 31.99
CA LYS O 105 -13.23 -33.20 30.92
C LYS O 105 -13.91 -33.42 29.61
N LEU O 106 -13.81 -32.40 28.78
CA LEU O 106 -14.03 -32.50 27.36
C LEU O 106 -12.78 -32.01 26.66
N SER O 107 -12.55 -32.54 25.48
CA SER O 107 -11.52 -32.04 24.60
C SER O 107 -12.14 -31.70 23.26
N LEU O 108 -11.45 -30.83 22.54
CA LEU O 108 -11.80 -30.49 21.18
C LEU O 108 -10.61 -30.80 20.30
N TRP O 109 -10.88 -31.50 19.19
CA TRP O 109 -9.85 -32.10 18.36
C TRP O 109 -9.81 -31.42 17.02
N ALA O 110 -8.71 -30.73 16.75
CA ALA O 110 -8.45 -30.12 15.46
C ALA O 110 -7.69 -31.06 14.55
N ARG O 111 -7.78 -30.79 13.25
CA ARG O 111 -6.88 -31.38 12.28
C ARG O 111 -6.99 -30.67 10.94
N ARG O 112 -5.84 -30.30 10.40
CA ARG O 112 -5.77 -29.81 9.03
C ARG O 112 -6.26 -30.87 8.06
N GLU O 113 -7.16 -30.46 7.17
CA GLU O 113 -7.61 -31.28 6.05
C GLU O 113 -7.33 -30.47 4.79
N ASN O 114 -6.12 -30.61 4.26
CA ASN O 114 -5.67 -29.85 3.11
C ASN O 114 -5.87 -28.37 3.34
N GLY O 115 -5.28 -27.93 4.44
CA GLY O 115 -5.49 -26.61 4.96
C GLY O 115 -6.70 -26.56 5.86
N SER O 116 -7.86 -26.89 5.28
CA SER O 116 -9.14 -26.74 5.96
C SER O 116 -9.15 -27.55 7.24
N VAL O 117 -9.27 -26.85 8.36
CA VAL O 117 -9.12 -27.48 9.65
C VAL O 117 -10.43 -28.17 10.04
N LYS O 118 -10.30 -29.18 10.90
CA LYS O 118 -11.41 -30.08 11.21
C LYS O 118 -11.53 -30.26 12.70
N TRP O 119 -12.62 -29.76 13.25
CA TRP O 119 -12.84 -29.67 14.67
C TRP O 119 -13.82 -30.75 15.10
N PHE O 120 -13.32 -31.70 15.88
CA PHE O 120 -14.16 -32.74 16.49
C PHE O 120 -14.08 -32.64 17.99
N CYS O 121 -15.22 -32.64 18.63
CA CYS O 121 -15.26 -32.49 20.08
C CYS O 121 -15.04 -33.86 20.69
N GLY O 122 -15.26 -33.96 21.99
CA GLY O 122 -15.63 -35.21 22.58
C GLY O 122 -14.55 -35.83 23.42
N GLN O 123 -14.38 -37.12 23.22
CA GLN O 123 -13.56 -38.01 24.01
C GLN O 123 -12.21 -37.35 24.23
N PRO O 124 -11.71 -37.25 25.45
CA PRO O 124 -10.50 -36.45 25.67
C PRO O 124 -9.31 -36.98 24.90
N VAL O 125 -8.62 -36.08 24.21
CA VAL O 125 -7.45 -36.40 23.40
C VAL O 125 -6.32 -35.42 23.73
N THR O 126 -5.13 -35.72 23.21
CA THR O 126 -3.97 -34.87 23.46
C THR O 126 -2.98 -35.01 22.33
N ARG O 127 -2.41 -33.88 21.92
CA ARG O 127 -1.56 -33.85 20.75
C ARG O 127 -0.11 -34.09 21.14
N THR O 128 0.64 -34.65 20.19
CA THR O 128 2.04 -34.99 20.38
C THR O 128 2.89 -34.42 19.25
N ASP O 129 2.30 -34.33 18.05
CA ASP O 129 3.00 -33.83 16.89
C ASP O 129 1.96 -33.16 16.00
N ASP O 130 2.45 -32.55 14.92
CA ASP O 130 1.67 -31.59 14.13
C ASP O 130 0.28 -32.07 13.77
N ASP O 131 0.13 -33.36 13.44
CA ASP O 131 -1.17 -33.97 13.21
C ASP O 131 -1.41 -35.18 14.10
N THR O 132 -0.39 -35.71 14.74
CA THR O 132 -0.57 -36.85 15.62
C THR O 132 -1.27 -36.40 16.88
N VAL O 133 -2.38 -37.05 17.19
CA VAL O 133 -3.06 -36.85 18.46
C VAL O 133 -3.42 -38.20 19.03
N ALA O 134 -3.44 -38.27 20.35
CA ALA O 134 -3.67 -39.51 21.08
C ALA O 134 -4.99 -39.44 21.81
N ASP O 135 -5.62 -40.60 21.93
CA ASP O 135 -6.77 -40.75 22.82
C ASP O 135 -6.28 -40.60 24.25
N ALA O 136 -6.69 -39.52 24.90
CA ALA O 136 -6.16 -39.14 26.20
C ALA O 136 -7.00 -39.78 27.29
N LYS O 137 -7.03 -41.10 27.24
CA LYS O 137 -7.91 -41.87 28.11
C LYS O 137 -7.38 -41.87 29.53
N ASP O 138 -7.83 -40.88 30.30
CA ASP O 138 -7.38 -40.63 31.66
C ASP O 138 -8.49 -40.85 32.68
N GLY O 139 -9.65 -41.36 32.25
CA GLY O 139 -10.81 -41.44 33.10
C GLY O 139 -11.61 -40.18 33.21
N LYS O 140 -11.18 -39.08 32.58
CA LYS O 140 -11.97 -37.86 32.50
C LYS O 140 -12.80 -37.80 31.24
N GLU O 141 -13.11 -38.94 30.65
CA GLU O 141 -13.99 -38.99 29.51
C GLU O 141 -15.41 -38.84 30.01
N ILE O 142 -16.00 -37.71 29.69
CA ILE O 142 -17.44 -37.59 29.83
C ILE O 142 -18.08 -38.62 28.90
N ASP O 143 -19.13 -39.29 29.40
CA ASP O 143 -19.70 -40.41 28.70
C ASP O 143 -20.38 -39.96 27.41
N THR O 144 -20.50 -40.89 26.47
CA THR O 144 -20.94 -40.56 25.12
C THR O 144 -22.39 -40.09 25.10
N LYS O 145 -23.19 -40.55 26.06
CA LYS O 145 -24.54 -40.04 26.20
C LYS O 145 -24.53 -38.53 26.31
N HIS O 146 -23.82 -38.05 27.33
CA HIS O 146 -23.65 -36.62 27.57
C HIS O 146 -23.29 -35.89 26.29
N LEU O 147 -22.32 -36.41 25.58
CA LEU O 147 -21.61 -35.68 24.58
C LEU O 147 -22.51 -35.40 23.39
N PRO O 148 -22.04 -34.63 22.43
CA PRO O 148 -22.79 -34.49 21.19
C PRO O 148 -22.90 -35.78 20.43
N SER O 149 -23.54 -35.69 19.28
CA SER O 149 -23.63 -36.79 18.34
C SER O 149 -22.80 -36.50 17.10
N THR O 150 -22.92 -35.29 16.58
CA THR O 150 -21.99 -34.84 15.54
C THR O 150 -20.56 -34.95 16.03
N CYS O 151 -20.28 -34.39 17.21
CA CYS O 151 -19.04 -34.66 17.92
C CYS O 151 -19.27 -35.78 18.90
N ARG O 152 -19.22 -36.98 18.38
CA ARG O 152 -19.00 -38.17 19.18
C ARG O 152 -17.73 -38.83 18.66
N ASP O 153 -16.77 -37.99 18.31
CA ASP O 153 -15.66 -38.37 17.45
C ASP O 153 -14.40 -38.40 18.30
N ASN O 154 -13.88 -39.60 18.48
CA ASN O 154 -12.59 -39.82 19.11
C ASN O 154 -11.51 -39.55 18.09
N PHE O 155 -10.28 -39.98 18.37
CA PHE O 155 -9.20 -39.82 17.40
C PHE O 155 -9.47 -40.75 16.23
N ASP O 156 -10.48 -40.40 15.43
CA ASP O 156 -10.92 -41.15 14.27
C ASP O 156 -11.02 -42.65 14.51
N PHE P 1 -76.90 -52.22 50.80
CA PHE P 1 -75.91 -51.19 51.16
C PHE P 1 -74.85 -50.95 50.08
N THR P 2 -74.70 -49.69 49.71
CA THR P 2 -73.67 -49.26 48.77
C THR P 2 -73.00 -47.96 49.18
N LEU P 3 -73.49 -47.28 50.22
CA LEU P 3 -73.17 -45.88 50.46
C LEU P 3 -71.70 -45.61 50.52
N ILE P 4 -70.94 -46.54 51.05
CA ILE P 4 -69.51 -46.32 51.10
C ILE P 4 -68.95 -46.18 49.69
N GLU P 5 -69.65 -46.72 48.70
CA GLU P 5 -69.30 -46.41 47.33
C GLU P 5 -69.64 -44.98 46.97
N LEU P 6 -70.64 -44.41 47.60
CA LEU P 6 -70.92 -42.99 47.39
C LEU P 6 -69.98 -42.13 48.20
N MET P 7 -69.66 -42.59 49.41
CA MET P 7 -68.68 -41.90 50.24
C MET P 7 -67.39 -41.70 49.48
N ILE P 8 -66.90 -42.76 48.86
CA ILE P 8 -65.60 -42.70 48.25
C ILE P 8 -65.64 -41.78 47.04
N VAL P 9 -66.79 -41.66 46.40
CA VAL P 9 -66.93 -40.68 45.33
C VAL P 9 -66.71 -39.30 45.93
N ILE P 10 -67.50 -38.96 46.94
CA ILE P 10 -67.44 -37.63 47.51
C ILE P 10 -66.10 -37.37 48.17
N ALA P 11 -65.32 -38.42 48.42
CA ALA P 11 -63.91 -38.26 48.70
C ALA P 11 -63.13 -37.97 47.43
N ILE P 12 -63.54 -38.55 46.31
CA ILE P 12 -62.92 -38.20 45.03
C ILE P 12 -63.44 -36.86 44.58
N VAL P 13 -64.67 -36.50 44.96
CA VAL P 13 -65.20 -35.21 44.54
C VAL P 13 -64.41 -34.09 45.18
N GLY P 14 -64.31 -34.14 46.51
CA GLY P 14 -63.37 -33.26 47.12
C GLY P 14 -62.05 -33.72 46.59
N ILE P 15 -61.55 -32.98 45.61
CA ILE P 15 -60.29 -33.34 44.99
C ILE P 15 -59.24 -32.57 45.73
N LEU P 16 -58.00 -32.95 45.52
CA LEU P 16 -56.94 -32.09 45.98
C LEU P 16 -56.95 -30.79 45.22
N ALA P 17 -57.12 -30.86 43.90
CA ALA P 17 -56.72 -29.77 43.03
C ALA P 17 -55.25 -29.44 43.30
N ALA P 18 -54.45 -30.41 42.87
CA ALA P 18 -53.05 -30.56 43.24
C ALA P 18 -52.32 -29.24 43.26
N VAL P 19 -51.38 -29.12 44.21
CA VAL P 19 -50.41 -28.04 44.18
C VAL P 19 -49.59 -28.08 42.89
N ALA P 20 -49.62 -29.20 42.17
CA ALA P 20 -49.10 -29.27 40.81
C ALA P 20 -49.94 -28.47 39.83
N LEU P 21 -50.96 -27.79 40.26
CA LEU P 21 -51.47 -26.68 39.50
C LEU P 21 -50.79 -25.35 39.88
N PRO P 22 -50.81 -24.94 41.16
CA PRO P 22 -50.19 -23.66 41.50
C PRO P 22 -48.69 -23.67 41.55
N ALA P 23 -48.06 -24.81 41.77
CA ALA P 23 -46.63 -24.85 41.53
C ALA P 23 -46.31 -24.80 40.04
N TYR P 24 -47.31 -25.03 39.20
CA TYR P 24 -47.17 -24.97 37.77
C TYR P 24 -48.00 -23.88 37.15
N GLN P 25 -48.67 -23.07 37.95
CA GLN P 25 -48.82 -21.70 37.51
C GLN P 25 -47.55 -20.94 37.85
N ASP P 26 -46.87 -21.36 38.92
CA ASP P 26 -45.54 -20.84 39.22
C ASP P 26 -44.50 -21.31 38.22
N TYR P 27 -44.74 -22.43 37.55
CA TYR P 27 -43.87 -22.87 36.46
C TYR P 27 -44.49 -22.67 35.09
N THR P 28 -45.81 -22.47 35.03
CA THR P 28 -46.35 -21.72 33.92
C THR P 28 -45.83 -20.31 33.98
N ALA P 29 -45.75 -19.77 35.19
CA ALA P 29 -45.05 -18.51 35.34
C ALA P 29 -43.65 -18.65 34.83
N ARG P 30 -42.96 -19.75 35.18
CA ARG P 30 -41.63 -19.96 34.62
C ARG P 30 -41.67 -19.99 33.11
N ALA P 31 -42.80 -20.35 32.51
CA ALA P 31 -42.92 -20.24 31.06
C ALA P 31 -42.90 -18.78 30.63
N GLN P 32 -43.80 -17.97 31.16
CA GLN P 32 -43.84 -16.59 30.68
C GLN P 32 -42.87 -15.69 31.41
N VAL P 33 -42.47 -16.07 32.61
CA VAL P 33 -41.22 -15.53 33.13
C VAL P 33 -40.12 -15.77 32.11
N SER P 34 -40.07 -16.98 31.54
CA SER P 34 -39.09 -17.22 30.50
C SER P 34 -39.37 -16.37 29.29
N GLU P 35 -40.65 -16.11 29.01
CA GLU P 35 -40.98 -15.19 27.94
C GLU P 35 -40.37 -13.82 28.20
N ALA P 36 -40.26 -13.42 29.46
CA ALA P 36 -39.49 -12.23 29.77
C ALA P 36 -38.01 -12.49 29.60
N ILE P 37 -37.58 -13.69 29.91
CA ILE P 37 -36.17 -14.01 29.79
C ILE P 37 -35.77 -14.05 28.32
N LEU P 38 -36.64 -14.59 27.49
CA LEU P 38 -36.31 -14.67 26.09
C LEU P 38 -36.24 -13.28 25.48
N LEU P 39 -36.95 -12.31 26.05
CA LEU P 39 -36.69 -10.93 25.64
C LEU P 39 -35.27 -10.56 26.03
N ALA P 40 -34.94 -10.78 27.30
CA ALA P 40 -33.63 -10.45 27.85
C ALA P 40 -32.52 -11.03 26.99
N GLU P 41 -32.76 -12.21 26.41
CA GLU P 41 -31.81 -12.85 25.52
C GLU P 41 -31.33 -11.91 24.43
N GLY P 42 -32.24 -11.11 23.87
CA GLY P 42 -31.83 -10.16 22.86
C GLY P 42 -30.91 -9.11 23.43
N GLN P 43 -31.27 -8.59 24.59
CA GLN P 43 -30.46 -7.56 25.19
C GLN P 43 -29.14 -8.09 25.73
N LYS P 44 -29.02 -9.40 25.94
CA LYS P 44 -27.79 -9.97 26.48
C LYS P 44 -26.60 -9.53 25.66
N SER P 45 -26.71 -9.68 24.34
CA SER P 45 -25.61 -9.32 23.48
C SER P 45 -25.60 -7.83 23.19
N ALA P 46 -26.77 -7.20 23.15
CA ALA P 46 -26.83 -5.79 22.85
C ALA P 46 -26.31 -4.96 24.01
N VAL P 47 -26.75 -5.28 25.21
CA VAL P 47 -26.18 -4.66 26.40
C VAL P 47 -24.70 -4.93 26.45
N THR P 48 -24.34 -6.20 26.22
CA THR P 48 -22.95 -6.58 26.09
C THR P 48 -22.27 -5.73 25.03
N GLU P 49 -22.97 -5.49 23.93
CA GLU P 49 -22.37 -4.78 22.82
C GLU P 49 -21.94 -3.39 23.25
N TYR P 50 -22.80 -2.69 23.98
CA TYR P 50 -22.40 -1.42 24.53
C TYR P 50 -21.27 -1.60 25.53
N TYR P 51 -21.35 -2.66 26.33
CA TYR P 51 -20.42 -2.83 27.42
C TYR P 51 -19.02 -3.07 26.90
N LEU P 52 -18.91 -3.69 25.74
CA LEU P 52 -17.62 -4.07 25.20
C LEU P 52 -17.00 -2.99 24.34
N ASN P 53 -17.84 -2.24 23.63
CA ASN P 53 -17.39 -1.21 22.71
C ASN P 53 -17.52 0.19 23.27
N HIS P 54 -17.89 0.33 24.53
CA HIS P 54 -17.83 1.62 25.20
C HIS P 54 -17.31 1.53 26.62
N GLY P 55 -17.18 0.34 27.18
CA GLY P 55 -16.48 0.18 28.43
C GLY P 55 -17.26 0.50 29.65
N LYS P 56 -18.57 0.34 29.60
CA LYS P 56 -19.38 0.41 30.79
C LYS P 56 -20.75 -0.08 30.42
N TRP P 57 -21.46 -0.52 31.42
CA TRP P 57 -22.77 -1.01 31.19
C TRP P 57 -23.66 0.14 30.70
N PRO P 58 -24.50 -0.10 29.69
CA PRO P 58 -25.42 0.96 29.28
C PRO P 58 -26.41 1.26 30.38
N GLU P 59 -26.56 2.54 30.67
CA GLU P 59 -27.59 2.99 31.59
C GLU P 59 -28.95 2.47 31.17
N ASN P 60 -29.26 2.62 29.89
CA ASN P 60 -30.63 2.59 29.43
C ASN P 60 -30.71 2.11 27.99
N ASN P 61 -31.95 2.00 27.52
CA ASN P 61 -32.24 1.34 26.26
C ASN P 61 -31.53 2.03 25.11
N THR P 62 -31.69 3.35 25.04
CA THR P 62 -31.13 4.15 23.97
C THR P 62 -29.65 3.93 23.79
N SER P 63 -28.93 3.70 24.87
CA SER P 63 -27.51 3.45 24.85
C SER P 63 -27.22 2.02 24.45
N ALA P 64 -28.00 1.10 25.02
CA ALA P 64 -27.91 -0.31 24.68
C ALA P 64 -28.08 -0.52 23.19
N GLY P 65 -28.87 0.32 22.56
CA GLY P 65 -29.15 0.20 21.14
C GLY P 65 -30.42 -0.54 20.86
N VAL P 66 -31.39 -0.49 21.75
CA VAL P 66 -32.64 -1.22 21.64
C VAL P 66 -33.76 -0.19 21.64
N ALA P 67 -35.00 -0.65 21.60
CA ALA P 67 -36.15 0.24 21.63
C ALA P 67 -36.07 1.19 22.81
N SER P 68 -35.95 2.48 22.50
CA SER P 68 -35.70 3.46 23.54
C SER P 68 -36.80 3.44 24.60
N SER P 69 -38.04 3.32 24.18
CA SER P 69 -39.11 3.04 25.13
C SER P 69 -39.03 1.57 25.52
N PRO P 70 -38.95 1.23 26.81
CA PRO P 70 -38.93 -0.20 27.18
C PRO P 70 -40.22 -0.92 26.85
N THR P 71 -41.35 -0.22 27.05
CA THR P 71 -42.66 -0.84 26.90
C THR P 71 -42.87 -1.38 25.50
N ASP P 72 -42.24 -0.77 24.51
CA ASP P 72 -42.34 -1.27 23.16
C ASP P 72 -41.82 -2.69 23.08
N ILE P 73 -40.70 -2.96 23.74
CA ILE P 73 -40.19 -4.31 23.91
C ILE P 73 -41.07 -4.96 24.96
N LYS P 74 -41.85 -5.95 24.55
CA LYS P 74 -42.76 -6.57 25.49
C LYS P 74 -43.11 -7.96 25.01
N GLY P 75 -43.80 -8.68 25.89
CA GLY P 75 -44.14 -10.06 25.66
C GLY P 75 -45.62 -10.28 25.84
N LYS P 76 -46.06 -11.47 25.42
CA LYS P 76 -47.46 -11.85 25.54
C LYS P 76 -47.95 -11.66 26.96
N TYR P 77 -47.11 -11.98 27.94
CA TYR P 77 -47.40 -11.79 29.35
C TYR P 77 -46.42 -10.84 30.01
N VAL P 78 -45.59 -10.15 29.24
CA VAL P 78 -44.57 -9.24 29.75
C VAL P 78 -44.96 -7.82 29.41
N LYS P 79 -44.74 -6.93 30.37
CA LYS P 79 -45.07 -5.52 30.16
C LYS P 79 -43.96 -4.81 29.40
N GLU P 80 -42.77 -4.75 29.98
CA GLU P 80 -41.70 -3.98 29.38
C GLU P 80 -40.36 -4.61 29.72
N VAL P 81 -39.31 -4.03 29.16
CA VAL P 81 -37.94 -4.44 29.41
C VAL P 81 -37.11 -3.17 29.42
N GLU P 82 -36.54 -2.83 30.57
CA GLU P 82 -35.66 -1.70 30.69
C GLU P 82 -34.23 -2.15 30.92
N VAL P 83 -33.32 -1.43 30.33
CA VAL P 83 -31.91 -1.53 30.68
C VAL P 83 -31.66 -0.61 31.84
N LYS P 84 -30.96 -1.13 32.84
CA LYS P 84 -30.65 -0.36 34.04
C LYS P 84 -29.19 -0.59 34.36
N ASN P 85 -28.33 0.23 33.76
CA ASN P 85 -26.89 0.11 33.95
C ASN P 85 -26.46 -1.33 33.70
N GLY P 86 -26.87 -1.84 32.55
CA GLY P 86 -26.55 -3.20 32.18
C GLY P 86 -27.57 -4.20 32.67
N VAL P 87 -28.02 -4.04 33.90
CA VAL P 87 -28.99 -4.97 34.45
C VAL P 87 -30.29 -4.83 33.68
N VAL P 88 -30.77 -5.93 33.15
CA VAL P 88 -31.96 -5.95 32.33
C VAL P 88 -33.12 -6.34 33.23
N THR P 89 -33.96 -5.36 33.51
CA THR P 89 -35.18 -5.58 34.26
C THR P 89 -36.33 -5.77 33.31
N ALA P 90 -37.19 -6.72 33.62
CA ALA P 90 -38.39 -7.00 32.84
C ALA P 90 -39.59 -6.97 33.77
N THR P 91 -40.63 -6.27 33.34
CA THR P 91 -41.86 -6.13 34.10
C THR P 91 -42.95 -6.94 33.43
N MET P 92 -43.73 -7.63 34.24
CA MET P 92 -44.79 -8.49 33.76
C MET P 92 -46.09 -7.72 33.55
N LEU P 93 -46.96 -8.27 32.73
CA LEU P 93 -48.28 -7.70 32.55
C LEU P 93 -49.16 -7.98 33.75
N SER P 94 -50.38 -7.47 33.66
CA SER P 94 -51.51 -7.84 34.51
C SER P 94 -52.11 -9.14 33.98
N SER P 95 -53.37 -9.41 34.34
CA SER P 95 -54.02 -10.72 34.22
C SER P 95 -53.79 -11.44 32.92
N GLY P 96 -53.97 -12.75 32.98
CA GLY P 96 -53.35 -13.69 32.09
C GLY P 96 -52.90 -14.87 32.93
N VAL P 97 -52.61 -14.58 34.20
CA VAL P 97 -52.62 -15.58 35.25
C VAL P 97 -53.18 -14.95 36.51
N ASN P 98 -53.69 -15.81 37.37
CA ASN P 98 -54.05 -15.43 38.73
C ASN P 98 -52.82 -15.06 39.55
N ASN P 99 -51.66 -15.54 39.14
CA ASN P 99 -50.53 -15.76 40.00
C ASN P 99 -49.87 -14.44 40.37
N GLU P 100 -49.13 -14.50 41.46
CA GLU P 100 -48.53 -13.32 42.06
C GLU P 100 -47.31 -12.89 41.26
N ILE P 101 -47.59 -12.46 40.04
CA ILE P 101 -46.57 -11.99 39.10
C ILE P 101 -47.00 -10.66 38.49
N LYS P 102 -48.26 -10.30 38.67
CA LYS P 102 -48.88 -9.30 37.83
C LYS P 102 -48.27 -7.94 38.09
N GLY P 103 -47.57 -7.42 37.10
CA GLY P 103 -46.78 -6.23 37.28
C GLY P 103 -45.47 -6.45 38.00
N LYS P 104 -45.18 -7.69 38.41
CA LYS P 104 -43.95 -7.94 39.12
C LYS P 104 -42.77 -7.90 38.17
N LYS P 105 -41.59 -7.88 38.75
CA LYS P 105 -40.35 -7.69 38.00
C LYS P 105 -39.47 -8.91 38.08
N LEU P 106 -38.69 -9.04 37.03
CA LEU P 106 -37.52 -9.88 37.00
C LEU P 106 -36.35 -9.01 36.58
N SER P 107 -35.17 -9.38 37.06
CA SER P 107 -33.94 -8.79 36.60
C SER P 107 -33.02 -9.89 36.11
N LEU P 108 -32.09 -9.49 35.27
CA LEU P 108 -31.03 -10.35 34.81
C LEU P 108 -29.70 -9.72 35.18
N TRP P 109 -28.82 -10.52 35.76
CA TRP P 109 -27.62 -10.03 36.41
C TRP P 109 -26.40 -10.50 35.64
N ALA P 110 -25.68 -9.56 35.06
CA ALA P 110 -24.43 -9.83 34.38
C ALA P 110 -23.25 -9.65 35.32
N ARG P 111 -22.13 -10.27 34.95
CA ARG P 111 -20.86 -9.96 35.57
C ARG P 111 -19.71 -10.56 34.77
N ARG P 112 -18.72 -9.73 34.47
CA ARG P 112 -17.48 -10.22 33.90
C ARG P 112 -16.81 -11.20 34.84
N GLU P 113 -16.41 -12.34 34.29
CA GLU P 113 -15.59 -13.32 34.98
C GLU P 113 -14.36 -13.53 34.11
N ASN P 114 -13.35 -12.70 34.34
CA ASN P 114 -12.12 -12.72 33.55
C ASN P 114 -12.45 -12.62 32.08
N GLY P 115 -13.19 -11.57 31.78
CA GLY P 115 -13.77 -11.37 30.47
C GLY P 115 -15.11 -12.05 30.37
N SER P 116 -15.09 -13.37 30.55
CA SER P 116 -16.26 -14.20 30.32
C SER P 116 -17.41 -13.75 31.20
N VAL P 117 -18.48 -13.27 30.58
CA VAL P 117 -19.56 -12.65 31.31
C VAL P 117 -20.47 -13.73 31.89
N LYS P 118 -21.17 -13.37 32.97
CA LYS P 118 -21.92 -14.32 33.77
C LYS P 118 -23.31 -13.80 34.03
N TRP P 119 -24.28 -14.48 33.48
CA TRP P 119 -25.67 -14.04 33.46
C TRP P 119 -26.47 -14.84 34.46
N PHE P 120 -26.93 -14.17 35.51
CA PHE P 120 -27.82 -14.77 36.50
C PHE P 120 -29.14 -14.03 36.51
N CYS P 121 -30.22 -14.77 36.44
CA CYS P 121 -31.53 -14.16 36.39
C CYS P 121 -31.97 -13.85 37.81
N GLY P 122 -33.23 -13.49 37.97
CA GLY P 122 -33.90 -13.71 39.22
C GLY P 122 -34.16 -12.45 40.00
N GLN P 123 -33.88 -12.54 41.28
CA GLN P 123 -34.21 -11.57 42.30
C GLN P 123 -33.82 -10.19 41.79
N PRO P 124 -34.70 -9.19 41.81
CA PRO P 124 -34.38 -7.93 41.15
C PRO P 124 -33.15 -7.26 41.74
N VAL P 125 -32.24 -6.84 40.86
CA VAL P 125 -31.00 -6.19 41.24
C VAL P 125 -30.81 -4.93 40.40
N THR P 126 -29.81 -4.13 40.78
CA THR P 126 -29.53 -2.88 40.07
C THR P 126 -28.07 -2.51 40.22
N ARG P 127 -27.48 -2.05 39.13
CA ARG P 127 -26.05 -1.79 39.11
C ARG P 127 -25.76 -0.36 39.51
N THR P 128 -24.58 -0.17 40.07
CA THR P 128 -24.12 1.11 40.55
C THR P 128 -22.73 1.44 40.00
N ASP P 129 -21.93 0.40 39.77
CA ASP P 129 -20.58 0.58 39.27
C ASP P 129 -20.26 -0.66 38.44
N ASP P 130 -19.08 -0.63 37.81
CA ASP P 130 -18.73 -1.55 36.73
C ASP P 130 -19.02 -3.01 37.05
N ASP P 131 -18.77 -3.43 38.29
CA ASP P 131 -19.12 -4.76 38.75
C ASP P 131 -20.00 -4.73 39.99
N THR P 132 -20.11 -3.60 40.67
CA THR P 132 -20.96 -3.51 41.83
C THR P 132 -22.41 -3.53 41.40
N VAL P 133 -23.17 -4.46 41.96
CA VAL P 133 -24.61 -4.49 41.77
C VAL P 133 -25.26 -4.72 43.13
N ALA P 134 -26.45 -4.16 43.28
CA ALA P 134 -27.19 -4.19 44.54
C ALA P 134 -28.43 -5.05 44.39
N ASP P 135 -28.80 -5.69 45.49
CA ASP P 135 -30.09 -6.35 45.58
C ASP P 135 -31.16 -5.26 45.58
N ALA P 136 -31.95 -5.22 44.52
CA ALA P 136 -32.88 -4.13 44.29
C ALA P 136 -34.23 -4.47 44.90
N LYS P 137 -34.17 -4.68 46.21
CA LYS P 137 -35.33 -5.18 46.94
C LYS P 137 -36.36 -4.08 47.09
N ASP P 138 -37.26 -4.04 46.12
CA ASP P 138 -38.29 -3.01 46.00
C ASP P 138 -39.69 -3.58 46.18
N GLY P 139 -39.81 -4.86 46.54
CA GLY P 139 -41.09 -5.53 46.57
C GLY P 139 -41.57 -6.06 45.25
N LYS P 140 -40.83 -5.83 44.17
CA LYS P 140 -41.13 -6.41 42.87
C LYS P 140 -40.37 -7.69 42.64
N GLU P 141 -39.95 -8.36 43.71
CA GLU P 141 -39.32 -9.65 43.60
C GLU P 141 -40.40 -10.68 43.35
N ILE P 142 -40.39 -11.23 42.14
CA ILE P 142 -41.15 -12.43 41.89
C ILE P 142 -40.59 -13.52 42.79
N ASP P 143 -41.49 -14.32 43.39
CA ASP P 143 -41.09 -15.26 44.41
C ASP P 143 -40.24 -16.38 43.81
N THR P 144 -39.43 -17.01 44.66
CA THR P 144 -38.43 -17.95 44.19
C THR P 144 -39.06 -19.20 43.59
N LYS P 145 -40.26 -19.55 44.03
CA LYS P 145 -40.99 -20.64 43.40
C LYS P 145 -41.12 -20.40 41.91
N HIS P 146 -41.72 -19.26 41.57
CA HIS P 146 -41.89 -18.85 40.18
C HIS P 146 -40.60 -18.99 39.40
N LEU P 147 -39.51 -18.50 39.98
CA LEU P 147 -38.32 -18.22 39.25
C LEU P 147 -37.66 -19.51 38.81
N PRO P 148 -36.61 -19.42 38.02
CA PRO P 148 -35.83 -20.62 37.72
C PRO P 148 -35.17 -21.19 38.95
N SER P 149 -34.42 -22.26 38.72
CA SER P 149 -33.59 -22.88 39.73
C SER P 149 -32.12 -22.65 39.45
N THR P 150 -31.73 -22.84 38.19
CA THR P 150 -30.40 -22.42 37.76
C THR P 150 -30.21 -20.93 38.04
N CYS P 151 -31.15 -20.11 37.59
CA CYS P 151 -31.23 -18.72 38.04
C CYS P 151 -32.19 -18.63 39.19
N ARG P 152 -31.69 -18.95 40.36
CA ARG P 152 -32.29 -18.53 41.61
C ARG P 152 -31.24 -17.72 42.35
N ASP P 153 -30.52 -16.92 41.58
CA ASP P 153 -29.26 -16.34 42.01
C ASP P 153 -29.46 -14.85 42.22
N ASN P 154 -29.37 -14.45 43.47
CA ASN P 154 -29.36 -13.05 43.86
C ASN P 154 -27.97 -12.49 43.63
N PHE P 155 -27.67 -11.32 44.19
CA PHE P 155 -26.33 -10.78 44.07
C PHE P 155 -25.38 -11.63 44.89
N ASP P 156 -25.12 -12.84 44.40
CA ASP P 156 -24.25 -13.83 45.02
C ASP P 156 -24.49 -13.98 46.52
N PHE Q 1 -85.99 -57.99 52.10
CA PHE Q 1 -85.88 -56.83 51.20
C PHE Q 1 -84.46 -56.32 50.99
N THR Q 2 -84.08 -56.20 49.73
CA THR Q 2 -82.79 -55.64 49.34
C THR Q 2 -82.88 -54.71 48.14
N LEU Q 3 -84.05 -54.62 47.49
CA LEU Q 3 -84.14 -54.08 46.14
C LEU Q 3 -83.55 -52.70 46.01
N ILE Q 4 -83.67 -51.90 47.05
CA ILE Q 4 -83.09 -50.58 46.97
C ILE Q 4 -81.58 -50.68 46.79
N GLU Q 5 -80.99 -51.79 47.19
CA GLU Q 5 -79.61 -52.05 46.83
C GLU Q 5 -79.47 -52.34 45.36
N LEU Q 6 -80.49 -52.90 44.72
CA LEU Q 6 -80.45 -53.07 43.28
C LEU Q 6 -80.77 -51.78 42.57
N MET Q 7 -81.70 -51.02 43.14
CA MET Q 7 -82.03 -49.70 42.61
C MET Q 7 -80.78 -48.86 42.48
N ILE Q 8 -79.99 -48.82 43.54
CA ILE Q 8 -78.87 -47.91 43.57
C ILE Q 8 -77.82 -48.37 42.57
N VAL Q 9 -77.75 -49.67 42.30
CA VAL Q 9 -76.88 -50.15 41.22
C VAL Q 9 -77.34 -49.53 39.92
N ILE Q 10 -78.60 -49.75 39.57
CA ILE Q 10 -79.11 -49.30 38.29
C ILE Q 10 -79.11 -47.78 38.20
N ALA Q 11 -78.98 -47.10 39.35
CA ALA Q 11 -78.60 -45.70 39.35
C ALA Q 11 -77.13 -45.52 39.05
N ILE Q 12 -76.29 -46.45 39.52
CA ILE Q 12 -74.88 -46.41 39.13
C ILE Q 12 -74.73 -46.91 37.72
N VAL Q 13 -75.61 -47.81 37.28
CA VAL Q 13 -75.49 -48.32 35.92
C VAL Q 13 -75.74 -47.20 34.93
N GLY Q 14 -76.88 -46.53 35.07
CA GLY Q 14 -77.04 -45.32 34.33
C GLY Q 14 -75.97 -44.43 34.88
N ILE Q 15 -74.87 -44.33 34.13
CA ILE Q 15 -73.76 -43.52 34.56
C ILE Q 15 -73.98 -42.18 33.94
N LEU Q 16 -73.24 -41.20 34.42
CA LEU Q 16 -73.20 -39.95 33.71
C LEU Q 16 -72.54 -40.14 32.36
N ALA Q 17 -71.43 -40.88 32.33
CA ALA Q 17 -70.49 -40.78 31.23
C ALA Q 17 -70.09 -39.32 31.07
N ALA Q 18 -69.33 -38.89 32.07
CA ALA Q 18 -69.05 -37.50 32.37
C ALA Q 18 -68.76 -36.70 31.14
N VAL Q 19 -69.20 -35.44 31.18
CA VAL Q 19 -68.76 -34.45 30.20
C VAL Q 19 -67.25 -34.29 30.23
N ALA Q 20 -66.59 -34.75 31.29
CA ALA Q 20 -65.15 -34.89 31.32
C ALA Q 20 -64.65 -35.98 30.38
N LEU Q 21 -65.50 -36.62 29.63
CA LEU Q 21 -65.06 -37.29 28.43
C LEU Q 21 -65.12 -36.35 27.21
N PRO Q 22 -66.29 -35.77 26.88
CA PRO Q 22 -66.34 -34.92 25.69
C PRO Q 22 -65.73 -33.55 25.85
N ALA Q 23 -65.62 -33.03 27.05
CA ALA Q 23 -64.77 -31.87 27.22
C ALA Q 23 -63.30 -32.23 27.09
N TYR Q 24 -62.99 -33.51 27.17
CA TYR Q 24 -61.63 -34.01 27.03
C TYR Q 24 -61.46 -34.90 25.83
N GLN Q 25 -62.50 -35.04 25.01
CA GLN Q 25 -62.19 -35.21 23.60
C GLN Q 25 -61.95 -33.84 22.99
N ASP Q 26 -62.59 -32.82 23.55
CA ASP Q 26 -62.29 -31.44 23.18
C ASP Q 26 -60.92 -31.01 23.69
N TYR Q 27 -60.41 -31.64 24.73
CA TYR Q 27 -59.05 -31.39 25.16
C TYR Q 27 -58.10 -32.52 24.82
N THR Q 28 -58.62 -33.70 24.50
CA THR Q 28 -57.88 -34.59 23.62
C THR Q 28 -57.73 -33.93 22.28
N ALA Q 29 -58.79 -33.26 21.82
CA ALA Q 29 -58.64 -32.43 20.65
C ALA Q 29 -57.55 -31.42 20.90
N ARG Q 30 -57.54 -30.79 22.08
CA ARG Q 30 -56.45 -29.87 22.38
C ARG Q 30 -55.11 -30.56 22.30
N ALA Q 31 -55.07 -31.88 22.51
CA ALA Q 31 -53.83 -32.60 22.29
C ALA Q 31 -53.46 -32.60 20.82
N GLN Q 32 -54.35 -33.08 19.95
CA GLN Q 32 -53.95 -33.16 18.56
C GLN Q 32 -54.20 -31.88 17.80
N VAL Q 33 -55.09 -31.03 18.29
CA VAL Q 33 -55.02 -29.63 17.92
C VAL Q 33 -53.61 -29.13 18.20
N SER Q 34 -53.06 -29.47 19.36
CA SER Q 34 -51.69 -29.09 19.62
C SER Q 34 -50.74 -29.77 18.66
N GLU Q 35 -51.06 -30.99 18.27
CA GLU Q 35 -50.26 -31.65 17.25
C GLU Q 35 -50.26 -30.83 15.97
N ALA Q 36 -51.34 -30.14 15.67
CA ALA Q 36 -51.30 -29.18 14.58
C ALA Q 36 -50.48 -27.96 14.96
N ILE Q 37 -50.55 -27.57 16.24
CA ILE Q 37 -49.81 -26.42 16.67
C ILE Q 37 -48.32 -26.70 16.65
N LEU Q 38 -47.94 -27.91 17.05
CA LEU Q 38 -46.54 -28.24 17.06
C LEU Q 38 -45.99 -28.27 15.65
N LEU Q 39 -46.83 -28.55 14.65
CA LEU Q 39 -46.38 -28.33 13.28
C LEU Q 39 -46.10 -26.86 13.07
N ALA Q 40 -47.10 -26.03 13.42
CA ALA Q 40 -47.01 -24.58 13.25
C ALA Q 40 -45.74 -24.04 13.87
N GLU Q 41 -45.30 -24.65 14.98
CA GLU Q 41 -44.08 -24.26 15.65
C GLU Q 41 -42.90 -24.20 14.69
N GLY Q 42 -42.81 -25.17 13.78
CA GLY Q 42 -41.74 -25.13 12.80
C GLY Q 42 -41.87 -23.94 11.88
N GLN Q 43 -43.08 -23.68 11.41
CA GLN Q 43 -43.28 -22.58 10.50
C GLN Q 43 -43.18 -21.23 11.19
N LYS Q 44 -43.28 -21.19 12.53
CA LYS Q 44 -43.21 -19.92 13.24
C LYS Q 44 -41.95 -19.17 12.86
N SER Q 45 -40.82 -19.86 12.91
CA SER Q 45 -39.57 -19.22 12.60
C SER Q 45 -39.33 -19.16 11.11
N ALA Q 46 -39.83 -20.14 10.37
CA ALA Q 46 -39.59 -20.17 8.94
C ALA Q 46 -40.43 -19.10 8.25
N VAL Q 47 -41.70 -19.00 8.60
CA VAL Q 47 -42.53 -17.91 8.12
C VAL Q 47 -41.90 -16.59 8.54
N THR Q 48 -41.52 -16.52 9.80
CA THR Q 48 -40.78 -15.38 10.31
C THR Q 48 -39.55 -15.13 9.47
N GLU Q 49 -38.88 -16.22 9.09
CA GLU Q 49 -37.63 -16.08 8.36
C GLU Q 49 -37.84 -15.35 7.05
N TYR Q 50 -38.89 -15.72 6.33
CA TYR Q 50 -39.23 -14.96 5.13
C TYR Q 50 -39.63 -13.56 5.49
N TYR Q 51 -40.36 -13.40 6.59
CA TYR Q 51 -40.92 -12.11 6.92
C TYR Q 51 -39.83 -11.11 7.26
N LEU Q 52 -38.73 -11.60 7.82
CA LEU Q 52 -37.67 -10.72 8.28
C LEU Q 52 -36.65 -10.43 7.20
N ASN Q 53 -36.40 -11.40 6.33
CA ASN Q 53 -35.39 -11.28 5.29
C ASN Q 53 -35.97 -10.99 3.92
N HIS Q 54 -37.27 -10.75 3.84
CA HIS Q 54 -37.86 -10.25 2.61
C HIS Q 54 -38.90 -9.18 2.84
N GLY Q 55 -39.34 -8.95 4.07
CA GLY Q 55 -40.14 -7.81 4.38
C GLY Q 55 -41.59 -7.92 4.07
N LYS Q 56 -42.11 -9.14 4.10
CA LYS Q 56 -43.54 -9.33 4.04
C LYS Q 56 -43.81 -10.77 4.36
N TRP Q 57 -45.01 -11.01 4.80
CA TRP Q 57 -45.37 -12.35 5.14
C TRP Q 57 -45.35 -13.22 3.89
N PRO Q 58 -44.81 -14.43 3.96
CA PRO Q 58 -44.87 -15.31 2.80
C PRO Q 58 -46.30 -15.68 2.49
N GLU Q 59 -46.65 -15.53 1.22
CA GLU Q 59 -47.94 -16.00 0.73
C GLU Q 59 -48.14 -17.47 1.09
N ASN Q 60 -47.14 -18.28 0.82
CA ASN Q 60 -47.34 -19.71 0.69
C ASN Q 60 -46.07 -20.46 1.06
N ASN Q 61 -46.19 -21.78 1.03
CA ASN Q 61 -45.18 -22.67 1.57
C ASN Q 61 -43.85 -22.47 0.88
N THR Q 62 -43.87 -22.48 -0.45
CA THR Q 62 -42.68 -22.35 -1.27
C THR Q 62 -41.86 -21.14 -0.92
N SER Q 63 -42.51 -20.06 -0.55
CA SER Q 63 -41.86 -18.83 -0.17
C SER Q 63 -41.35 -18.91 1.25
N ALA Q 64 -42.18 -19.46 2.13
CA ALA Q 64 -41.82 -19.70 3.51
C ALA Q 64 -40.55 -20.51 3.61
N GLY Q 65 -40.35 -21.41 2.66
CA GLY Q 65 -39.21 -22.28 2.66
C GLY Q 65 -39.50 -23.63 3.25
N VAL Q 66 -40.74 -24.10 3.16
CA VAL Q 66 -41.17 -25.34 3.77
C VAL Q 66 -41.68 -26.22 2.63
N ALA Q 67 -42.19 -27.40 2.96
CA ALA Q 67 -42.73 -28.32 1.98
C ALA Q 67 -43.77 -27.62 1.12
N SER Q 68 -43.47 -27.49 -0.17
CA SER Q 68 -44.30 -26.71 -1.06
C SER Q 68 -45.74 -27.22 -1.07
N SER Q 69 -45.91 -28.53 -1.10
CA SER Q 69 -47.23 -29.09 -0.86
C SER Q 69 -47.52 -29.03 0.64
N PRO Q 70 -48.64 -28.42 1.07
CA PRO Q 70 -48.94 -28.42 2.51
C PRO Q 70 -49.20 -29.79 3.07
N THR Q 71 -49.89 -30.63 2.30
CA THR Q 71 -50.32 -31.94 2.78
C THR Q 71 -49.15 -32.80 3.20
N ASP Q 72 -48.00 -32.59 2.58
CA ASP Q 72 -46.82 -33.34 2.98
C ASP Q 72 -46.49 -33.07 4.44
N ILE Q 73 -46.59 -31.82 4.84
CA ILE Q 73 -46.49 -31.45 6.25
C ILE Q 73 -47.80 -31.85 6.88
N LYS Q 74 -47.76 -32.83 7.77
CA LYS Q 74 -49.00 -33.30 8.35
C LYS Q 74 -48.70 -33.99 9.67
N GLY Q 75 -49.78 -34.30 10.38
CA GLY Q 75 -49.70 -34.87 11.70
C GLY Q 75 -50.51 -36.13 11.78
N LYS Q 76 -50.31 -36.85 12.89
CA LYS Q 76 -51.03 -38.09 13.15
C LYS Q 76 -52.53 -37.89 13.01
N TYR Q 77 -53.02 -36.75 13.48
CA TYR Q 77 -54.42 -36.37 13.36
C TYR Q 77 -54.60 -35.09 12.55
N VAL Q 78 -53.55 -34.60 11.90
CA VAL Q 78 -53.58 -33.37 11.12
C VAL Q 78 -53.46 -33.70 9.65
N LYS Q 79 -54.24 -32.99 8.85
CA LYS Q 79 -54.23 -33.20 7.41
C LYS Q 79 -53.07 -32.47 6.75
N GLU Q 80 -53.06 -31.15 6.86
CA GLU Q 80 -52.06 -30.36 6.15
C GLU Q 80 -51.77 -29.09 6.93
N VAL Q 81 -50.81 -28.33 6.42
CA VAL Q 81 -50.42 -27.05 6.97
C VAL Q 81 -50.09 -26.16 5.78
N GLU Q 82 -50.87 -25.11 5.58
CA GLU Q 82 -50.61 -24.14 4.55
C GLU Q 82 -50.18 -22.82 5.15
N VAL Q 83 -49.25 -22.18 4.49
CA VAL Q 83 -48.95 -20.78 4.75
C VAL Q 83 -49.90 -19.94 3.93
N LYS Q 84 -50.48 -18.94 4.59
CA LYS Q 84 -51.42 -18.05 3.92
C LYS Q 84 -51.07 -16.63 4.32
N ASN Q 85 -50.16 -16.03 3.56
CA ASN Q 85 -49.69 -14.68 3.82
C ASN Q 85 -49.25 -14.58 5.27
N GLY Q 86 -48.39 -15.50 5.66
CA GLY Q 86 -47.90 -15.54 7.02
C GLY Q 86 -48.77 -16.35 7.95
N VAL Q 87 -50.08 -16.19 7.83
CA VAL Q 87 -50.97 -16.93 8.69
C VAL Q 87 -50.87 -18.41 8.38
N VAL Q 88 -50.58 -19.19 9.39
CA VAL Q 88 -50.38 -20.62 9.24
C VAL Q 88 -51.68 -21.30 9.57
N THR Q 89 -52.32 -21.81 8.55
CA THR Q 89 -53.54 -22.59 8.70
C THR Q 89 -53.17 -24.06 8.70
N ALA Q 90 -53.83 -24.81 9.58
CA ALA Q 90 -53.65 -26.24 9.70
C ALA Q 90 -55.02 -26.90 9.62
N THR Q 91 -55.11 -27.94 8.79
CA THR Q 91 -56.33 -28.69 8.58
C THR Q 91 -56.20 -30.05 9.25
N MET Q 92 -57.26 -30.47 9.91
CA MET Q 92 -57.28 -31.73 10.62
C MET Q 92 -57.69 -32.88 9.71
N LEU Q 93 -57.32 -34.08 10.13
CA LEU Q 93 -57.75 -35.28 9.42
C LEU Q 93 -59.22 -35.56 9.69
N SER Q 94 -59.68 -36.64 9.06
CA SER Q 94 -60.93 -37.32 9.38
C SER Q 94 -60.70 -38.22 10.58
N SER Q 95 -61.57 -39.23 10.75
CA SER Q 95 -61.73 -40.02 11.97
C SER Q 95 -60.45 -40.47 12.64
N GLY Q 96 -60.56 -40.75 13.93
CA GLY Q 96 -59.48 -40.69 14.85
C GLY Q 96 -60.02 -40.06 16.11
N VAL Q 97 -61.02 -39.22 15.95
CA VAL Q 97 -61.96 -38.88 17.01
C VAL Q 97 -63.34 -38.75 16.42
N ASN Q 98 -64.33 -38.93 17.29
CA ASN Q 98 -65.71 -38.61 16.95
C ASN Q 98 -65.91 -37.12 16.76
N ASN Q 99 -65.02 -36.32 17.32
CA ASN Q 99 -65.29 -34.96 17.71
C ASN Q 99 -65.34 -34.06 16.49
N GLU Q 100 -66.00 -32.92 16.68
CA GLU Q 100 -66.30 -31.99 15.62
C GLU Q 100 -65.04 -31.21 15.25
N ILE Q 101 -64.08 -31.93 14.71
CA ILE Q 101 -62.80 -31.39 14.28
C ILE Q 101 -62.46 -31.88 12.89
N LYS Q 102 -63.18 -32.88 12.41
CA LYS Q 102 -62.72 -33.69 11.31
C LYS Q 102 -62.71 -32.87 10.03
N GLY Q 103 -61.52 -32.63 9.51
CA GLY Q 103 -61.36 -31.70 8.42
C GLY Q 103 -61.42 -30.24 8.82
N LYS Q 104 -61.64 -29.95 10.09
CA LYS Q 104 -61.73 -28.56 10.51
C LYS Q 104 -60.34 -27.93 10.53
N LYS Q 105 -60.34 -26.62 10.67
CA LYS Q 105 -59.14 -25.82 10.53
C LYS Q 105 -58.79 -25.15 11.84
N LEU Q 106 -57.50 -24.92 11.97
CA LEU Q 106 -56.95 -23.99 12.92
C LEU Q 106 -56.07 -23.03 12.14
N SER Q 107 -55.97 -21.81 12.66
CA SER Q 107 -55.02 -20.84 12.15
C SER Q 107 -54.17 -20.36 13.30
N LEU Q 108 -53.00 -19.86 12.94
CA LEU Q 108 -52.10 -19.21 13.87
C LEU Q 108 -51.85 -17.79 13.39
N TRP Q 109 -51.98 -16.84 14.31
CA TRP Q 109 -52.04 -15.43 13.98
C TRP Q 109 -50.80 -14.73 14.52
N ALA Q 110 -49.98 -14.24 13.62
CA ALA Q 110 -48.81 -13.45 13.96
C ALA Q 110 -49.14 -11.97 13.96
N ARG Q 111 -48.30 -11.21 14.65
CA ARG Q 111 -48.31 -9.76 14.51
C ARG Q 111 -47.06 -9.16 15.17
N ARG Q 112 -46.38 -8.31 14.41
CA ARG Q 112 -45.31 -7.51 14.98
C ARG Q 112 -45.83 -6.62 16.08
N GLU Q 113 -45.14 -6.63 17.22
CA GLU Q 113 -45.38 -5.71 18.32
C GLU Q 113 -44.06 -5.02 18.59
N ASN Q 114 -43.83 -3.91 17.87
CA ASN Q 114 -42.58 -3.17 17.96
C ASN Q 114 -41.40 -4.10 17.72
N GLY Q 115 -41.48 -4.77 16.59
CA GLY Q 115 -40.57 -5.83 16.26
C GLY Q 115 -41.05 -7.15 16.79
N SER Q 116 -41.19 -7.21 18.12
CA SER Q 116 -41.49 -8.45 18.81
C SER Q 116 -42.79 -9.03 18.31
N VAL Q 117 -42.71 -10.20 17.69
CA VAL Q 117 -43.86 -10.78 17.02
C VAL Q 117 -44.76 -11.47 18.04
N LYS Q 118 -46.04 -11.57 17.69
CA LYS Q 118 -47.07 -12.00 18.62
C LYS Q 118 -47.94 -13.06 17.98
N TRP Q 119 -47.86 -14.26 18.52
CA TRP Q 119 -48.46 -15.45 17.95
C TRP Q 119 -49.71 -15.81 18.74
N PHE Q 120 -50.85 -15.69 18.10
CA PHE Q 120 -52.12 -16.12 18.68
C PHE Q 120 -52.73 -17.20 17.82
N CYS Q 121 -53.13 -18.29 18.45
CA CYS Q 121 -53.68 -19.41 17.71
C CYS Q 121 -55.15 -19.13 17.46
N GLY Q 122 -55.86 -20.15 16.99
CA GLY Q 122 -57.27 -20.23 17.22
C GLY Q 122 -58.10 -19.98 16.00
N GLN Q 123 -59.14 -19.17 16.20
CA GLN Q 123 -60.21 -18.92 15.27
C GLN Q 123 -59.60 -18.63 13.90
N PRO Q 124 -60.03 -19.29 12.83
CA PRO Q 124 -59.32 -19.15 11.56
C PRO Q 124 -59.31 -17.71 11.06
N VAL Q 125 -58.13 -17.24 10.67
CA VAL Q 125 -57.94 -15.88 10.17
C VAL Q 125 -57.12 -15.94 8.87
N THR Q 126 -57.03 -14.79 8.20
CA THR Q 126 -56.29 -14.71 6.95
C THR Q 126 -55.80 -13.30 6.72
N ARG Q 127 -54.56 -13.19 6.25
CA ARG Q 127 -53.91 -11.90 6.13
C ARG Q 127 -54.17 -11.30 4.76
N THR Q 128 -54.15 -9.98 4.74
CA THR Q 128 -54.40 -9.21 3.53
C THR Q 128 -53.30 -8.18 3.30
N ASP Q 129 -52.73 -7.67 4.39
CA ASP Q 129 -51.68 -6.67 4.32
C ASP Q 129 -50.77 -6.89 5.52
N ASP Q 130 -49.68 -6.12 5.56
CA ASP Q 130 -48.54 -6.39 6.43
C ASP Q 130 -48.93 -6.67 7.88
N ASP Q 131 -49.93 -5.95 8.41
CA ASP Q 131 -50.48 -6.22 9.72
C ASP Q 131 -51.98 -6.45 9.70
N THR Q 132 -52.65 -6.14 8.61
CA THR Q 132 -54.08 -6.37 8.50
C THR Q 132 -54.33 -7.85 8.37
N VAL Q 133 -55.15 -8.39 9.25
CA VAL Q 133 -55.62 -9.76 9.13
C VAL Q 133 -57.12 -9.78 9.38
N ALA Q 134 -57.79 -10.70 8.73
CA ALA Q 134 -59.24 -10.81 8.78
C ALA Q 134 -59.65 -12.08 9.49
N ASP Q 135 -60.78 -12.01 10.17
CA ASP Q 135 -61.43 -13.20 10.70
C ASP Q 135 -61.92 -14.03 9.53
N ALA Q 136 -61.31 -15.19 9.34
CA ALA Q 136 -61.53 -16.00 8.14
C ALA Q 136 -62.67 -16.97 8.40
N LYS Q 137 -63.83 -16.38 8.70
CA LYS Q 137 -64.97 -17.14 9.13
C LYS Q 137 -65.59 -17.88 7.95
N ASP Q 138 -65.12 -19.09 7.75
CA ASP Q 138 -65.48 -19.94 6.63
C ASP Q 138 -66.26 -21.18 7.07
N GLY Q 139 -66.61 -21.28 8.35
CA GLY Q 139 -67.19 -22.48 8.89
C GLY Q 139 -66.21 -23.55 9.29
N LYS Q 140 -64.91 -23.34 9.05
CA LYS Q 140 -63.87 -24.24 9.52
C LYS Q 140 -63.30 -23.81 10.86
N GLU Q 141 -64.07 -23.05 11.62
CA GLU Q 141 -63.66 -22.68 12.97
C GLU Q 141 -63.89 -23.87 13.87
N ILE Q 142 -62.80 -24.46 14.33
CA ILE Q 142 -62.89 -25.38 15.43
C ILE Q 142 -63.45 -24.62 16.63
N ASP Q 143 -64.36 -25.24 17.37
CA ASP Q 143 -65.07 -24.56 18.42
C ASP Q 143 -64.13 -24.19 19.58
N THR Q 144 -64.54 -23.18 20.33
CA THR Q 144 -63.66 -22.59 21.32
C THR Q 144 -63.37 -23.56 22.47
N LYS Q 145 -64.29 -24.49 22.72
CA LYS Q 145 -64.03 -25.53 23.70
C LYS Q 145 -62.76 -26.27 23.35
N HIS Q 146 -62.74 -26.83 22.14
CA HIS Q 146 -61.57 -27.53 21.62
C HIS Q 146 -60.30 -26.74 21.83
N LEU Q 147 -60.34 -25.47 21.49
CA LEU Q 147 -59.17 -24.68 21.27
C LEU Q 147 -58.46 -24.44 22.59
N PRO Q 148 -57.29 -23.83 22.55
CA PRO Q 148 -56.66 -23.41 23.79
C PRO Q 148 -57.46 -22.35 24.51
N SER Q 149 -56.90 -21.91 25.63
CA SER Q 149 -57.43 -20.80 26.39
C SER Q 149 -56.53 -19.58 26.29
N THR Q 150 -55.23 -19.80 26.43
CA THR Q 150 -54.27 -18.76 26.11
C THR Q 150 -54.46 -18.29 24.68
N CYS Q 151 -54.49 -19.23 23.73
CA CYS Q 151 -54.94 -18.95 22.38
C CYS Q 151 -56.41 -19.29 22.27
N ARG Q 152 -57.23 -18.37 22.72
CA ARG Q 152 -58.61 -18.31 22.33
C ARG Q 152 -58.83 -16.96 21.66
N ASP Q 153 -57.84 -16.55 20.89
CA ASP Q 153 -57.67 -15.18 20.47
C ASP Q 153 -57.98 -15.09 18.98
N ASN Q 154 -59.07 -14.41 18.68
CA ASN Q 154 -59.44 -14.08 17.32
C ASN Q 154 -58.63 -12.87 16.88
N PHE Q 155 -59.02 -12.23 15.79
CA PHE Q 155 -58.33 -11.02 15.36
C PHE Q 155 -58.63 -9.92 16.35
N ASP Q 156 -58.05 -10.04 17.55
CA ASP Q 156 -58.20 -9.11 18.66
C ASP Q 156 -59.65 -8.67 18.89
N PHE R 1 -91.07 -66.19 57.04
CA PHE R 1 -90.24 -66.35 55.83
C PHE R 1 -89.42 -65.11 55.46
N THR R 2 -88.12 -65.31 55.29
CA THR R 2 -87.22 -64.27 54.84
C THR R 2 -86.20 -64.77 53.82
N LEU R 3 -86.13 -66.08 53.57
CA LEU R 3 -84.97 -66.69 52.94
C LEU R 3 -84.63 -66.07 51.62
N ILE R 4 -85.62 -65.63 50.88
CA ILE R 4 -85.31 -64.99 49.62
C ILE R 4 -84.48 -63.74 49.85
N GLU R 5 -84.57 -63.16 51.04
CA GLU R 5 -83.63 -62.12 51.40
C GLU R 5 -82.24 -62.67 51.61
N LEU R 6 -82.11 -63.92 52.02
CA LEU R 6 -80.80 -64.53 52.09
C LEU R 6 -80.33 -64.98 50.73
N MET R 7 -81.26 -65.48 49.93
CA MET R 7 -80.95 -65.85 48.55
C MET R 7 -80.30 -64.69 47.83
N ILE R 8 -80.90 -63.53 47.93
CA ILE R 8 -80.44 -62.40 47.15
C ILE R 8 -79.08 -61.95 47.64
N VAL R 9 -78.78 -62.16 48.92
CA VAL R 9 -77.43 -61.91 49.40
C VAL R 9 -76.48 -62.82 48.65
N ILE R 10 -76.71 -64.12 48.73
CA ILE R 10 -75.79 -65.09 48.15
C ILE R 10 -75.74 -64.95 46.63
N ALA R 11 -76.72 -64.26 46.04
CA ALA R 11 -76.58 -63.75 44.69
C ALA R 11 -75.67 -62.55 44.64
N ILE R 12 -75.69 -61.70 45.67
CA ILE R 12 -74.73 -60.61 45.74
C ILE R 12 -73.39 -61.15 46.17
N VAL R 13 -73.36 -62.24 46.94
CA VAL R 13 -72.08 -62.79 47.37
C VAL R 13 -71.33 -63.31 46.16
N GLY R 14 -71.98 -64.18 45.40
CA GLY R 14 -71.40 -64.51 44.13
C GLY R 14 -71.43 -63.21 43.39
N ILE R 15 -70.28 -62.55 43.34
CA ILE R 15 -70.19 -61.28 42.67
C ILE R 15 -69.75 -61.59 41.28
N LEU R 16 -69.88 -60.60 40.41
CA LEU R 16 -69.23 -60.73 39.13
C LEU R 16 -67.73 -60.76 39.29
N ALA R 17 -67.20 -59.86 40.13
CA ALA R 17 -65.81 -59.50 40.04
C ALA R 17 -65.50 -59.04 38.62
N ALA R 18 -66.08 -57.87 38.34
CA ALA R 18 -66.25 -57.33 37.01
C ALA R 18 -65.02 -57.52 36.15
N VAL R 19 -65.28 -57.75 34.86
CA VAL R 19 -64.23 -57.67 33.86
C VAL R 19 -63.58 -56.30 33.84
N ALA R 20 -64.24 -55.30 34.44
CA ALA R 20 -63.62 -54.01 34.72
C ALA R 20 -62.54 -54.10 35.78
N LEU R 21 -62.24 -55.26 36.29
CA LEU R 21 -60.95 -55.47 36.90
C LEU R 21 -59.90 -55.96 35.90
N PRO R 22 -60.13 -57.07 35.18
CA PRO R 22 -59.10 -57.54 34.25
C PRO R 22 -59.00 -56.76 32.96
N ALA R 23 -60.04 -56.08 32.54
CA ALA R 23 -59.83 -55.12 31.48
C ALA R 23 -59.07 -53.91 31.97
N TYR R 24 -58.97 -53.73 33.28
CA TYR R 24 -58.23 -52.65 33.90
C TYR R 24 -57.07 -53.13 34.71
N GLN R 25 -56.79 -54.43 34.70
CA GLN R 25 -55.39 -54.79 34.81
C GLN R 25 -54.76 -54.68 33.43
N ASP R 26 -55.57 -54.89 32.38
CA ASP R 26 -55.13 -54.62 31.02
C ASP R 26 -54.98 -53.13 30.76
N TYR R 27 -55.68 -52.29 31.51
CA TYR R 27 -55.47 -50.86 31.41
C TYR R 27 -54.72 -50.29 32.60
N THR R 28 -54.64 -51.04 33.71
CA THR R 28 -53.51 -50.86 34.61
C THR R 28 -52.25 -51.24 33.87
N ALA R 29 -52.33 -52.29 33.08
CA ALA R 29 -51.22 -52.58 32.19
C ALA R 29 -50.98 -51.39 31.31
N ARG R 30 -52.04 -50.80 30.76
CA ARG R 30 -51.85 -49.58 29.97
C ARG R 30 -51.18 -48.50 30.78
N ALA R 31 -51.32 -48.53 32.10
CA ALA R 31 -50.57 -47.59 32.93
C ALA R 31 -49.08 -47.90 32.87
N GLN R 32 -48.69 -49.14 33.20
CA GLN R 32 -47.26 -49.41 33.23
C GLN R 32 -46.71 -49.81 31.88
N VAL R 33 -47.56 -50.29 30.99
CA VAL R 33 -47.22 -50.23 29.57
C VAL R 33 -46.85 -48.79 29.23
N SER R 34 -47.65 -47.83 29.69
CA SER R 34 -47.29 -46.44 29.47
C SER R 34 -45.99 -46.10 30.16
N GLU R 35 -45.76 -46.69 31.33
CA GLU R 35 -44.48 -46.51 31.99
C GLU R 35 -43.34 -46.97 31.09
N ALA R 36 -43.57 -47.99 30.28
CA ALA R 36 -42.59 -48.32 29.26
C ALA R 36 -42.60 -47.28 28.16
N ILE R 37 -43.77 -46.74 27.85
CA ILE R 37 -43.86 -45.75 26.80
C ILE R 37 -43.17 -44.47 27.23
N LEU R 38 -43.35 -44.09 28.49
CA LEU R 38 -42.72 -42.89 28.95
C LEU R 38 -41.22 -43.00 28.94
N LEU R 39 -40.69 -44.22 29.07
CA LEU R 39 -39.27 -44.40 28.80
C LEU R 39 -38.98 -44.07 27.36
N ALA R 40 -39.75 -44.71 26.46
CA ALA R 40 -39.58 -44.53 25.03
C ALA R 40 -39.59 -43.08 24.64
N GLU R 41 -40.38 -42.27 25.36
CA GLU R 41 -40.45 -40.83 25.14
C GLU R 41 -39.06 -40.20 25.13
N GLY R 42 -38.19 -40.63 26.03
CA GLY R 42 -36.84 -40.10 26.04
C GLY R 42 -36.10 -40.48 24.78
N GLN R 43 -36.21 -41.74 24.38
CA GLN R 43 -35.51 -42.18 23.20
C GLN R 43 -36.10 -41.64 21.93
N LYS R 44 -37.34 -41.14 21.95
CA LYS R 44 -37.98 -40.61 20.76
C LYS R 44 -37.10 -39.57 20.10
N SER R 45 -36.63 -38.63 20.90
CA SER R 45 -35.81 -37.56 20.36
C SER R 45 -34.36 -37.99 20.23
N ALA R 46 -33.92 -38.88 21.11
CA ALA R 46 -32.52 -39.30 21.05
C ALA R 46 -32.28 -40.23 19.87
N VAL R 47 -33.17 -41.19 19.68
CA VAL R 47 -33.13 -42.01 18.47
C VAL R 47 -33.24 -41.12 17.26
N THR R 48 -34.21 -40.21 17.31
CA THR R 48 -34.35 -39.20 16.28
C THR R 48 -33.06 -38.44 16.10
N GLU R 49 -32.40 -38.13 17.22
CA GLU R 49 -31.20 -37.33 17.15
C GLU R 49 -30.14 -38.00 16.32
N TYR R 50 -29.94 -39.30 16.53
CA TYR R 50 -29.03 -40.03 15.68
C TYR R 50 -29.56 -40.07 14.26
N TYR R 51 -30.87 -40.22 14.10
CA TYR R 51 -31.44 -40.43 12.78
C TYR R 51 -31.28 -39.19 11.93
N LEU R 52 -31.28 -38.03 12.55
CA LEU R 52 -31.24 -36.78 11.82
C LEU R 52 -29.83 -36.29 11.56
N ASN R 53 -28.91 -36.57 12.48
CA ASN R 53 -27.55 -36.11 12.39
C ASN R 53 -26.58 -37.20 11.96
N HIS R 54 -27.08 -38.37 11.59
CA HIS R 54 -26.25 -39.37 10.96
C HIS R 54 -26.93 -40.08 9.80
N GLY R 55 -28.23 -39.90 9.62
CA GLY R 55 -28.89 -40.34 8.43
C GLY R 55 -29.24 -41.79 8.38
N LYS R 56 -29.48 -42.38 9.54
CA LYS R 56 -30.05 -43.70 9.59
C LYS R 56 -30.44 -43.97 11.01
N TRP R 57 -31.36 -44.88 11.17
CA TRP R 57 -31.80 -45.21 12.49
C TRP R 57 -30.65 -45.83 13.27
N PRO R 58 -30.46 -45.46 14.53
CA PRO R 58 -29.43 -46.13 15.32
C PRO R 58 -29.78 -47.58 15.52
N GLU R 59 -28.79 -48.43 15.26
CA GLU R 59 -28.91 -49.84 15.58
C GLU R 59 -29.31 -50.04 17.02
N ASN R 60 -28.61 -49.35 17.91
CA ASN R 60 -28.55 -49.76 19.30
C ASN R 60 -28.31 -48.55 20.20
N ASN R 61 -28.31 -48.83 21.50
CA ASN R 61 -28.33 -47.80 22.51
C ASN R 61 -27.13 -46.88 22.39
N THR R 62 -25.94 -47.49 22.32
CA THR R 62 -24.69 -46.77 22.25
C THR R 62 -24.66 -45.74 21.15
N SER R 63 -25.30 -46.04 20.03
CA SER R 63 -25.38 -45.14 18.90
C SER R 63 -26.42 -44.08 19.13
N ALA R 64 -27.57 -44.51 19.65
CA ALA R 64 -28.64 -43.60 20.01
C ALA R 64 -28.14 -42.52 20.96
N GLY R 65 -27.19 -42.86 21.80
CA GLY R 65 -26.67 -41.95 22.78
C GLY R 65 -27.31 -42.10 24.13
N VAL R 66 -27.78 -43.29 24.46
CA VAL R 66 -28.48 -43.57 25.70
C VAL R 66 -27.68 -44.62 26.45
N ALA R 67 -28.18 -45.06 27.59
CA ALA R 67 -27.51 -46.09 28.38
C ALA R 67 -27.22 -47.30 27.53
N SER R 68 -25.93 -47.58 27.35
CA SER R 68 -25.52 -48.63 26.43
C SER R 68 -26.14 -49.98 26.80
N SER R 69 -26.16 -50.29 28.08
CA SER R 69 -26.95 -51.43 28.53
C SER R 69 -28.43 -51.02 28.53
N PRO R 70 -29.31 -51.77 27.86
CA PRO R 70 -30.74 -51.40 27.92
C PRO R 70 -31.33 -51.55 29.30
N THR R 71 -30.93 -52.59 30.02
CA THR R 71 -31.52 -52.93 31.31
C THR R 71 -31.38 -51.79 32.30
N ASP R 72 -30.31 -51.02 32.17
CA ASP R 72 -30.13 -49.87 33.04
C ASP R 72 -31.30 -48.91 32.91
N ILE R 73 -31.73 -48.68 31.68
CA ILE R 73 -32.95 -47.94 31.42
C ILE R 73 -34.10 -48.87 31.73
N LYS R 74 -34.86 -48.56 32.77
CA LYS R 74 -35.92 -49.46 33.16
C LYS R 74 -36.96 -48.70 33.96
N GLY R 75 -38.06 -49.40 34.21
CA GLY R 75 -39.20 -48.81 34.87
C GLY R 75 -39.61 -49.64 36.05
N LYS R 76 -40.51 -49.06 36.86
CA LYS R 76 -41.04 -49.73 38.04
C LYS R 76 -41.57 -51.10 37.69
N TYR R 77 -42.23 -51.21 36.53
CA TYR R 77 -42.75 -52.47 36.01
C TYR R 77 -42.12 -52.83 34.67
N VAL R 78 -41.09 -52.12 34.25
CA VAL R 78 -40.42 -52.35 32.97
C VAL R 78 -39.05 -52.93 33.21
N LYS R 79 -38.68 -53.90 32.38
CA LYS R 79 -37.38 -54.53 32.49
C LYS R 79 -36.29 -53.70 31.83
N GLU R 80 -36.40 -53.49 30.53
CA GLU R 80 -35.35 -52.81 29.79
C GLU R 80 -35.94 -52.07 28.62
N VAL R 81 -35.07 -51.35 27.91
CA VAL R 81 -35.41 -50.62 26.71
C VAL R 81 -34.22 -50.73 25.78
N GLU R 82 -34.40 -51.40 24.66
CA GLU R 82 -33.38 -51.50 23.65
C GLU R 82 -33.76 -50.70 22.42
N VAL R 83 -32.76 -50.09 21.82
CA VAL R 83 -32.88 -49.55 20.49
C VAL R 83 -32.59 -50.66 19.50
N LYS R 84 -33.44 -50.76 18.51
CA LYS R 84 -33.28 -51.79 17.48
C LYS R 84 -33.51 -51.14 16.13
N ASN R 85 -32.43 -50.60 15.58
CA ASN R 85 -32.49 -49.90 14.29
C ASN R 85 -33.59 -48.87 14.33
N GLY R 86 -33.55 -48.03 15.35
CA GLY R 86 -34.56 -47.01 15.53
C GLY R 86 -35.75 -47.47 16.32
N VAL R 87 -36.22 -48.68 16.03
CA VAL R 87 -37.39 -49.18 16.73
C VAL R 87 -37.03 -49.39 18.19
N VAL R 88 -37.80 -48.78 19.06
CA VAL R 88 -37.55 -48.83 20.49
C VAL R 88 -38.41 -49.94 21.06
N THR R 89 -37.76 -51.02 21.44
CA THR R 89 -38.42 -52.12 22.11
C THR R 89 -38.24 -51.97 23.60
N ALA R 90 -39.30 -52.25 24.34
CA ALA R 90 -39.30 -52.21 25.79
C ALA R 90 -39.82 -53.54 26.31
N THR R 91 -39.10 -54.10 27.27
CA THR R 91 -39.44 -55.37 27.89
C THR R 91 -39.95 -55.12 29.30
N MET R 92 -41.01 -55.83 29.66
CA MET R 92 -41.63 -55.68 30.95
C MET R 92 -40.98 -56.57 32.00
N LEU R 93 -41.17 -56.20 33.26
CA LEU R 93 -40.70 -57.03 34.35
C LEU R 93 -41.59 -58.26 34.52
N SER R 94 -41.22 -59.07 35.49
CA SER R 94 -42.04 -60.12 36.07
C SER R 94 -43.00 -59.50 37.07
N SER R 95 -43.52 -60.32 38.00
CA SER R 95 -44.68 -60.02 38.84
C SER R 95 -44.69 -58.64 39.46
N GLY R 96 -45.90 -58.21 39.82
CA GLY R 96 -46.25 -56.82 39.92
C GLY R 96 -47.63 -56.68 39.33
N VAL R 97 -47.94 -57.56 38.38
CA VAL R 97 -49.31 -57.88 38.03
C VAL R 97 -49.40 -59.36 37.73
N ASN R 98 -50.60 -59.88 37.87
CA ASN R 98 -50.92 -61.23 37.39
C ASN R 98 -50.86 -61.31 35.88
N ASN R 99 -50.99 -60.17 35.22
CA ASN R 99 -51.48 -60.10 33.86
C ASN R 99 -50.43 -60.57 32.88
N GLU R 100 -50.91 -60.93 31.71
CA GLU R 100 -50.10 -61.57 30.67
C GLU R 100 -49.23 -60.51 29.99
N ILE R 101 -48.31 -59.97 30.77
CA ILE R 101 -47.36 -58.96 30.33
C ILE R 101 -45.96 -59.32 30.76
N LYS R 102 -45.83 -60.29 31.65
CA LYS R 102 -44.62 -60.45 32.42
C LYS R 102 -43.49 -60.91 31.52
N GLY R 103 -42.50 -60.04 31.36
CA GLY R 103 -41.47 -60.27 30.38
C GLY R 103 -41.88 -59.98 28.96
N LYS R 104 -43.13 -59.58 28.73
CA LYS R 104 -43.57 -59.32 27.37
C LYS R 104 -42.98 -58.01 26.87
N LYS R 105 -43.12 -57.80 25.58
CA LYS R 105 -42.49 -56.69 24.90
C LYS R 105 -43.51 -55.73 24.35
N LEU R 106 -43.07 -54.49 24.26
CA LEU R 106 -43.69 -53.47 23.45
C LEU R 106 -42.63 -52.93 22.52
N SER R 107 -43.06 -52.47 21.37
CA SER R 107 -42.20 -51.73 20.46
C SER R 107 -42.88 -50.41 20.15
N LEU R 108 -42.04 -49.47 19.73
CA LEU R 108 -42.48 -48.19 19.24
C LEU R 108 -41.97 -48.01 17.81
N TRP R 109 -42.87 -47.62 16.93
CA TRP R 109 -42.62 -47.64 15.50
C TRP R 109 -42.57 -46.22 14.96
N ALA R 110 -41.41 -45.82 14.49
CA ALA R 110 -41.21 -44.55 13.83
C ALA R 110 -41.38 -44.67 12.34
N ARG R 111 -41.65 -43.53 11.70
CA ARG R 111 -41.55 -43.42 10.26
C ARG R 111 -41.59 -41.97 9.82
N ARG R 112 -40.63 -41.58 9.00
CA ARG R 112 -40.68 -40.29 8.35
C ARG R 112 -41.92 -40.17 7.48
N GLU R 113 -42.63 -39.05 7.64
CA GLU R 113 -43.74 -38.69 6.78
C GLU R 113 -43.41 -37.30 6.23
N ASN R 114 -42.69 -37.28 5.11
CA ASN R 114 -42.23 -36.05 4.49
C ASN R 114 -41.48 -35.21 5.51
N GLY R 115 -40.47 -35.85 6.09
CA GLY R 115 -39.76 -35.31 7.21
C GLY R 115 -40.43 -35.66 8.52
N SER R 116 -41.68 -35.20 8.65
CA SER R 116 -42.42 -35.31 9.90
C SER R 116 -42.53 -36.76 10.32
N VAL R 117 -41.92 -37.08 11.45
CA VAL R 117 -41.81 -38.48 11.86
C VAL R 117 -43.11 -38.92 12.53
N LYS R 118 -43.36 -40.22 12.49
CA LYS R 118 -44.65 -40.79 12.88
C LYS R 118 -44.44 -41.96 13.81
N TRP R 119 -44.87 -41.80 15.04
CA TRP R 119 -44.60 -42.71 16.12
C TRP R 119 -45.86 -43.52 16.42
N PHE R 120 -45.79 -44.81 16.15
CA PHE R 120 -46.86 -45.74 16.49
C PHE R 120 -46.34 -46.79 17.45
N CYS R 121 -47.06 -47.00 18.52
CA CYS R 121 -46.62 -47.93 19.53
C CYS R 121 -47.05 -49.32 19.11
N GLY R 122 -46.92 -50.28 20.02
CA GLY R 122 -47.76 -51.45 19.97
C GLY R 122 -47.03 -52.70 19.56
N GLN R 123 -47.68 -53.43 18.68
CA GLN R 123 -47.33 -54.77 18.25
C GLN R 123 -45.83 -54.80 17.94
N PRO R 124 -45.06 -55.72 18.48
CA PRO R 124 -43.60 -55.63 18.32
C PRO R 124 -43.18 -55.67 16.86
N VAL R 125 -42.31 -54.74 16.48
CA VAL R 125 -41.80 -54.62 15.12
C VAL R 125 -40.28 -54.47 15.17
N THR R 126 -39.66 -54.55 14.00
CA THR R 126 -38.21 -54.42 13.90
C THR R 126 -37.81 -53.92 12.53
N ARG R 127 -36.85 -53.01 12.51
CA ARG R 127 -36.47 -52.34 11.29
C ARG R 127 -35.38 -53.09 10.57
N THR R 128 -35.36 -52.93 9.25
CA THR R 128 -34.41 -53.59 8.39
C THR R 128 -33.73 -52.60 7.45
N ASP R 129 -34.46 -51.55 7.08
CA ASP R 129 -33.95 -50.53 6.19
C ASP R 129 -34.62 -49.22 6.57
N ASP R 130 -34.20 -48.14 5.91
CA ASP R 130 -34.47 -46.77 6.34
C ASP R 130 -35.94 -46.53 6.69
N ASP R 131 -36.85 -47.10 5.91
CA ASP R 131 -38.28 -47.05 6.21
C ASP R 131 -38.91 -48.42 6.30
N THR R 132 -38.24 -49.46 5.85
CA THR R 132 -38.77 -50.80 5.94
C THR R 132 -38.73 -51.26 7.37
N VAL R 133 -39.88 -51.66 7.89
CA VAL R 133 -39.96 -52.30 9.19
C VAL R 133 -40.84 -53.53 9.08
N ALA R 134 -40.54 -54.53 9.89
CA ALA R 134 -41.22 -55.80 9.87
C ALA R 134 -42.02 -56.00 11.14
N ASP R 135 -43.13 -56.70 10.99
CA ASP R 135 -43.87 -57.19 12.15
C ASP R 135 -43.02 -58.24 12.86
N ALA R 136 -42.56 -57.91 14.05
CA ALA R 136 -41.58 -58.73 14.75
C ALA R 136 -42.30 -59.74 15.62
N LYS R 137 -43.09 -60.57 14.95
CA LYS R 137 -43.96 -61.50 15.62
C LYS R 137 -43.16 -62.64 16.21
N ASP R 138 -42.75 -62.45 17.46
CA ASP R 138 -41.89 -63.37 18.19
C ASP R 138 -42.61 -64.01 19.37
N GLY R 139 -43.91 -63.78 19.52
CA GLY R 139 -44.64 -64.20 20.69
C GLY R 139 -44.53 -63.27 21.88
N LYS R 140 -43.75 -62.20 21.78
CA LYS R 140 -43.70 -61.16 22.80
C LYS R 140 -44.65 -60.03 22.52
N GLU R 141 -45.69 -60.28 21.75
CA GLU R 141 -46.72 -59.29 21.51
C GLU R 141 -47.61 -59.25 22.74
N ILE R 142 -47.53 -58.14 23.44
CA ILE R 142 -48.55 -57.84 24.43
C ILE R 142 -49.89 -57.72 23.70
N ASP R 143 -50.93 -58.29 24.28
CA ASP R 143 -52.21 -58.38 23.59
C ASP R 143 -52.83 -57.01 23.40
N THR R 144 -53.70 -56.92 22.41
CA THR R 144 -54.22 -55.62 21.97
C THR R 144 -55.09 -54.99 23.04
N LYS R 145 -55.73 -55.80 23.89
CA LYS R 145 -56.46 -55.26 25.02
C LYS R 145 -55.57 -54.36 25.85
N HIS R 146 -54.47 -54.93 26.33
CA HIS R 146 -53.48 -54.21 27.11
C HIS R 146 -53.12 -52.89 26.46
N LEU R 147 -52.85 -52.93 25.16
CA LEU R 147 -52.16 -51.89 24.48
C LEU R 147 -53.02 -50.65 24.40
N PRO R 148 -52.48 -49.56 23.91
CA PRO R 148 -53.33 -48.40 23.63
C PRO R 148 -54.34 -48.67 22.55
N SER R 149 -55.11 -47.64 22.23
CA SER R 149 -56.04 -47.65 21.14
C SER R 149 -55.58 -46.75 20.01
N THR R 150 -55.12 -45.56 20.36
CA THR R 150 -54.42 -44.71 19.40
C THR R 150 -53.23 -45.46 18.81
N CYS R 151 -52.38 -46.00 19.69
CA CYS R 151 -51.37 -46.97 19.27
C CYS R 151 -51.92 -48.36 19.46
N ARG R 152 -52.70 -48.79 18.50
CA ARG R 152 -52.97 -50.19 18.28
C ARG R 152 -52.49 -50.51 16.88
N ASP R 153 -51.36 -49.92 16.51
CA ASP R 153 -50.94 -49.80 15.13
C ASP R 153 -49.74 -50.71 14.92
N ASN R 154 -49.96 -51.74 14.12
CA ASN R 154 -48.91 -52.63 13.66
C ASN R 154 -48.18 -51.96 12.51
N PHE R 155 -47.38 -52.71 11.76
CA PHE R 155 -46.72 -52.14 10.60
C PHE R 155 -47.76 -51.84 9.54
N ASP R 156 -48.57 -50.82 9.80
CA ASP R 156 -49.65 -50.37 8.94
C ASP R 156 -50.50 -51.50 8.39
N PHE S 1 -97.59 -69.51 65.02
CA PHE S 1 -96.15 -69.31 65.18
C PHE S 1 -95.47 -68.61 64.01
N THR S 2 -94.74 -67.55 64.33
CA THR S 2 -93.95 -66.82 63.34
C THR S 2 -92.59 -66.41 63.87
N LEU S 3 -92.31 -66.62 65.16
CA LEU S 3 -91.21 -65.93 65.84
C LEU S 3 -89.89 -66.12 65.16
N ILE S 4 -89.67 -67.28 64.58
CA ILE S 4 -88.42 -67.48 63.89
C ILE S 4 -88.28 -66.50 62.75
N GLU S 5 -89.40 -65.98 62.24
CA GLU S 5 -89.32 -64.87 61.32
C GLU S 5 -88.89 -63.60 62.02
N LEU S 6 -89.18 -63.45 63.30
CA LEU S 6 -88.65 -62.32 64.04
C LEU S 6 -87.21 -62.55 64.44
N MET S 7 -86.90 -63.79 64.79
CA MET S 7 -85.52 -64.16 65.09
C MET S 7 -84.60 -63.76 63.96
N ILE S 8 -84.99 -64.12 62.75
CA ILE S 8 -84.09 -63.92 61.62
C ILE S 8 -83.94 -62.44 61.34
N VAL S 9 -84.95 -61.64 61.66
CA VAL S 9 -84.79 -60.19 61.58
C VAL S 9 -83.69 -59.76 62.52
N ILE S 10 -83.84 -60.10 63.80
CA ILE S 10 -82.89 -59.65 64.81
C ILE S 10 -81.51 -60.25 64.57
N ALA S 11 -81.43 -61.30 63.75
CA ALA S 11 -80.16 -61.71 63.18
C ALA S 11 -79.73 -60.78 62.06
N ILE S 12 -80.69 -60.25 61.29
CA ILE S 12 -80.35 -59.23 60.30
C ILE S 12 -80.12 -57.91 61.00
N VAL S 13 -80.78 -57.68 62.13
CA VAL S 13 -80.59 -56.41 62.83
C VAL S 13 -79.17 -56.33 63.34
N GLY S 14 -78.76 -57.34 64.09
CA GLY S 14 -77.35 -57.42 64.40
C GLY S 14 -76.73 -57.62 63.04
N ILE S 15 -76.19 -56.54 62.50
CA ILE S 15 -75.58 -56.60 61.19
C ILE S 15 -74.12 -56.86 61.45
N LEU S 16 -73.41 -57.23 60.41
CA LEU S 16 -71.99 -57.24 60.51
C LEU S 16 -71.46 -55.83 60.69
N ALA S 17 -71.99 -54.89 59.91
CA ALA S 17 -71.31 -53.63 59.68
C ALA S 17 -69.90 -53.93 59.16
N ALA S 18 -69.93 -54.44 57.93
CA ALA S 18 -68.82 -55.11 57.28
C ALA S 18 -67.51 -54.41 57.53
N VAL S 19 -66.45 -55.23 57.64
CA VAL S 19 -65.09 -54.72 57.60
C VAL S 19 -64.83 -54.00 56.30
N ALA S 20 -65.67 -54.21 55.28
CA ALA S 20 -65.67 -53.38 54.09
C ALA S 20 -66.13 -51.97 54.35
N LEU S 21 -66.44 -51.60 55.56
CA LEU S 21 -66.41 -50.21 55.93
C LEU S 21 -65.04 -49.77 56.45
N PRO S 22 -64.48 -50.42 57.48
CA PRO S 22 -63.19 -49.96 57.99
C PRO S 22 -61.99 -50.34 57.15
N ALA S 23 -62.09 -51.37 56.34
CA ALA S 23 -61.06 -51.55 55.33
C ALA S 23 -61.19 -50.50 54.23
N TYR S 24 -62.32 -49.83 54.16
CA TYR S 24 -62.57 -48.79 53.19
C TYR S 24 -62.77 -47.44 53.84
N GLN S 25 -62.62 -47.34 55.15
CA GLN S 25 -62.09 -46.10 55.65
C GLN S 25 -60.58 -46.12 55.51
N ASP S 26 -59.99 -47.32 55.57
CA ASP S 26 -58.58 -47.49 55.26
C ASP S 26 -58.31 -47.30 53.77
N TYR S 27 -59.31 -47.50 52.92
CA TYR S 27 -59.15 -47.19 51.51
C TYR S 27 -59.90 -45.94 51.10
N THR S 28 -60.84 -45.46 51.93
CA THR S 28 -61.14 -44.05 51.92
C THR S 28 -59.93 -43.28 52.37
N ALA S 29 -59.23 -43.82 53.36
CA ALA S 29 -57.94 -43.26 53.69
C ALA S 29 -57.06 -43.29 52.46
N ARG S 30 -57.05 -44.42 51.74
CA ARG S 30 -56.28 -44.45 50.50
C ARG S 30 -56.73 -43.36 49.55
N ALA S 31 -57.97 -42.92 49.65
CA ALA S 31 -58.40 -41.77 48.85
C ALA S 31 -57.69 -40.51 49.29
N GLN S 32 -57.78 -40.16 50.58
CA GLN S 32 -57.18 -38.91 50.98
C GLN S 32 -55.72 -39.06 51.34
N VAL S 33 -55.28 -40.26 51.68
CA VAL S 33 -53.86 -40.56 51.56
C VAL S 33 -53.42 -40.22 50.15
N SER S 34 -54.21 -40.61 49.14
CA SER S 34 -53.86 -40.23 47.79
C SER S 34 -53.93 -38.73 47.62
N GLU S 35 -54.86 -38.09 48.31
CA GLU S 35 -54.89 -36.63 48.29
C GLU S 35 -53.57 -36.06 48.80
N ALA S 36 -52.92 -36.75 49.73
CA ALA S 36 -51.57 -36.35 50.09
C ALA S 36 -50.60 -36.72 48.98
N ILE S 37 -50.85 -37.83 48.32
CA ILE S 37 -49.97 -38.27 47.25
C ILE S 37 -50.07 -37.31 46.08
N LEU S 38 -51.29 -36.87 45.77
CA LEU S 38 -51.45 -35.98 44.66
C LEU S 38 -50.77 -34.65 44.93
N LEU S 39 -50.63 -34.27 46.19
CA LEU S 39 -49.76 -33.13 46.48
C LEU S 39 -48.35 -33.47 46.09
N ALA S 40 -47.87 -34.62 46.59
CA ALA S 40 -46.51 -35.08 46.34
C ALA S 40 -46.20 -35.09 44.85
N GLU S 41 -47.20 -35.38 44.03
CA GLU S 41 -47.05 -35.37 42.59
C GLU S 41 -46.45 -34.07 42.09
N GLY S 42 -46.87 -32.94 42.67
CA GLY S 42 -46.28 -31.68 42.27
C GLY S 42 -44.82 -31.61 42.63
N GLN S 43 -44.49 -32.03 43.84
CA GLN S 43 -43.12 -31.97 44.27
C GLN S 43 -42.24 -32.99 43.58
N LYS S 44 -42.83 -34.03 42.97
CA LYS S 44 -42.04 -35.06 42.31
C LYS S 44 -41.08 -34.44 41.32
N SER S 45 -41.61 -33.56 40.48
CA SER S 45 -40.78 -32.95 39.47
C SER S 45 -40.02 -31.76 40.02
N ALA S 46 -40.59 -31.09 41.00
CA ALA S 46 -39.92 -29.91 41.55
C ALA S 46 -38.74 -30.32 42.42
N VAL S 47 -38.94 -31.31 43.27
CA VAL S 47 -37.83 -31.89 44.01
C VAL S 47 -36.80 -32.42 43.04
N THR S 48 -37.29 -33.16 42.04
CA THR S 48 -36.46 -33.62 40.96
C THR S 48 -35.73 -32.46 40.32
N GLU S 49 -36.44 -31.35 40.15
CA GLU S 49 -35.88 -30.21 39.46
C GLU S 49 -34.65 -29.70 40.17
N TYR S 50 -34.73 -29.59 41.49
CA TYR S 50 -33.54 -29.24 42.26
C TYR S 50 -32.50 -30.33 42.14
N TYR S 51 -32.94 -31.58 42.16
CA TYR S 51 -32.01 -32.69 42.22
C TYR S 51 -31.19 -32.78 40.96
N LEU S 52 -31.77 -32.37 39.84
CA LEU S 52 -31.12 -32.51 38.55
C LEU S 52 -30.26 -31.32 38.20
N ASN S 53 -30.69 -30.13 38.61
CA ASN S 53 -30.01 -28.90 38.28
C ASN S 53 -29.17 -28.35 39.43
N HIS S 54 -29.04 -29.10 40.51
CA HIS S 54 -28.09 -28.74 41.55
C HIS S 54 -27.35 -29.93 42.11
N GLY S 55 -27.77 -31.15 41.79
CA GLY S 55 -26.97 -32.31 42.09
C GLY S 55 -27.06 -32.82 43.49
N LYS S 56 -28.19 -32.60 44.14
CA LYS S 56 -28.46 -33.23 45.39
C LYS S 56 -29.91 -32.99 45.72
N TRP S 57 -30.44 -33.85 46.54
CA TRP S 57 -31.81 -33.71 46.92
C TRP S 57 -32.00 -32.41 47.70
N PRO S 58 -33.05 -31.65 47.43
CA PRO S 58 -33.30 -30.45 48.24
C PRO S 58 -33.60 -30.84 49.67
N GLU S 59 -32.91 -30.18 50.59
CA GLU S 59 -33.22 -30.31 52.01
C GLU S 59 -34.69 -30.06 52.26
N ASN S 60 -35.19 -28.96 51.70
CA ASN S 60 -36.41 -28.36 52.20
C ASN S 60 -37.13 -27.61 51.09
N ASN S 61 -38.29 -27.06 51.46
CA ASN S 61 -39.23 -26.52 50.48
C ASN S 61 -38.61 -25.39 49.69
N THR S 62 -38.00 -24.44 50.41
CA THR S 62 -37.40 -23.27 49.81
C THR S 62 -36.41 -23.61 48.71
N SER S 63 -35.70 -24.70 48.87
CA SER S 63 -34.73 -25.16 47.90
C SER S 63 -35.41 -25.87 46.76
N ALA S 64 -36.38 -26.71 47.11
CA ALA S 64 -37.19 -27.41 46.13
C ALA S 64 -37.84 -26.44 45.16
N GLY S 65 -38.17 -25.25 45.65
CA GLY S 65 -38.83 -24.25 44.86
C GLY S 65 -40.32 -24.25 45.04
N VAL S 66 -40.82 -24.65 46.20
CA VAL S 66 -42.23 -24.77 46.49
C VAL S 66 -42.52 -23.85 47.66
N ALA S 67 -43.76 -23.84 48.13
CA ALA S 67 -44.16 -23.03 49.26
C ALA S 67 -43.25 -23.28 50.45
N SER S 68 -42.51 -22.24 50.84
CA SER S 68 -41.49 -22.40 51.85
C SER S 68 -42.06 -22.94 53.15
N SER S 69 -43.22 -22.44 53.55
CA SER S 69 -43.95 -23.08 54.64
C SER S 69 -44.61 -24.34 54.09
N PRO S 70 -44.39 -25.52 54.69
CA PRO S 70 -45.08 -26.73 54.20
C PRO S 70 -46.58 -26.67 54.39
N THR S 71 -47.02 -26.11 55.51
CA THR S 71 -48.43 -26.12 55.86
C THR S 71 -49.27 -25.43 54.83
N ASP S 72 -48.70 -24.44 54.14
CA ASP S 72 -49.43 -23.77 53.09
C ASP S 72 -49.84 -24.75 52.01
N ILE S 73 -48.93 -25.64 51.65
CA ILE S 73 -49.25 -26.77 50.78
C ILE S 73 -50.02 -27.76 51.62
N LYS S 74 -51.29 -27.95 51.31
CA LYS S 74 -52.10 -28.82 52.13
C LYS S 74 -53.29 -29.32 51.33
N GLY S 75 -53.99 -30.27 51.93
CA GLY S 75 -55.10 -30.94 51.27
C GLY S 75 -56.33 -30.88 52.14
N LYS S 76 -57.45 -31.26 51.53
CA LYS S 76 -58.73 -31.28 52.24
C LYS S 76 -58.63 -32.08 53.51
N TYR S 77 -57.88 -33.18 53.49
CA TYR S 77 -57.62 -34.02 54.64
C TYR S 77 -56.14 -34.10 54.97
N VAL S 78 -55.31 -33.27 54.34
CA VAL S 78 -53.87 -33.26 54.54
C VAL S 78 -53.47 -32.00 55.27
N LYS S 79 -52.54 -32.15 56.21
CA LYS S 79 -52.06 -31.02 56.97
C LYS S 79 -51.00 -30.24 56.21
N GLU S 80 -49.88 -30.88 55.90
CA GLU S 80 -48.77 -30.18 55.29
C GLU S 80 -47.99 -31.14 54.41
N VAL S 81 -46.99 -30.58 53.74
CA VAL S 81 -46.07 -31.33 52.89
C VAL S 81 -44.71 -30.69 53.06
N GLU S 82 -43.77 -31.42 53.63
CA GLU S 82 -42.41 -30.96 53.77
C GLU S 82 -41.49 -31.74 52.85
N VAL S 83 -40.53 -31.04 52.30
CA VAL S 83 -39.39 -31.67 51.65
C VAL S 83 -38.37 -31.97 52.72
N LYS S 84 -37.83 -33.18 52.68
CA LYS S 84 -36.84 -33.60 53.64
C LYS S 84 -35.73 -34.32 52.89
N ASN S 85 -34.77 -33.53 52.42
CA ASN S 85 -33.66 -34.06 51.63
C ASN S 85 -34.20 -34.92 50.50
N GLY S 86 -35.11 -34.34 49.74
CA GLY S 86 -35.73 -35.04 48.64
C GLY S 86 -36.96 -35.81 49.04
N VAL S 87 -36.88 -36.50 50.17
CA VAL S 87 -38.02 -37.29 50.61
C VAL S 87 -39.16 -36.35 50.95
N VAL S 88 -40.30 -36.59 50.33
CA VAL S 88 -41.47 -35.75 50.49
C VAL S 88 -42.34 -36.39 51.54
N THR S 89 -42.38 -35.77 52.71
CA THR S 89 -43.25 -36.20 53.79
C THR S 89 -44.51 -35.37 53.75
N ALA S 90 -45.63 -36.03 53.98
CA ALA S 90 -46.93 -35.39 54.04
C ALA S 90 -47.61 -35.77 55.34
N THR S 91 -48.14 -34.78 56.03
CA THR S 91 -48.83 -34.96 57.30
C THR S 91 -50.32 -34.77 57.10
N MET S 92 -51.09 -35.64 57.72
CA MET S 92 -52.54 -35.61 57.60
C MET S 92 -53.17 -34.68 58.62
N LEU S 93 -54.39 -34.25 58.31
CA LEU S 93 -55.15 -33.46 59.26
C LEU S 93 -55.66 -34.32 60.40
N SER S 94 -56.36 -33.65 61.31
CA SER S 94 -57.22 -34.26 62.31
C SER S 94 -58.56 -34.60 61.68
N SER S 95 -59.60 -34.75 62.51
CA SER S 95 -60.88 -35.37 62.15
C SER S 95 -61.47 -34.96 60.81
N GLY S 96 -62.32 -35.83 60.31
CA GLY S 96 -62.60 -35.94 58.90
C GLY S 96 -62.68 -37.41 58.57
N VAL S 97 -61.95 -38.20 59.37
CA VAL S 97 -62.24 -39.62 59.52
C VAL S 97 -61.98 -40.00 60.96
N ASN S 98 -62.63 -41.07 61.38
CA ASN S 98 -62.32 -41.73 62.64
C ASN S 98 -60.94 -42.34 62.64
N ASN S 99 -60.42 -42.61 61.45
CA ASN S 99 -59.42 -43.62 61.24
C ASN S 99 -58.07 -43.17 61.74
N GLU S 100 -57.22 -44.16 61.98
CA GLU S 100 -55.93 -43.96 62.61
C GLU S 100 -54.94 -43.37 61.61
N ILE S 101 -55.25 -42.14 61.22
CA ILE S 101 -54.45 -41.38 60.26
C ILE S 101 -54.21 -39.98 60.79
N LYS S 102 -54.93 -39.59 61.82
CA LYS S 102 -55.09 -38.19 62.15
C LYS S 102 -53.78 -37.62 62.65
N GLY S 103 -53.21 -36.71 61.88
CA GLY S 103 -51.87 -36.25 62.14
C GLY S 103 -50.78 -37.20 61.72
N LYS S 104 -51.13 -38.37 61.19
CA LYS S 104 -50.11 -39.32 60.80
C LYS S 104 -49.43 -38.86 59.52
N LYS S 105 -48.34 -39.54 59.21
CA LYS S 105 -47.46 -39.14 58.12
C LYS S 105 -47.44 -40.19 57.03
N LEU S 106 -47.20 -39.68 55.85
CA LEU S 106 -46.75 -40.47 54.72
C LEU S 106 -45.47 -39.86 54.21
N SER S 107 -44.63 -40.71 53.63
CA SER S 107 -43.44 -40.25 52.93
C SER S 107 -43.48 -40.83 51.53
N LEU S 108 -42.76 -40.16 50.65
CA LEU S 108 -42.53 -40.63 49.30
C LEU S 108 -41.04 -40.77 49.08
N TRP S 109 -40.64 -41.91 48.54
CA TRP S 109 -39.25 -42.32 48.49
C TRP S 109 -38.77 -42.35 47.05
N ALA S 110 -37.84 -41.46 46.74
CA ALA S 110 -37.19 -41.43 45.44
C ALA S 110 -35.93 -42.25 45.45
N ARG S 111 -35.49 -42.64 44.25
CA ARG S 111 -34.15 -43.16 44.05
C ARG S 111 -33.82 -43.22 42.57
N ARG S 112 -32.66 -42.68 42.22
CA ARG S 112 -32.10 -42.85 40.90
C ARG S 112 -31.89 -44.33 40.60
N GLU S 113 -32.36 -44.77 39.44
CA GLU S 113 -32.08 -46.09 38.91
C GLU S 113 -31.47 -45.88 37.53
N ASN S 114 -30.15 -45.71 37.50
CA ASN S 114 -29.41 -45.44 36.28
C ASN S 114 -30.01 -44.22 35.58
N GLY S 115 -30.08 -43.15 36.35
CA GLY S 115 -30.78 -41.95 35.97
C GLY S 115 -32.24 -42.03 36.33
N SER S 116 -32.92 -43.03 35.77
CA SER S 116 -34.36 -43.15 35.88
C SER S 116 -34.76 -43.24 37.35
N VAL S 117 -35.49 -42.24 37.81
CA VAL S 117 -35.80 -42.12 39.23
C VAL S 117 -36.97 -43.04 39.59
N LYS S 118 -37.01 -43.43 40.86
CA LYS S 118 -37.91 -44.48 41.32
C LYS S 118 -38.64 -44.02 42.57
N TRP S 119 -39.94 -43.84 42.44
CA TRP S 119 -40.77 -43.24 43.45
C TRP S 119 -41.58 -44.32 44.15
N PHE S 120 -41.28 -44.53 45.43
CA PHE S 120 -42.05 -45.44 46.27
C PHE S 120 -42.66 -44.68 47.41
N CYS S 121 -43.94 -44.88 47.63
CA CYS S 121 -44.63 -44.15 48.67
C CYS S 121 -44.42 -44.88 49.98
N GLY S 122 -45.16 -44.48 51.01
CA GLY S 122 -45.47 -45.39 52.08
C GLY S 122 -44.76 -45.06 53.36
N GLN S 123 -44.24 -46.11 53.97
CA GLN S 123 -43.68 -46.14 55.30
C GLN S 123 -42.74 -44.95 55.45
N PRO S 124 -42.86 -44.12 56.48
CA PRO S 124 -42.08 -42.89 56.52
C PRO S 124 -40.58 -43.15 56.51
N VAL S 125 -39.88 -42.43 55.63
CA VAL S 125 -38.43 -42.56 55.47
C VAL S 125 -37.81 -41.17 55.48
N THR S 126 -36.48 -41.14 55.53
CA THR S 126 -35.75 -39.86 55.55
C THR S 126 -34.36 -40.05 54.99
N ARG S 127 -33.93 -39.10 54.18
CA ARG S 127 -32.67 -39.22 53.46
C ARG S 127 -31.54 -38.64 54.27
N THR S 128 -30.35 -39.19 54.03
CA THR S 128 -29.14 -38.79 54.72
C THR S 128 -28.03 -38.48 53.73
N ASP S 129 -28.03 -39.17 52.60
CA ASP S 129 -27.02 -38.99 51.57
C ASP S 129 -27.68 -39.27 50.23
N ASP S 130 -26.92 -39.05 49.16
CA ASP S 130 -27.45 -38.95 47.80
C ASP S 130 -28.42 -40.08 47.43
N ASP S 131 -28.11 -41.30 47.87
CA ASP S 131 -29.01 -42.44 47.70
C ASP S 131 -29.36 -43.13 49.00
N THR S 132 -28.63 -42.84 50.07
CA THR S 132 -28.92 -43.43 51.36
C THR S 132 -30.19 -42.82 51.91
N VAL S 133 -31.15 -43.66 52.25
CA VAL S 133 -32.34 -43.23 52.95
C VAL S 133 -32.61 -44.22 54.08
N ALA S 134 -33.19 -43.71 55.15
CA ALA S 134 -33.44 -44.47 56.36
C ALA S 134 -34.93 -44.65 56.56
N ASP S 135 -35.28 -45.79 57.15
CA ASP S 135 -36.64 -46.00 57.63
C ASP S 135 -36.88 -45.06 58.80
N ALA S 136 -37.75 -44.09 58.60
CA ALA S 136 -37.93 -43.00 59.55
C ALA S 136 -39.01 -43.37 60.55
N LYS S 137 -38.74 -44.47 61.25
CA LYS S 137 -39.71 -45.07 62.14
C LYS S 137 -39.87 -44.23 63.39
N ASP S 138 -40.80 -43.30 63.32
CA ASP S 138 -41.07 -42.32 64.37
C ASP S 138 -42.43 -42.51 65.01
N GLY S 139 -43.15 -43.58 64.66
CA GLY S 139 -44.51 -43.76 65.09
C GLY S 139 -45.54 -43.04 64.25
N LYS S 140 -45.12 -42.27 63.25
CA LYS S 140 -46.04 -41.65 62.30
C LYS S 140 -46.23 -42.49 61.07
N GLU S 141 -45.99 -43.79 61.17
CA GLU S 141 -46.25 -44.70 60.07
C GLU S 141 -47.74 -44.95 60.02
N ILE S 142 -48.36 -44.44 58.97
CA ILE S 142 -49.70 -44.89 58.65
C ILE S 142 -49.64 -46.38 58.35
N ASP S 143 -50.62 -47.12 58.85
CA ASP S 143 -50.57 -48.57 58.78
C ASP S 143 -50.70 -49.05 57.34
N THR S 144 -50.19 -50.25 57.09
CA THR S 144 -50.05 -50.75 55.73
C THR S 144 -51.40 -51.00 55.08
N LYS S 145 -52.43 -51.28 55.89
CA LYS S 145 -53.78 -51.38 55.36
C LYS S 145 -54.14 -50.12 54.61
N HIS S 146 -54.08 -48.99 55.32
CA HIS S 146 -54.34 -47.69 54.75
C HIS S 146 -53.63 -47.50 53.42
N LEU S 147 -52.35 -47.82 53.41
CA LEU S 147 -51.45 -47.39 52.39
C LEU S 147 -51.79 -48.05 51.07
N PRO S 148 -51.12 -47.66 50.00
CA PRO S 148 -51.27 -48.40 48.75
C PRO S 148 -50.74 -49.81 48.86
N SER S 149 -50.81 -50.50 47.74
CA SER S 149 -50.24 -51.83 47.59
C SER S 149 -49.04 -51.79 46.67
N THR S 150 -49.18 -51.10 45.54
CA THR S 150 -48.02 -50.80 44.71
C THR S 150 -46.96 -50.08 45.52
N CYS S 151 -47.36 -49.00 46.21
CA CYS S 151 -46.52 -48.39 47.23
C CYS S 151 -46.91 -48.96 48.58
N ARG S 152 -46.38 -50.12 48.85
CA ARG S 152 -46.28 -50.62 50.22
C ARG S 152 -44.80 -50.86 50.49
N ASP S 153 -43.99 -49.94 49.98
CA ASP S 153 -42.57 -50.14 49.81
C ASP S 153 -41.83 -49.28 50.81
N ASN S 154 -41.19 -49.94 51.77
CA ASN S 154 -40.29 -49.31 52.72
C ASN S 154 -38.96 -49.08 52.04
N PHE S 155 -37.92 -48.78 52.81
CA PHE S 155 -36.60 -48.63 52.23
C PHE S 155 -36.11 -49.99 51.77
N ASP S 156 -36.72 -50.49 50.68
CA ASP S 156 -36.43 -51.78 50.08
C ASP S 156 -36.29 -52.91 51.09
N PHE T 1 -107.59 -72.22 68.23
CA PHE T 1 -107.09 -70.84 68.18
C PHE T 1 -105.75 -70.67 67.48
N THR T 2 -105.73 -69.76 66.51
CA THR T 2 -104.51 -69.40 65.80
C THR T 2 -104.39 -67.91 65.55
N LEU T 3 -105.42 -67.11 65.87
CA LEU T 3 -105.56 -65.76 65.34
C LEU T 3 -104.36 -64.90 65.61
N ILE T 4 -103.72 -65.09 66.75
CA ILE T 4 -102.55 -64.30 67.03
C ILE T 4 -101.48 -64.56 65.98
N GLU T 5 -101.52 -65.72 65.34
CA GLU T 5 -100.69 -65.93 64.17
C GLU T 5 -101.14 -65.09 63.00
N LEU T 6 -102.42 -64.77 62.91
CA LEU T 6 -102.88 -63.84 61.89
C LEU T 6 -102.59 -62.41 62.28
N MET T 7 -102.75 -62.12 63.56
CA MET T 7 -102.41 -60.81 64.08
C MET T 7 -100.99 -60.43 63.70
N ILE T 8 -100.06 -61.35 63.94
CA ILE T 8 -98.67 -61.02 63.75
C ILE T 8 -98.37 -60.83 62.28
N VAL T 9 -99.13 -61.50 61.40
CA VAL T 9 -99.00 -61.23 59.98
C VAL T 9 -99.36 -59.79 59.72
N ILE T 10 -100.57 -59.40 60.13
CA ILE T 10 -101.06 -58.07 59.84
C ILE T 10 -100.24 -57.01 60.56
N ALA T 11 -99.44 -57.42 61.54
CA ALA T 11 -98.36 -56.58 62.04
C ALA T 11 -97.19 -56.58 61.08
N ILE T 12 -96.93 -57.70 60.41
CA ILE T 12 -95.91 -57.71 59.37
C ILE T 12 -96.45 -57.05 58.13
N VAL T 13 -97.77 -57.13 57.91
CA VAL T 13 -98.33 -56.50 56.72
C VAL T 13 -98.16 -55.00 56.80
N GLY T 14 -98.64 -54.42 57.89
CA GLY T 14 -98.29 -53.05 58.13
C GLY T 14 -96.80 -53.10 58.30
N ILE T 15 -96.09 -52.74 57.23
CA ILE T 15 -94.64 -52.77 57.28
C ILE T 15 -94.23 -51.38 57.69
N LEU T 16 -92.97 -51.26 58.06
CA LEU T 16 -92.43 -49.94 58.20
C LEU T 16 -92.39 -49.23 56.87
N ALA T 17 -91.94 -49.93 55.83
CA ALA T 17 -91.45 -49.28 54.64
C ALA T 17 -90.36 -48.29 55.04
N ALA T 18 -89.26 -48.90 55.45
CA ALA T 18 -88.17 -48.28 56.18
C ALA T 18 -87.83 -46.92 55.63
N VAL T 19 -87.45 -46.02 56.55
CA VAL T 19 -86.82 -44.77 56.18
C VAL T 19 -85.55 -45.02 55.39
N ALA T 20 -85.01 -46.24 55.45
CA ALA T 20 -83.94 -46.67 54.56
C ALA T 20 -84.41 -46.80 53.12
N LEU T 21 -85.64 -46.50 52.81
CA LEU T 21 -85.99 -46.15 51.45
C LEU T 21 -85.86 -44.65 51.19
N PRO T 22 -86.52 -43.78 51.95
CA PRO T 22 -86.41 -42.35 51.66
C PRO T 22 -85.12 -41.70 52.09
N ALA T 23 -84.42 -42.26 53.06
CA ALA T 23 -83.06 -41.80 53.26
C ALA T 23 -82.15 -42.27 52.14
N TYR T 24 -82.60 -43.24 51.36
CA TYR T 24 -81.86 -43.75 50.23
C TYR T 24 -82.55 -43.50 48.91
N GLN T 25 -83.66 -42.78 48.92
CA GLN T 25 -83.90 -41.94 47.77
C GLN T 25 -83.10 -40.66 47.93
N ASP T 26 -82.87 -40.25 49.19
CA ASP T 26 -81.97 -39.14 49.47
C ASP T 26 -80.52 -39.53 49.21
N TYR T 27 -80.19 -40.82 49.25
CA TYR T 27 -78.87 -41.26 48.86
C TYR T 27 -78.85 -41.96 47.52
N THR T 28 -80.01 -42.38 47.02
CA THR T 28 -80.16 -42.50 45.58
C THR T 28 -80.04 -41.13 44.97
N ALA T 29 -80.61 -40.13 45.64
CA ALA T 29 -80.35 -38.77 45.22
C ALA T 29 -78.87 -38.52 45.25
N ARG T 30 -78.19 -38.96 46.32
CA ARG T 30 -76.73 -38.82 46.35
C ARG T 30 -76.10 -39.52 45.16
N ALA T 31 -76.75 -40.54 44.60
CA ALA T 31 -76.24 -41.13 43.37
C ALA T 31 -76.35 -40.15 42.22
N GLN T 32 -77.54 -39.64 41.95
CA GLN T 32 -77.66 -38.77 40.79
C GLN T 32 -77.35 -37.32 41.10
N VAL T 33 -77.43 -36.93 42.36
CA VAL T 33 -76.69 -35.75 42.79
C VAL T 33 -75.23 -35.93 42.40
N SER T 34 -74.67 -37.12 42.65
CA SER T 34 -73.31 -37.37 42.21
C SER T 34 -73.21 -37.33 40.70
N GLU T 35 -74.26 -37.78 40.02
CA GLU T 35 -74.28 -37.64 38.58
C GLU T 35 -74.16 -36.18 38.16
N ALA T 36 -74.70 -35.27 38.96
CA ALA T 36 -74.43 -33.86 38.73
C ALA T 36 -73.00 -33.53 39.11
N ILE T 37 -72.50 -34.18 40.15
CA ILE T 37 -71.14 -33.90 40.60
C ILE T 37 -70.16 -34.40 39.56
N LEU T 38 -70.42 -35.56 38.99
CA LEU T 38 -69.51 -36.08 38.01
C LEU T 38 -69.48 -35.21 36.77
N LEU T 39 -70.56 -34.49 36.49
CA LEU T 39 -70.45 -33.46 35.47
C LEU T 39 -69.47 -32.41 35.92
N ALA T 40 -69.69 -31.89 37.13
CA ALA T 40 -68.85 -30.84 37.71
C ALA T 40 -67.39 -31.22 37.64
N GLU T 41 -67.09 -32.51 37.78
CA GLU T 41 -65.73 -33.00 37.70
C GLU T 41 -65.04 -32.53 36.42
N GLY T 42 -65.75 -32.53 35.30
CA GLY T 42 -65.16 -32.03 34.08
C GLY T 42 -64.84 -30.56 34.17
N GLN T 43 -65.77 -29.78 34.70
CA GLN T 43 -65.55 -28.36 34.81
C GLN T 43 -64.53 -28.00 35.86
N LYS T 44 -64.23 -28.91 36.79
CA LYS T 44 -63.27 -28.61 37.85
C LYS T 44 -61.96 -28.12 37.26
N SER T 45 -61.46 -28.86 36.28
CA SER T 45 -60.19 -28.50 35.68
C SER T 45 -60.38 -27.43 34.62
N ALA T 46 -61.52 -27.44 33.95
CA ALA T 46 -61.75 -26.46 32.89
C ALA T 46 -61.99 -25.08 33.46
N VAL T 47 -62.82 -24.99 34.49
CA VAL T 47 -62.98 -23.74 35.21
C VAL T 47 -61.65 -23.32 35.78
N THR T 48 -60.96 -24.27 36.40
CA THR T 48 -59.61 -24.06 36.86
C THR T 48 -58.74 -23.56 35.73
N GLU T 49 -58.92 -24.14 34.56
CA GLU T 49 -58.07 -23.81 33.43
C GLU T 49 -58.17 -22.34 33.10
N TYR T 50 -59.40 -21.82 33.06
CA TYR T 50 -59.56 -20.38 32.88
C TYR T 50 -58.98 -19.64 34.06
N TYR T 51 -59.17 -20.16 35.26
CA TYR T 51 -58.80 -19.43 36.46
C TYR T 51 -57.30 -19.26 36.54
N LEU T 52 -56.55 -20.23 36.00
CA LEU T 52 -55.11 -20.22 36.12
C LEU T 52 -54.44 -19.49 34.98
N ASN T 53 -55.02 -19.54 33.80
CA ASN T 53 -54.44 -18.93 32.61
C ASN T 53 -55.11 -17.62 32.22
N HIS T 54 -56.01 -17.12 33.06
CA HIS T 54 -56.53 -15.77 32.87
C HIS T 54 -56.68 -15.01 34.16
N GLY T 55 -56.56 -15.65 35.31
CA GLY T 55 -56.46 -14.95 36.56
C GLY T 55 -57.74 -14.49 37.14
N LYS T 56 -58.83 -15.18 36.86
CA LYS T 56 -60.06 -14.95 37.55
C LYS T 56 -61.00 -16.07 37.19
N TRP T 57 -61.96 -16.28 38.04
CA TRP T 57 -62.89 -17.33 37.80
C TRP T 57 -63.71 -16.99 36.54
N PRO T 58 -63.94 -17.97 35.66
CA PRO T 58 -64.80 -17.69 34.51
C PRO T 58 -66.21 -17.39 34.96
N GLU T 59 -66.74 -16.29 34.43
CA GLU T 59 -68.15 -15.97 34.63
C GLU T 59 -69.03 -17.14 34.25
N ASN T 60 -68.77 -17.71 33.08
CA ASN T 60 -69.77 -18.49 32.39
C ASN T 60 -69.10 -19.53 31.51
N ASN T 61 -69.95 -20.35 30.88
CA ASN T 61 -69.51 -21.54 30.18
C ASN T 61 -68.54 -21.20 29.07
N THR T 62 -68.92 -20.24 28.24
CA THR T 62 -68.14 -19.83 27.09
C THR T 62 -66.72 -19.47 27.45
N SER T 63 -66.52 -18.89 28.61
CA SER T 63 -65.22 -18.50 29.10
C SER T 63 -64.49 -19.70 29.66
N ALA T 64 -65.21 -20.50 30.42
CA ALA T 64 -64.68 -21.73 30.98
C ALA T 64 -64.11 -22.63 29.88
N GLY T 65 -64.73 -22.56 28.70
CA GLY T 65 -64.33 -23.39 27.59
C GLY T 65 -65.15 -24.64 27.45
N VAL T 66 -66.39 -24.61 27.89
CA VAL T 66 -67.28 -25.76 27.89
C VAL T 66 -68.47 -25.40 27.03
N ALA T 67 -69.44 -26.31 26.94
CA ALA T 67 -70.65 -26.07 26.16
C ALA T 67 -71.30 -24.77 26.57
N SER T 68 -71.35 -23.82 25.64
CA SER T 68 -71.80 -22.48 25.97
C SER T 68 -73.21 -22.49 26.54
N SER T 69 -74.09 -23.29 25.96
CA SER T 69 -75.37 -23.55 26.59
C SER T 69 -75.15 -24.52 27.75
N PRO T 70 -75.58 -24.19 28.97
CA PRO T 70 -75.41 -25.16 30.08
C PRO T 70 -76.25 -26.41 29.88
N THR T 71 -77.46 -26.24 29.37
CA THR T 71 -78.41 -27.35 29.26
C THR T 71 -77.86 -28.48 28.42
N ASP T 72 -77.01 -28.16 27.45
CA ASP T 72 -76.39 -29.18 26.64
C ASP T 72 -75.60 -30.14 27.51
N ILE T 73 -74.85 -29.58 28.46
CA ILE T 73 -74.19 -30.39 29.48
C ILE T 73 -75.27 -30.81 30.45
N LYS T 74 -75.55 -32.11 30.50
CA LYS T 74 -76.63 -32.57 31.34
C LYS T 74 -76.43 -34.04 31.66
N GLY T 75 -77.25 -34.51 32.58
CA GLY T 75 -77.15 -35.86 33.09
C GLY T 75 -78.47 -36.57 32.98
N LYS T 76 -78.41 -37.89 33.21
CA LYS T 76 -79.61 -38.73 33.16
C LYS T 76 -80.70 -38.17 34.04
N TYR T 77 -80.32 -37.64 35.21
CA TYR T 77 -81.23 -37.00 36.13
C TYR T 77 -80.87 -35.54 36.37
N VAL T 78 -79.96 -34.99 35.59
CA VAL T 78 -79.50 -33.61 35.75
C VAL T 78 -79.99 -32.78 34.58
N LYS T 79 -80.42 -31.57 34.88
CA LYS T 79 -80.92 -30.67 33.85
C LYS T 79 -79.78 -29.97 33.12
N GLU T 80 -79.00 -29.18 33.85
CA GLU T 80 -77.96 -28.38 33.22
C GLU T 80 -76.82 -28.17 34.19
N VAL T 81 -75.78 -27.52 33.69
CA VAL T 81 -74.61 -27.16 34.46
C VAL T 81 -74.16 -25.80 33.96
N GLU T 82 -74.25 -24.79 34.82
CA GLU T 82 -73.78 -23.46 34.50
C GLU T 82 -72.53 -23.13 35.31
N VAL T 83 -71.63 -22.43 34.67
CA VAL T 83 -70.53 -21.77 35.36
C VAL T 83 -71.03 -20.43 35.83
N LYS T 84 -70.74 -20.12 37.08
CA LYS T 84 -71.16 -18.85 37.67
C LYS T 84 -69.98 -18.28 38.42
N ASN T 85 -69.14 -17.53 37.71
CA ASN T 85 -67.94 -16.95 38.29
C ASN T 85 -67.15 -18.03 39.01
N GLY T 86 -66.88 -19.10 38.30
CA GLY T 86 -66.16 -20.22 38.85
C GLY T 86 -67.04 -21.22 39.53
N VAL T 87 -68.00 -20.75 40.30
CA VAL T 87 -68.89 -21.66 41.00
C VAL T 87 -69.72 -22.42 39.98
N VAL T 88 -69.66 -23.74 40.07
CA VAL T 88 -70.34 -24.61 39.13
C VAL T 88 -71.66 -25.00 39.76
N THR T 89 -72.72 -24.45 39.22
CA THR T 89 -74.07 -24.81 39.63
C THR T 89 -74.62 -25.86 38.68
N ALA T 90 -75.30 -26.83 39.24
CA ALA T 90 -75.95 -27.89 38.49
C ALA T 90 -77.40 -27.96 38.90
N THR T 91 -78.27 -28.02 37.90
CA THR T 91 -79.71 -28.10 38.10
C THR T 91 -80.19 -29.50 37.76
N MET T 92 -81.08 -30.02 38.58
CA MET T 92 -81.61 -31.35 38.41
C MET T 92 -82.82 -31.37 37.49
N LEU T 93 -83.09 -32.53 36.93
CA LEU T 93 -84.29 -32.71 36.12
C LEU T 93 -85.53 -32.77 37.01
N SER T 94 -86.66 -32.92 36.34
CA SER T 94 -87.93 -33.32 36.92
C SER T 94 -87.94 -34.83 37.09
N SER T 95 -89.14 -35.41 37.20
CA SER T 95 -89.38 -36.78 37.67
C SER T 95 -88.44 -37.85 37.12
N GLY T 96 -88.35 -38.93 37.87
CA GLY T 96 -87.21 -39.80 37.84
C GLY T 96 -86.93 -40.18 39.28
N VAL T 97 -87.31 -39.28 40.19
CA VAL T 97 -87.56 -39.63 41.58
C VAL T 97 -88.72 -38.82 42.07
N ASN T 98 -89.36 -39.34 43.11
CA ASN T 98 -90.35 -38.59 43.87
C ASN T 98 -89.72 -37.42 44.62
N ASN T 99 -88.43 -37.51 44.86
CA ASN T 99 -87.77 -36.83 45.95
C ASN T 99 -87.64 -35.36 45.66
N GLU T 100 -87.45 -34.61 46.74
CA GLU T 100 -87.45 -33.16 46.71
C GLU T 100 -86.13 -32.65 46.15
N ILE T 101 -85.93 -32.96 44.87
CA ILE T 101 -84.74 -32.56 44.13
C ILE T 101 -85.13 -31.95 42.80
N LYS T 102 -86.38 -32.11 42.41
CA LYS T 102 -86.77 -31.94 41.03
C LYS T 102 -86.66 -30.48 40.62
N GLY T 103 -85.73 -30.21 39.72
CA GLY T 103 -85.37 -28.85 39.41
C GLY T 103 -84.50 -28.17 40.43
N LYS T 104 -84.15 -28.85 41.53
CA LYS T 104 -83.33 -28.23 42.55
C LYS T 104 -81.89 -28.13 42.07
N LYS T 105 -81.12 -27.36 42.82
CA LYS T 105 -79.77 -27.02 42.43
C LYS T 105 -78.76 -27.59 43.40
N LEU T 106 -77.60 -27.83 42.85
CA LEU T 106 -76.38 -28.02 43.60
C LEU T 106 -75.37 -27.02 43.08
N SER T 107 -74.47 -26.63 43.96
CA SER T 107 -73.32 -25.84 43.58
C SER T 107 -72.07 -26.54 44.06
N LEU T 108 -70.97 -26.20 43.40
CA LEU T 108 -69.66 -26.64 43.79
C LEU T 108 -68.79 -25.43 44.06
N TRP T 109 -68.11 -25.44 45.20
CA TRP T 109 -67.44 -24.27 45.74
C TRP T 109 -65.94 -24.47 45.72
N ALA T 110 -65.27 -23.68 44.91
CA ALA T 110 -63.81 -23.67 44.85
C ALA T 110 -63.25 -22.62 45.80
N ARG T 111 -61.98 -22.81 46.13
CA ARG T 111 -61.20 -21.76 46.77
C ARG T 111 -59.72 -22.11 46.76
N ARG T 112 -58.91 -21.16 46.32
CA ARG T 112 -57.46 -21.28 46.45
C ARG T 112 -57.08 -21.38 47.92
N GLU T 113 -56.24 -22.36 48.23
CA GLU T 113 -55.62 -22.50 49.53
C GLU T 113 -54.12 -22.53 49.29
N ASN T 114 -53.52 -21.35 49.25
CA ASN T 114 -52.09 -21.20 48.96
C ASN T 114 -51.75 -21.90 47.65
N GLY T 115 -52.49 -21.49 46.63
CA GLY T 115 -52.47 -22.15 45.35
C GLY T 115 -53.45 -23.29 45.32
N SER T 116 -53.22 -24.27 46.20
CA SER T 116 -53.97 -25.50 46.19
C SER T 116 -55.46 -25.24 46.34
N VAL T 117 -56.22 -25.59 45.31
CA VAL T 117 -57.62 -25.22 45.26
C VAL T 117 -58.44 -26.21 46.08
N LYS T 118 -59.59 -25.74 46.55
CA LYS T 118 -60.39 -26.46 47.53
C LYS T 118 -61.83 -26.51 47.09
N TRP T 119 -62.29 -27.70 46.79
CA TRP T 119 -63.58 -27.94 46.17
C TRP T 119 -64.55 -28.48 47.21
N PHE T 120 -65.56 -27.68 47.54
CA PHE T 120 -66.63 -28.10 48.43
C PHE T 120 -67.95 -28.05 47.69
N CYS T 121 -68.70 -29.12 47.77
CA CYS T 121 -69.95 -29.21 47.05
C CYS T 121 -71.02 -28.53 47.88
N GLY T 122 -72.27 -28.69 47.49
CA GLY T 122 -73.36 -28.60 48.42
C GLY T 122 -74.20 -27.37 48.26
N GLN T 123 -74.51 -26.76 49.39
CA GLN T 123 -75.45 -25.68 49.56
C GLN T 123 -75.18 -24.64 48.48
N PRO T 124 -76.18 -24.20 47.71
CA PRO T 124 -75.88 -23.35 46.57
C PRO T 124 -75.21 -22.05 46.97
N VAL T 125 -74.13 -21.72 46.27
CA VAL T 125 -73.35 -20.51 46.52
C VAL T 125 -73.09 -19.79 45.20
N THR T 126 -72.56 -18.58 45.30
CA THR T 126 -72.27 -17.78 44.11
C THR T 126 -71.15 -16.80 44.40
N ARG T 127 -70.26 -16.66 43.43
CA ARG T 127 -69.06 -15.87 43.63
C ARG T 127 -69.29 -14.43 43.22
N THR T 128 -68.54 -13.54 43.86
CA THR T 128 -68.63 -12.12 43.63
C THR T 128 -67.25 -11.52 43.36
N ASP T 129 -66.22 -12.10 43.97
CA ASP T 129 -64.86 -11.62 43.81
C ASP T 129 -63.95 -12.84 43.94
N ASP T 130 -62.65 -12.60 43.73
CA ASP T 130 -61.68 -13.66 43.49
C ASP T 130 -61.75 -14.81 44.49
N ASP T 131 -61.98 -14.49 45.76
CA ASP T 131 -62.21 -15.50 46.79
C ASP T 131 -63.53 -15.31 47.52
N THR T 132 -64.16 -14.16 47.38
CA THR T 132 -65.43 -13.93 48.04
C THR T 132 -66.50 -14.74 47.34
N VAL T 133 -67.21 -15.56 48.10
CA VAL T 133 -68.38 -16.27 47.62
C VAL T 133 -69.49 -16.12 48.65
N ALA T 134 -70.72 -16.11 48.14
CA ALA T 134 -71.89 -15.90 48.97
C ALA T 134 -72.74 -17.15 49.01
N ASP T 135 -73.39 -17.35 50.15
CA ASP T 135 -74.43 -18.36 50.26
C ASP T 135 -75.59 -17.95 49.37
N ALA T 136 -75.82 -18.71 48.31
CA ALA T 136 -76.77 -18.33 47.28
C ALA T 136 -78.14 -18.90 47.61
N LYS T 137 -78.62 -18.48 48.77
CA LYS T 137 -79.84 -19.03 49.34
C LYS T 137 -81.05 -18.53 48.57
N ASP T 138 -81.42 -19.28 47.55
CA ASP T 138 -82.49 -18.95 46.62
C ASP T 138 -83.66 -19.91 46.72
N GLY T 139 -83.65 -20.82 47.70
CA GLY T 139 -84.63 -21.87 47.77
C GLY T 139 -84.35 -23.06 46.90
N LYS T 140 -83.28 -23.04 46.11
CA LYS T 140 -82.85 -24.21 45.34
C LYS T 140 -81.81 -25.01 46.08
N GLU T 141 -81.77 -24.91 47.40
CA GLU T 141 -80.88 -25.72 48.21
C GLU T 141 -81.49 -27.11 48.31
N ILE T 142 -80.84 -28.06 47.67
CA ILE T 142 -81.13 -29.45 47.96
C ILE T 142 -80.81 -29.69 49.42
N ASP T 143 -81.68 -30.44 50.10
CA ASP T 143 -81.56 -30.59 51.54
C ASP T 143 -80.32 -31.39 51.92
N THR T 144 -79.85 -31.18 53.14
CA THR T 144 -78.57 -31.71 53.56
C THR T 144 -78.58 -33.22 53.63
N LYS T 145 -79.75 -33.82 53.86
CA LYS T 145 -79.87 -35.27 53.80
C LYS T 145 -79.38 -35.78 52.45
N HIS T 146 -80.01 -35.28 51.40
CA HIS T 146 -79.64 -35.62 50.03
C HIS T 146 -78.14 -35.53 49.82
N LEU T 147 -77.55 -34.44 50.28
CA LEU T 147 -76.25 -34.03 49.85
C LEU T 147 -75.20 -34.98 50.40
N PRO T 148 -73.96 -34.81 50.00
CA PRO T 148 -72.88 -35.57 50.64
C PRO T 148 -72.72 -35.22 52.09
N SER T 149 -71.74 -35.86 52.71
CA SER T 149 -71.33 -35.57 54.07
C SER T 149 -69.97 -34.89 54.08
N THR T 150 -69.03 -35.43 53.30
CA THR T 150 -67.78 -34.72 53.06
C THR T 150 -68.06 -33.34 52.50
N CYS T 151 -68.86 -33.27 51.44
CA CYS T 151 -69.43 -32.00 50.98
C CYS T 151 -70.79 -31.83 51.60
N ARG T 152 -70.79 -31.36 52.82
CA ARG T 152 -71.95 -30.74 53.42
C ARG T 152 -71.54 -29.33 53.81
N ASP T 153 -70.75 -28.73 52.94
CA ASP T 153 -69.96 -27.56 53.27
C ASP T 153 -70.55 -26.35 52.56
N ASN T 154 -71.10 -25.45 53.34
CA ASN T 154 -71.58 -24.16 52.86
C ASN T 154 -70.38 -23.24 52.72
N PHE T 155 -70.62 -21.94 52.58
CA PHE T 155 -69.52 -20.99 52.52
C PHE T 155 -68.86 -20.92 53.89
N ASP T 156 -68.15 -21.99 54.24
CA ASP T 156 -67.46 -22.16 55.50
C ASP T 156 -68.28 -21.72 56.72
N PHE U 1 -114.83 -80.05 70.18
CA PHE U 1 -114.60 -79.47 68.84
C PHE U 1 -113.37 -78.57 68.76
N THR U 2 -112.51 -78.87 67.79
CA THR U 2 -111.34 -78.05 67.51
C THR U 2 -111.09 -77.86 66.02
N LEU U 3 -111.85 -78.56 65.15
CA LEU U 3 -111.45 -78.76 63.76
C LEU U 3 -111.19 -77.47 63.03
N ILE U 4 -111.92 -76.42 63.37
CA ILE U 4 -111.66 -75.16 62.71
C ILE U 4 -110.25 -74.70 63.00
N GLU U 5 -109.66 -75.16 64.11
CA GLU U 5 -108.25 -74.95 64.32
C GLU U 5 -107.41 -75.76 63.37
N LEU U 6 -107.91 -76.90 62.92
CA LEU U 6 -107.20 -77.65 61.89
C LEU U 6 -107.45 -77.06 60.52
N MET U 7 -108.68 -76.60 60.30
CA MET U 7 -109.02 -75.92 59.07
C MET U 7 -108.06 -74.78 58.80
N ILE U 8 -107.85 -73.95 59.81
CA ILE U 8 -107.06 -72.76 59.61
C ILE U 8 -105.62 -73.11 59.35
N VAL U 9 -105.15 -74.24 59.89
CA VAL U 9 -103.83 -74.72 59.53
C VAL U 9 -103.79 -74.99 58.05
N ILE U 10 -104.69 -75.84 57.58
CA ILE U 10 -104.67 -76.25 56.19
C ILE U 10 -104.97 -75.09 55.26
N ALA U 11 -105.50 -73.99 55.81
CA ALA U 11 -105.47 -72.71 55.12
C ALA U 11 -104.09 -72.08 55.16
N ILE U 12 -103.36 -72.27 56.26
CA ILE U 12 -101.97 -71.83 56.29
C ILE U 12 -101.11 -72.78 55.51
N VAL U 13 -101.50 -74.05 55.44
CA VAL U 13 -100.69 -75.00 54.68
C VAL U 13 -100.72 -74.64 53.22
N GLY U 14 -101.92 -74.52 52.67
CA GLY U 14 -101.99 -73.95 51.36
C GLY U 14 -101.48 -72.55 51.57
N ILE U 15 -100.24 -72.34 51.19
CA ILE U 15 -99.63 -71.04 51.36
C ILE U 15 -99.83 -70.33 50.07
N LEU U 16 -99.61 -69.03 50.08
CA LEU U 16 -99.53 -68.34 48.83
C LEU U 16 -98.33 -68.80 48.04
N ALA U 17 -97.18 -68.94 48.71
CA ALA U 17 -95.91 -68.94 48.03
C ALA U 17 -95.80 -67.68 47.19
N ALA U 18 -95.67 -66.59 47.93
CA ALA U 18 -95.86 -65.22 47.46
C ALA U 18 -95.24 -65.00 46.11
N VAL U 19 -95.92 -64.16 45.32
CA VAL U 19 -95.32 -63.61 44.11
C VAL U 19 -94.05 -62.86 44.42
N ALA U 20 -93.85 -62.48 45.70
CA ALA U 20 -92.57 -61.98 46.15
C ALA U 20 -91.48 -63.04 46.15
N LEU U 21 -91.75 -64.24 45.71
CA LEU U 21 -90.69 -65.10 45.25
C LEU U 21 -90.42 -64.92 43.75
N PRO U 22 -91.42 -65.08 42.86
CA PRO U 22 -91.14 -64.94 41.44
C PRO U 22 -90.96 -63.53 40.94
N ALA U 23 -91.51 -62.54 41.63
CA ALA U 23 -91.10 -61.19 41.32
C ALA U 23 -89.68 -60.92 41.80
N TYR U 24 -89.16 -61.77 42.67
CA TYR U 24 -87.81 -61.67 43.18
C TYR U 24 -86.94 -62.83 42.78
N GLN U 25 -87.45 -63.74 41.95
CA GLN U 25 -86.54 -64.36 41.02
C GLN U 25 -86.36 -63.43 39.83
N ASP U 26 -87.39 -62.64 39.53
CA ASP U 26 -87.26 -61.57 38.54
C ASP U 26 -86.38 -60.44 39.04
N TYR U 27 -86.25 -60.28 40.36
CA TYR U 27 -85.31 -59.31 40.90
C TYR U 27 -84.08 -59.97 41.51
N THR U 28 -84.14 -61.27 41.78
CA THR U 28 -82.91 -62.05 41.78
C THR U 28 -82.34 -62.05 40.39
N ALA U 29 -83.21 -62.15 39.40
CA ALA U 29 -82.74 -61.94 38.04
C ALA U 29 -82.13 -60.57 37.94
N ARG U 30 -82.77 -59.55 38.51
CA ARG U 30 -82.15 -58.23 38.51
C ARG U 30 -80.80 -58.26 39.18
N ALA U 31 -80.57 -59.20 40.10
CA ALA U 31 -79.23 -59.35 40.65
C ALA U 31 -78.26 -59.84 39.59
N GLN U 32 -78.56 -60.97 38.95
CA GLN U 32 -77.58 -61.48 38.00
C GLN U 32 -77.75 -60.89 36.61
N VAL U 33 -78.93 -60.37 36.30
CA VAL U 33 -79.00 -59.39 35.23
C VAL U 33 -78.00 -58.27 35.53
N SER U 34 -77.96 -57.81 36.78
CA SER U 34 -76.96 -56.82 37.12
C SER U 34 -75.57 -57.38 36.98
N GLU U 35 -75.40 -58.66 37.29
CA GLU U 35 -74.12 -59.30 37.06
C GLU U 35 -73.73 -59.20 35.59
N ALA U 36 -74.70 -59.23 34.68
CA ALA U 36 -74.39 -58.93 33.30
C ALA U 36 -74.11 -57.45 33.13
N ILE U 37 -74.81 -56.62 33.89
CA ILE U 37 -74.61 -55.19 33.78
C ILE U 37 -73.23 -54.81 34.30
N LEU U 38 -72.83 -55.44 35.39
CA LEU U 38 -71.53 -55.12 35.93
C LEU U 38 -70.42 -55.52 34.99
N LEU U 39 -70.66 -56.53 34.14
CA LEU U 39 -69.72 -56.76 33.06
C LEU U 39 -69.70 -55.56 32.14
N ALA U 40 -70.90 -55.17 31.69
CA ALA U 40 -71.06 -54.05 30.77
C ALA U 40 -70.35 -52.82 31.27
N GLU U 41 -70.32 -52.64 32.59
CA GLU U 41 -69.63 -51.52 33.22
C GLU U 41 -68.19 -51.41 32.73
N GLY U 42 -67.51 -52.53 32.58
CA GLY U 42 -66.16 -52.48 32.06
C GLY U 42 -66.12 -51.99 30.63
N GLN U 43 -67.03 -52.49 29.81
CA GLN U 43 -67.04 -52.09 28.43
C GLN U 43 -67.55 -50.67 28.24
N LYS U 44 -68.23 -50.10 29.23
CA LYS U 44 -68.76 -48.75 29.10
C LYS U 44 -67.66 -47.79 28.70
N SER U 45 -66.54 -47.85 29.42
CA SER U 45 -65.46 -46.94 29.14
C SER U 45 -64.60 -47.45 27.99
N ALA U 46 -64.51 -48.76 27.83
CA ALA U 46 -63.68 -49.30 26.78
C ALA U 46 -64.32 -49.12 25.42
N VAL U 47 -65.61 -49.40 25.32
CA VAL U 47 -66.36 -49.08 24.11
C VAL U 47 -66.29 -47.59 23.87
N THR U 48 -66.52 -46.82 24.92
CA THR U 48 -66.34 -45.39 24.86
C THR U 48 -64.95 -45.05 24.38
N GLU U 49 -63.96 -45.79 24.86
CA GLU U 49 -62.58 -45.49 24.54
C GLU U 49 -62.36 -45.56 23.04
N TYR U 50 -62.88 -46.60 22.40
CA TYR U 50 -62.82 -46.66 20.96
C TYR U 50 -63.63 -45.55 20.34
N TYR U 51 -64.77 -45.25 20.93
CA TYR U 51 -65.69 -44.31 20.33
C TYR U 51 -65.11 -42.91 20.31
N LEU U 52 -64.28 -42.60 21.30
CA LEU U 52 -63.75 -41.26 21.44
C LEU U 52 -62.45 -41.06 20.70
N ASN U 53 -61.64 -42.11 20.61
CA ASN U 53 -60.34 -42.05 19.98
C ASN U 53 -60.30 -42.65 18.60
N HIS U 54 -61.45 -43.05 18.07
CA HIS U 54 -61.54 -43.44 16.67
C HIS U 54 -62.78 -42.91 15.98
N GLY U 55 -63.74 -42.38 16.72
CA GLY U 55 -64.83 -41.66 16.10
C GLY U 55 -65.93 -42.49 15.56
N LYS U 56 -66.14 -43.67 16.13
CA LYS U 56 -67.32 -44.44 15.83
C LYS U 56 -67.38 -45.56 16.82
N TRP U 57 -68.57 -46.06 16.99
CA TRP U 57 -68.75 -47.14 17.92
C TRP U 57 -67.98 -48.37 17.43
N PRO U 58 -67.29 -49.08 18.32
CA PRO U 58 -66.64 -50.31 17.88
C PRO U 58 -67.67 -51.33 17.48
N GLU U 59 -67.45 -51.91 16.30
CA GLU U 59 -68.25 -53.04 15.85
C GLU U 59 -68.28 -54.13 16.91
N ASN U 60 -67.11 -54.48 17.43
CA ASN U 60 -66.92 -55.76 18.06
C ASN U 60 -65.81 -55.67 19.09
N ASN U 61 -65.61 -56.80 19.78
CA ASN U 61 -64.77 -56.85 20.96
C ASN U 61 -63.35 -56.43 20.65
N THR U 62 -62.79 -57.03 19.60
CA THR U 62 -61.42 -56.78 19.19
C THR U 62 -61.12 -55.32 18.99
N SER U 63 -62.08 -54.57 18.52
CA SER U 63 -61.95 -53.15 18.29
C SER U 63 -62.11 -52.39 19.58
N ALA U 64 -63.11 -52.79 20.36
CA ALA U 64 -63.34 -52.22 21.67
C ALA U 64 -62.09 -52.31 22.54
N GLY U 65 -61.31 -53.35 22.35
CA GLY U 65 -60.12 -53.57 23.13
C GLY U 65 -60.34 -54.51 24.28
N VAL U 66 -61.28 -55.42 24.16
CA VAL U 66 -61.65 -56.36 25.21
C VAL U 66 -61.41 -57.75 24.69
N ALA U 67 -61.74 -58.76 25.48
CA ALA U 67 -61.58 -60.15 25.08
C ALA U 67 -62.27 -60.40 23.76
N SER U 68 -61.47 -60.73 22.75
CA SER U 68 -61.98 -60.85 21.39
C SER U 68 -63.12 -61.86 21.31
N SER U 69 -62.97 -62.98 21.98
CA SER U 69 -64.11 -63.88 22.15
C SER U 69 -65.03 -63.30 23.21
N PRO U 70 -66.32 -63.10 22.93
CA PRO U 70 -67.21 -62.59 23.98
C PRO U 70 -67.40 -63.55 25.13
N THR U 71 -67.47 -64.84 24.82
CA THR U 71 -67.77 -65.86 25.81
C THR U 71 -66.75 -65.87 26.94
N ASP U 72 -65.51 -65.50 26.63
CA ASP U 72 -64.50 -65.42 27.66
C ASP U 72 -64.91 -64.44 28.74
N ILE U 73 -65.44 -63.30 28.33
CA ILE U 73 -66.06 -62.36 29.25
C ILE U 73 -67.39 -62.95 29.64
N LYS U 74 -67.53 -63.33 30.90
CA LYS U 74 -68.76 -63.97 31.31
C LYS U 74 -68.93 -63.82 32.81
N GLY U 75 -70.12 -64.21 33.26
CA GLY U 75 -70.51 -64.04 34.64
C GLY U 75 -70.97 -65.36 35.21
N LYS U 76 -71.13 -65.37 36.54
CA LYS U 76 -71.59 -66.55 37.26
C LYS U 76 -72.88 -67.07 36.66
N TYR U 77 -73.76 -66.17 36.25
CA TYR U 77 -75.01 -66.50 35.59
C TYR U 77 -75.09 -65.90 34.19
N VAL U 78 -74.00 -65.36 33.67
CA VAL U 78 -73.96 -64.73 32.36
C VAL U 78 -73.14 -65.58 31.42
N LYS U 79 -73.62 -65.69 30.19
CA LYS U 79 -72.93 -66.48 29.18
C LYS U 79 -71.80 -65.69 28.54
N GLU U 80 -72.12 -64.59 27.88
CA GLU U 80 -71.11 -63.86 27.14
C GLU U 80 -71.48 -62.38 27.12
N VAL U 81 -70.58 -61.60 26.53
CA VAL U 81 -70.76 -60.17 26.34
C VAL U 81 -70.14 -59.84 24.99
N GLU U 82 -70.97 -59.42 24.05
CA GLU U 82 -70.49 -58.98 22.76
C GLU U 82 -70.67 -57.49 22.60
N VAL U 83 -69.71 -56.88 21.95
CA VAL U 83 -69.85 -55.53 21.44
C VAL U 83 -70.52 -55.61 20.09
N LYS U 84 -71.52 -54.76 19.89
CA LYS U 84 -72.26 -54.74 18.64
C LYS U 84 -72.42 -53.28 18.24
N ASN U 85 -71.42 -52.76 17.52
CA ASN U 85 -71.42 -51.37 17.10
C ASN U 85 -71.70 -50.47 18.29
N GLY U 86 -70.92 -50.68 19.34
CA GLY U 86 -71.08 -49.91 20.55
C GLY U 86 -72.07 -50.52 21.52
N VAL U 87 -73.19 -51.00 21.00
CA VAL U 87 -74.19 -51.58 21.87
C VAL U 87 -73.63 -52.85 22.47
N VAL U 88 -73.66 -52.92 23.79
CA VAL U 88 -73.11 -54.03 24.53
C VAL U 88 -74.25 -54.98 24.84
N THR U 89 -74.24 -56.11 24.15
CA THR U 89 -75.20 -57.17 24.40
C THR U 89 -74.58 -58.18 25.33
N ALA U 90 -75.36 -58.67 26.27
CA ALA U 90 -74.95 -59.69 27.20
C ALA U 90 -75.95 -60.82 27.17
N THR U 91 -75.45 -62.05 27.08
CA THR U 91 -76.26 -63.25 27.03
C THR U 91 -76.14 -64.00 28.34
N MET U 92 -77.27 -64.48 28.83
CA MET U 92 -77.32 -65.18 30.10
C MET U 92 -77.03 -66.67 29.92
N LEU U 93 -76.63 -67.29 31.02
CA LEU U 93 -76.44 -68.72 31.03
C LEU U 93 -77.77 -69.45 31.03
N SER U 94 -77.67 -70.77 31.02
CA SER U 94 -78.75 -71.70 31.33
C SER U 94 -78.88 -71.81 32.85
N SER U 95 -79.50 -72.90 33.32
CA SER U 95 -80.00 -73.06 34.69
C SER U 95 -79.07 -72.60 35.79
N GLY U 96 -79.67 -72.30 36.93
CA GLY U 96 -79.15 -71.40 37.91
C GLY U 96 -80.30 -70.57 38.40
N VAL U 97 -81.30 -70.40 37.54
CA VAL U 97 -82.65 -70.05 37.95
C VAL U 97 -83.62 -70.79 37.06
N ASN U 98 -84.82 -70.97 37.60
CA ASN U 98 -85.96 -71.43 36.80
C ASN U 98 -86.36 -70.41 35.76
N ASN U 99 -86.01 -69.15 35.98
CA ASN U 99 -86.71 -68.01 35.45
C ASN U 99 -86.42 -67.85 33.97
N GLU U 100 -87.32 -67.13 33.33
CA GLU U 100 -87.32 -66.97 31.88
C GLU U 100 -86.23 -65.98 31.47
N ILE U 101 -85.00 -66.39 31.70
CA ILE U 101 -83.81 -65.61 31.38
C ILE U 101 -82.80 -66.48 30.65
N LYS U 102 -83.01 -67.77 30.65
CA LYS U 102 -81.94 -68.71 30.35
C LYS U 102 -81.55 -68.61 28.89
N GLY U 103 -80.34 -68.14 28.66
CA GLY U 103 -79.92 -67.82 27.31
C GLY U 103 -80.46 -66.51 26.79
N LYS U 104 -81.29 -65.80 27.57
CA LYS U 104 -81.85 -64.55 27.10
C LYS U 104 -80.78 -63.46 27.11
N LYS U 105 -81.13 -62.36 26.47
CA LYS U 105 -80.19 -61.28 26.24
C LYS U 105 -80.60 -60.02 26.96
N LEU U 106 -79.60 -59.25 27.29
CA LEU U 106 -79.72 -57.87 27.64
C LEU U 106 -78.83 -57.07 26.71
N SER U 107 -79.23 -55.83 26.46
CA SER U 107 -78.39 -54.89 25.76
C SER U 107 -78.25 -53.64 26.61
N LEU U 108 -77.19 -52.91 26.34
CA LEU U 108 -76.95 -51.62 26.93
C LEU U 108 -76.83 -50.59 25.82
N TRP U 109 -77.55 -49.49 25.98
CA TRP U 109 -77.76 -48.52 24.91
C TRP U 109 -77.07 -47.22 25.26
N ALA U 110 -76.06 -46.87 24.49
CA ALA U 110 -75.36 -45.61 24.60
C ALA U 110 -75.98 -44.57 23.69
N ARG U 111 -75.72 -43.31 24.01
CA ARG U 111 -75.97 -42.21 23.10
C ARG U 111 -75.30 -40.94 23.58
N ARG U 112 -74.55 -40.30 22.70
CA ARG U 112 -74.04 -38.96 22.96
C ARG U 112 -75.18 -37.99 23.19
N GLU U 113 -75.07 -37.22 24.27
CA GLU U 113 -75.96 -36.11 24.55
C GLU U 113 -75.08 -34.88 24.71
N ASN U 114 -74.81 -34.22 23.59
CA ASN U 114 -73.92 -33.07 23.56
C ASN U 114 -72.58 -33.42 24.19
N GLY U 115 -72.01 -34.47 23.66
CA GLY U 115 -70.84 -35.10 24.22
C GLY U 115 -71.21 -36.11 25.27
N SER U 116 -71.89 -35.64 26.31
CA SER U 116 -72.18 -36.44 27.47
C SER U 116 -72.98 -37.68 27.08
N VAL U 117 -72.39 -38.85 27.27
CA VAL U 117 -72.97 -40.08 26.77
C VAL U 117 -74.05 -40.56 27.74
N LYS U 118 -74.99 -41.33 27.19
CA LYS U 118 -76.21 -41.71 27.89
C LYS U 118 -76.45 -43.19 27.77
N TRP U 119 -76.36 -43.87 28.89
CA TRP U 119 -76.37 -45.32 28.95
C TRP U 119 -77.73 -45.79 29.46
N PHE U 120 -78.47 -46.45 28.61
CA PHE U 120 -79.74 -47.07 28.98
C PHE U 120 -79.66 -48.56 28.75
N CYS U 121 -80.05 -49.32 29.76
CA CYS U 121 -79.96 -50.76 29.66
C CYS U 121 -81.20 -51.26 28.94
N GLY U 122 -81.38 -52.58 28.96
CA GLY U 122 -82.71 -53.13 28.82
C GLY U 122 -82.95 -53.81 27.51
N GLN U 123 -84.11 -53.51 26.96
CA GLN U 123 -84.70 -54.15 25.80
C GLN U 123 -83.63 -54.27 24.72
N PRO U 124 -83.39 -55.44 24.14
CA PRO U 124 -82.25 -55.58 23.24
C PRO U 124 -82.33 -54.65 22.04
N VAL U 125 -81.23 -53.96 21.77
CA VAL U 125 -81.13 -53.01 20.67
C VAL U 125 -79.85 -53.28 19.90
N THR U 126 -79.73 -52.61 18.73
CA THR U 126 -78.55 -52.78 17.89
C THR U 126 -78.33 -51.55 17.05
N ARG U 127 -77.06 -51.16 16.94
CA ARG U 127 -76.72 -49.91 16.28
C ARG U 127 -76.49 -50.13 14.80
N THR U 128 -76.74 -49.07 14.03
CA THR U 128 -76.60 -49.09 12.59
C THR U 128 -75.76 -47.91 12.11
N ASP U 129 -75.85 -46.79 12.83
CA ASP U 129 -75.11 -45.59 12.48
C ASP U 129 -74.81 -44.87 13.78
N ASP U 130 -74.04 -43.77 13.65
CA ASP U 130 -73.37 -43.13 14.78
C ASP U 130 -74.29 -42.89 15.98
N ASP U 131 -75.54 -42.50 15.73
CA ASP U 131 -76.54 -42.38 16.78
C ASP U 131 -77.78 -43.20 16.52
N THR U 132 -77.96 -43.70 15.30
CA THR U 132 -79.11 -44.53 14.99
C THR U 132 -78.95 -45.88 15.65
N VAL U 133 -79.93 -46.26 16.44
CA VAL U 133 -79.99 -47.61 17.00
C VAL U 133 -81.41 -48.13 16.82
N ALA U 134 -81.51 -49.44 16.66
CA ALA U 134 -82.77 -50.11 16.38
C ALA U 134 -83.15 -50.99 17.56
N ASP U 135 -84.46 -51.10 17.76
CA ASP U 135 -85.00 -52.09 18.68
C ASP U 135 -84.73 -53.47 18.10
N ALA U 136 -83.87 -54.22 18.76
CA ALA U 136 -83.36 -55.48 18.22
C ALA U 136 -84.26 -56.62 18.68
N LYS U 137 -85.52 -56.49 18.29
CA LYS U 137 -86.55 -57.40 18.76
C LYS U 137 -86.42 -58.75 18.08
N ASP U 138 -85.65 -59.61 18.74
CA ASP U 138 -85.29 -60.94 18.24
C ASP U 138 -85.89 -62.05 19.08
N GLY U 139 -86.74 -61.72 20.06
CA GLY U 139 -87.22 -62.68 21.01
C GLY U 139 -86.30 -62.95 22.17
N LYS U 140 -85.11 -62.34 22.20
CA LYS U 140 -84.21 -62.43 23.34
C LYS U 140 -84.40 -61.27 24.30
N GLU U 141 -85.57 -60.65 24.28
CA GLU U 141 -85.88 -59.60 25.23
C GLU U 141 -86.22 -60.26 26.55
N ILE U 142 -85.34 -60.06 27.52
CA ILE U 142 -85.71 -60.36 28.88
C ILE U 142 -86.87 -59.46 29.26
N ASP U 143 -87.86 -60.02 29.96
CA ASP U 143 -89.09 -59.31 30.22
C ASP U 143 -88.86 -58.13 31.16
N THR U 144 -89.76 -57.15 31.07
CA THR U 144 -89.56 -55.89 31.75
C THR U 144 -89.60 -56.04 33.26
N LYS U 145 -90.32 -57.05 33.76
CA LYS U 145 -90.29 -57.36 35.18
C LYS U 145 -88.86 -57.57 35.64
N HIS U 146 -88.19 -58.53 35.02
CA HIS U 146 -86.80 -58.84 35.30
C HIS U 146 -85.95 -57.58 35.35
N LEU U 147 -86.12 -56.73 34.34
CA LEU U 147 -85.17 -55.71 34.03
C LEU U 147 -85.18 -54.64 35.11
N PRO U 148 -84.27 -53.69 35.04
CA PRO U 148 -84.36 -52.54 35.94
C PRO U 148 -85.60 -51.72 35.71
N SER U 149 -85.70 -50.65 36.48
CA SER U 149 -86.74 -49.65 36.32
C SER U 149 -86.17 -48.36 35.78
N THR U 150 -85.05 -47.92 36.35
CA THR U 150 -84.29 -46.83 35.76
C THR U 150 -83.94 -47.16 34.31
N CYS U 151 -83.34 -48.33 34.10
CA CYS U 151 -83.21 -48.88 32.76
C CYS U 151 -84.36 -49.83 32.49
N ARG U 152 -85.47 -49.23 32.11
CA ARG U 152 -86.53 -49.93 31.42
C ARG U 152 -86.72 -49.23 30.09
N ASP U 153 -85.60 -48.83 29.50
CA ASP U 153 -85.57 -47.85 28.44
C ASP U 153 -85.21 -48.55 27.14
N ASN U 154 -86.17 -48.60 26.24
CA ASN U 154 -85.97 -49.08 24.89
C ASN U 154 -85.34 -47.96 24.08
N PHE U 155 -85.34 -48.09 22.75
CA PHE U 155 -84.81 -47.03 21.91
C PHE U 155 -85.75 -45.84 22.00
N ASP U 156 -85.73 -45.17 23.16
CA ASP U 156 -86.56 -44.02 23.46
C ASP U 156 -88.01 -44.18 23.04
C1 B6D V . 104.09 61.50 -36.42
N2 B6D V . 104.44 63.45 -35.01
C3 B6D V . 106.41 62.22 -35.80
C4 B6D V . 106.90 60.82 -36.18
C5 B6D V . 105.96 60.24 -37.25
C6 B6D V . 106.33 58.83 -37.63
C7 B6D V . 104.21 63.78 -33.74
C8 B6D V . 103.64 65.17 -33.51
C9 B6D V . 110.58 60.20 -36.87
C2 B6D V . 104.96 62.15 -35.33
O7 B6D V . 104.44 63.02 -32.79
N4 B6D V . 108.27 60.88 -36.69
C10 B6D V . 109.20 60.03 -36.26
O10 B6D V . 108.99 59.16 -35.42
O5 B6D V . 104.60 60.19 -36.77
O3 B6D V . 107.24 62.75 -34.75
C1 GLA V . 108.20 63.70 -35.17
C2 GLA V . 109.43 63.63 -34.28
C3 GLA V . 109.17 64.25 -32.91
C4 GLA V . 108.49 65.62 -33.00
C5 GLA V . 107.28 65.55 -33.94
C6 GLA V . 106.67 66.92 -34.20
O2 GLA V . 109.79 62.27 -34.10
O3 GLA V . 110.41 64.40 -32.23
O4 GLA V . 109.41 66.58 -33.46
O5 GLA V . 107.69 65.02 -35.21
O6 GLA V . 106.59 67.68 -33.00
C1 B6D W . 70.23 78.48 -49.25
N2 B6D W . 69.08 79.64 -51.05
C3 B6D W . 70.68 80.91 -49.69
C4 B6D W . 71.28 81.01 -48.28
C5 B6D W . 71.83 79.64 -47.87
C6 B6D W . 72.35 79.65 -46.45
C7 B6D W . 67.84 80.02 -51.33
C8 B6D W . 67.36 79.78 -52.74
C9 B6D W . 73.53 83.93 -47.36
C2 B6D W . 69.63 79.81 -49.72
O7 B6D W . 67.10 80.55 -50.48
N4 B6D W . 72.33 82.01 -48.24
C10 B6D W . 72.37 82.94 -47.28
O10 B6D W . 71.54 83.02 -46.38
O5 B6D W . 70.79 78.63 -47.92
O3 B6D W . 70.10 82.17 -50.07
C1 GLA W . 70.89 82.94 -50.95
C2 GLA W . 70.64 84.42 -50.70
C3 GLA W . 69.28 84.87 -51.24
C4 GLA W . 69.04 84.38 -52.68
C5 GLA W . 69.35 82.88 -52.79
C6 GLA W . 69.29 82.38 -54.23
O2 GLA W . 70.66 84.66 -49.31
O3 GLA W . 69.22 86.29 -51.23
O4 GLA W . 69.84 85.10 -53.58
O5 GLA W . 70.68 82.62 -52.32
O6 GLA W . 68.16 82.92 -54.91
C1 B6D X . 66.47 44.65 -70.23
N2 B6D X . 67.56 42.97 -71.61
C3 B6D X . 67.02 45.14 -72.62
C4 B6D X . 66.02 46.30 -72.57
C5 B6D X . 65.91 46.81 -71.13
C6 B6D X . 64.89 47.90 -70.99
C7 B6D X . 67.25 41.79 -72.12
C8 B6D X . 68.31 40.71 -72.03
C9 B6D X . 66.14 49.05 -75.19
C2 B6D X . 66.61 44.06 -71.64
O7 B6D X . 66.16 41.56 -72.67
N4 B6D X . 66.44 47.37 -73.47
C10 B6D X . 65.58 47.94 -74.31
O10 B6D X . 64.40 47.60 -74.41
O5 B6D X . 65.52 45.74 -70.24
O3 B6D X . 67.09 44.60 -73.96
C1 GLA X . 68.21 45.00 -74.71
C2 GLA X . 67.85 45.07 -76.18
C3 GLA X . 67.73 43.66 -76.79
C4 GLA X . 68.92 42.77 -76.42
C5 GLA X . 69.19 42.81 -74.91
C6 GLA X . 70.46 42.07 -74.53
O2 GLA X . 66.61 45.72 -76.32
O3 GLA X . 67.67 43.78 -78.20
O4 GLA X . 70.07 43.17 -77.13
O5 GLA X . 69.35 44.18 -74.50
O6 GLA X . 70.55 40.83 -75.22
C1 B6D Y . 84.23 28.19 -38.39
N2 B6D Y . 85.96 28.37 -36.72
C3 B6D Y . 86.61 27.70 -38.99
C4 B6D Y . 86.10 26.95 -40.23
C5 B6D Y . 84.74 27.55 -40.65
C6 B6D Y . 84.15 26.82 -41.82
C7 B6D Y . 86.32 27.73 -35.60
C8 B6D Y . 86.72 28.60 -34.43
C9 B6D Y . 88.45 26.24 -43.13
C2 B6D Y . 85.56 27.63 -37.88
O7 B6D Y . 86.33 26.49 -35.52
N4 B6D Y . 87.07 27.06 -41.32
C10 B6D Y . 87.43 25.99 -42.02
O10 B6D Y . 87.01 24.86 -41.80
O5 B6D Y . 83.80 27.48 -39.57
O3 B6D Y . 87.84 27.11 -38.54
C1 GLA Y . 89.00 27.83 -38.88
C2 GLA Y . 90.17 26.87 -39.07
C3 GLA Y . 90.69 26.34 -37.73
C4 GLA Y . 90.90 27.45 -36.70
C5 GLA Y . 89.66 28.36 -36.62
C6 GLA Y . 89.88 29.57 -35.74
O2 GLA Y . 89.73 25.77 -39.85
O3 GLA Y . 91.92 25.68 -37.96
O4 GLA Y . 92.03 28.22 -37.03
O5 GLA Y . 89.34 28.84 -37.94
O6 GLA Y . 90.57 29.22 -34.54
C1 B6D Z . 63.80 56.04 -18.22
N2 B6D Z . 63.07 58.35 -18.11
C3 B6D Z . 65.40 57.84 -17.53
C4 B6D Z . 66.31 56.76 -16.93
C5 B6D Z . 66.08 55.44 -17.67
C6 B6D Z . 66.87 54.31 -17.09
C7 B6D Z . 62.25 59.07 -17.36
C8 B6D Z . 61.34 60.05 -18.11
C9 B6D Z . 69.95 57.51 -16.19
C2 B6D Z . 63.95 57.38 -17.49
O7 B6D Z . 62.19 58.98 -16.12
N4 B6D Z . 67.70 57.16 -17.02
C10 B6D Z . 68.51 57.06 -15.96
O10 B6D Z . 68.15 56.64 -14.87
O5 B6D Z . 64.68 55.06 -17.62
O3 B6D Z . 65.55 59.08 -16.79
C1 GLA Z . 66.37 60.04 -17.42
C2 GLA Z . 67.06 60.89 -16.37
C3 GLA Z . 66.10 61.88 -15.70
C4 GLA Z . 65.26 62.64 -16.72
C5 GLA Z . 64.62 61.68 -17.73
C6 GLA Z . 63.91 62.41 -18.86
O2 GLA Z . 67.60 60.03 -15.37
O3 GLA Z . 66.86 62.81 -14.94
O4 GLA Z . 66.04 63.60 -17.40
O5 GLA Z . 65.65 60.88 -18.33
O6 GLA Z . 63.14 63.50 -18.36
C1 B6D AA . 36.19 49.88 -46.48
N2 B6D AA . 35.74 49.54 -48.83
C3 B6D AA . 36.26 51.81 -48.07
C4 B6D AA . 36.13 52.76 -46.88
C5 B6D AA . 36.73 52.07 -45.63
C6 B6D AA . 36.58 52.91 -44.39
C7 B6D AA . 34.69 49.21 -49.59
C8 B6D AA . 34.94 48.20 -50.69
C9 B6D AA . 37.07 56.42 -47.21
C2 B6D AA . 35.59 50.48 -47.76
O7 B6D AA . 33.56 49.69 -49.41
N4 B6D AA . 36.82 54.01 -47.14
C10 B6D AA . 36.24 55.18 -46.89
O10 B6D AA . 35.10 55.29 -46.44
O5 B6D AA . 36.07 50.81 -45.39
O3 B6D AA . 35.64 52.41 -49.23
C1 GLA AA . 36.54 52.98 -50.16
C2 GLA AA . 35.89 54.16 -50.86
C3 GLA AA . 34.85 53.71 -51.89
C4 GLA AA . 35.38 52.59 -52.80
C5 GLA AA . 36.02 51.48 -51.97
C6 GLA AA . 36.70 50.43 -52.84
O2 GLA AA . 35.25 54.97 -49.89
O3 GLA AA . 34.49 54.82 -52.69
O4 GLA AA . 36.32 53.12 -53.71
O5 GLA AA . 37.03 52.04 -51.11
O6 GLA AA . 35.90 50.09 -53.96
C1 B6D BA . 49.45 12.18 -44.92
N2 B6D BA . 51.37 10.70 -44.78
C3 B6D BA . 50.87 11.77 -46.94
C4 B6D BA . 49.72 12.29 -47.81
C5 B6D BA . 48.89 13.28 -46.99
C6 B6D BA . 47.69 13.79 -47.75
C7 B6D BA . 51.59 9.40 -44.61
C8 B6D BA . 52.70 9.03 -43.65
C9 B6D BA . 50.38 13.40 -51.38
C2 B6D BA . 50.32 11.15 -45.66
O7 B6D BA . 50.93 8.53 -45.19
N4 B6D BA . 50.25 12.93 -49.01
C10 B6D BA . 49.74 12.66 -50.21
O10 B6D BA . 48.84 11.86 -50.39
O5 B6D BA . 48.40 12.66 -45.78
O3 B6D BA . 51.63 10.79 -47.68
C1 GLA BA . 52.85 11.25 -48.21
C2 GLA BA . 53.17 10.50 -49.49
C3 GLA BA . 53.64 9.07 -49.21
C4 GLA BA . 54.71 9.01 -48.11
C5 GLA BA . 54.27 9.81 -46.89
C6 GLA BA . 55.37 9.93 -45.84
O2 GLA BA . 52.00 10.44 -50.28
O3 GLA BA . 54.18 8.52 -50.41
O4 GLA BA . 55.94 9.50 -48.60
O5 GLA BA . 53.94 11.16 -47.28
O6 GLA BA . 56.03 8.67 -45.65
C1 B6D CA . 54.57 20.32 -6.10
N2 B6D CA . 55.32 21.92 -4.43
C3 B6D CA . 57.02 20.66 -5.68
C4 B6D CA . 57.28 19.32 -6.37
C5 B6D CA . 56.16 19.04 -7.38
C6 B6D CA . 56.30 17.70 -8.05
C7 B6D CA . 55.28 22.04 -3.11
C8 B6D CA . 54.92 23.40 -2.57
C9 B6D CA . 60.76 18.46 -7.65
C2 B6D CA . 55.63 20.65 -5.04
O7 B6D CA . 55.53 21.09 -2.35
N4 B6D CA . 58.57 19.33 -7.04
C10 B6D CA . 59.44 18.32 -6.89
O10 B6D CA . 59.22 17.33 -6.20
O5 B6D CA . 54.87 19.05 -6.73
O3 B6D CA . 58.04 20.90 -4.68
C1 GLA CA . 59.04 21.81 -5.06
C2 GLA CA . 60.35 21.44 -4.38
C3 GLA CA . 60.33 21.82 -2.88
C4 GLA CA . 59.82 23.24 -2.65
C5 GLA CA . 58.51 23.48 -3.41
C6 GLA CA . 58.06 24.93 -3.34
O2 GLA CA . 60.54 20.04 -4.49
O3 GLA CA . 61.65 21.71 -2.38
O4 GLA CA . 60.79 24.18 -3.06
O5 GLA CA . 58.69 23.16 -4.81
O6 GLA CA . 58.20 25.45 -2.03
C1 B6D DA . 21.87 42.80 -11.09
N2 B6D DA . 20.69 44.38 -12.49
C3 B6D DA . 22.58 45.21 -11.16
C4 B6D DA . 23.34 44.98 -9.85
C5 B6D DA . 23.76 43.51 -9.75
C6 B6D DA . 24.43 43.20 -8.45
C7 B6D DA . 19.48 44.95 -12.52
C8 B6D DA . 18.81 45.01 -13.88
C9 B6D DA . 26.03 47.43 -8.75
C2 B6D DA . 21.39 44.25 -11.24
O7 B6D DA . 18.92 45.39 -11.51
N4 B6D DA . 24.51 45.85 -9.78
C10 B6D DA . 24.77 46.57 -8.69
O10 B6D DA . 24.07 46.56 -7.68
O5 B6D DA . 22.60 42.65 -9.84
O3 B6D DA . 22.13 46.58 -11.24
C1 GLA DA . 22.89 47.41 -12.06
C2 GLA DA . 22.86 48.84 -11.53
C3 GLA DA . 21.51 49.51 -11.80
C4 GLA DA . 21.05 49.32 -13.26
C5 GLA DA . 21.15 47.86 -13.66
C6 GLA DA . 20.86 47.65 -15.15
O2 GLA DA . 23.07 48.80 -10.13
O3 GLA DA . 21.64 50.90 -11.54
O4 GLA DA . 21.83 50.12 -14.12
O5 GLA DA . 22.49 47.37 -13.43
O6 GLA DA . 19.74 48.42 -15.56
C1 B6D EA . 11.51 14.07 -36.89
N2 B6D EA . 12.21 12.57 -38.67
C3 B6D EA . 11.84 14.94 -39.22
C4 B6D EA . 11.00 16.17 -38.84
C5 B6D EA . 11.13 16.41 -37.33
C6 B6D EA . 10.27 17.55 -36.86
C7 B6D EA . 11.70 11.55 -39.35
C8 B6D EA . 12.61 10.37 -39.58
C9 B6D EA . 11.16 19.33 -40.93
C2 B6D EA . 11.40 13.75 -38.39
O7 B6D EA . 10.54 11.55 -39.77
N4 B6D EA . 11.44 17.34 -39.58
C10 B6D EA . 10.56 18.14 -40.20
O10 B6D EA . 9.36 17.95 -40.18
O5 B6D EA . 10.71 15.24 -36.59
O3 B6D EA . 11.68 14.67 -40.63
C1 GLA EA . 12.75 15.08 -41.44
C2 GLA EA . 12.23 15.46 -42.82
C3 GLA EA . 11.87 14.21 -43.65
C4 GLA EA . 12.97 13.15 -43.59
C5 GLA EA . 13.41 12.88 -42.15
C6 GLA EA . 14.61 11.96 -42.07
O2 GLA EA . 11.07 16.25 -42.67
O3 GLA EA . 11.66 14.60 -44.99
O4 GLA EA . 14.07 13.55 -44.38
O5 GLA EA . 13.79 14.12 -41.54
O6 GLA EA . 14.48 10.86 -42.97
C1 B6D FA . 30.57 -9.80 -11.09
N2 B6D FA . 32.51 -10.12 -9.65
C3 B6D FA . 32.79 -10.42 -12.08
C4 B6D FA . 32.05 -10.86 -13.35
C5 B6D FA . 30.76 -10.05 -13.48
C6 B6D FA . 29.93 -10.48 -14.67
C7 B6D FA . 32.90 -10.99 -8.73
C8 B6D FA . 33.54 -10.41 -7.49
C9 B6D FA . 33.95 -11.26 -16.62
C2 B6D FA . 31.87 -10.58 -10.87
O7 B6D FA . 32.77 -12.22 -8.87
N4 B6D FA . 32.89 -10.64 -14.53
C10 B6D FA . 33.04 -11.60 -15.44
O10 B6D FA . 32.51 -12.70 -15.37
O5 B6D FA . 29.93 -10.24 -12.31
O3 B6D FA . 33.99 -11.20 -11.91
C1 GLA FA . 35.18 -10.56 -12.28
C2 GLA FA . 36.18 -11.59 -12.79
C3 GLA FA . 36.78 -12.41 -11.65
C4 GLA FA . 37.24 -11.52 -10.48
C5 GLA FA . 36.15 -10.53 -10.07
C6 GLA FA . 36.63 -9.53 -9.04
O2 GLA FA . 35.52 -12.46 -13.69
O3 GLA FA . 37.89 -13.14 -12.14
O4 GLA FA . 38.42 -10.83 -10.83
O5 GLA FA . 35.74 -9.78 -11.23
O6 GLA FA . 37.40 -10.17 -8.02
C1 B6D GA . 16.28 15.72 16.18
N2 B6D GA . 15.85 18.04 16.78
C3 B6D GA . 18.16 17.19 16.94
C4 B6D GA . 18.98 15.93 17.22
C5 B6D GA . 18.50 14.81 16.29
C6 B6D GA . 19.21 13.51 16.56
C7 B6D GA . 15.21 18.69 17.74
C8 B6D GA . 14.36 19.87 17.31
C9 B6D GA . 22.76 16.14 17.58
C2 B6D GA . 16.67 16.88 17.10
O7 B6D GA . 15.30 18.37 18.94
N4 B6D GA . 20.40 16.19 17.02
C10 B6D GA . 21.30 15.82 17.92
O10 B6D GA . 21.02 15.23 18.96
O5 B6D GA . 17.09 14.56 16.46
O3 B6D GA . 18.55 18.25 17.85
C1 GLA GA . 19.39 19.22 17.30
C2 GLA GA . 20.31 19.78 18.38
C3 GLA GA . 19.57 20.71 19.33
C4 GLA GA . 18.71 21.73 18.58
C5 GLA GA . 17.84 21.06 17.51
C6 GLA GA . 17.11 22.05 16.64
O2 GLA GA . 20.84 18.69 19.12
O3 GLA GA . 20.51 21.40 20.12
O4 GLA GA . 19.53 22.72 17.98
O5 GLA GA . 18.69 20.28 16.65
O6 GLA GA . 16.55 23.11 17.42
C1 B6D HA . -14.95 17.85 -8.72
N2 B6D HA . -15.71 18.01 -11.01
C3 B6D HA . -14.83 20.03 -9.95
C4 B6D HA . -14.69 20.75 -8.59
C5 B6D HA . -14.04 19.78 -7.59
C6 B6D HA . -13.95 20.38 -6.22
C7 B6D HA . -16.88 17.94 -11.66
C8 B6D HA . -16.88 17.13 -12.94
C9 B6D HA . -13.35 24.30 -8.41
C2 B6D HA . -15.62 18.75 -9.77
O7 B6D HA . -17.91 18.50 -11.25
N4 B6D HA . -13.89 21.95 -8.73
C10 B6D HA . -14.29 23.11 -8.20
O10 B6D HA . -15.34 23.25 -7.59
O5 B6D HA . -14.83 18.57 -7.47
O3 B6D HA . -15.49 20.90 -10.89
C1 GLA HA . -14.64 21.53 -11.82
C2 GLA HA . -15.20 22.89 -12.21
C3 GLA HA . -16.41 22.74 -13.15
C4 GLA HA . -16.13 21.77 -14.30
C5 GLA HA . -15.55 20.46 -13.78
C6 GLA HA . -15.11 19.53 -14.89
O2 GLA HA . -15.62 23.55 -11.03
O3 GLA HA . -16.72 24.02 -13.69
O4 GLA HA . -15.25 22.35 -15.24
O5 GLA HA . -14.38 20.74 -12.97
O6 GLA HA . -16.07 19.50 -15.94
C1 B6D IA . -6.46 -20.63 -15.51
N2 B6D IA . -4.74 -22.30 -15.89
C3 B6D IA . -5.34 -20.80 -17.74
C4 B6D IA . -6.50 -20.02 -18.35
C5 B6D IA . -7.10 -19.11 -17.26
C6 B6D IA . -8.31 -18.36 -17.76
C7 B6D IA . -4.67 -23.63 -15.98
C8 B6D IA . -3.51 -24.29 -15.26
C9 B6D IA . -6.13 -18.33 -21.73
C2 B6D IA . -5.82 -21.59 -16.53
O7 B6D IA . -5.51 -24.30 -16.60
N4 B6D IA . -6.05 -19.21 -19.48
C10 B6D IA . -6.71 -19.21 -20.63
O10 B6D IA . -7.73 -19.86 -20.82
O5 B6D IA . -7.53 -19.90 -16.12
O3 B6D IA . -4.81 -21.70 -18.73
C1 GLA IA . -3.60 -21.28 -19.34
C2 GLA IA . -3.53 -21.80 -20.76
C3 GLA IA . -3.22 -23.30 -20.81
C4 GLA IA . -2.05 -23.67 -19.89
C5 GLA IA . -2.23 -23.08 -18.49
C6 GLA IA . -1.02 -23.27 -17.61
O2 GLA IA . -4.78 -21.58 -21.39
O3 GLA IA . -2.89 -23.66 -22.14
O4 GLA IA . -0.82 -23.23 -20.45
O5 GLA IA . -2.44 -21.66 -18.60
O6 GLA IA . -0.50 -24.60 -17.73
C1 B6D JA . 4.06 -20.49 23.07
N2 B6D JA . 5.19 -19.32 24.87
C3 B6D JA . 6.56 -20.49 23.20
C4 B6D JA . 6.58 -21.70 22.27
C5 B6D JA . 5.32 -21.66 21.39
C6 B6D JA . 5.22 -22.86 20.48
C7 B6D JA . 5.32 -19.45 26.19
C8 B6D JA . 5.20 -18.18 27.00
C9 B6D JA . 9.75 -22.65 20.40
C2 B6D JA . 5.27 -20.48 24.01
O7 B6D JA . 5.53 -20.55 26.74
N4 B6D JA . 7.78 -21.69 21.44
C10 B6D JA . 8.51 -22.79 21.29
O10 B6D JA . 8.26 -23.87 21.83
O5 B6D JA . 4.12 -21.64 22.19
O3 B6D JA . 7.70 -20.55 24.09
C1 GLA JA . 8.77 -19.69 23.74
C2 GLA JA . 10.09 -20.32 24.17
C3 GLA JA . 10.29 -20.23 25.68
C4 GLA JA . 9.99 -18.82 26.22
C5 GLA JA . 8.65 -18.31 25.70
C6 GLA JA . 8.39 -16.86 26.08
O2 GLA JA . 10.09 -21.67 23.79
O3 GLA JA . 11.64 -20.56 25.99
O4 GLA JA . 11.02 -17.92 25.86
O5 GLA JA . 8.63 -18.37 24.27
O6 GLA JA . 8.75 -16.61 27.44
C1 B6D KA . -25.89 5.78 26.53
N2 B6D KA . -27.03 7.71 25.59
C3 B6D KA . -24.91 8.07 26.78
C4 B6D KA . -24.04 7.53 27.92
C5 B6D KA . -23.80 6.03 27.70
C6 B6D KA . -23.02 5.40 28.82
C7 B6D KA . -28.15 8.39 25.83
C8 B6D KA . -28.95 8.78 24.61
C9 B6D KA . -20.95 9.43 29.05
C2 B6D KA . -26.20 7.27 26.70
O7 B6D KA . -28.54 8.69 26.97
N4 B6D KA . -22.77 8.24 27.97
C10 B6D KA . -22.29 8.71 29.13
O10 B6D KA . -22.86 8.58 30.20
O5 B6D KA . -25.06 5.32 27.61
O3 B6D KA . -25.19 9.46 27.01
C1 GLA KA . -24.42 10.36 26.24
C2 GLA KA . -24.22 11.66 27.01
C3 GLA KA . -25.48 12.50 27.04
C4 GLA KA . -26.13 12.64 25.65
C5 GLA KA . -26.26 11.27 24.98
C6 GLA KA . -26.74 11.37 23.55
O2 GLA KA . -23.85 11.34 28.34
O3 GLA KA . -25.16 13.80 27.52
O4 GLA KA . -25.37 13.50 24.84
O5 GLA KA . -24.98 10.62 24.95
O6 GLA KA . -27.80 12.33 23.42
C1 B6D LA . -42.69 -16.38 -2.22
N2 B6D LA . -42.39 -17.58 -4.30
C3 B6D LA . -42.52 -15.12 -4.37
C4 B6D LA . -43.15 -13.91 -3.68
C5 B6D LA . -42.82 -13.97 -2.18
C6 B6D LA . -43.47 -12.86 -1.41
C7 B6D LA . -43.10 -18.39 -5.06
C8 B6D LA . -42.37 -19.60 -5.62
C9 B6D LA . -42.83 -10.44 -5.19
C2 B6D LA . -43.01 -16.41 -3.71
O7 B6D LA . -44.30 -18.21 -5.32
N4 B6D LA . -42.65 -12.68 -4.26
C10 B6D LA . -43.48 -11.69 -4.59
O10 B6D LA . -44.70 -11.75 -4.46
O5 B6D LA . -43.29 -15.21 -1.60
O3 B6D LA . -42.88 -15.12 -5.77
C1 GLA LA . -41.87 -14.66 -6.64
C2 GLA LA . -42.49 -13.99 -7.86
C3 GLA LA . -43.09 -15.01 -8.82
C4 GLA LA . -42.13 -16.18 -9.10
C5 GLA LA . -41.57 -16.75 -7.81
C6 GLA LA . -40.50 -17.79 -8.06
O2 GLA LA . -43.51 -13.12 -7.41
O3 GLA LA . -43.40 -14.37 -10.04
O4 GLA LA . -41.08 -15.75 -9.95
O5 GLA LA . -40.96 -15.69 -7.04
O6 GLA LA . -40.86 -18.68 -9.10
C1 B6D MA . -23.95 -46.50 16.25
N2 B6D MA . -21.93 -47.28 17.33
C3 B6D MA . -21.96 -47.15 14.88
C4 B6D MA . -22.89 -47.26 13.66
C5 B6D MA . -24.09 -46.32 13.85
C6 B6D MA . -25.08 -46.43 12.73
C7 B6D MA . -21.55 -48.34 18.02
C8 B6D MA . -20.70 -48.08 19.26
C9 B6D MA . -21.45 -47.23 10.14
C2 B6D MA . -22.75 -47.44 16.15
O7 B6D MA . -21.85 -49.50 17.70
N4 B6D MA . -22.17 -46.93 12.44
C10 B6D MA . -22.25 -47.70 11.36
O10 B6D MA . -22.91 -48.73 11.31
O5 B6D MA . -24.79 -46.63 15.08
O3 B6D MA . -20.87 -48.07 14.74
C1 GLA MA . -19.65 -47.49 14.33
C2 GLA MA . -18.84 -48.51 13.52
C3 GLA MA . -18.23 -49.58 14.41
C4 GLA MA . -17.53 -48.99 15.64
C5 GLA MA . -18.43 -47.98 16.36
C6 GLA MA . -17.72 -47.26 17.48
O2 GLA MA . -19.71 -49.12 12.59
O3 GLA MA . -17.28 -50.31 13.66
O4 GLA MA . -16.32 -48.37 15.26
O5 GLA MA . -18.87 -46.99 15.42
O6 GLA MA . -16.93 -48.15 18.25
C1 B6D NA . -31.70 -25.21 49.21
N2 B6D NA . -31.76 -23.02 50.25
C3 B6D NA . -29.57 -24.10 49.95
C4 B6D NA . -28.89 -25.48 49.89
C5 B6D NA . -29.62 -26.35 48.85
C6 B6D NA . -29.04 -27.75 48.80
C7 B6D NA . -32.19 -22.50 51.39
C8 B6D NA . -32.93 -21.17 51.29
C9 B6D NA . -25.10 -25.72 49.77
C2 B6D NA . -31.06 -24.29 50.24
O7 B6D NA . -32.02 -23.04 52.49
N4 B6D NA . -27.48 -25.33 49.54
C10 B6D NA . -26.53 -25.97 50.24
O10 B6D NA . -26.77 -26.69 51.19
O5 B6D NA . -31.01 -26.48 49.17
O3 B6D NA . -28.95 -23.29 50.96
C1 GLA NA . -28.06 -22.31 50.48
C2 GLA NA . -26.96 -22.07 51.50
C3 GLA NA . -27.47 -21.26 52.69
C4 GLA NA . -28.27 -20.03 52.26
C5 GLA NA . -29.33 -20.41 51.22
C6 GLA NA . -30.03 -19.20 50.64
O2 GLA NA . -26.49 -23.33 51.97
O3 GLA NA . -26.35 -20.83 53.47
O4 GLA NA . -27.41 -19.05 51.73
O5 GLA NA . -28.70 -21.09 50.12
O6 GLA NA . -30.36 -18.25 51.66
C1 B6D OA . -65.05 -15.24 29.52
N2 B6D OA . -66.05 -14.58 27.41
C3 B6D OA . -64.80 -12.89 28.68
C4 B6D OA . -64.42 -12.46 30.10
C5 B6D OA . -63.80 -13.66 30.84
C6 B6D OA . -63.46 -13.34 32.27
C7 B6D OA . -67.27 -14.40 26.93
C8 B6D OA . -67.53 -14.95 25.53
C9 B6D OA . -62.63 -9.17 30.71
C2 B6D OA . -65.72 -14.10 28.73
O7 B6D OA . -68.17 -13.83 27.55
N4 B6D OA . -63.49 -11.34 30.07
C10 B6D OA . -63.68 -10.26 30.84
O10 B6D OA . -64.63 -10.14 31.60
O5 B6D OA . -64.70 -14.79 30.84
O3 B6D OA . -65.44 -11.80 28.00
C1 GLA OA . -64.64 -11.10 27.08
C2 GLA OA . -65.08 -9.64 27.02
C3 GLA OA . -66.38 -9.48 26.25
C4 GLA OA . -66.36 -10.25 24.91
C5 GLA OA . -65.89 -11.68 25.12
C6 GLA OA . -65.71 -12.42 23.80
O2 GLA OA . -65.27 -9.16 28.34
O3 GLA OA . -66.59 -8.10 25.97
O4 GLA OA . -65.53 -9.59 23.98
O5 GLA OA . -64.62 -11.68 25.79
O6 GLA OA . -66.78 -12.17 22.91
C1 B6D PA . -62.31 -52.43 15.09
N2 B6D PA . -60.88 -54.17 14.20
C3 B6D PA . -61.49 -52.30 12.72
C4 B6D PA . -62.60 -51.29 12.43
C5 B6D PA . -62.97 -50.55 13.73
C6 B6D PA . -64.11 -49.60 13.54
C7 B6D PA . -60.99 -55.45 13.88
C8 B6D PA . -59.84 -56.35 14.30
C9 B6D PA . -62.42 -49.05 9.37
C2 B6D PA . -61.92 -53.24 13.85
O7 B6D PA . -61.95 -55.91 13.25
N4 B6D PA . -62.18 -50.35 11.41
C10 B6D PA . -62.97 -50.06 10.37
O10 B6D PA . -64.08 -50.55 10.20
O5 B6D PA . -63.35 -51.49 14.76
O3 B6D PA . -61.18 -53.05 11.53
C1 GLA PA . -60.02 -52.65 10.85
C2 GLA PA . -60.18 -52.89 9.36
C3 GLA PA . -60.06 -54.38 9.03
C4 GLA PA . -58.85 -55.03 9.69
C5 GLA PA . -58.80 -54.69 11.18
C6 GLA PA . -57.53 -55.19 11.85
O2 GLA PA . -61.45 -52.44 8.96
O3 GLA PA . -59.94 -54.52 7.62
O4 GLA PA . -57.66 -54.62 9.06
O5 GLA PA . -58.84 -53.27 11.35
O6 GLA PA . -57.20 -56.51 11.42
CA OPE QA . 96.74 66.11 -27.11
CB OPE QA . 98.03 65.29 -27.25
O1 OPE QA . 97.47 67.62 -29.76
O2 OPE QA . 95.28 66.72 -30.61
O3 OPE QA . 95.29 68.38 -28.75
O4 OPE QA . 96.10 66.04 -28.39
N OPE QA . 97.72 63.83 -27.30
P OPE QA . 96.07 67.28 -29.40
CA OPE RA . 58.55 76.54 -53.91
CB OPE RA . 59.27 77.53 -52.97
O1 OPE RA . 61.23 76.21 -55.52
O2 OPE RA . 61.04 73.78 -54.89
O3 OPE RA . 59.34 74.78 -56.42
O4 OPE RA . 59.42 75.39 -53.99
N OPE RA . 59.20 77.06 -51.56
P OPE RA . 60.29 75.07 -55.28
CA OPE SA . 65.52 31.97 -69.73
CB OPE SA . 64.98 33.13 -70.59
O1 OPE SA . 68.16 33.62 -69.25
O2 OPE SA . 67.55 33.44 -66.81
O3 OPE SA . 68.15 31.37 -68.09
O4 OPE SA . 66.00 32.57 -68.52
N OPE SA . 63.70 33.63 -70.03
P OPE SA . 67.55 32.74 -68.20
CA OPE TA . 83.58 26.10 -25.86
CB OPE TA . 84.09 25.38 -27.12
O1 OPE TA . 84.29 28.84 -27.21
O2 OPE TA . 81.84 29.35 -26.93
O3 OPE TA . 83.28 29.10 -24.90
O4 OPE TA . 82.69 27.12 -26.33
N OPE TA . 83.01 24.53 -27.70
P OPE TA . 83.09 28.67 -26.33
CA OPE UA . 52.32 60.71 -15.36
CB OPE UA . 53.69 60.52 -14.67
O1 OPE UA . 53.79 61.07 -18.11
O2 OPE UA . 52.45 59.06 -18.82
O3 OPE UA . 51.27 61.19 -18.30
O4 OPE UA . 52.34 59.82 -16.49
N OPE UA . 53.75 59.21 -13.98
P OPE UA . 52.48 60.35 -17.99
CA OPE VA . 28.47 41.43 -52.03
CB OPE VA . 28.46 42.93 -51.68
O1 OPE VA . 31.59 41.58 -52.43
O2 OPE VA . 31.67 39.84 -50.61
O3 OPE VA . 30.64 39.27 -52.81
O4 OPE VA . 29.51 40.85 -51.23
N OPE VA . 27.90 43.14 -50.31
P OPE VA . 30.91 40.38 -51.84
CA OPE WA . 51.16 1.89 -37.64
CB OPE WA . 50.81 2.22 -39.11
O1 OPE WA . 52.89 4.51 -37.52
O2 OPE WA . 51.34 5.18 -35.66
O3 OPE WA . 52.87 3.22 -35.34
O4 OPE WA . 50.91 3.09 -36.91
N OPE WA . 49.34 2.32 -39.28
P OPE WA . 52.10 4.02 -36.35
CA OPE XA . 48.98 23.83 4.77
CB OPE XA . 50.14 22.92 4.33
O1 OPE XA . 49.59 25.73 2.36
O2 OPE XA . 47.23 25.23 1.66
O3 OPE XA . 47.65 26.51 3.76
O4 OPE XA . 48.19 24.07 3.60
N OPE XA . 49.64 21.54 4.06
P OPE XA . 48.20 25.47 2.83
CA OPE YA . 9.59 42.98 -14.38
CB OPE YA . 10.52 43.71 -13.40
O1 OPE YA . 11.99 42.68 -16.38
O2 OPE YA . 11.58 40.21 -16.16
O3 OPE YA . 9.86 41.66 -17.24
O4 OPE YA . 10.29 41.79 -14.78
N OPE YA . 10.56 42.99 -12.09
P OPE YA . 10.96 41.62 -16.22
CA OPE ZA . 9.02 1.69 -38.48
CB OPE ZA . 8.55 3.04 -39.04
O1 OPE ZA . 11.88 2.93 -38.08
O2 OPE ZA . 11.55 2.37 -35.65
O3 OPE ZA . 11.73 0.53 -37.33
O4 OPE ZA . 9.71 2.00 -37.25
N OPE ZA . 7.41 3.55 -38.24
P OPE ZA . 11.30 1.95 -37.12
CA OPE AB . 31.11 -14.14 0.86
CB OPE AB . 31.38 -14.65 -0.56
O1 OPE AB . 32.00 -11.28 -0.07
O2 OPE AB . 29.68 -10.57 0.62
O3 OPE AB . 31.30 -11.35 2.35
O4 OPE AB . 30.31 -12.95 0.69
N OPE AB . 30.14 -15.26 -1.14
P OPE AB . 30.89 -11.48 0.91
CA OPE BB . 5.87 20.93 21.33
CB OPE BB . 7.28 20.48 21.78
O1 OPE BB . 7.05 21.64 18.52
O2 OPE BB . 5.40 19.96 17.65
O3 OPE BB . 4.57 22.07 18.69
O4 OPE BB . 5.65 20.27 20.07
N OPE BB . 7.26 19.06 22.23
P OPE BB . 5.69 21.06 18.68
CA OPE CB . -24.26 11.43 -14.54
CB OPE CB . -24.04 12.84 -13.94
O1 OPE CB . -21.23 11.33 -15.33
O2 OPE CB . -21.15 9.28 -13.88
O3 OPE CB . -22.48 9.25 -15.98
O4 OPE CB . -23.22 10.61 -14.01
N OPE CB . -24.42 12.84 -12.50
P OPE CB . -21.97 10.13 -14.88
CA OPE DB . -5.24 -32.23 -10.43
CB OPE DB . -5.70 -31.60 -11.75
O1 OPE DB . -3.19 -29.88 -10.08
O2 OPE DB . -4.42 -29.40 -7.94
O3 OPE DB . -3.13 -31.53 -8.18
O4 OPE DB . -5.25 -31.16 -9.46
N OPE DB . -7.16 -31.31 -11.69
P OPE DB . -3.90 -30.48 -8.93
CA OPE EB . 0.25 -18.53 35.05
CB OPE EB . 1.22 -19.44 34.29
O1 OPE EB . 0.81 -16.27 32.93
O2 OPE EB . -1.67 -16.38 32.49
O3 OPE EB . -0.85 -15.57 34.71
O4 OPE EB . -0.64 -17.98 34.05
N OPE EB . 0.52 -20.69 33.87
P OPE EB . -0.54 -16.48 33.54
CA OPE FB . -38.35 7.84 25.01
CB OPE FB . -37.23 8.27 25.97
O1 OPE FB . -36.24 7.67 22.68
O2 OPE FB . -36.94 5.26 22.53
O3 OPE FB . -38.59 7.06 21.95
O4 OPE FB . -37.85 6.67 24.33
N OPE FB . -37.13 7.31 27.11
P OPE FB . -37.39 6.72 22.80
CA OPE GB . -46.87 -27.91 -5.55
CB OPE GB . -47.25 -26.44 -5.81
O1 OPE GB . -43.86 -27.07 -5.35
O2 OPE GB . -43.98 -28.05 -3.02
O3 OPE GB . -44.22 -29.55 -5.00
O4 OPE GB . -46.02 -27.91 -4.40
N OPE GB . -48.21 -25.98 -4.78
P OPE GB . -44.44 -28.15 -4.50
CA OPE HB . -22.60 -53.03 27.08
CB OPE HB . -22.56 -53.30 25.57
O1 OPE HB . -21.47 -50.15 26.56
O2 OPE HB . -23.58 -49.36 27.66
O3 OPE HB . -21.89 -50.62 29.00
O4 OPE HB . -23.26 -51.76 27.23
N OPE HB . -23.92 -53.66 25.08
P OPE HB . -22.47 -50.42 27.62
CA OPE IB . -40.70 -20.02 56.54
CB OPE IB . -39.32 -20.68 56.72
O1 OPE IB . -39.78 -18.91 53.77
O2 OPE IB . -41.71 -20.23 52.84
O3 OPE IB . -42.15 -18.27 54.34
O4 OPE IB . -41.15 -20.39 55.23
N OPE IB . -39.47 -22.15 56.91
P OPE IB . -41.17 -19.36 54.01
CA OPE JB . -75.70 -19.45 23.99
CB OPE JB . -75.23 -18.23 24.79
O1 OPE JB . -72.82 -19.72 22.79
O2 OPE JB . -72.83 -21.99 23.85
O3 OPE JB . -74.40 -21.50 21.97
O4 OPE JB . -74.72 -20.47 24.23
N OPE JB . -75.45 -18.45 26.25
P OPE JB . -73.65 -20.91 23.13
CA OPE KB . -61.99 -64.84 17.88
CB OPE KB . -62.52 -63.93 16.76
O1 OPE KB . -59.63 -62.81 18.34
O2 OPE KB . -60.55 -62.63 20.67
O3 OPE KB . -59.56 -64.80 19.91
O4 OPE KB . -61.75 -63.97 19.00
N OPE KB . -63.92 -63.50 17.06
P OPE KB . -60.28 -63.55 19.46
#